data_2L9M
#
_entry.id   2L9M
#
_entity_poly.entity_id   1
_entity_poly.type   'polypeptide(L)'
_entity_poly.pdbx_seq_one_letter_code
;GSHMLNAEDEKREEEKEKQAEEMASDDLSLIRKNRMALFQQLTCVLPILDNLLKANVINKQEHDIIKQKTQIPLQARELI
DTILVKGNAAANIFKNCLKEIDSTLYKNLFVDKNMKYIPTEDVSGLSLEEQL
;
_entity_poly.pdbx_strand_id   A
#
# COMPACT_ATOMS: atom_id res chain seq x y z
N GLY A 1 -4.18 -11.63 -40.43
CA GLY A 1 -3.44 -11.07 -39.26
C GLY A 1 -4.31 -10.05 -38.54
N SER A 2 -4.58 -10.30 -37.27
CA SER A 2 -5.41 -9.40 -36.48
C SER A 2 -4.77 -8.01 -36.43
N HIS A 3 -3.45 -7.97 -36.23
CA HIS A 3 -2.73 -6.71 -36.15
C HIS A 3 -1.28 -6.90 -36.56
N MET A 4 -0.62 -5.80 -36.92
CA MET A 4 0.78 -5.86 -37.33
C MET A 4 1.69 -5.77 -36.10
N LEU A 5 2.76 -6.57 -36.11
CA LEU A 5 3.71 -6.57 -35.00
C LEU A 5 4.58 -5.33 -35.05
N ASN A 6 4.89 -4.77 -33.87
CA ASN A 6 5.72 -3.57 -33.78
C ASN A 6 6.79 -3.74 -32.71
N ALA A 7 8.03 -3.41 -33.06
CA ALA A 7 9.14 -3.54 -32.13
C ALA A 7 9.00 -2.50 -31.01
N GLU A 8 9.39 -2.89 -29.79
CA GLU A 8 9.31 -1.99 -28.64
C GLU A 8 10.59 -2.06 -27.82
N ASP A 9 11.25 -3.21 -27.86
CA ASP A 9 12.49 -3.41 -27.12
C ASP A 9 13.60 -2.55 -27.71
N GLU A 10 13.33 -1.92 -28.84
CA GLU A 10 14.32 -1.08 -29.50
C GLU A 10 14.72 0.07 -28.58
N LYS A 11 13.74 0.65 -27.89
CA LYS A 11 14.02 1.76 -26.98
C LYS A 11 12.77 2.10 -26.17
N ARG A 12 12.47 1.26 -25.18
CA ARG A 12 11.30 1.47 -24.33
C ARG A 12 11.42 0.65 -23.06
N GLU A 13 12.33 -0.32 -23.06
CA GLU A 13 12.51 -1.18 -21.90
C GLU A 13 12.96 -0.34 -20.70
N GLU A 14 13.86 0.61 -20.93
CA GLU A 14 14.35 1.46 -19.86
C GLU A 14 13.23 2.35 -19.32
N GLU A 15 12.38 2.81 -20.21
CA GLU A 15 11.26 3.67 -19.81
C GLU A 15 10.23 2.87 -19.00
N LYS A 16 9.57 3.55 -18.08
CA LYS A 16 8.57 2.90 -17.24
C LYS A 16 7.29 2.64 -18.03
N GLU A 17 6.67 1.50 -17.77
CA GLU A 17 5.44 1.13 -18.45
C GLU A 17 4.32 2.12 -18.15
N LYS A 18 3.56 2.50 -19.17
CA LYS A 18 2.47 3.43 -19.00
C LYS A 18 1.31 2.79 -18.24
N GLN A 19 0.76 3.51 -17.26
CA GLN A 19 -0.36 2.99 -16.47
C GLN A 19 -1.69 3.47 -17.05
N ALA A 20 -2.74 2.68 -16.81
CA ALA A 20 -4.06 3.03 -17.31
C ALA A 20 -4.68 4.13 -16.46
N GLU A 21 -4.47 5.39 -16.88
CA GLU A 21 -5.01 6.52 -16.15
C GLU A 21 -6.53 6.55 -16.23
N GLU A 22 -7.06 6.11 -17.36
CA GLU A 22 -8.51 6.08 -17.57
C GLU A 22 -9.19 5.18 -16.54
N MET A 23 -8.57 4.03 -16.28
CA MET A 23 -9.13 3.09 -15.32
C MET A 23 -9.11 3.68 -13.91
N ALA A 24 -8.03 4.39 -13.58
CA ALA A 24 -7.89 5.01 -12.27
C ALA A 24 -9.23 5.57 -11.77
N SER A 25 -9.93 4.77 -10.98
CA SER A 25 -11.22 5.18 -10.43
C SER A 25 -11.01 6.07 -9.21
N ASP A 26 -12.11 6.57 -8.66
CA ASP A 26 -12.04 7.43 -7.50
C ASP A 26 -11.41 6.70 -6.32
N ASP A 27 -11.71 5.41 -6.20
CA ASP A 27 -11.16 4.60 -5.11
C ASP A 27 -9.66 4.79 -5.02
N LEU A 28 -9.00 4.96 -6.17
CA LEU A 28 -7.56 5.14 -6.18
C LEU A 28 -7.20 6.41 -5.41
N SER A 29 -7.98 7.46 -5.62
CA SER A 29 -7.74 8.72 -4.93
C SER A 29 -7.85 8.52 -3.42
N LEU A 30 -8.86 7.76 -3.00
CA LEU A 30 -9.06 7.49 -1.58
C LEU A 30 -7.87 6.71 -1.01
N ILE A 31 -7.38 5.74 -1.76
CA ILE A 31 -6.25 4.93 -1.32
C ILE A 31 -5.00 5.80 -1.22
N ARG A 32 -4.78 6.64 -2.23
CA ARG A 32 -3.62 7.52 -2.25
C ARG A 32 -3.66 8.49 -1.08
N LYS A 33 -4.83 9.07 -0.84
CA LYS A 33 -5.00 10.01 0.27
C LYS A 33 -4.80 9.30 1.60
N ASN A 34 -5.30 8.06 1.68
CA ASN A 34 -5.17 7.29 2.92
C ASN A 34 -3.82 6.57 2.95
N ARG A 35 -2.98 6.88 1.97
CA ARG A 35 -1.66 6.26 1.90
C ARG A 35 -0.85 6.54 3.16
N MET A 36 -0.85 7.78 3.61
CA MET A 36 -0.10 8.15 4.80
C MET A 36 -0.70 7.48 6.03
N ALA A 37 -2.02 7.44 6.10
CA ALA A 37 -2.69 6.80 7.22
C ALA A 37 -2.28 5.34 7.31
N LEU A 38 -2.28 4.65 6.17
CA LEU A 38 -1.92 3.25 6.14
C LEU A 38 -0.48 3.04 6.62
N PHE A 39 0.44 3.84 6.08
CA PHE A 39 1.83 3.74 6.48
C PHE A 39 2.01 4.16 7.93
N GLN A 40 1.39 5.28 8.29
CA GLN A 40 1.49 5.80 9.65
C GLN A 40 0.76 4.89 10.64
N GLN A 41 -0.37 4.32 10.21
CA GLN A 41 -1.16 3.43 11.07
C GLN A 41 -1.21 2.03 10.47
N LEU A 42 -0.16 1.26 10.72
CA LEU A 42 -0.07 -0.11 10.21
C LEU A 42 -0.10 -1.11 11.36
N THR A 43 -0.82 -2.21 11.17
CA THR A 43 -0.93 -3.23 12.21
C THR A 43 -1.39 -4.56 11.61
N CYS A 44 -1.40 -4.64 10.28
CA CYS A 44 -1.82 -5.86 9.60
C CYS A 44 -1.15 -5.99 8.24
N VAL A 45 0.14 -5.64 8.19
CA VAL A 45 0.88 -5.72 6.95
C VAL A 45 1.10 -7.18 6.55
N LEU A 46 1.08 -8.08 7.54
CA LEU A 46 1.23 -9.49 7.24
C LEU A 46 -0.07 -9.98 6.55
N PRO A 47 -1.19 -10.16 7.25
CA PRO A 47 -2.48 -10.57 6.62
C PRO A 47 -2.69 -10.09 5.19
N ILE A 48 -2.48 -8.80 4.94
CA ILE A 48 -2.68 -8.26 3.61
C ILE A 48 -1.64 -8.80 2.64
N LEU A 49 -0.40 -8.90 3.11
CA LEU A 49 0.68 -9.41 2.28
C LEU A 49 0.36 -10.83 1.84
N ASP A 50 -0.17 -11.63 2.76
CA ASP A 50 -0.51 -13.01 2.44
C ASP A 50 -1.57 -13.05 1.34
N ASN A 51 -2.58 -12.18 1.46
CA ASN A 51 -3.65 -12.13 0.47
C ASN A 51 -3.11 -11.68 -0.89
N LEU A 52 -2.27 -10.65 -0.89
CA LEU A 52 -1.71 -10.15 -2.13
C LEU A 52 -0.80 -11.19 -2.77
N LEU A 53 -0.03 -11.87 -1.94
CA LEU A 53 0.90 -12.89 -2.43
C LEU A 53 0.14 -13.98 -3.20
N LYS A 54 -1.15 -14.08 -2.93
CA LYS A 54 -1.97 -15.09 -3.61
C LYS A 54 -1.93 -14.89 -5.12
N ALA A 55 -2.08 -13.63 -5.57
CA ALA A 55 -2.05 -13.33 -7.00
C ALA A 55 -1.52 -11.92 -7.23
N ASN A 56 -0.27 -11.83 -7.66
CA ASN A 56 0.36 -10.54 -7.91
C ASN A 56 1.57 -10.68 -8.83
N VAL A 57 2.26 -9.57 -9.08
CA VAL A 57 3.43 -9.59 -9.95
C VAL A 57 4.64 -10.15 -9.21
N ILE A 58 4.63 -10.05 -7.89
CA ILE A 58 5.73 -10.55 -7.07
C ILE A 58 5.60 -12.07 -6.87
N ASN A 59 6.72 -12.77 -6.99
CA ASN A 59 6.75 -14.22 -6.82
C ASN A 59 7.35 -14.57 -5.47
N LYS A 60 7.98 -15.74 -5.38
CA LYS A 60 8.59 -16.18 -4.14
C LYS A 60 9.90 -15.43 -3.89
N GLN A 61 10.41 -14.75 -4.92
CA GLN A 61 11.64 -14.00 -4.77
C GLN A 61 11.40 -12.64 -4.13
N GLU A 62 10.71 -11.76 -4.84
CA GLU A 62 10.41 -10.43 -4.32
C GLU A 62 9.75 -10.54 -2.94
N HIS A 63 8.86 -11.51 -2.78
CA HIS A 63 8.17 -11.69 -1.51
C HIS A 63 9.16 -12.11 -0.41
N ASP A 64 10.09 -13.00 -0.75
CA ASP A 64 11.07 -13.48 0.22
C ASP A 64 12.08 -12.37 0.56
N ILE A 65 12.41 -11.56 -0.43
CA ILE A 65 13.36 -10.47 -0.22
C ILE A 65 12.84 -9.49 0.82
N ILE A 66 11.55 -9.15 0.71
CA ILE A 66 10.93 -8.22 1.65
C ILE A 66 10.61 -8.95 2.95
N LYS A 67 10.91 -10.24 3.00
CA LYS A 67 10.66 -11.04 4.20
C LYS A 67 11.97 -11.57 4.77
N GLN A 68 13.07 -11.32 4.05
CA GLN A 68 14.39 -11.79 4.48
C GLN A 68 14.94 -10.96 5.63
N LYS A 69 15.26 -9.69 5.36
CA LYS A 69 15.82 -8.81 6.39
C LYS A 69 15.16 -7.43 6.33
N THR A 70 13.84 -7.41 6.22
CA THR A 70 13.09 -6.16 6.16
C THR A 70 12.16 -6.04 7.36
N GLN A 71 12.25 -4.91 8.04
CA GLN A 71 11.42 -4.66 9.22
C GLN A 71 9.94 -4.59 8.81
N ILE A 72 9.10 -3.98 9.66
CA ILE A 72 7.66 -3.88 9.35
C ILE A 72 7.33 -2.60 8.57
N PRO A 73 7.92 -1.47 8.94
CA PRO A 73 7.65 -0.17 8.25
C PRO A 73 7.95 -0.26 6.75
N LEU A 74 9.09 -0.86 6.43
CA LEU A 74 9.50 -1.01 5.04
C LEU A 74 8.55 -1.95 4.31
N GLN A 75 8.13 -3.01 5.00
CA GLN A 75 7.21 -3.96 4.38
C GLN A 75 6.00 -3.23 3.85
N ALA A 76 5.48 -2.30 4.65
CA ALA A 76 4.32 -1.52 4.25
C ALA A 76 4.68 -0.63 3.06
N ARG A 77 5.89 -0.07 3.09
CA ARG A 77 6.32 0.81 2.01
C ARG A 77 6.35 0.04 0.68
N GLU A 78 6.92 -1.16 0.71
CA GLU A 78 6.99 -1.96 -0.51
C GLU A 78 5.60 -2.37 -0.96
N LEU A 79 4.74 -2.71 0.00
CA LEU A 79 3.37 -3.10 -0.31
C LEU A 79 2.66 -1.96 -1.00
N ILE A 80 2.85 -0.74 -0.50
CA ILE A 80 2.21 0.42 -1.10
C ILE A 80 2.72 0.59 -2.53
N ASP A 81 4.02 0.40 -2.70
CA ASP A 81 4.65 0.54 -4.01
C ASP A 81 4.01 -0.44 -5.00
N THR A 82 3.68 -1.64 -4.53
CA THR A 82 3.07 -2.65 -5.40
C THR A 82 1.68 -2.18 -5.87
N ILE A 83 0.98 -1.45 -5.01
CA ILE A 83 -0.35 -0.93 -5.36
C ILE A 83 -0.24 0.09 -6.49
N LEU A 84 0.76 0.96 -6.39
CA LEU A 84 0.94 1.99 -7.41
C LEU A 84 1.18 1.37 -8.78
N VAL A 85 2.01 0.34 -8.83
CA VAL A 85 2.31 -0.32 -10.10
C VAL A 85 1.05 -0.95 -10.69
N LYS A 86 0.34 -1.72 -9.86
CA LYS A 86 -0.89 -2.36 -10.31
C LYS A 86 -1.97 -1.34 -10.62
N GLY A 87 -2.11 -0.35 -9.74
CA GLY A 87 -3.10 0.70 -9.94
C GLY A 87 -4.47 0.27 -9.42
N ASN A 88 -5.52 0.92 -9.93
CA ASN A 88 -6.88 0.62 -9.51
C ASN A 88 -7.14 -0.87 -9.61
N ALA A 89 -6.34 -1.56 -10.42
CA ALA A 89 -6.50 -3.00 -10.59
C ALA A 89 -6.28 -3.69 -9.25
N ALA A 90 -5.44 -3.10 -8.41
CA ALA A 90 -5.16 -3.68 -7.10
C ALA A 90 -6.06 -3.07 -6.03
N ALA A 91 -6.74 -1.99 -6.37
CA ALA A 91 -7.64 -1.35 -5.41
C ALA A 91 -8.66 -2.36 -4.90
N ASN A 92 -9.12 -3.21 -5.79
CA ASN A 92 -10.09 -4.23 -5.42
C ASN A 92 -9.48 -5.22 -4.43
N ILE A 93 -8.27 -5.67 -4.73
CA ILE A 93 -7.59 -6.61 -3.84
C ILE A 93 -7.27 -5.94 -2.50
N PHE A 94 -6.79 -4.71 -2.58
CA PHE A 94 -6.45 -3.96 -1.37
C PHE A 94 -7.69 -3.78 -0.51
N LYS A 95 -8.78 -3.37 -1.14
CA LYS A 95 -10.05 -3.17 -0.45
C LYS A 95 -10.60 -4.48 0.09
N ASN A 96 -10.54 -5.52 -0.73
CA ASN A 96 -11.05 -6.84 -0.35
C ASN A 96 -10.30 -7.36 0.86
N CYS A 97 -8.99 -7.15 0.88
CA CYS A 97 -8.16 -7.62 1.99
C CYS A 97 -8.55 -6.91 3.29
N LEU A 98 -8.71 -5.60 3.23
CA LEU A 98 -9.08 -4.83 4.41
C LEU A 98 -10.48 -5.23 4.89
N LYS A 99 -11.39 -5.44 3.95
CA LYS A 99 -12.75 -5.83 4.31
C LYS A 99 -12.75 -7.15 5.08
N GLU A 100 -11.97 -8.10 4.61
CA GLU A 100 -11.90 -9.40 5.29
C GLU A 100 -11.07 -9.32 6.56
N ILE A 101 -9.87 -8.74 6.45
CA ILE A 101 -8.98 -8.62 7.59
C ILE A 101 -9.59 -7.72 8.66
N ASP A 102 -10.13 -6.59 8.22
CA ASP A 102 -10.75 -5.62 9.13
C ASP A 102 -11.98 -4.99 8.50
N SER A 103 -13.12 -5.68 8.58
CA SER A 103 -14.37 -5.17 8.03
C SER A 103 -14.73 -3.83 8.67
N THR A 104 -14.50 -3.74 9.97
CA THR A 104 -14.80 -2.52 10.71
C THR A 104 -14.03 -1.33 10.15
N LEU A 105 -12.77 -1.55 9.80
CA LEU A 105 -11.94 -0.48 9.25
C LEU A 105 -12.57 0.10 7.98
N TYR A 106 -13.09 -0.78 7.14
CA TYR A 106 -13.72 -0.34 5.89
C TYR A 106 -14.87 0.61 6.21
N LYS A 107 -15.69 0.24 7.20
CA LYS A 107 -16.83 1.05 7.58
C LYS A 107 -16.39 2.42 8.10
N ASN A 108 -15.08 2.63 8.24
CA ASN A 108 -14.55 3.90 8.73
C ASN A 108 -13.66 4.55 7.67
N LEU A 109 -13.30 3.76 6.67
CA LEU A 109 -12.44 4.27 5.59
C LEU A 109 -13.29 4.86 4.47
N PHE A 110 -13.82 4.00 3.60
CA PHE A 110 -14.65 4.44 2.49
C PHE A 110 -16.00 4.99 2.94
N VAL A 111 -16.62 4.32 3.91
CA VAL A 111 -17.93 4.74 4.41
C VAL A 111 -17.86 6.10 5.11
N ASP A 112 -17.23 6.13 6.28
CA ASP A 112 -17.11 7.37 7.04
C ASP A 112 -16.33 8.43 6.28
N LYS A 113 -15.40 7.99 5.43
CA LYS A 113 -14.58 8.91 4.64
C LYS A 113 -13.75 9.82 5.55
N ASN A 114 -13.76 9.50 6.85
CA ASN A 114 -12.99 10.29 7.84
C ASN A 114 -11.98 9.41 8.55
N MET A 115 -10.71 9.53 8.15
CA MET A 115 -9.64 8.74 8.75
C MET A 115 -9.05 9.49 9.94
N LYS A 116 -8.84 8.76 11.04
CA LYS A 116 -8.27 9.36 12.25
C LYS A 116 -6.75 9.45 12.14
N TYR A 117 -6.17 10.44 12.83
CA TYR A 117 -4.72 10.65 12.80
C TYR A 117 -4.17 10.64 14.23
N ILE A 118 -2.95 10.14 14.39
CA ILE A 118 -2.31 10.06 15.70
C ILE A 118 -0.80 10.27 15.57
N PRO A 119 -0.19 11.13 16.36
CA PRO A 119 1.28 11.38 16.28
C PRO A 119 2.08 10.22 16.87
N THR A 120 2.27 9.17 16.07
CA THR A 120 3.02 8.00 16.53
C THR A 120 4.52 8.25 16.39
N GLU A 121 4.88 9.13 15.46
CA GLU A 121 6.29 9.45 15.23
C GLU A 121 6.86 10.19 16.43
N ASP A 122 6.04 11.02 17.06
CA ASP A 122 6.48 11.79 18.22
C ASP A 122 6.68 10.88 19.43
N VAL A 123 7.93 10.75 19.87
CA VAL A 123 8.25 9.89 21.01
C VAL A 123 9.22 10.61 21.95
N SER A 124 9.31 10.11 23.18
CA SER A 124 10.20 10.70 24.17
C SER A 124 10.63 9.66 25.21
N GLY A 125 11.82 9.85 25.76
CA GLY A 125 12.35 8.92 26.76
C GLY A 125 13.88 8.88 26.71
N LEU A 126 14.51 10.03 27.01
CA LEU A 126 15.97 10.11 27.00
C LEU A 126 16.51 9.96 28.41
N SER A 127 17.49 9.07 28.57
CA SER A 127 18.09 8.83 29.88
C SER A 127 19.49 8.23 29.72
N LEU A 128 20.49 9.09 29.64
CA LEU A 128 21.87 8.63 29.48
C LEU A 128 22.29 7.83 30.71
N GLU A 129 21.90 8.30 31.88
CA GLU A 129 22.25 7.61 33.13
C GLU A 129 21.50 8.23 34.31
N GLU A 130 20.22 7.88 34.44
CA GLU A 130 19.41 8.41 35.53
C GLU A 130 19.88 7.84 36.86
N GLN A 131 19.98 8.72 37.86
CA GLN A 131 20.43 8.30 39.19
C GLN A 131 19.82 9.20 40.27
N LEU A 132 18.77 9.91 39.90
CA LEU A 132 18.10 10.81 40.84
C LEU A 132 17.17 10.03 41.77
N GLY A 1 14.42 -14.43 -40.31
CA GLY A 1 13.41 -13.79 -39.44
C GLY A 1 12.54 -14.87 -38.80
N SER A 2 12.09 -14.60 -37.57
CA SER A 2 11.24 -15.56 -36.86
C SER A 2 9.85 -15.61 -37.48
N HIS A 3 9.23 -16.78 -37.41
CA HIS A 3 7.89 -16.96 -37.96
C HIS A 3 6.90 -16.02 -37.28
N MET A 4 6.98 -15.92 -35.95
CA MET A 4 6.10 -15.05 -35.20
C MET A 4 6.65 -13.63 -35.15
N LEU A 5 5.82 -12.65 -35.49
CA LEU A 5 6.26 -11.25 -35.48
C LEU A 5 5.74 -10.55 -34.23
N ASN A 6 6.68 -10.07 -33.42
CA ASN A 6 6.32 -9.38 -32.17
C ASN A 6 7.33 -8.27 -31.87
N ALA A 7 8.16 -7.95 -32.85
CA ALA A 7 9.16 -6.90 -32.68
C ALA A 7 8.52 -5.53 -32.77
N GLU A 8 7.95 -5.08 -31.65
CA GLU A 8 7.29 -3.78 -31.60
C GLU A 8 8.32 -2.68 -31.39
N ASP A 9 9.54 -3.07 -31.04
CA ASP A 9 10.62 -2.11 -30.81
C ASP A 9 11.14 -1.58 -32.14
N GLU A 10 10.69 -2.18 -33.23
CA GLU A 10 11.13 -1.77 -34.56
C GLU A 10 10.90 -0.28 -34.74
N LYS A 11 10.03 0.29 -33.91
CA LYS A 11 9.73 1.71 -33.98
C LYS A 11 9.38 2.24 -32.60
N ARG A 12 10.38 2.28 -31.70
CA ARG A 12 10.15 2.77 -30.34
C ARG A 12 9.20 3.96 -30.33
N GLU A 13 7.91 3.67 -30.14
CA GLU A 13 6.90 4.72 -30.11
C GLU A 13 7.10 5.62 -28.91
N GLU A 14 7.35 5.01 -27.75
CA GLU A 14 7.55 5.78 -26.53
C GLU A 14 7.99 4.86 -25.40
N GLU A 15 9.19 5.12 -24.86
CA GLU A 15 9.72 4.31 -23.77
C GLU A 15 8.91 4.51 -22.51
N LYS A 16 8.47 5.74 -22.27
CA LYS A 16 7.68 6.06 -21.09
C LYS A 16 6.25 5.57 -21.26
N GLU A 17 5.67 5.02 -20.19
CA GLU A 17 4.30 4.51 -20.23
C GLU A 17 3.43 5.25 -19.22
N LYS A 18 2.35 5.86 -19.70
CA LYS A 18 1.43 6.59 -18.83
C LYS A 18 0.64 5.61 -17.96
N GLN A 19 0.54 5.93 -16.67
CA GLN A 19 -0.19 5.08 -15.74
C GLN A 19 -1.70 5.15 -16.03
N ALA A 20 -2.37 4.02 -15.87
CA ALA A 20 -3.81 3.96 -16.11
C ALA A 20 -4.58 4.64 -14.98
N GLU A 21 -4.14 5.83 -14.60
CA GLU A 21 -4.80 6.57 -13.52
C GLU A 21 -6.19 7.04 -13.97
N GLU A 22 -6.29 7.42 -15.24
CA GLU A 22 -7.55 7.90 -15.79
C GLU A 22 -8.60 6.80 -15.72
N MET A 23 -8.20 5.57 -16.04
CA MET A 23 -9.13 4.45 -16.00
C MET A 23 -9.60 4.18 -14.57
N ALA A 24 -8.66 4.25 -13.63
CA ALA A 24 -8.99 4.01 -12.23
C ALA A 24 -10.10 4.94 -11.77
N SER A 25 -10.90 4.45 -10.83
CA SER A 25 -12.01 5.22 -10.28
C SER A 25 -11.53 6.11 -9.15
N ASP A 26 -12.47 6.80 -8.50
CA ASP A 26 -12.14 7.69 -7.40
C ASP A 26 -11.54 6.89 -6.24
N ASP A 27 -11.98 5.66 -6.07
CA ASP A 27 -11.48 4.81 -5.00
C ASP A 27 -9.95 4.86 -4.94
N LEU A 28 -9.31 4.92 -6.10
CA LEU A 28 -7.86 4.98 -6.15
C LEU A 28 -7.38 6.24 -5.43
N SER A 29 -8.07 7.35 -5.68
CA SER A 29 -7.70 8.62 -5.05
C SER A 29 -7.80 8.50 -3.53
N LEU A 30 -8.88 7.87 -3.06
CA LEU A 30 -9.08 7.71 -1.62
C LEU A 30 -7.96 6.87 -1.03
N ILE A 31 -7.56 5.82 -1.73
CA ILE A 31 -6.48 4.96 -1.25
C ILE A 31 -5.18 5.75 -1.18
N ARG A 32 -4.93 6.56 -2.20
CA ARG A 32 -3.71 7.37 -2.23
C ARG A 32 -3.65 8.34 -1.05
N LYS A 33 -4.79 8.97 -0.75
CA LYS A 33 -4.86 9.93 0.36
C LYS A 33 -4.63 9.24 1.69
N ASN A 34 -5.22 8.06 1.87
CA ASN A 34 -5.07 7.32 3.12
C ASN A 34 -3.82 6.44 3.08
N ARG A 35 -3.04 6.59 2.02
CA ARG A 35 -1.82 5.81 1.88
C ARG A 35 -0.87 6.08 3.04
N MET A 36 -0.70 7.35 3.39
CA MET A 36 0.19 7.72 4.48
C MET A 36 -0.36 7.20 5.81
N ALA A 37 -1.67 7.29 5.98
CA ALA A 37 -2.30 6.84 7.23
C ALA A 37 -1.98 5.36 7.47
N LEU A 38 -2.17 4.54 6.44
CA LEU A 38 -1.90 3.10 6.57
C LEU A 38 -0.41 2.88 6.87
N PHE A 39 0.45 3.57 6.14
CA PHE A 39 1.89 3.45 6.35
C PHE A 39 2.26 3.92 7.75
N GLN A 40 1.74 5.09 8.13
CA GLN A 40 2.02 5.65 9.44
C GLN A 40 1.35 4.81 10.54
N GLN A 41 0.17 4.28 10.24
CA GLN A 41 -0.59 3.48 11.19
C GLN A 41 -0.72 2.05 10.69
N LEU A 42 0.40 1.33 10.65
CA LEU A 42 0.41 -0.05 10.18
C LEU A 42 0.27 -1.02 11.37
N THR A 43 -0.69 -1.93 11.28
CA THR A 43 -0.90 -2.91 12.34
C THR A 43 -1.25 -4.28 11.76
N CYS A 44 -1.33 -4.36 10.44
CA CYS A 44 -1.65 -5.60 9.76
C CYS A 44 -1.00 -5.66 8.38
N VAL A 45 0.25 -6.10 8.32
CA VAL A 45 0.98 -6.19 7.06
C VAL A 45 1.22 -7.65 6.68
N LEU A 46 0.90 -8.56 7.60
CA LEU A 46 1.07 -10.00 7.36
C LEU A 46 -0.11 -10.57 6.56
N PRO A 47 -1.32 -10.52 7.08
CA PRO A 47 -2.51 -11.08 6.37
C PRO A 47 -2.69 -10.48 4.96
N ILE A 48 -2.43 -9.18 4.85
CA ILE A 48 -2.57 -8.51 3.56
C ILE A 48 -1.49 -8.96 2.58
N LEU A 49 -0.27 -9.11 3.09
CA LEU A 49 0.85 -9.53 2.25
C LEU A 49 0.58 -10.92 1.69
N ASP A 50 0.05 -11.80 2.54
CA ASP A 50 -0.25 -13.15 2.12
C ASP A 50 -1.30 -13.16 1.02
N ASN A 51 -2.31 -12.29 1.14
CA ASN A 51 -3.37 -12.22 0.14
C ASN A 51 -2.80 -11.78 -1.22
N LEU A 52 -1.99 -10.74 -1.22
CA LEU A 52 -1.39 -10.25 -2.46
C LEU A 52 -0.41 -11.28 -3.01
N LEU A 53 0.33 -11.93 -2.13
CA LEU A 53 1.30 -12.93 -2.55
C LEU A 53 0.63 -14.02 -3.39
N LYS A 54 -0.65 -14.25 -3.14
CA LYS A 54 -1.40 -15.26 -3.87
C LYS A 54 -1.43 -14.92 -5.36
N ALA A 55 -1.68 -13.65 -5.68
CA ALA A 55 -1.74 -13.21 -7.07
C ALA A 55 -1.27 -11.77 -7.20
N ASN A 56 -0.01 -11.59 -7.60
CA ASN A 56 0.55 -10.25 -7.75
C ASN A 56 1.74 -10.28 -8.69
N VAL A 57 2.40 -9.12 -8.83
CA VAL A 57 3.56 -9.02 -9.72
C VAL A 57 4.80 -9.63 -9.06
N ILE A 58 4.82 -9.64 -7.74
CA ILE A 58 5.94 -10.20 -7.00
C ILE A 58 5.81 -11.71 -6.87
N ASN A 59 6.94 -12.41 -6.98
CA ASN A 59 6.94 -13.87 -6.87
C ASN A 59 7.59 -14.30 -5.56
N LYS A 60 7.94 -15.58 -5.47
CA LYS A 60 8.57 -16.10 -4.26
C LYS A 60 9.95 -15.49 -4.06
N GLN A 61 10.48 -14.86 -5.11
CA GLN A 61 11.80 -14.23 -5.04
C GLN A 61 11.70 -12.82 -4.47
N GLU A 62 10.92 -11.98 -5.12
CA GLU A 62 10.76 -10.60 -4.66
C GLU A 62 10.06 -10.58 -3.31
N HIS A 63 9.08 -11.47 -3.14
CA HIS A 63 8.34 -11.54 -1.87
C HIS A 63 9.30 -11.82 -0.70
N ASP A 64 10.21 -12.75 -0.91
CA ASP A 64 11.17 -13.12 0.14
C ASP A 64 12.13 -11.97 0.44
N ILE A 65 12.55 -11.25 -0.61
CA ILE A 65 13.48 -10.14 -0.44
C ILE A 65 12.85 -9.04 0.42
N ILE A 66 11.60 -8.70 0.14
CA ILE A 66 10.90 -7.66 0.88
C ILE A 66 10.41 -8.19 2.22
N LYS A 67 10.69 -9.47 2.49
CA LYS A 67 10.28 -10.10 3.75
C LYS A 67 11.49 -10.63 4.51
N GLN A 68 12.68 -10.49 3.91
CA GLN A 68 13.91 -10.99 4.52
C GLN A 68 14.77 -9.84 5.08
N LYS A 69 15.32 -9.03 4.17
CA LYS A 69 16.16 -7.90 4.59
C LYS A 69 15.31 -6.68 4.95
N THR A 70 14.05 -6.90 5.29
CA THR A 70 13.15 -5.82 5.66
C THR A 70 12.42 -6.16 6.96
N GLN A 71 11.93 -5.13 7.65
CA GLN A 71 11.22 -5.33 8.91
C GLN A 71 9.71 -5.15 8.70
N ILE A 72 8.98 -4.89 9.77
CA ILE A 72 7.54 -4.70 9.67
C ILE A 72 7.23 -3.37 8.95
N PRO A 73 7.77 -2.24 9.37
CA PRO A 73 7.51 -0.91 8.70
C PRO A 73 7.94 -0.88 7.23
N LEU A 74 9.11 -1.46 6.91
CA LEU A 74 9.57 -1.49 5.52
C LEU A 74 8.63 -2.34 4.68
N GLN A 75 8.19 -3.46 5.25
CA GLN A 75 7.29 -4.36 4.54
C GLN A 75 6.12 -3.58 3.95
N ALA A 76 5.57 -2.65 4.74
CA ALA A 76 4.46 -1.85 4.26
C ALA A 76 4.91 -0.91 3.15
N ARG A 77 6.09 -0.33 3.33
CA ARG A 77 6.62 0.59 2.32
C ARG A 77 6.77 -0.11 0.98
N GLU A 78 7.37 -1.30 1.00
CA GLU A 78 7.56 -2.07 -0.23
C GLU A 78 6.22 -2.56 -0.77
N LEU A 79 5.36 -3.02 0.13
CA LEU A 79 4.04 -3.53 -0.26
C LEU A 79 3.19 -2.43 -0.90
N ILE A 80 3.21 -1.25 -0.30
CA ILE A 80 2.43 -0.13 -0.83
C ILE A 80 2.89 0.25 -2.23
N ASP A 81 4.21 0.29 -2.44
CA ASP A 81 4.75 0.64 -3.75
C ASP A 81 4.12 -0.21 -4.84
N THR A 82 3.92 -1.49 -4.55
CA THR A 82 3.32 -2.41 -5.51
C THR A 82 1.89 -1.98 -5.83
N ILE A 83 1.17 -1.51 -4.81
CA ILE A 83 -0.21 -1.07 -5.00
C ILE A 83 -0.25 0.08 -5.99
N LEU A 84 0.70 1.00 -5.88
CA LEU A 84 0.74 2.15 -6.77
C LEU A 84 0.86 1.69 -8.21
N VAL A 85 1.73 0.71 -8.46
CA VAL A 85 1.91 0.21 -9.82
C VAL A 85 0.62 -0.45 -10.33
N LYS A 86 0.00 -1.28 -9.48
CA LYS A 86 -1.24 -1.94 -9.86
C LYS A 86 -2.38 -0.94 -10.03
N GLY A 87 -2.50 -0.01 -9.08
CA GLY A 87 -3.56 0.99 -9.14
C GLY A 87 -4.94 0.38 -8.90
N ASN A 88 -5.88 0.66 -9.80
CA ASN A 88 -7.23 0.16 -9.66
C ASN A 88 -7.24 -1.37 -9.60
N ALA A 89 -6.42 -2.00 -10.42
CA ALA A 89 -6.35 -3.44 -10.43
C ALA A 89 -6.10 -4.00 -9.03
N ALA A 90 -5.49 -3.19 -8.17
CA ALA A 90 -5.21 -3.61 -6.80
C ALA A 90 -6.30 -3.11 -5.86
N ALA A 91 -7.16 -2.24 -6.35
CA ALA A 91 -8.22 -1.69 -5.51
C ALA A 91 -9.06 -2.82 -4.93
N ASN A 92 -9.47 -3.76 -5.79
CA ASN A 92 -10.30 -4.87 -5.33
C ASN A 92 -9.55 -5.72 -4.29
N ILE A 93 -8.29 -6.03 -4.58
CA ILE A 93 -7.50 -6.83 -3.65
C ILE A 93 -7.30 -6.10 -2.34
N PHE A 94 -6.97 -4.81 -2.44
CA PHE A 94 -6.74 -3.99 -1.25
C PHE A 94 -8.01 -3.94 -0.41
N LYS A 95 -9.15 -3.71 -1.08
CA LYS A 95 -10.43 -3.65 -0.40
C LYS A 95 -10.74 -4.99 0.24
N ASN A 96 -10.47 -6.07 -0.50
CA ASN A 96 -10.72 -7.41 0.00
C ASN A 96 -9.97 -7.66 1.30
N CYS A 97 -8.72 -7.21 1.35
CA CYS A 97 -7.91 -7.38 2.54
C CYS A 97 -8.39 -6.48 3.67
N LEU A 98 -8.68 -5.22 3.33
CA LEU A 98 -9.14 -4.27 4.34
C LEU A 98 -10.48 -4.68 4.94
N LYS A 99 -11.41 -5.10 4.08
CA LYS A 99 -12.72 -5.51 4.56
C LYS A 99 -12.60 -6.73 5.46
N GLU A 100 -11.78 -7.69 5.06
CA GLU A 100 -11.59 -8.91 5.84
C GLU A 100 -10.76 -8.63 7.08
N ILE A 101 -9.65 -7.92 6.90
CA ILE A 101 -8.78 -7.59 8.04
C ILE A 101 -9.51 -6.68 9.02
N ASP A 102 -10.20 -5.67 8.48
CA ASP A 102 -10.93 -4.73 9.33
C ASP A 102 -12.19 -4.22 8.63
N SER A 103 -13.27 -4.99 8.75
CA SER A 103 -14.53 -4.60 8.14
C SER A 103 -14.99 -3.25 8.67
N THR A 104 -14.77 -3.02 9.96
CA THR A 104 -15.17 -1.76 10.59
C THR A 104 -14.44 -0.59 9.92
N LEU A 105 -13.17 -0.79 9.59
CA LEU A 105 -12.39 0.25 8.95
C LEU A 105 -12.99 0.63 7.61
N TYR A 106 -13.43 -0.38 6.86
CA TYR A 106 -14.02 -0.14 5.56
C TYR A 106 -15.25 0.76 5.70
N LYS A 107 -16.06 0.46 6.72
CA LYS A 107 -17.27 1.24 6.96
C LYS A 107 -16.91 2.66 7.42
N ASN A 108 -15.62 2.93 7.59
CA ASN A 108 -15.15 4.25 8.03
C ASN A 108 -14.34 4.93 6.93
N LEU A 109 -13.89 4.14 5.95
CA LEU A 109 -13.08 4.66 4.84
C LEU A 109 -13.96 5.12 3.67
N PHE A 110 -14.37 4.17 2.83
CA PHE A 110 -15.19 4.47 1.67
C PHE A 110 -16.59 4.96 2.05
N VAL A 111 -17.10 4.47 3.16
CA VAL A 111 -18.43 4.86 3.61
C VAL A 111 -18.42 6.23 4.30
N ASP A 112 -17.94 6.28 5.53
CA ASP A 112 -17.89 7.54 6.27
C ASP A 112 -17.09 8.58 5.51
N LYS A 113 -15.89 8.20 5.08
CA LYS A 113 -15.01 9.10 4.33
C LYS A 113 -14.67 10.33 5.16
N ASN A 114 -14.10 10.09 6.35
CA ASN A 114 -13.72 11.20 7.23
C ASN A 114 -12.68 10.72 8.25
N MET A 115 -11.52 10.29 7.75
CA MET A 115 -10.46 9.81 8.63
C MET A 115 -9.65 10.98 9.17
N LYS A 116 -9.34 10.91 10.46
CA LYS A 116 -8.57 11.97 11.10
C LYS A 116 -7.08 11.79 10.84
N TYR A 117 -6.42 12.88 10.45
CA TYR A 117 -4.99 12.85 10.16
C TYR A 117 -4.19 13.19 11.42
N ILE A 118 -3.06 12.50 11.61
CA ILE A 118 -2.22 12.73 12.78
C ILE A 118 -0.75 12.50 12.43
N PRO A 119 -0.22 13.28 11.53
CA PRO A 119 1.22 13.15 11.09
C PRO A 119 2.19 13.72 12.11
N THR A 120 2.95 12.83 12.74
CA THR A 120 3.94 13.25 13.73
C THR A 120 4.87 12.09 14.09
N GLU A 121 5.25 11.32 13.07
CA GLU A 121 6.13 10.18 13.29
C GLU A 121 7.52 10.65 13.72
N ASP A 122 8.02 11.68 13.04
CA ASP A 122 9.34 12.23 13.36
C ASP A 122 9.25 13.18 14.54
N VAL A 123 10.14 12.99 15.52
CA VAL A 123 10.15 13.85 16.70
C VAL A 123 10.81 15.19 16.39
N SER A 124 11.95 15.14 15.70
CA SER A 124 12.67 16.36 15.34
C SER A 124 13.59 16.11 14.15
N GLY A 125 13.83 17.16 13.37
CA GLY A 125 14.70 17.06 12.20
C GLY A 125 16.13 16.74 12.63
N LEU A 126 16.75 17.69 13.31
CA LEU A 126 18.13 17.51 13.78
C LEU A 126 18.43 18.46 14.93
N SER A 127 19.59 18.28 15.55
CA SER A 127 19.98 19.14 16.67
C SER A 127 20.35 20.53 16.17
N LEU A 128 20.21 21.52 17.04
CA LEU A 128 20.54 22.90 16.68
C LEU A 128 20.82 23.72 17.93
N GLU A 129 20.04 23.47 18.98
CA GLU A 129 20.20 24.19 20.24
C GLU A 129 21.56 23.85 20.87
N GLU A 130 21.96 22.59 20.71
CA GLU A 130 23.23 22.13 21.27
C GLU A 130 24.35 22.25 20.23
N GLN A 131 25.37 23.04 20.55
CA GLN A 131 26.49 23.24 19.65
C GLN A 131 27.50 22.10 19.80
N LEU A 132 27.33 21.30 20.84
CA LEU A 132 28.23 20.18 21.10
C LEU A 132 27.85 18.98 20.25
N GLY A 1 -7.65 30.65 -44.65
CA GLY A 1 -8.20 29.47 -43.92
C GLY A 1 -7.06 28.74 -43.21
N SER A 2 -7.36 27.57 -42.65
CA SER A 2 -6.37 26.78 -41.93
C SER A 2 -6.72 25.30 -42.01
N HIS A 3 -5.71 24.45 -41.78
CA HIS A 3 -5.93 23.00 -41.81
C HIS A 3 -6.66 22.53 -40.56
N MET A 4 -7.55 21.57 -40.73
CA MET A 4 -8.32 21.05 -39.60
C MET A 4 -7.39 20.34 -38.62
N LEU A 5 -6.41 19.62 -39.14
CA LEU A 5 -5.45 18.90 -38.30
C LEU A 5 -4.28 19.79 -37.93
N ASN A 6 -4.22 20.21 -36.66
CA ASN A 6 -3.14 21.07 -36.19
C ASN A 6 -2.19 20.29 -35.29
N ALA A 7 -2.34 18.96 -35.28
CA ALA A 7 -1.48 18.11 -34.47
C ALA A 7 -0.04 18.19 -34.94
N GLU A 8 0.73 19.07 -34.31
CA GLU A 8 2.14 19.23 -34.68
C GLU A 8 2.93 17.98 -34.34
N ASP A 9 2.66 17.41 -33.17
CA ASP A 9 3.36 16.19 -32.73
C ASP A 9 2.49 15.39 -31.78
N GLU A 10 2.02 14.24 -32.25
CA GLU A 10 1.16 13.36 -31.43
C GLU A 10 1.25 11.91 -31.92
N LYS A 11 0.80 11.66 -33.15
CA LYS A 11 0.86 10.32 -33.72
C LYS A 11 2.30 9.90 -33.98
N ARG A 12 3.15 10.86 -34.31
CA ARG A 12 4.55 10.56 -34.58
C ARG A 12 5.22 9.98 -33.33
N GLU A 13 4.95 10.58 -32.18
CA GLU A 13 5.54 10.10 -30.94
C GLU A 13 4.79 8.87 -30.44
N GLU A 14 5.53 7.91 -29.91
CA GLU A 14 4.93 6.67 -29.39
C GLU A 14 4.07 6.97 -28.17
N GLU A 15 2.99 6.22 -28.02
CA GLU A 15 2.08 6.42 -26.88
C GLU A 15 2.79 6.06 -25.58
N LYS A 16 3.45 7.05 -24.99
CA LYS A 16 4.16 6.83 -23.73
C LYS A 16 3.20 6.40 -22.63
N GLU A 17 2.07 7.10 -22.54
CA GLU A 17 1.07 6.79 -21.53
C GLU A 17 0.48 5.40 -21.77
N LYS A 18 0.53 4.56 -20.75
CA LYS A 18 0.01 3.19 -20.85
C LYS A 18 -0.65 2.78 -19.54
N GLN A 19 -0.61 3.66 -18.55
CA GLN A 19 -1.19 3.37 -17.25
C GLN A 19 -2.71 3.54 -17.30
N ALA A 20 -3.34 3.57 -16.13
CA ALA A 20 -4.78 3.72 -16.05
C ALA A 20 -5.22 4.98 -16.80
N GLU A 21 -5.77 4.78 -17.99
CA GLU A 21 -6.23 5.91 -18.80
C GLU A 21 -7.42 6.60 -18.13
N GLU A 22 -8.33 5.80 -17.58
CA GLU A 22 -9.51 6.35 -16.91
C GLU A 22 -10.04 5.38 -15.86
N MET A 23 -9.30 4.29 -15.64
CA MET A 23 -9.70 3.30 -14.66
C MET A 23 -9.70 3.89 -13.26
N ALA A 24 -8.67 4.69 -12.96
CA ALA A 24 -8.56 5.33 -11.65
C ALA A 24 -9.93 5.80 -11.15
N SER A 25 -10.61 4.94 -10.41
CA SER A 25 -11.93 5.27 -9.88
C SER A 25 -11.78 6.12 -8.62
N ASP A 26 -12.92 6.44 -8.01
CA ASP A 26 -12.91 7.26 -6.80
C ASP A 26 -12.16 6.54 -5.68
N ASP A 27 -12.17 5.22 -5.73
CA ASP A 27 -11.47 4.43 -4.71
C ASP A 27 -9.99 4.73 -4.72
N LEU A 28 -9.44 4.96 -5.91
CA LEU A 28 -8.01 5.26 -6.02
C LEU A 28 -7.68 6.53 -5.25
N SER A 29 -8.53 7.54 -5.36
CA SER A 29 -8.31 8.79 -4.65
C SER A 29 -8.29 8.56 -3.14
N LEU A 30 -9.25 7.77 -2.65
CA LEU A 30 -9.31 7.48 -1.23
C LEU A 30 -8.04 6.73 -0.78
N ILE A 31 -7.61 5.78 -1.60
CA ILE A 31 -6.42 5.01 -1.26
C ILE A 31 -5.18 5.92 -1.26
N ARG A 32 -5.08 6.78 -2.27
CA ARG A 32 -3.95 7.70 -2.37
C ARG A 32 -3.88 8.62 -1.16
N LYS A 33 -5.02 9.17 -0.76
CA LYS A 33 -5.07 10.05 0.39
C LYS A 33 -4.70 9.30 1.67
N ASN A 34 -5.15 8.05 1.77
CA ASN A 34 -4.88 7.23 2.94
C ASN A 34 -3.53 6.51 2.81
N ARG A 35 -2.80 6.83 1.73
CA ARG A 35 -1.50 6.21 1.50
C ARG A 35 -0.55 6.51 2.67
N MET A 36 -0.54 7.78 3.10
CA MET A 36 0.33 8.18 4.19
C MET A 36 -0.15 7.60 5.51
N ALA A 37 -1.47 7.59 5.71
CA ALA A 37 -2.03 7.05 6.93
C ALA A 37 -1.64 5.59 7.07
N LEU A 38 -1.71 4.84 5.98
CA LEU A 38 -1.36 3.43 6.01
C LEU A 38 0.11 3.26 6.39
N PHE A 39 0.98 4.06 5.78
CA PHE A 39 2.41 3.98 6.10
C PHE A 39 2.65 4.40 7.54
N GLN A 40 2.05 5.51 7.94
CA GLN A 40 2.21 6.01 9.29
C GLN A 40 1.54 5.08 10.31
N GLN A 41 0.39 4.50 9.93
CA GLN A 41 -0.35 3.61 10.83
C GLN A 41 -0.33 2.17 10.32
N LEU A 42 0.87 1.64 10.12
CA LEU A 42 1.04 0.28 9.64
C LEU A 42 0.79 -0.73 10.74
N THR A 43 0.17 -1.85 10.39
CA THR A 43 -0.10 -2.89 11.37
C THR A 43 -0.23 -4.24 10.68
N CYS A 44 -1.42 -4.49 10.11
CA CYS A 44 -1.67 -5.74 9.42
C CYS A 44 -0.94 -5.77 8.08
N VAL A 45 0.35 -6.13 8.12
CA VAL A 45 1.16 -6.19 6.90
C VAL A 45 1.41 -7.64 6.50
N LEU A 46 1.19 -8.56 7.44
CA LEU A 46 1.39 -9.98 7.18
C LEU A 46 0.18 -10.58 6.43
N PRO A 47 -0.99 -10.57 7.01
CA PRO A 47 -2.20 -11.14 6.35
C PRO A 47 -2.48 -10.51 4.99
N ILE A 48 -2.28 -9.20 4.88
CA ILE A 48 -2.51 -8.51 3.62
C ILE A 48 -1.47 -8.91 2.58
N LEU A 49 -0.22 -9.03 3.03
CA LEU A 49 0.87 -9.41 2.12
C LEU A 49 0.60 -10.78 1.53
N ASP A 50 0.10 -11.69 2.35
CA ASP A 50 -0.18 -13.04 1.88
C ASP A 50 -1.27 -13.01 0.81
N ASN A 51 -2.24 -12.11 0.99
CA ASN A 51 -3.33 -12.00 0.03
C ASN A 51 -2.80 -11.57 -1.33
N LEU A 52 -1.94 -10.57 -1.34
CA LEU A 52 -1.35 -10.08 -2.58
C LEU A 52 -0.46 -11.15 -3.21
N LEU A 53 0.30 -11.84 -2.38
CA LEU A 53 1.21 -12.88 -2.86
C LEU A 53 0.49 -13.85 -3.80
N LYS A 54 -0.82 -13.96 -3.64
CA LYS A 54 -1.61 -14.87 -4.48
C LYS A 54 -1.50 -14.45 -5.96
N ALA A 55 -1.60 -13.15 -6.22
CA ALA A 55 -1.51 -12.66 -7.59
C ALA A 55 -0.98 -11.22 -7.62
N ASN A 56 0.30 -11.08 -7.90
CA ASN A 56 0.92 -9.76 -7.95
C ASN A 56 2.21 -9.80 -8.76
N VAL A 57 2.96 -8.70 -8.73
CA VAL A 57 4.22 -8.61 -9.46
C VAL A 57 5.31 -9.37 -8.71
N ILE A 58 5.23 -9.37 -7.39
CA ILE A 58 6.22 -10.06 -6.56
C ILE A 58 5.92 -11.55 -6.51
N ASN A 59 6.92 -12.33 -6.11
CA ASN A 59 6.77 -13.79 -6.02
C ASN A 59 7.56 -14.33 -4.83
N LYS A 60 7.54 -15.64 -4.66
CA LYS A 60 8.25 -16.27 -3.55
C LYS A 60 9.66 -15.68 -3.43
N GLN A 61 10.15 -15.11 -4.53
CA GLN A 61 11.49 -14.53 -4.53
C GLN A 61 11.50 -13.18 -3.81
N GLU A 62 10.85 -12.18 -4.40
CA GLU A 62 10.80 -10.85 -3.79
C GLU A 62 10.08 -10.91 -2.45
N HIS A 63 9.05 -11.75 -2.37
CA HIS A 63 8.29 -11.91 -1.14
C HIS A 63 9.21 -12.36 -0.01
N ASP A 64 10.12 -13.27 -0.32
CA ASP A 64 11.06 -13.79 0.68
C ASP A 64 12.01 -12.69 1.16
N ILE A 65 12.42 -11.82 0.25
CA ILE A 65 13.35 -10.74 0.61
C ILE A 65 12.75 -9.83 1.66
N ILE A 66 11.48 -9.46 1.46
CA ILE A 66 10.80 -8.58 2.39
C ILE A 66 10.38 -9.34 3.64
N LYS A 67 10.61 -10.65 3.64
CA LYS A 67 10.25 -11.49 4.78
C LYS A 67 11.50 -12.08 5.43
N GLN A 68 12.59 -12.11 4.68
CA GLN A 68 13.85 -12.66 5.19
C GLN A 68 14.32 -11.87 6.41
N LYS A 69 14.72 -10.62 6.18
CA LYS A 69 15.19 -9.75 7.27
C LYS A 69 14.85 -8.29 6.99
N THR A 70 13.60 -8.04 6.64
CA THR A 70 13.13 -6.69 6.35
C THR A 70 12.14 -6.25 7.42
N GLN A 71 12.46 -5.14 8.08
CA GLN A 71 11.59 -4.62 9.12
C GLN A 71 10.17 -4.47 8.59
N ILE A 72 9.29 -3.87 9.41
CA ILE A 72 7.91 -3.70 9.00
C ILE A 72 7.78 -2.49 8.06
N PRO A 73 8.35 -1.36 8.37
CA PRO A 73 8.29 -0.11 7.51
C PRO A 73 8.75 -0.31 6.06
N LEU A 74 9.88 -0.97 5.85
CA LEU A 74 10.35 -1.22 4.51
C LEU A 74 9.33 -2.09 3.78
N GLN A 75 8.82 -3.11 4.49
CA GLN A 75 7.83 -4.00 3.90
C GLN A 75 6.55 -3.25 3.55
N ALA A 76 6.08 -2.42 4.47
CA ALA A 76 4.88 -1.63 4.21
C ALA A 76 5.12 -0.68 3.05
N ARG A 77 6.32 -0.12 2.99
CA ARG A 77 6.65 0.79 1.90
C ARG A 77 6.67 0.05 0.59
N GLU A 78 7.25 -1.15 0.59
CA GLU A 78 7.30 -1.95 -0.62
C GLU A 78 5.88 -2.32 -1.06
N LEU A 79 5.01 -2.62 -0.10
CA LEU A 79 3.63 -2.98 -0.41
C LEU A 79 2.92 -1.81 -1.09
N ILE A 80 3.11 -0.61 -0.57
CA ILE A 80 2.46 0.57 -1.14
C ILE A 80 2.90 0.76 -2.58
N ASP A 81 4.19 0.56 -2.84
CA ASP A 81 4.72 0.72 -4.19
C ASP A 81 3.96 -0.17 -5.17
N THR A 82 3.66 -1.40 -4.76
CA THR A 82 2.93 -2.33 -5.63
C THR A 82 1.54 -1.79 -5.95
N ILE A 83 0.86 -1.24 -4.95
CA ILE A 83 -0.47 -0.68 -5.15
C ILE A 83 -0.42 0.48 -6.14
N LEU A 84 0.59 1.33 -6.00
CA LEU A 84 0.72 2.49 -6.89
C LEU A 84 0.86 2.03 -8.34
N VAL A 85 1.71 1.05 -8.57
CA VAL A 85 1.93 0.55 -9.92
C VAL A 85 0.65 -0.08 -10.47
N LYS A 86 0.06 -0.99 -9.69
CA LYS A 86 -1.17 -1.66 -10.10
C LYS A 86 -2.32 -0.66 -10.20
N GLY A 87 -2.42 0.22 -9.20
CA GLY A 87 -3.48 1.24 -9.20
C GLY A 87 -4.84 0.61 -8.97
N ASN A 88 -5.86 1.14 -9.65
CA ASN A 88 -7.22 0.65 -9.49
C ASN A 88 -7.26 -0.87 -9.60
N ALA A 89 -6.28 -1.42 -10.31
CA ALA A 89 -6.22 -2.86 -10.49
C ALA A 89 -6.05 -3.56 -9.15
N ALA A 90 -5.31 -2.93 -8.24
CA ALA A 90 -5.08 -3.52 -6.93
C ALA A 90 -6.05 -2.97 -5.90
N ALA A 91 -6.86 -2.01 -6.31
CA ALA A 91 -7.84 -1.42 -5.41
C ALA A 91 -8.80 -2.49 -4.92
N ASN A 92 -9.20 -3.38 -5.80
CA ASN A 92 -10.11 -4.45 -5.43
C ASN A 92 -9.46 -5.39 -4.41
N ILE A 93 -8.22 -5.79 -4.69
CA ILE A 93 -7.50 -6.68 -3.79
C ILE A 93 -7.25 -5.98 -2.46
N PHE A 94 -6.83 -4.73 -2.51
CA PHE A 94 -6.55 -3.97 -1.30
C PHE A 94 -7.82 -3.84 -0.47
N LYS A 95 -8.91 -3.47 -1.14
CA LYS A 95 -10.19 -3.31 -0.47
C LYS A 95 -10.68 -4.64 0.08
N ASN A 96 -10.50 -5.70 -0.70
CA ASN A 96 -10.93 -7.03 -0.28
C ASN A 96 -10.21 -7.45 1.00
N CYS A 97 -8.93 -7.15 1.07
CA CYS A 97 -8.14 -7.50 2.25
C CYS A 97 -8.59 -6.70 3.47
N LEU A 98 -8.87 -5.42 3.26
CA LEU A 98 -9.32 -4.58 4.36
C LEU A 98 -10.66 -5.06 4.90
N LYS A 99 -11.54 -5.48 4.01
CA LYS A 99 -12.85 -5.96 4.41
C LYS A 99 -12.71 -7.21 5.29
N GLU A 100 -11.82 -8.11 4.89
CA GLU A 100 -11.62 -9.35 5.64
C GLU A 100 -10.75 -9.11 6.87
N ILE A 101 -9.65 -8.39 6.69
CA ILE A 101 -8.76 -8.10 7.80
C ILE A 101 -9.47 -7.26 8.84
N ASP A 102 -10.22 -6.26 8.40
CA ASP A 102 -10.96 -5.39 9.30
C ASP A 102 -12.19 -4.82 8.63
N SER A 103 -13.30 -5.56 8.69
CA SER A 103 -14.55 -5.12 8.08
C SER A 103 -15.00 -3.79 8.69
N THR A 104 -14.67 -3.59 9.96
CA THR A 104 -15.03 -2.36 10.65
C THR A 104 -14.40 -1.15 9.98
N LEU A 105 -13.13 -1.28 9.60
CA LEU A 105 -12.41 -0.19 8.96
C LEU A 105 -13.13 0.24 7.69
N TYR A 106 -13.52 -0.72 6.86
CA TYR A 106 -14.22 -0.41 5.63
C TYR A 106 -15.51 0.36 5.93
N LYS A 107 -16.23 -0.10 6.95
CA LYS A 107 -17.48 0.56 7.33
C LYS A 107 -17.21 1.97 7.84
N ASN A 108 -15.92 2.31 7.99
CA ASN A 108 -15.54 3.63 8.47
C ASN A 108 -14.81 4.42 7.38
N LEU A 109 -14.41 3.73 6.32
CA LEU A 109 -13.69 4.36 5.22
C LEU A 109 -14.66 4.94 4.19
N PHE A 110 -15.39 4.05 3.51
CA PHE A 110 -16.32 4.46 2.46
C PHE A 110 -17.72 4.74 3.02
N VAL A 111 -18.22 3.82 3.83
CA VAL A 111 -19.58 3.95 4.39
C VAL A 111 -19.70 5.22 5.23
N ASP A 112 -19.38 5.12 6.51
CA ASP A 112 -19.48 6.26 7.41
C ASP A 112 -18.48 7.36 7.05
N LYS A 113 -17.29 6.97 6.59
CA LYS A 113 -16.26 7.95 6.23
C LYS A 113 -15.82 8.74 7.47
N ASN A 114 -14.95 8.13 8.27
CA ASN A 114 -14.45 8.80 9.48
C ASN A 114 -12.98 8.47 9.71
N MET A 115 -12.10 9.23 9.07
CA MET A 115 -10.66 9.01 9.22
C MET A 115 -10.13 9.80 10.41
N LYS A 116 -9.15 9.21 11.10
CA LYS A 116 -8.55 9.85 12.27
C LYS A 116 -7.04 9.97 12.08
N TYR A 117 -6.46 11.04 12.59
CA TYR A 117 -5.02 11.27 12.48
C TYR A 117 -4.33 11.02 13.82
N ILE A 118 -3.26 10.24 13.79
CA ILE A 118 -2.54 9.93 15.02
C ILE A 118 -1.02 10.02 14.79
N PRO A 119 -0.42 11.19 14.87
CA PRO A 119 1.05 11.35 14.65
C PRO A 119 1.88 10.44 15.57
N THR A 120 2.88 9.77 15.01
CA THR A 120 3.74 8.88 15.80
C THR A 120 4.87 9.68 16.45
N GLU A 121 5.28 10.76 15.81
CA GLU A 121 6.36 11.60 16.33
C GLU A 121 5.84 12.44 17.49
N ASP A 122 6.77 13.05 18.23
CA ASP A 122 6.41 13.90 19.37
C ASP A 122 5.55 15.07 18.91
N VAL A 123 4.49 15.35 19.66
CA VAL A 123 3.59 16.47 19.33
C VAL A 123 4.08 17.75 19.99
N SER A 124 4.18 18.81 19.20
CA SER A 124 4.63 20.10 19.72
C SER A 124 4.10 21.23 18.85
N GLY A 125 4.14 22.44 19.38
CA GLY A 125 3.66 23.61 18.65
C GLY A 125 3.21 24.71 19.60
N LEU A 126 4.18 25.39 20.20
CA LEU A 126 3.87 26.47 21.14
C LEU A 126 3.37 27.70 20.39
N SER A 127 2.41 28.39 20.97
CA SER A 127 1.84 29.59 20.35
C SER A 127 1.18 30.47 21.40
N LEU A 128 1.98 31.26 22.11
CA LEU A 128 1.44 32.14 23.14
C LEU A 128 0.51 33.18 22.51
N GLU A 129 0.93 33.74 21.39
CA GLU A 129 0.13 34.75 20.70
C GLU A 129 0.74 35.09 19.36
N GLU A 130 0.56 34.20 18.38
CA GLU A 130 1.10 34.42 17.04
C GLU A 130 0.39 35.58 16.37
N GLN A 131 -0.91 35.72 16.65
CA GLN A 131 -1.70 36.79 16.05
C GLN A 131 -2.42 37.58 17.15
N LEU A 132 -2.55 38.89 16.94
CA LEU A 132 -3.22 39.74 17.91
C LEU A 132 -4.74 39.64 17.74
N GLY A 1 33.88 4.60 14.92
CA GLY A 1 33.99 3.56 13.85
C GLY A 1 35.33 3.70 13.15
N SER A 2 36.27 2.82 13.48
CA SER A 2 37.59 2.85 12.87
C SER A 2 37.49 2.67 11.35
N HIS A 3 36.64 1.74 10.94
CA HIS A 3 36.45 1.47 9.51
C HIS A 3 35.55 2.54 8.89
N MET A 4 35.95 3.03 7.71
CA MET A 4 35.18 4.04 7.01
C MET A 4 34.16 3.40 6.08
N LEU A 5 32.94 3.93 6.08
CA LEU A 5 31.87 3.40 5.24
C LEU A 5 32.09 3.80 3.79
N ASN A 6 31.75 2.90 2.87
CA ASN A 6 31.92 3.17 1.44
C ASN A 6 30.94 2.32 0.62
N ALA A 7 30.18 1.47 1.30
CA ALA A 7 29.22 0.61 0.63
C ALA A 7 28.02 1.44 0.15
N GLU A 8 27.55 1.13 -1.06
CA GLU A 8 26.41 1.85 -1.62
C GLU A 8 25.95 1.18 -2.92
N ASP A 9 26.66 1.48 -4.01
CA ASP A 9 26.33 0.91 -5.31
C ASP A 9 26.68 -0.57 -5.35
N GLU A 10 27.38 -1.04 -4.31
CA GLU A 10 27.78 -2.45 -4.25
C GLU A 10 26.58 -3.34 -4.54
N LYS A 11 25.38 -2.76 -4.45
CA LYS A 11 24.14 -3.50 -4.71
C LYS A 11 23.14 -2.60 -5.43
N ARG A 12 23.52 -2.12 -6.61
CA ARG A 12 22.64 -1.25 -7.39
C ARG A 12 21.21 -1.75 -7.35
N GLU A 13 20.40 -1.13 -6.48
CA GLU A 13 18.99 -1.51 -6.34
C GLU A 13 18.11 -0.65 -7.24
N GLU A 14 17.08 -1.27 -7.81
CA GLU A 14 16.16 -0.55 -8.69
C GLU A 14 14.81 -1.26 -8.75
N GLU A 15 13.75 -0.51 -8.48
CA GLU A 15 12.39 -1.06 -8.50
C GLU A 15 11.71 -0.78 -9.84
N LYS A 16 10.95 -1.75 -10.33
CA LYS A 16 10.24 -1.59 -11.60
C LYS A 16 8.86 -1.00 -11.37
N GLU A 17 8.42 -0.16 -12.30
CA GLU A 17 7.10 0.48 -12.20
C GLU A 17 6.45 0.58 -13.57
N LYS A 18 5.13 0.38 -13.61
CA LYS A 18 4.38 0.46 -14.86
C LYS A 18 3.05 1.18 -14.64
N GLN A 19 2.60 1.90 -15.68
CA GLN A 19 1.34 2.64 -15.60
C GLN A 19 0.21 1.86 -16.29
N ALA A 20 -0.88 1.65 -15.56
CA ALA A 20 -2.02 0.92 -16.10
C ALA A 20 -2.85 1.84 -17.00
N GLU A 21 -3.91 1.29 -17.58
CA GLU A 21 -4.77 2.07 -18.48
C GLU A 21 -5.39 3.25 -17.73
N GLU A 22 -6.69 3.45 -17.90
CA GLU A 22 -7.41 4.55 -17.23
C GLU A 22 -8.31 4.00 -16.13
N MET A 23 -8.17 2.72 -15.86
CA MET A 23 -8.99 2.06 -14.83
C MET A 23 -8.92 2.86 -13.52
N ALA A 24 -7.99 3.79 -13.44
CA ALA A 24 -7.82 4.61 -12.24
C ALA A 24 -9.10 5.39 -11.94
N SER A 25 -9.86 4.90 -10.97
CA SER A 25 -11.12 5.55 -10.57
C SER A 25 -10.91 6.37 -9.32
N ASP A 26 -12.01 6.83 -8.72
CA ASP A 26 -11.94 7.64 -7.52
C ASP A 26 -11.35 6.83 -6.37
N ASP A 27 -11.58 5.52 -6.39
CA ASP A 27 -11.05 4.65 -5.34
C ASP A 27 -9.55 4.83 -5.19
N LEU A 28 -8.86 5.04 -6.31
CA LEU A 28 -7.42 5.25 -6.26
C LEU A 28 -7.09 6.47 -5.42
N SER A 29 -7.87 7.54 -5.60
CA SER A 29 -7.66 8.75 -4.84
C SER A 29 -7.84 8.48 -3.35
N LEU A 30 -8.84 7.68 -3.00
CA LEU A 30 -9.10 7.35 -1.61
C LEU A 30 -7.90 6.60 -1.02
N ILE A 31 -7.38 5.64 -1.77
CA ILE A 31 -6.23 4.88 -1.31
C ILE A 31 -5.01 5.78 -1.20
N ARG A 32 -4.81 6.63 -2.20
CA ARG A 32 -3.66 7.54 -2.22
C ARG A 32 -3.69 8.46 -1.01
N LYS A 33 -4.86 9.03 -0.72
CA LYS A 33 -5.00 9.94 0.41
C LYS A 33 -4.76 9.21 1.73
N ASN A 34 -5.27 7.98 1.81
CA ASN A 34 -5.12 7.18 3.03
C ASN A 34 -3.82 6.40 3.00
N ARG A 35 -3.00 6.65 1.99
CA ARG A 35 -1.72 5.96 1.86
C ARG A 35 -0.80 6.28 3.03
N MET A 36 -0.71 7.56 3.39
CA MET A 36 0.14 7.98 4.49
C MET A 36 -0.43 7.47 5.81
N ALA A 37 -1.75 7.52 5.94
CA ALA A 37 -2.39 7.07 7.16
C ALA A 37 -2.09 5.60 7.41
N LEU A 38 -2.24 4.78 6.37
CA LEU A 38 -1.97 3.35 6.49
C LEU A 38 -0.50 3.13 6.82
N PHE A 39 0.38 3.83 6.10
CA PHE A 39 1.81 3.70 6.32
C PHE A 39 2.18 4.21 7.72
N GLN A 40 1.64 5.35 8.09
CA GLN A 40 1.92 5.95 9.38
C GLN A 40 1.38 5.08 10.51
N GLN A 41 0.19 4.51 10.30
CA GLN A 41 -0.45 3.66 11.31
C GLN A 41 -0.57 2.23 10.80
N LEU A 42 0.51 1.75 10.20
CA LEU A 42 0.53 0.39 9.66
C LEU A 42 0.36 -0.64 10.76
N THR A 43 -0.12 -1.83 10.39
CA THR A 43 -0.33 -2.90 11.35
C THR A 43 -0.41 -4.23 10.63
N CYS A 44 -1.59 -4.53 10.10
CA CYS A 44 -1.82 -5.76 9.38
C CYS A 44 -1.03 -5.79 8.07
N VAL A 45 0.21 -6.28 8.14
CA VAL A 45 1.06 -6.35 6.94
C VAL A 45 1.43 -7.80 6.64
N LEU A 46 1.10 -8.70 7.57
CA LEU A 46 1.36 -10.12 7.40
C LEU A 46 0.18 -10.84 6.74
N PRO A 47 -1.05 -10.40 6.96
CA PRO A 47 -2.24 -11.03 6.34
C PRO A 47 -2.55 -10.45 4.97
N ILE A 48 -2.41 -9.12 4.87
CA ILE A 48 -2.69 -8.42 3.63
C ILE A 48 -1.64 -8.75 2.57
N LEU A 49 -0.38 -8.79 2.97
CA LEU A 49 0.69 -9.11 2.04
C LEU A 49 0.50 -10.51 1.49
N ASP A 50 0.13 -11.44 2.36
CA ASP A 50 -0.09 -12.82 1.94
C ASP A 50 -1.21 -12.90 0.92
N ASN A 51 -2.24 -12.06 1.09
CA ASN A 51 -3.37 -12.05 0.17
C ASN A 51 -2.92 -11.67 -1.24
N LEU A 52 -2.10 -10.62 -1.31
CA LEU A 52 -1.59 -10.16 -2.60
C LEU A 52 -0.67 -11.22 -3.23
N LEU A 53 0.08 -11.90 -2.38
CA LEU A 53 1.00 -12.93 -2.84
C LEU A 53 0.26 -14.00 -3.62
N LYS A 54 -1.04 -14.12 -3.37
CA LYS A 54 -1.86 -15.13 -4.06
C LYS A 54 -1.87 -14.86 -5.57
N ALA A 55 -1.98 -13.59 -5.94
CA ALA A 55 -2.01 -13.22 -7.35
C ALA A 55 -1.46 -11.80 -7.56
N ASN A 56 -0.18 -11.72 -7.92
CA ASN A 56 0.46 -10.42 -8.14
C ASN A 56 1.72 -10.59 -8.99
N VAL A 57 2.47 -9.50 -9.15
CA VAL A 57 3.69 -9.53 -9.93
C VAL A 57 4.82 -10.19 -9.15
N ILE A 58 4.77 -10.05 -7.83
CA ILE A 58 5.79 -10.65 -6.97
C ILE A 58 5.49 -12.12 -6.72
N ASN A 59 6.39 -12.78 -6.01
CA ASN A 59 6.22 -14.19 -5.70
C ASN A 59 6.98 -14.55 -4.42
N LYS A 60 7.14 -15.84 -4.18
CA LYS A 60 7.85 -16.30 -2.99
C LYS A 60 9.27 -15.74 -2.97
N GLN A 61 9.83 -15.51 -4.16
CA GLN A 61 11.19 -14.99 -4.26
C GLN A 61 11.22 -13.50 -3.91
N GLU A 62 10.45 -12.70 -4.64
CA GLU A 62 10.42 -11.26 -4.39
C GLU A 62 9.82 -10.99 -3.01
N HIS A 63 8.78 -11.74 -2.66
CA HIS A 63 8.13 -11.58 -1.37
C HIS A 63 9.14 -11.80 -0.23
N ASP A 64 9.99 -12.80 -0.40
CA ASP A 64 10.98 -13.13 0.62
C ASP A 64 12.02 -12.01 0.77
N ILE A 65 12.39 -11.39 -0.36
CA ILE A 65 13.38 -10.31 -0.33
C ILE A 65 12.88 -9.13 0.48
N ILE A 66 11.63 -8.74 0.28
CA ILE A 66 11.07 -7.61 1.00
C ILE A 66 10.82 -7.98 2.46
N LYS A 67 10.91 -9.27 2.77
CA LYS A 67 10.69 -9.74 4.14
C LYS A 67 12.02 -9.95 4.86
N GLN A 68 13.09 -10.15 4.09
CA GLN A 68 14.42 -10.39 4.65
C GLN A 68 15.19 -9.08 4.83
N LYS A 69 15.51 -8.43 3.71
CA LYS A 69 16.27 -7.18 3.75
C LYS A 69 15.49 -6.09 4.47
N THR A 70 14.19 -6.01 4.20
CA THR A 70 13.33 -4.99 4.82
C THR A 70 12.55 -5.58 5.99
N GLN A 71 12.42 -4.79 7.05
CA GLN A 71 11.70 -5.22 8.25
C GLN A 71 10.19 -5.12 8.03
N ILE A 72 9.41 -5.02 9.12
CA ILE A 72 7.95 -4.94 8.99
C ILE A 72 7.52 -3.51 8.59
N PRO A 73 8.03 -2.49 9.24
CA PRO A 73 7.64 -1.08 8.91
C PRO A 73 7.81 -0.79 7.42
N LEU A 74 8.96 -1.19 6.86
CA LEU A 74 9.24 -0.99 5.46
C LEU A 74 8.37 -1.90 4.60
N GLN A 75 8.19 -3.14 5.04
CA GLN A 75 7.36 -4.09 4.30
C GLN A 75 6.13 -3.39 3.74
N ALA A 76 5.55 -2.51 4.54
CA ALA A 76 4.38 -1.76 4.11
C ALA A 76 4.75 -0.78 3.01
N ARG A 77 5.90 -0.14 3.15
CA ARG A 77 6.35 0.83 2.16
C ARG A 77 6.57 0.16 0.81
N GLU A 78 7.24 -0.99 0.82
CA GLU A 78 7.50 -1.71 -0.43
C GLU A 78 6.18 -2.19 -1.02
N LEU A 79 5.31 -2.74 -0.17
CA LEU A 79 4.01 -3.23 -0.61
C LEU A 79 3.17 -2.08 -1.14
N ILE A 80 3.20 -0.94 -0.46
CA ILE A 80 2.43 0.21 -0.91
C ILE A 80 2.84 0.61 -2.32
N ASP A 81 4.13 0.52 -2.60
CA ASP A 81 4.63 0.87 -3.93
C ASP A 81 4.01 -0.06 -4.99
N THR A 82 3.83 -1.33 -4.64
CA THR A 82 3.25 -2.29 -5.58
C THR A 82 1.79 -1.91 -5.89
N ILE A 83 1.12 -1.32 -4.91
CA ILE A 83 -0.27 -0.89 -5.10
C ILE A 83 -0.34 0.22 -6.13
N LEU A 84 0.61 1.14 -6.07
CA LEU A 84 0.64 2.27 -7.00
C LEU A 84 0.78 1.78 -8.43
N VAL A 85 1.68 0.81 -8.64
CA VAL A 85 1.90 0.28 -9.99
C VAL A 85 0.63 -0.38 -10.51
N LYS A 86 0.05 -1.25 -9.70
CA LYS A 86 -1.17 -1.94 -10.09
C LYS A 86 -2.35 -0.97 -10.18
N GLY A 87 -2.44 -0.05 -9.22
CA GLY A 87 -3.51 0.94 -9.20
C GLY A 87 -4.86 0.32 -8.84
N ASN A 88 -5.87 0.65 -9.63
CA ASN A 88 -7.23 0.13 -9.37
C ASN A 88 -7.22 -1.40 -9.40
N ALA A 89 -6.46 -1.97 -10.32
CA ALA A 89 -6.39 -3.42 -10.42
C ALA A 89 -6.07 -4.04 -9.07
N ALA A 90 -5.37 -3.29 -8.21
CA ALA A 90 -5.03 -3.78 -6.87
C ALA A 90 -5.98 -3.23 -5.83
N ALA A 91 -6.73 -2.20 -6.18
CA ALA A 91 -7.68 -1.59 -5.25
C ALA A 91 -8.70 -2.61 -4.78
N ASN A 92 -9.23 -3.39 -5.73
CA ASN A 92 -10.23 -4.39 -5.39
C ASN A 92 -9.65 -5.41 -4.41
N ILE A 93 -8.44 -5.87 -4.67
CA ILE A 93 -7.80 -6.83 -3.79
C ILE A 93 -7.54 -6.18 -2.43
N PHE A 94 -7.06 -4.95 -2.46
CA PHE A 94 -6.78 -4.21 -1.24
C PHE A 94 -8.06 -4.07 -0.41
N LYS A 95 -9.15 -3.69 -1.10
CA LYS A 95 -10.43 -3.53 -0.43
C LYS A 95 -10.94 -4.88 0.09
N ASN A 96 -10.80 -5.91 -0.73
CA ASN A 96 -11.26 -7.24 -0.34
C ASN A 96 -10.51 -7.73 0.89
N CYS A 97 -9.21 -7.47 0.93
CA CYS A 97 -8.39 -7.91 2.05
C CYS A 97 -8.75 -7.13 3.32
N LEU A 98 -8.78 -5.80 3.21
CA LEU A 98 -9.11 -4.96 4.37
C LEU A 98 -10.54 -5.19 4.84
N LYS A 99 -11.46 -5.32 3.91
CA LYS A 99 -12.86 -5.55 4.26
C LYS A 99 -13.01 -6.86 5.03
N GLU A 100 -12.31 -7.89 4.58
CA GLU A 100 -12.38 -9.18 5.26
C GLU A 100 -11.54 -9.16 6.54
N ILE A 101 -10.30 -8.71 6.42
CA ILE A 101 -9.40 -8.65 7.57
C ILE A 101 -9.92 -7.66 8.61
N ASP A 102 -10.35 -6.49 8.14
CA ASP A 102 -10.85 -5.45 9.03
C ASP A 102 -12.08 -4.77 8.42
N SER A 103 -13.23 -5.42 8.54
CA SER A 103 -14.47 -4.86 8.00
C SER A 103 -14.76 -3.52 8.65
N THR A 104 -14.42 -3.39 9.92
CA THR A 104 -14.65 -2.15 10.66
C THR A 104 -13.87 -1.00 10.03
N LEU A 105 -12.61 -1.26 9.66
CA LEU A 105 -11.78 -0.22 9.05
C LEU A 105 -12.41 0.28 7.76
N TYR A 106 -12.92 -0.64 6.95
CA TYR A 106 -13.54 -0.27 5.70
C TYR A 106 -14.89 0.41 5.95
N LYS A 107 -15.42 0.20 7.14
CA LYS A 107 -16.72 0.79 7.50
C LYS A 107 -16.56 2.25 7.90
N ASN A 108 -15.31 2.69 8.08
CA ASN A 108 -15.04 4.09 8.45
C ASN A 108 -14.14 4.78 7.43
N LEU A 109 -13.18 4.03 6.89
CA LEU A 109 -12.22 4.58 5.93
C LEU A 109 -12.92 5.02 4.64
N PHE A 110 -13.83 4.18 4.13
CA PHE A 110 -14.54 4.48 2.88
C PHE A 110 -15.92 5.09 3.14
N VAL A 111 -16.71 4.45 3.99
CA VAL A 111 -18.06 4.94 4.28
C VAL A 111 -18.02 6.28 5.02
N ASP A 112 -17.61 6.24 6.28
CA ASP A 112 -17.54 7.45 7.11
C ASP A 112 -16.52 8.45 6.55
N LYS A 113 -15.49 7.91 5.90
CA LYS A 113 -14.43 8.74 5.33
C LYS A 113 -13.75 9.57 6.43
N ASN A 114 -13.45 8.92 7.56
CA ASN A 114 -12.81 9.60 8.67
C ASN A 114 -11.30 9.72 8.41
N MET A 115 -10.87 10.90 8.00
CA MET A 115 -9.45 11.16 7.72
C MET A 115 -8.80 11.89 8.88
N LYS A 116 -9.05 11.41 10.10
CA LYS A 116 -8.48 12.03 11.29
C LYS A 116 -7.02 11.61 11.50
N TYR A 117 -6.22 12.53 12.03
CA TYR A 117 -4.81 12.24 12.29
C TYR A 117 -4.68 11.41 13.56
N ILE A 118 -3.84 10.37 13.52
CA ILE A 118 -3.65 9.48 14.67
C ILE A 118 -2.15 9.23 14.93
N PRO A 119 -1.62 9.65 16.08
CA PRO A 119 -0.19 9.42 16.43
C PRO A 119 0.01 8.06 17.10
N THR A 120 0.78 7.17 16.48
CA THR A 120 1.03 5.87 17.07
C THR A 120 2.12 5.10 16.34
N GLU A 121 3.37 5.46 16.60
CA GLU A 121 4.50 4.79 15.97
C GLU A 121 4.64 3.36 16.51
N ASP A 122 4.84 2.42 15.59
CA ASP A 122 4.98 1.02 15.97
C ASP A 122 6.44 0.71 16.34
N VAL A 123 6.63 -0.26 17.23
CA VAL A 123 7.97 -0.66 17.66
C VAL A 123 8.10 -2.18 17.70
N SER A 124 9.33 -2.66 17.62
CA SER A 124 9.58 -4.10 17.65
C SER A 124 10.99 -4.38 18.17
N GLY A 125 11.17 -5.57 18.75
CA GLY A 125 12.47 -5.96 19.29
C GLY A 125 13.26 -6.76 18.26
N LEU A 126 13.29 -8.08 18.43
CA LEU A 126 14.01 -8.97 17.52
C LEU A 126 13.03 -9.80 16.69
N SER A 127 13.23 -9.79 15.37
CA SER A 127 12.36 -10.53 14.47
C SER A 127 13.16 -11.06 13.27
N LEU A 128 14.47 -11.19 13.46
CA LEU A 128 15.34 -11.68 12.39
C LEU A 128 14.96 -13.11 12.02
N GLU A 129 14.68 -13.93 13.03
CA GLU A 129 14.30 -15.32 12.80
C GLU A 129 13.64 -15.90 14.04
N GLU A 130 14.07 -15.44 15.21
CA GLU A 130 13.52 -15.93 16.47
C GLU A 130 12.05 -15.53 16.61
N GLN A 131 11.23 -16.48 17.04
CA GLN A 131 9.80 -16.22 17.21
C GLN A 131 9.24 -17.02 18.37
N LEU A 132 8.12 -16.56 18.92
CA LEU A 132 7.49 -17.25 20.05
C LEU A 132 6.69 -18.45 19.55
N GLY A 1 30.14 -12.15 16.05
CA GLY A 1 30.43 -11.35 14.82
C GLY A 1 29.11 -11.00 14.13
N SER A 2 29.06 -9.80 13.56
CA SER A 2 27.85 -9.36 12.87
C SER A 2 27.62 -10.19 11.61
N HIS A 3 26.36 -10.44 11.27
CA HIS A 3 26.00 -11.23 10.09
C HIS A 3 25.09 -10.43 9.17
N MET A 4 25.42 -9.16 8.95
CA MET A 4 24.62 -8.28 8.09
C MET A 4 25.52 -7.60 7.06
N LEU A 5 24.97 -7.39 5.86
CA LEU A 5 25.72 -6.74 4.80
C LEU A 5 25.78 -5.23 5.01
N ASN A 6 26.92 -4.63 4.69
CA ASN A 6 27.10 -3.20 4.85
C ASN A 6 26.38 -2.45 3.73
N ALA A 7 26.46 -2.98 2.52
CA ALA A 7 25.81 -2.36 1.37
C ALA A 7 24.29 -2.47 1.50
N GLU A 8 23.59 -1.41 1.09
CA GLU A 8 22.12 -1.40 1.15
C GLU A 8 21.54 -0.68 -0.06
N ASP A 9 21.53 0.66 0.01
CA ASP A 9 21.00 1.46 -1.08
C ASP A 9 22.00 1.49 -2.25
N GLU A 10 23.19 0.98 -2.01
CA GLU A 10 24.22 0.96 -3.05
C GLU A 10 23.77 0.09 -4.22
N LYS A 11 23.14 -1.03 -3.91
CA LYS A 11 22.67 -1.94 -4.94
C LYS A 11 21.59 -1.27 -5.79
N ARG A 12 20.39 -1.13 -5.22
CA ARG A 12 19.29 -0.49 -5.94
C ARG A 12 18.28 0.08 -4.95
N GLU A 13 18.02 1.39 -5.06
CA GLU A 13 17.07 2.04 -4.18
C GLU A 13 15.66 1.51 -4.42
N GLU A 14 15.30 1.35 -5.69
CA GLU A 14 13.98 0.85 -6.04
C GLU A 14 13.88 0.60 -7.54
N GLU A 15 12.94 -0.24 -7.94
CA GLU A 15 12.74 -0.56 -9.35
C GLU A 15 11.86 0.50 -10.03
N LYS A 16 11.71 0.39 -11.35
CA LYS A 16 10.89 1.33 -12.10
C LYS A 16 9.96 0.58 -13.06
N GLU A 17 8.68 0.91 -13.02
CA GLU A 17 7.69 0.28 -13.89
C GLU A 17 6.56 1.25 -14.22
N LYS A 18 5.92 1.05 -15.36
CA LYS A 18 4.83 1.91 -15.78
C LYS A 18 3.69 1.86 -14.76
N GLN A 19 2.54 2.43 -15.14
CA GLN A 19 1.37 2.45 -14.27
C GLN A 19 0.09 2.39 -15.08
N ALA A 20 -1.04 2.65 -14.42
CA ALA A 20 -2.32 2.61 -15.10
C ALA A 20 -2.42 3.75 -16.11
N GLU A 21 -2.96 3.44 -17.29
CA GLU A 21 -3.11 4.45 -18.33
C GLU A 21 -4.17 5.49 -17.94
N GLU A 22 -5.25 5.01 -17.34
CA GLU A 22 -6.33 5.89 -16.91
C GLU A 22 -7.35 5.11 -16.07
N MET A 23 -6.97 3.90 -15.68
CA MET A 23 -7.87 3.06 -14.88
C MET A 23 -8.14 3.71 -13.53
N ALA A 24 -7.09 4.28 -12.93
CA ALA A 24 -7.22 4.95 -11.64
C ALA A 24 -8.52 5.73 -11.54
N SER A 25 -9.45 5.21 -10.75
CA SER A 25 -10.76 5.84 -10.56
C SER A 25 -10.80 6.63 -9.26
N ASP A 26 -12.00 6.92 -8.78
CA ASP A 26 -12.17 7.65 -7.53
C ASP A 26 -11.60 6.87 -6.36
N ASP A 27 -11.74 5.56 -6.40
CA ASP A 27 -11.23 4.71 -5.33
C ASP A 27 -9.72 4.88 -5.19
N LEU A 28 -9.04 5.06 -6.32
CA LEU A 28 -7.60 5.22 -6.32
C LEU A 28 -7.22 6.45 -5.47
N SER A 29 -7.98 7.54 -5.63
CA SER A 29 -7.70 8.75 -4.88
C SER A 29 -7.83 8.49 -3.37
N LEU A 30 -8.86 7.72 -2.99
CA LEU A 30 -9.07 7.40 -1.59
C LEU A 30 -7.89 6.63 -1.02
N ILE A 31 -7.38 5.66 -1.78
CA ILE A 31 -6.23 4.88 -1.34
C ILE A 31 -4.99 5.76 -1.26
N ARG A 32 -4.80 6.61 -2.28
CA ARG A 32 -3.64 7.49 -2.30
C ARG A 32 -3.66 8.42 -1.09
N LYS A 33 -4.83 8.98 -0.80
CA LYS A 33 -4.97 9.88 0.34
C LYS A 33 -4.69 9.14 1.65
N ASN A 34 -5.15 7.89 1.72
CA ASN A 34 -4.95 7.08 2.91
C ASN A 34 -3.59 6.40 2.87
N ARG A 35 -2.79 6.74 1.86
CA ARG A 35 -1.47 6.15 1.72
C ARG A 35 -0.60 6.46 2.93
N MET A 36 -0.61 7.71 3.37
CA MET A 36 0.19 8.11 4.53
C MET A 36 -0.37 7.45 5.79
N ALA A 37 -1.70 7.43 5.89
CA ALA A 37 -2.34 6.83 7.05
C ALA A 37 -1.97 5.37 7.16
N LEU A 38 -1.97 4.66 6.03
CA LEU A 38 -1.62 3.25 6.02
C LEU A 38 -0.19 3.06 6.49
N PHE A 39 0.72 3.86 5.95
CA PHE A 39 2.12 3.78 6.33
C PHE A 39 2.30 4.16 7.81
N GLN A 40 1.64 5.25 8.20
CA GLN A 40 1.71 5.73 9.57
C GLN A 40 1.05 4.73 10.52
N GLN A 41 -0.05 4.15 10.07
CA GLN A 41 -0.79 3.18 10.87
C GLN A 41 -0.49 1.76 10.36
N LEU A 42 0.78 1.40 10.40
CA LEU A 42 1.22 0.08 9.93
C LEU A 42 1.00 -0.98 11.00
N THR A 43 0.28 -2.04 10.64
CA THR A 43 0.00 -3.12 11.58
C THR A 43 -0.23 -4.43 10.82
N CYS A 44 -1.44 -4.60 10.31
CA CYS A 44 -1.79 -5.81 9.57
C CYS A 44 -1.18 -5.76 8.18
N VAL A 45 0.14 -5.95 8.10
CA VAL A 45 0.84 -5.94 6.82
C VAL A 45 1.07 -7.37 6.32
N LEU A 46 1.04 -8.34 7.23
CA LEU A 46 1.26 -9.73 6.85
C LEU A 46 -0.01 -10.33 6.21
N PRO A 47 -1.17 -10.10 6.77
CA PRO A 47 -2.43 -10.67 6.20
C PRO A 47 -2.74 -10.13 4.81
N ILE A 48 -2.55 -8.82 4.62
CA ILE A 48 -2.81 -8.21 3.33
C ILE A 48 -1.77 -8.68 2.31
N LEU A 49 -0.52 -8.75 2.76
CA LEU A 49 0.57 -9.17 1.87
C LEU A 49 0.32 -10.58 1.39
N ASP A 50 -0.15 -11.44 2.30
CA ASP A 50 -0.43 -12.82 1.95
C ASP A 50 -1.51 -12.87 0.87
N ASN A 51 -2.55 -12.06 1.04
CA ASN A 51 -3.64 -12.03 0.07
C ASN A 51 -3.14 -11.53 -1.29
N LEU A 52 -2.28 -10.51 -1.26
CA LEU A 52 -1.73 -9.95 -2.50
C LEU A 52 -0.82 -10.97 -3.18
N LEU A 53 -0.08 -11.72 -2.37
CA LEU A 53 0.86 -12.71 -2.89
C LEU A 53 0.13 -13.72 -3.77
N LYS A 54 -1.18 -13.83 -3.61
CA LYS A 54 -1.96 -14.77 -4.40
C LYS A 54 -1.86 -14.44 -5.89
N ALA A 55 -1.92 -13.15 -6.22
CA ALA A 55 -1.84 -12.72 -7.62
C ALA A 55 -1.23 -11.32 -7.73
N ASN A 56 0.06 -11.28 -8.03
CA ASN A 56 0.76 -9.99 -8.17
C ASN A 56 2.07 -10.16 -8.95
N VAL A 57 2.84 -9.09 -9.04
CA VAL A 57 4.11 -9.12 -9.77
C VAL A 57 5.19 -9.83 -8.96
N ILE A 58 5.10 -9.70 -7.64
CA ILE A 58 6.07 -10.34 -6.75
C ILE A 58 5.75 -11.82 -6.60
N ASN A 59 6.67 -12.57 -5.99
CA ASN A 59 6.48 -14.00 -5.78
C ASN A 59 7.20 -14.45 -4.53
N LYS A 60 7.06 -15.73 -4.20
CA LYS A 60 7.70 -16.28 -3.01
C LYS A 60 9.15 -15.83 -2.94
N GLN A 61 9.72 -15.46 -4.08
CA GLN A 61 11.11 -15.02 -4.13
C GLN A 61 11.23 -13.56 -3.66
N GLU A 62 10.67 -12.64 -4.45
CA GLU A 62 10.73 -11.23 -4.11
C GLU A 62 10.07 -10.98 -2.76
N HIS A 63 9.00 -11.71 -2.49
CA HIS A 63 8.27 -11.57 -1.22
C HIS A 63 9.19 -11.90 -0.05
N ASP A 64 10.01 -12.93 -0.23
CA ASP A 64 10.94 -13.36 0.81
C ASP A 64 12.10 -12.36 0.95
N ILE A 65 12.49 -11.75 -0.17
CA ILE A 65 13.60 -10.80 -0.14
C ILE A 65 13.26 -9.59 0.73
N ILE A 66 12.05 -9.06 0.57
CA ILE A 66 11.62 -7.91 1.35
C ILE A 66 11.51 -8.29 2.83
N LYS A 67 10.92 -9.43 3.09
CA LYS A 67 10.75 -9.88 4.47
C LYS A 67 12.11 -10.06 5.14
N GLN A 68 13.06 -10.62 4.39
CA GLN A 68 14.40 -10.84 4.92
C GLN A 68 15.16 -9.52 5.05
N LYS A 69 14.99 -8.63 4.07
CA LYS A 69 15.68 -7.34 4.08
C LYS A 69 14.84 -6.27 4.77
N THR A 70 13.69 -5.96 4.18
CA THR A 70 12.80 -4.95 4.74
C THR A 70 12.00 -5.52 5.90
N GLN A 71 11.88 -4.74 6.98
CA GLN A 71 11.15 -5.17 8.17
C GLN A 71 9.70 -4.74 8.09
N ILE A 72 8.93 -4.99 9.15
CA ILE A 72 7.52 -4.61 9.16
C ILE A 72 7.33 -3.16 8.66
N PRO A 73 8.02 -2.18 9.21
CA PRO A 73 7.87 -0.75 8.76
C PRO A 73 8.01 -0.62 7.24
N LEU A 74 9.13 -1.05 6.70
CA LEU A 74 9.37 -0.98 5.26
C LEU A 74 8.38 -1.88 4.51
N GLN A 75 8.12 -3.06 5.05
CA GLN A 75 7.20 -4.00 4.43
C GLN A 75 5.99 -3.25 3.87
N ALA A 76 5.49 -2.29 4.64
CA ALA A 76 4.35 -1.50 4.21
C ALA A 76 4.75 -0.61 3.03
N ARG A 77 5.97 -0.06 3.11
CA ARG A 77 6.45 0.81 2.03
C ARG A 77 6.53 0.04 0.72
N GLU A 78 7.06 -1.18 0.78
CA GLU A 78 7.18 -1.99 -0.42
C GLU A 78 5.79 -2.32 -0.97
N LEU A 79 4.87 -2.60 -0.06
CA LEU A 79 3.49 -2.92 -0.46
C LEU A 79 2.84 -1.72 -1.15
N ILE A 80 3.06 -0.53 -0.62
CA ILE A 80 2.48 0.66 -1.21
C ILE A 80 2.95 0.84 -2.64
N ASP A 81 4.24 0.63 -2.87
CA ASP A 81 4.80 0.77 -4.20
C ASP A 81 4.11 -0.21 -5.16
N THR A 82 3.86 -1.43 -4.70
CA THR A 82 3.20 -2.44 -5.53
C THR A 82 1.76 -2.02 -5.83
N ILE A 83 1.07 -1.49 -4.82
CA ILE A 83 -0.30 -1.05 -4.99
C ILE A 83 -0.36 0.10 -6.00
N LEU A 84 0.59 1.01 -5.90
CA LEU A 84 0.63 2.17 -6.79
C LEU A 84 0.79 1.73 -8.24
N VAL A 85 1.68 0.77 -8.49
CA VAL A 85 1.91 0.30 -9.86
C VAL A 85 0.63 -0.33 -10.43
N LYS A 86 0.03 -1.23 -9.67
CA LYS A 86 -1.19 -1.89 -10.11
C LYS A 86 -2.35 -0.89 -10.17
N GLY A 87 -2.46 -0.06 -9.14
CA GLY A 87 -3.51 0.95 -9.07
C GLY A 87 -4.88 0.32 -8.83
N ASN A 88 -5.86 0.72 -9.64
CA ASN A 88 -7.22 0.21 -9.50
C ASN A 88 -7.24 -1.31 -9.55
N ALA A 89 -6.43 -1.89 -10.43
CA ALA A 89 -6.37 -3.33 -10.56
C ALA A 89 -6.12 -3.99 -9.20
N ALA A 90 -5.41 -3.30 -8.32
CA ALA A 90 -5.12 -3.83 -6.99
C ALA A 90 -6.04 -3.23 -5.94
N ALA A 91 -6.78 -2.18 -6.31
CA ALA A 91 -7.69 -1.54 -5.38
C ALA A 91 -8.74 -2.54 -4.91
N ASN A 92 -9.23 -3.36 -5.84
CA ASN A 92 -10.23 -4.35 -5.50
C ASN A 92 -9.67 -5.36 -4.50
N ILE A 93 -8.43 -5.80 -4.74
CA ILE A 93 -7.79 -6.75 -3.83
C ILE A 93 -7.53 -6.08 -2.48
N PHE A 94 -7.01 -4.86 -2.54
CA PHE A 94 -6.70 -4.11 -1.32
C PHE A 94 -7.97 -3.91 -0.51
N LYS A 95 -9.03 -3.47 -1.18
CA LYS A 95 -10.31 -3.25 -0.53
C LYS A 95 -10.90 -4.56 -0.01
N ASN A 96 -10.80 -5.61 -0.82
CA ASN A 96 -11.33 -6.91 -0.44
C ASN A 96 -10.64 -7.45 0.80
N CYS A 97 -9.33 -7.26 0.87
CA CYS A 97 -8.56 -7.75 2.01
C CYS A 97 -8.96 -7.01 3.28
N LEU A 98 -8.94 -5.68 3.23
CA LEU A 98 -9.28 -4.87 4.39
C LEU A 98 -10.64 -5.29 4.93
N LYS A 99 -11.58 -5.59 4.04
CA LYS A 99 -12.90 -6.01 4.46
C LYS A 99 -12.81 -7.27 5.30
N GLU A 100 -11.97 -8.21 4.88
CA GLU A 100 -11.81 -9.47 5.61
C GLU A 100 -10.91 -9.28 6.83
N ILE A 101 -9.72 -8.72 6.60
CA ILE A 101 -8.77 -8.50 7.69
C ILE A 101 -9.34 -7.53 8.72
N ASP A 102 -9.91 -6.44 8.25
CA ASP A 102 -10.49 -5.43 9.14
C ASP A 102 -11.79 -4.88 8.55
N SER A 103 -12.88 -5.62 8.77
CA SER A 103 -14.19 -5.20 8.28
C SER A 103 -14.60 -3.86 8.88
N THR A 104 -14.20 -3.64 10.14
CA THR A 104 -14.53 -2.41 10.83
C THR A 104 -13.82 -1.21 10.18
N LEU A 105 -12.56 -1.43 9.77
CA LEU A 105 -11.79 -0.36 9.15
C LEU A 105 -12.47 0.11 7.86
N TYR A 106 -12.97 -0.83 7.08
CA TYR A 106 -13.63 -0.48 5.83
C TYR A 106 -14.84 0.40 6.12
N LYS A 107 -15.63 0.01 7.11
CA LYS A 107 -16.82 0.77 7.49
C LYS A 107 -16.44 2.14 8.02
N ASN A 108 -15.15 2.37 8.25
CA ASN A 108 -14.67 3.66 8.76
C ASN A 108 -13.79 4.37 7.73
N LEU A 109 -13.45 3.66 6.66
CA LEU A 109 -12.59 4.20 5.60
C LEU A 109 -13.42 4.86 4.50
N PHE A 110 -13.98 4.04 3.62
CA PHE A 110 -14.77 4.53 2.50
C PHE A 110 -16.09 5.15 2.96
N VAL A 111 -16.70 4.55 3.98
CA VAL A 111 -17.99 5.04 4.47
C VAL A 111 -17.84 6.33 5.28
N ASP A 112 -17.24 6.23 6.46
CA ASP A 112 -17.07 7.38 7.33
C ASP A 112 -16.22 8.46 6.66
N LYS A 113 -15.19 8.03 5.94
CA LYS A 113 -14.30 8.96 5.24
C LYS A 113 -13.65 9.93 6.23
N ASN A 114 -13.45 9.45 7.47
CA ASN A 114 -12.83 10.29 8.50
C ASN A 114 -11.87 9.45 9.35
N MET A 115 -10.57 9.54 9.03
CA MET A 115 -9.54 8.79 9.76
C MET A 115 -8.86 9.70 10.78
N LYS A 116 -8.71 9.20 12.00
CA LYS A 116 -8.07 9.98 13.06
C LYS A 116 -6.58 10.08 12.81
N TYR A 117 -5.99 11.20 13.18
CA TYR A 117 -4.55 11.42 13.00
C TYR A 117 -3.79 10.96 14.24
N ILE A 118 -2.77 10.13 14.07
CA ILE A 118 -2.00 9.64 15.21
C ILE A 118 -0.50 9.52 14.89
N PRO A 119 0.11 10.58 14.42
CA PRO A 119 1.56 10.61 14.08
C PRO A 119 2.38 9.58 14.86
N THR A 120 2.73 8.48 14.19
CA THR A 120 3.53 7.42 14.80
C THR A 120 4.91 7.35 14.15
N GLU A 121 5.49 8.52 13.90
CA GLU A 121 6.80 8.59 13.28
C GLU A 121 7.90 8.30 14.30
N ASP A 122 8.90 7.53 13.87
CA ASP A 122 10.01 7.17 14.73
C ASP A 122 10.84 8.40 15.08
N VAL A 123 11.24 8.51 16.34
CA VAL A 123 12.04 9.64 16.79
C VAL A 123 13.50 9.47 16.37
N SER A 124 14.02 8.26 16.57
CA SER A 124 15.41 7.98 16.21
C SER A 124 15.62 6.47 16.07
N GLY A 125 16.74 6.10 15.45
CA GLY A 125 17.06 4.69 15.26
C GLY A 125 18.22 4.52 14.28
N LEU A 126 19.17 5.45 14.33
CA LEU A 126 20.32 5.39 13.45
C LEU A 126 21.14 4.13 13.72
N SER A 127 21.32 3.81 14.99
CA SER A 127 22.08 2.63 15.38
C SER A 127 21.87 2.31 16.85
N LEU A 128 20.85 2.92 17.44
CA LEU A 128 20.56 2.70 18.86
C LEU A 128 20.21 1.23 19.10
N GLU A 129 19.42 0.65 18.20
CA GLU A 129 19.03 -0.74 18.32
C GLU A 129 20.25 -1.66 18.21
N GLU A 130 21.16 -1.33 17.30
CA GLU A 130 22.37 -2.13 17.10
C GLU A 130 23.50 -1.62 17.99
N GLN A 131 23.99 -2.49 18.86
CA GLN A 131 25.08 -2.11 19.77
C GLN A 131 26.41 -2.13 19.04
N LEU A 132 26.58 -3.11 18.16
CA LEU A 132 27.83 -3.23 17.40
C LEU A 132 27.83 -2.26 16.22
N GLY A 1 38.39 -8.94 0.82
CA GLY A 1 39.54 -8.69 -0.08
C GLY A 1 39.04 -8.41 -1.51
N SER A 2 38.43 -9.42 -2.11
CA SER A 2 37.90 -9.26 -3.47
C SER A 2 36.60 -8.47 -3.45
N HIS A 3 36.21 -7.96 -4.61
CA HIS A 3 34.98 -7.17 -4.72
C HIS A 3 33.77 -8.09 -4.80
N MET A 4 32.63 -7.59 -4.32
CA MET A 4 31.40 -8.39 -4.34
C MET A 4 30.79 -8.39 -5.73
N LEU A 5 30.12 -9.49 -6.08
CA LEU A 5 29.50 -9.61 -7.39
C LEU A 5 28.28 -8.70 -7.48
N ASN A 6 28.07 -8.12 -8.67
CA ASN A 6 26.93 -7.23 -8.88
C ASN A 6 25.67 -8.04 -9.18
N ALA A 7 24.51 -7.44 -8.89
CA ALA A 7 23.24 -8.12 -9.13
C ALA A 7 23.04 -8.35 -10.63
N GLU A 8 22.44 -9.49 -10.96
CA GLU A 8 22.19 -9.84 -12.35
C GLU A 8 21.38 -8.74 -13.04
N ASP A 9 20.86 -9.05 -14.22
CA ASP A 9 20.08 -8.08 -14.98
C ASP A 9 18.72 -7.86 -14.32
N GLU A 10 18.70 -7.84 -13.00
CA GLU A 10 17.46 -7.65 -12.26
C GLU A 10 16.92 -6.23 -12.49
N LYS A 11 17.83 -5.26 -12.54
CA LYS A 11 17.44 -3.88 -12.76
C LYS A 11 16.78 -3.70 -14.12
N ARG A 12 17.35 -4.34 -15.14
CA ARG A 12 16.81 -4.25 -16.49
C ARG A 12 15.42 -4.86 -16.56
N GLU A 13 15.24 -5.99 -15.85
CA GLU A 13 13.95 -6.67 -15.85
C GLU A 13 12.88 -5.78 -15.22
N GLU A 14 11.77 -5.61 -15.92
CA GLU A 14 10.68 -4.78 -15.41
C GLU A 14 9.40 -5.03 -16.21
N GLU A 15 8.35 -5.43 -15.51
CA GLU A 15 7.07 -5.71 -16.17
C GLU A 15 6.42 -4.40 -16.61
N LYS A 16 5.66 -4.47 -17.70
CA LYS A 16 4.97 -3.30 -18.22
C LYS A 16 3.60 -3.13 -17.57
N GLU A 17 3.10 -1.90 -17.56
CA GLU A 17 1.80 -1.62 -16.96
C GLU A 17 0.68 -2.19 -17.82
N LYS A 18 -0.48 -2.38 -17.21
CA LYS A 18 -1.63 -2.94 -17.93
C LYS A 18 -2.18 -1.91 -18.90
N GLN A 19 -2.73 -2.39 -20.01
CA GLN A 19 -3.30 -1.52 -21.03
C GLN A 19 -4.48 -0.74 -20.47
N ALA A 20 -5.28 -1.40 -19.62
CA ALA A 20 -6.44 -0.75 -19.03
C ALA A 20 -6.01 0.48 -18.23
N GLU A 21 -6.78 1.56 -18.37
CA GLU A 21 -6.47 2.79 -17.66
C GLU A 21 -7.00 2.73 -16.23
N GLU A 22 -6.83 3.82 -15.49
CA GLU A 22 -7.29 3.87 -14.10
C GLU A 22 -8.82 3.83 -14.05
N MET A 23 -9.36 2.62 -14.03
CA MET A 23 -10.81 2.44 -13.97
C MET A 23 -11.36 2.89 -12.62
N ALA A 24 -10.93 2.20 -11.55
CA ALA A 24 -11.40 2.54 -10.20
C ALA A 24 -10.60 3.71 -9.63
N SER A 25 -10.13 4.59 -10.51
CA SER A 25 -9.35 5.74 -10.08
C SER A 25 -9.90 6.33 -8.78
N ASP A 26 -11.21 6.28 -8.62
CA ASP A 26 -11.85 6.79 -7.41
C ASP A 26 -11.28 6.09 -6.17
N ASP A 27 -11.24 4.77 -6.21
CA ASP A 27 -10.71 4.00 -5.09
C ASP A 27 -9.23 4.31 -4.90
N LEU A 28 -8.53 4.52 -6.01
CA LEU A 28 -7.11 4.83 -5.94
C LEU A 28 -6.89 6.12 -5.17
N SER A 29 -7.75 7.10 -5.40
CA SER A 29 -7.64 8.38 -4.70
C SER A 29 -7.75 8.17 -3.20
N LEU A 30 -8.73 7.36 -2.79
CA LEU A 30 -8.93 7.08 -1.37
C LEU A 30 -7.70 6.36 -0.81
N ILE A 31 -7.15 5.42 -1.57
CA ILE A 31 -5.97 4.69 -1.13
C ILE A 31 -4.79 5.64 -0.95
N ARG A 32 -4.62 6.56 -1.90
CA ARG A 32 -3.52 7.52 -1.84
C ARG A 32 -3.67 8.44 -0.63
N LYS A 33 -4.91 8.87 -0.37
CA LYS A 33 -5.18 9.76 0.76
C LYS A 33 -4.89 9.05 2.08
N ASN A 34 -5.26 7.77 2.16
CA ASN A 34 -5.06 6.99 3.37
C ASN A 34 -3.67 6.38 3.39
N ARG A 35 -2.87 6.70 2.38
CA ARG A 35 -1.51 6.17 2.29
C ARG A 35 -0.67 6.57 3.49
N MET A 36 -0.75 7.83 3.89
CA MET A 36 0.03 8.26 5.05
C MET A 36 -0.43 7.51 6.29
N ALA A 37 -1.74 7.39 6.44
CA ALA A 37 -2.31 6.70 7.59
C ALA A 37 -1.83 5.25 7.62
N LEU A 38 -1.82 4.60 6.45
CA LEU A 38 -1.39 3.22 6.38
C LEU A 38 0.08 3.09 6.77
N PHE A 39 0.92 3.97 6.23
CA PHE A 39 2.34 3.95 6.55
C PHE A 39 2.56 4.31 8.02
N GLN A 40 1.87 5.36 8.46
CA GLN A 40 1.99 5.82 9.85
C GLN A 40 1.41 4.77 10.80
N GLN A 41 0.30 4.16 10.40
CA GLN A 41 -0.37 3.15 11.21
C GLN A 41 -0.29 1.78 10.55
N LEU A 42 0.93 1.25 10.43
CA LEU A 42 1.13 -0.05 9.79
C LEU A 42 0.94 -1.17 10.82
N THR A 43 0.11 -2.15 10.48
CA THR A 43 -0.16 -3.27 11.37
C THR A 43 -0.45 -4.54 10.57
N CYS A 44 -1.66 -4.62 10.03
CA CYS A 44 -2.05 -5.79 9.24
C CYS A 44 -1.32 -5.80 7.90
N VAL A 45 0.01 -5.97 7.96
CA VAL A 45 0.83 -6.00 6.75
C VAL A 45 1.12 -7.44 6.34
N LEU A 46 0.98 -8.36 7.30
CA LEU A 46 1.22 -9.78 7.04
C LEU A 46 0.02 -10.42 6.31
N PRO A 47 -1.15 -10.42 6.91
CA PRO A 47 -2.36 -11.05 6.27
C PRO A 47 -2.67 -10.45 4.90
N ILE A 48 -2.49 -9.13 4.76
CA ILE A 48 -2.77 -8.48 3.48
C ILE A 48 -1.72 -8.86 2.44
N LEU A 49 -0.45 -8.91 2.87
CA LEU A 49 0.63 -9.26 1.96
C LEU A 49 0.43 -10.68 1.45
N ASP A 50 0.02 -11.57 2.35
CA ASP A 50 -0.19 -12.97 1.98
C ASP A 50 -1.29 -13.07 0.94
N ASN A 51 -2.32 -12.24 1.08
CA ASN A 51 -3.43 -12.27 0.13
C ASN A 51 -2.95 -11.94 -1.28
N LEU A 52 -2.14 -10.89 -1.38
CA LEU A 52 -1.59 -10.48 -2.68
C LEU A 52 -0.66 -11.56 -3.22
N LEU A 53 0.12 -12.17 -2.32
CA LEU A 53 1.06 -13.21 -2.72
C LEU A 53 0.34 -14.37 -3.40
N LYS A 54 -0.90 -14.61 -2.98
CA LYS A 54 -1.69 -15.69 -3.55
C LYS A 54 -1.83 -15.50 -5.07
N ALA A 55 -2.04 -14.26 -5.50
CA ALA A 55 -2.18 -13.97 -6.92
C ALA A 55 -1.73 -12.54 -7.23
N ASN A 56 -0.48 -12.40 -7.66
CA ASN A 56 0.07 -11.09 -8.00
C ASN A 56 1.28 -11.22 -8.91
N VAL A 57 1.96 -10.11 -9.15
CA VAL A 57 3.14 -10.11 -10.02
C VAL A 57 4.34 -10.65 -9.27
N ILE A 58 4.41 -10.39 -7.97
CA ILE A 58 5.52 -10.86 -7.14
C ILE A 58 5.32 -12.32 -6.75
N ASN A 59 6.42 -13.08 -6.75
CA ASN A 59 6.36 -14.49 -6.37
C ASN A 59 7.01 -14.71 -5.02
N LYS A 60 7.40 -15.94 -4.73
CA LYS A 60 8.03 -16.26 -3.46
C LYS A 60 9.44 -15.66 -3.39
N GLN A 61 9.95 -15.21 -4.53
CA GLN A 61 11.28 -14.61 -4.57
C GLN A 61 11.23 -13.15 -4.17
N GLU A 62 10.41 -12.37 -4.89
CA GLU A 62 10.28 -10.95 -4.59
C GLU A 62 9.65 -10.76 -3.22
N HIS A 63 8.69 -11.61 -2.90
CA HIS A 63 8.01 -11.53 -1.60
C HIS A 63 9.02 -11.70 -0.47
N ASP A 64 10.00 -12.58 -0.68
CA ASP A 64 11.02 -12.84 0.32
C ASP A 64 11.99 -11.66 0.45
N ILE A 65 12.32 -11.04 -0.68
CA ILE A 65 13.24 -9.90 -0.67
C ILE A 65 12.67 -8.74 0.15
N ILE A 66 11.39 -8.44 -0.05
CA ILE A 66 10.76 -7.35 0.68
C ILE A 66 10.61 -7.71 2.16
N LYS A 67 10.77 -8.99 2.48
CA LYS A 67 10.66 -9.45 3.86
C LYS A 67 12.06 -9.64 4.46
N GLN A 68 13.06 -9.79 3.59
CA GLN A 68 14.44 -9.97 4.03
C GLN A 68 15.14 -8.62 4.20
N LYS A 69 15.40 -7.94 3.07
CA LYS A 69 16.09 -6.65 3.12
C LYS A 69 15.27 -5.62 3.89
N THR A 70 13.96 -5.59 3.63
CA THR A 70 13.07 -4.64 4.32
C THR A 70 12.33 -5.35 5.46
N GLN A 71 12.24 -4.67 6.60
CA GLN A 71 11.56 -5.24 7.77
C GLN A 71 10.08 -4.86 7.78
N ILE A 72 9.42 -5.12 8.89
CA ILE A 72 8.00 -4.79 9.03
C ILE A 72 7.74 -3.30 8.66
N PRO A 73 8.38 -2.37 9.34
CA PRO A 73 8.18 -0.91 9.05
C PRO A 73 8.38 -0.58 7.57
N LEU A 74 9.30 -1.29 6.93
CA LEU A 74 9.58 -1.09 5.52
C LEU A 74 8.75 -2.04 4.66
N GLN A 75 8.21 -3.07 5.30
CA GLN A 75 7.38 -4.03 4.58
C GLN A 75 6.14 -3.33 4.04
N ALA A 76 5.57 -2.46 4.87
CA ALA A 76 4.39 -1.72 4.46
C ALA A 76 4.74 -0.77 3.32
N ARG A 77 5.92 -0.14 3.41
CA ARG A 77 6.35 0.79 2.37
C ARG A 77 6.48 0.06 1.04
N GLU A 78 7.08 -1.12 1.07
CA GLU A 78 7.24 -1.91 -0.14
C GLU A 78 5.87 -2.32 -0.67
N LEU A 79 4.97 -2.68 0.25
CA LEU A 79 3.63 -3.08 -0.14
C LEU A 79 2.90 -1.94 -0.83
N ILE A 80 3.05 -0.72 -0.32
CA ILE A 80 2.40 0.43 -0.92
C ILE A 80 2.87 0.63 -2.35
N ASP A 81 4.17 0.48 -2.57
CA ASP A 81 4.72 0.67 -3.91
C ASP A 81 4.09 -0.32 -4.90
N THR A 82 3.79 -1.54 -4.43
CA THR A 82 3.19 -2.55 -5.30
C THR A 82 1.78 -2.13 -5.72
N ILE A 83 1.07 -1.46 -4.82
CA ILE A 83 -0.29 -0.99 -5.12
C ILE A 83 -0.26 0.06 -6.22
N LEU A 84 0.71 0.97 -6.15
CA LEU A 84 0.81 2.04 -7.14
C LEU A 84 0.97 1.46 -8.54
N VAL A 85 1.82 0.44 -8.68
CA VAL A 85 2.04 -0.17 -9.98
C VAL A 85 0.75 -0.80 -10.50
N LYS A 86 0.09 -1.58 -9.65
CA LYS A 86 -1.16 -2.24 -10.03
C LYS A 86 -2.28 -1.22 -10.26
N GLY A 87 -2.39 -0.26 -9.34
CA GLY A 87 -3.40 0.79 -9.45
C GLY A 87 -4.79 0.25 -9.08
N ASN A 88 -5.80 0.66 -9.84
CA ASN A 88 -7.16 0.23 -9.59
C ASN A 88 -7.26 -1.29 -9.59
N ALA A 89 -6.50 -1.92 -10.48
CA ALA A 89 -6.52 -3.37 -10.58
C ALA A 89 -6.23 -3.98 -9.22
N ALA A 90 -5.59 -3.21 -8.33
CA ALA A 90 -5.27 -3.70 -6.98
C ALA A 90 -6.29 -3.20 -5.98
N ALA A 91 -7.12 -2.25 -6.38
CA ALA A 91 -8.13 -1.70 -5.48
C ALA A 91 -9.05 -2.80 -4.96
N ASN A 92 -9.44 -3.72 -5.85
CA ASN A 92 -10.32 -4.81 -5.46
C ASN A 92 -9.65 -5.71 -4.41
N ILE A 93 -8.42 -6.13 -4.69
CA ILE A 93 -7.69 -6.98 -3.76
C ILE A 93 -7.41 -6.23 -2.45
N PHE A 94 -6.97 -4.99 -2.58
CA PHE A 94 -6.67 -4.17 -1.41
C PHE A 94 -7.94 -3.99 -0.57
N LYS A 95 -9.04 -3.66 -1.24
CA LYS A 95 -10.31 -3.47 -0.57
C LYS A 95 -10.80 -4.79 0.04
N ASN A 96 -10.66 -5.87 -0.71
CA ASN A 96 -11.12 -7.17 -0.25
C ASN A 96 -10.37 -7.59 1.02
N CYS A 97 -9.07 -7.32 1.04
CA CYS A 97 -8.26 -7.68 2.20
C CYS A 97 -8.69 -6.88 3.43
N LEU A 98 -8.77 -5.56 3.30
CA LEU A 98 -9.15 -4.71 4.42
C LEU A 98 -10.59 -4.98 4.87
N LYS A 99 -11.48 -5.15 3.89
CA LYS A 99 -12.88 -5.40 4.20
C LYS A 99 -13.03 -6.70 4.98
N GLU A 100 -12.26 -7.72 4.60
CA GLU A 100 -12.31 -9.00 5.29
C GLU A 100 -11.50 -8.95 6.58
N ILE A 101 -10.26 -8.47 6.48
CA ILE A 101 -9.40 -8.38 7.64
C ILE A 101 -9.97 -7.41 8.67
N ASP A 102 -10.44 -6.26 8.18
CA ASP A 102 -11.02 -5.24 9.06
C ASP A 102 -12.21 -4.57 8.40
N SER A 103 -13.37 -5.22 8.48
CA SER A 103 -14.59 -4.68 7.89
C SER A 103 -14.91 -3.32 8.49
N THR A 104 -14.55 -3.15 9.75
CA THR A 104 -14.79 -1.89 10.45
C THR A 104 -14.10 -0.74 9.73
N LEU A 105 -12.89 -1.00 9.24
CA LEU A 105 -12.14 0.03 8.54
C LEU A 105 -12.93 0.53 7.33
N TYR A 106 -13.52 -0.40 6.59
CA TYR A 106 -14.30 -0.04 5.41
C TYR A 106 -15.51 0.79 5.81
N LYS A 107 -15.88 0.71 7.08
CA LYS A 107 -17.03 1.46 7.59
C LYS A 107 -16.64 2.88 7.96
N ASN A 108 -15.34 3.15 8.05
CA ASN A 108 -14.86 4.49 8.40
C ASN A 108 -14.03 5.07 7.26
N LEU A 109 -13.84 4.27 6.21
CA LEU A 109 -13.06 4.71 5.05
C LEU A 109 -13.98 5.36 4.01
N PHE A 110 -14.73 4.52 3.29
CA PHE A 110 -15.62 5.01 2.24
C PHE A 110 -16.88 5.66 2.81
N VAL A 111 -17.45 5.06 3.85
CA VAL A 111 -18.66 5.59 4.45
C VAL A 111 -18.42 6.94 5.11
N ASP A 112 -17.53 6.96 6.11
CA ASP A 112 -17.25 8.21 6.83
C ASP A 112 -16.44 9.16 5.95
N LYS A 113 -15.82 8.60 4.92
CA LYS A 113 -15.02 9.42 3.99
C LYS A 113 -13.91 10.14 4.75
N ASN A 114 -13.72 9.77 6.00
CA ASN A 114 -12.68 10.39 6.83
C ASN A 114 -12.09 9.37 7.80
N MET A 115 -10.76 9.32 7.85
CA MET A 115 -10.07 8.38 8.74
C MET A 115 -9.71 9.05 10.06
N LYS A 116 -9.99 8.36 11.16
CA LYS A 116 -9.68 8.90 12.49
C LYS A 116 -8.27 8.51 12.89
N TYR A 117 -7.33 9.44 12.71
CA TYR A 117 -5.93 9.20 13.06
C TYR A 117 -5.46 10.19 14.13
N ILE A 118 -4.63 9.71 15.05
CA ILE A 118 -4.13 10.54 16.14
C ILE A 118 -3.30 11.71 15.58
N PRO A 119 -3.76 12.95 15.71
CA PRO A 119 -3.00 14.13 15.19
C PRO A 119 -1.53 14.10 15.61
N THR A 120 -0.63 13.87 14.66
CA THR A 120 0.79 13.82 14.96
C THR A 120 1.35 15.24 15.08
N GLU A 121 0.67 16.19 14.44
CA GLU A 121 1.11 17.59 14.48
C GLU A 121 0.49 18.30 15.68
N ASP A 122 0.88 19.55 15.88
CA ASP A 122 0.35 20.33 17.01
C ASP A 122 -1.14 20.57 16.84
N VAL A 123 -1.86 20.55 17.96
CA VAL A 123 -3.31 20.78 17.94
C VAL A 123 -3.71 21.78 19.00
N SER A 124 -4.90 22.36 18.86
CA SER A 124 -5.39 23.35 19.81
C SER A 124 -6.92 23.41 19.79
N GLY A 125 -7.50 23.99 20.82
CA GLY A 125 -8.95 24.12 20.90
C GLY A 125 -9.35 25.20 21.91
N LEU A 126 -9.44 26.43 21.44
CA LEU A 126 -9.80 27.55 22.32
C LEU A 126 -11.31 27.76 22.29
N SER A 127 -11.92 27.81 23.48
CA SER A 127 -13.36 28.01 23.58
C SER A 127 -13.69 28.81 24.84
N LEU A 128 -13.24 30.06 24.89
CA LEU A 128 -13.49 30.92 26.04
C LEU A 128 -14.99 31.18 26.19
N GLU A 129 -15.66 31.39 25.05
CA GLU A 129 -17.10 31.65 25.07
C GLU A 129 -17.84 30.52 25.79
N GLU A 130 -17.44 29.28 25.51
CA GLU A 130 -18.08 28.12 26.13
C GLU A 130 -17.34 27.74 27.42
N GLN A 131 -17.98 28.00 28.55
CA GLN A 131 -17.37 27.67 29.85
C GLN A 131 -17.57 26.20 30.19
N LEU A 132 -18.83 25.81 30.36
CA LEU A 132 -19.16 24.42 30.69
C LEU A 132 -19.32 23.60 29.41
N GLY A 1 42.52 1.57 -4.77
CA GLY A 1 41.14 1.03 -4.89
C GLY A 1 40.41 1.73 -6.04
N SER A 2 40.98 2.84 -6.50
CA SER A 2 40.38 3.58 -7.60
C SER A 2 40.33 2.72 -8.87
N HIS A 3 41.34 1.88 -9.04
CA HIS A 3 41.41 1.01 -10.21
C HIS A 3 40.27 -0.01 -10.18
N MET A 4 39.97 -0.52 -8.99
CA MET A 4 38.91 -1.51 -8.84
C MET A 4 37.54 -0.86 -9.06
N LEU A 5 36.99 -1.06 -10.26
CA LEU A 5 35.68 -0.49 -10.60
C LEU A 5 34.87 -1.49 -11.41
N ASN A 6 33.66 -1.80 -10.94
CA ASN A 6 32.78 -2.75 -11.63
C ASN A 6 31.32 -2.37 -11.39
N ALA A 7 30.56 -2.21 -12.48
CA ALA A 7 29.16 -1.84 -12.39
C ALA A 7 28.28 -3.10 -12.33
N GLU A 8 27.11 -2.99 -11.72
CA GLU A 8 26.18 -4.12 -11.61
C GLU A 8 25.02 -3.96 -12.57
N ASP A 9 24.53 -2.73 -12.69
CA ASP A 9 23.41 -2.44 -13.58
C ASP A 9 23.80 -2.72 -15.04
N GLU A 10 25.08 -2.99 -15.26
CA GLU A 10 25.56 -3.26 -16.61
C GLU A 10 24.93 -4.54 -17.15
N LYS A 11 24.77 -5.54 -16.29
CA LYS A 11 24.16 -6.82 -16.69
C LYS A 11 23.02 -7.20 -15.74
N ARG A 12 22.67 -6.28 -14.85
CA ARG A 12 21.59 -6.53 -13.88
C ARG A 12 20.61 -5.36 -13.87
N GLU A 13 19.67 -5.36 -14.81
CA GLU A 13 18.66 -4.30 -14.91
C GLU A 13 17.26 -4.88 -14.72
N GLU A 14 16.43 -4.18 -13.95
CA GLU A 14 15.07 -4.64 -13.70
C GLU A 14 14.16 -4.29 -14.88
N GLU A 15 13.32 -5.25 -15.28
CA GLU A 15 12.40 -5.04 -16.38
C GLU A 15 11.14 -4.32 -15.92
N LYS A 16 10.44 -3.68 -16.85
CA LYS A 16 9.21 -2.94 -16.53
C LYS A 16 8.07 -3.39 -17.45
N GLU A 17 6.86 -3.44 -16.89
CA GLU A 17 5.68 -3.85 -17.67
C GLU A 17 4.48 -2.99 -17.30
N LYS A 18 3.50 -2.95 -18.19
CA LYS A 18 2.28 -2.16 -17.97
C LYS A 18 1.09 -3.08 -17.68
N GLN A 19 0.07 -2.52 -17.01
CA GLN A 19 -1.12 -3.30 -16.67
C GLN A 19 -2.39 -2.49 -16.94
N ALA A 20 -2.90 -1.83 -15.91
CA ALA A 20 -4.11 -1.03 -16.06
C ALA A 20 -3.86 0.16 -16.98
N GLU A 21 -4.79 0.40 -17.90
CA GLU A 21 -4.64 1.51 -18.84
C GLU A 21 -4.87 2.84 -18.14
N GLU A 22 -6.04 2.98 -17.50
CA GLU A 22 -6.36 4.22 -16.79
C GLU A 22 -7.67 4.06 -16.04
N MET A 23 -8.03 2.83 -15.73
CA MET A 23 -9.28 2.55 -15.00
C MET A 23 -9.19 3.10 -13.57
N ALA A 24 -8.03 3.64 -13.22
CA ALA A 24 -7.83 4.20 -11.88
C ALA A 24 -9.07 4.93 -11.40
N SER A 25 -9.87 4.25 -10.58
CA SER A 25 -11.10 4.84 -10.06
C SER A 25 -10.80 5.73 -8.85
N ASP A 26 -11.85 6.24 -8.23
CA ASP A 26 -11.68 7.11 -7.07
C ASP A 26 -11.04 6.34 -5.92
N ASP A 27 -11.36 5.05 -5.82
CA ASP A 27 -10.81 4.22 -4.76
C ASP A 27 -9.29 4.35 -4.72
N LEU A 28 -8.68 4.50 -5.89
CA LEU A 28 -7.24 4.63 -5.97
C LEU A 28 -6.78 5.87 -5.19
N SER A 29 -7.51 6.96 -5.34
CA SER A 29 -7.17 8.19 -4.64
C SER A 29 -7.26 7.97 -3.13
N LEU A 30 -8.28 7.26 -2.70
CA LEU A 30 -8.47 6.97 -1.28
C LEU A 30 -7.28 6.16 -0.74
N ILE A 31 -6.83 5.18 -1.52
CA ILE A 31 -5.70 4.36 -1.09
C ILE A 31 -4.44 5.21 -0.97
N ARG A 32 -4.21 6.07 -1.96
CA ARG A 32 -3.04 6.93 -1.95
C ARG A 32 -3.08 7.89 -0.76
N LYS A 33 -4.26 8.46 -0.52
CA LYS A 33 -4.42 9.39 0.59
C LYS A 33 -4.28 8.66 1.93
N ASN A 34 -4.75 7.42 1.97
CA ASN A 34 -4.70 6.62 3.19
C ASN A 34 -3.33 5.96 3.36
N ARG A 35 -2.43 6.23 2.42
CA ARG A 35 -1.09 5.65 2.49
C ARG A 35 -0.43 5.99 3.81
N MET A 36 -0.57 7.25 4.23
CA MET A 36 0.04 7.69 5.49
C MET A 36 -0.59 6.99 6.68
N ALA A 37 -1.92 6.86 6.66
CA ALA A 37 -2.61 6.21 7.76
C ALA A 37 -2.13 4.77 7.90
N LEU A 38 -2.07 4.07 6.77
CA LEU A 38 -1.62 2.67 6.78
C LEU A 38 -0.17 2.60 7.24
N PHE A 39 0.68 3.48 6.71
CA PHE A 39 2.08 3.50 7.10
C PHE A 39 2.20 3.83 8.58
N GLN A 40 1.47 4.85 9.01
CA GLN A 40 1.48 5.28 10.40
C GLN A 40 0.86 4.22 11.30
N GLN A 41 -0.22 3.60 10.82
CA GLN A 41 -0.93 2.58 11.60
C GLN A 41 -0.69 1.19 11.01
N LEU A 42 0.58 0.84 10.87
CA LEU A 42 0.96 -0.46 10.33
C LEU A 42 0.65 -1.57 11.34
N THR A 43 0.03 -2.65 10.85
CA THR A 43 -0.31 -3.78 11.72
C THR A 43 -0.56 -5.02 10.89
N CYS A 44 -1.78 -5.14 10.36
CA CYS A 44 -2.15 -6.29 9.56
C CYS A 44 -1.49 -6.21 8.19
N VAL A 45 -0.15 -6.19 8.17
CA VAL A 45 0.60 -6.12 6.92
C VAL A 45 0.99 -7.52 6.43
N LEU A 46 0.76 -8.52 7.29
CA LEU A 46 1.08 -9.90 6.94
C LEU A 46 -0.07 -10.54 6.14
N PRO A 47 -1.25 -10.66 6.70
CA PRO A 47 -2.41 -11.29 5.99
C PRO A 47 -2.71 -10.60 4.65
N ILE A 48 -2.59 -9.28 4.62
CA ILE A 48 -2.86 -8.54 3.39
C ILE A 48 -1.77 -8.83 2.35
N LEU A 49 -0.53 -8.88 2.80
CA LEU A 49 0.59 -9.15 1.90
C LEU A 49 0.46 -10.54 1.30
N ASP A 50 0.06 -11.51 2.13
CA ASP A 50 -0.10 -12.88 1.67
C ASP A 50 -1.33 -13.02 0.77
N ASN A 51 -2.34 -12.19 1.03
CA ASN A 51 -3.57 -12.25 0.24
C ASN A 51 -3.31 -11.92 -1.23
N LEU A 52 -2.51 -10.89 -1.47
CA LEU A 52 -2.19 -10.48 -2.85
C LEU A 52 -1.02 -11.29 -3.39
N LEU A 53 -0.33 -12.00 -2.49
CA LEU A 53 0.82 -12.82 -2.90
C LEU A 53 0.38 -13.94 -3.83
N LYS A 54 -0.89 -14.31 -3.75
CA LYS A 54 -1.42 -15.39 -4.59
C LYS A 54 -1.24 -15.06 -6.08
N ALA A 55 -1.57 -13.82 -6.47
CA ALA A 55 -1.45 -13.40 -7.87
C ALA A 55 -1.01 -11.94 -7.95
N ASN A 56 0.28 -11.73 -8.23
CA ASN A 56 0.81 -10.38 -8.34
C ASN A 56 2.14 -10.38 -9.10
N VAL A 57 2.81 -9.24 -9.13
CA VAL A 57 4.09 -9.11 -9.83
C VAL A 57 5.22 -9.75 -9.02
N ILE A 58 5.11 -9.65 -7.69
CA ILE A 58 6.12 -10.23 -6.80
C ILE A 58 5.89 -11.72 -6.62
N ASN A 59 6.98 -12.48 -6.62
CA ASN A 59 6.90 -13.93 -6.45
C ASN A 59 7.40 -14.32 -5.08
N LYS A 60 7.33 -15.61 -4.76
CA LYS A 60 7.79 -16.08 -3.47
C LYS A 60 9.19 -15.58 -3.17
N GLN A 61 9.88 -15.07 -4.19
CA GLN A 61 11.24 -14.57 -4.02
C GLN A 61 11.21 -13.11 -3.56
N GLU A 62 10.85 -12.20 -4.45
CA GLU A 62 10.82 -10.78 -4.11
C GLU A 62 10.08 -10.56 -2.80
N HIS A 63 9.06 -11.39 -2.56
CA HIS A 63 8.29 -11.28 -1.32
C HIS A 63 9.17 -11.61 -0.12
N ASP A 64 10.00 -12.64 -0.27
CA ASP A 64 10.88 -13.06 0.82
C ASP A 64 11.93 -12.00 1.13
N ILE A 65 12.39 -11.29 0.09
CA ILE A 65 13.41 -10.27 0.27
C ILE A 65 12.89 -9.14 1.16
N ILE A 66 11.67 -8.69 0.91
CA ILE A 66 11.08 -7.62 1.69
C ILE A 66 10.67 -8.13 3.08
N LYS A 67 10.43 -9.44 3.18
CA LYS A 67 10.05 -10.05 4.46
C LYS A 67 11.28 -10.53 5.22
N GLN A 68 12.46 -10.38 4.60
CA GLN A 68 13.71 -10.82 5.22
C GLN A 68 14.63 -9.63 5.50
N LYS A 69 15.21 -9.08 4.44
CA LYS A 69 16.12 -7.94 4.58
C LYS A 69 15.39 -6.71 5.12
N THR A 70 14.19 -6.45 4.61
CA THR A 70 13.40 -5.30 5.05
C THR A 70 12.46 -5.69 6.18
N GLN A 71 12.22 -4.75 7.10
CA GLN A 71 11.34 -5.00 8.23
C GLN A 71 9.86 -4.89 7.79
N ILE A 72 8.97 -4.55 8.73
CA ILE A 72 7.54 -4.44 8.42
C ILE A 72 7.16 -3.02 7.95
N PRO A 73 7.66 -2.00 8.59
CA PRO A 73 7.34 -0.58 8.21
C PRO A 73 7.67 -0.28 6.75
N LEU A 74 8.92 -0.49 6.37
CA LEU A 74 9.37 -0.25 5.00
C LEU A 74 8.65 -1.19 4.04
N GLN A 75 8.48 -2.44 4.45
CA GLN A 75 7.81 -3.41 3.61
C GLN A 75 6.44 -2.88 3.21
N ALA A 76 5.78 -2.22 4.14
CA ALA A 76 4.47 -1.66 3.87
C ALA A 76 4.60 -0.57 2.80
N ARG A 77 5.65 0.23 2.90
CA ARG A 77 5.88 1.30 1.94
C ARG A 77 6.15 0.72 0.56
N GLU A 78 6.96 -0.32 0.51
CA GLU A 78 7.28 -0.94 -0.76
C GLU A 78 6.00 -1.49 -1.39
N LEU A 79 5.15 -2.11 -0.57
CA LEU A 79 3.91 -2.67 -1.06
C LEU A 79 3.01 -1.58 -1.62
N ILE A 80 2.88 -0.47 -0.91
CA ILE A 80 2.03 0.61 -1.38
C ILE A 80 2.45 1.05 -2.78
N ASP A 81 3.76 1.08 -3.02
CA ASP A 81 4.27 1.47 -4.33
C ASP A 81 3.80 0.47 -5.39
N THR A 82 3.75 -0.81 -5.03
CA THR A 82 3.31 -1.84 -5.98
C THR A 82 1.84 -1.64 -6.35
N ILE A 83 1.05 -1.14 -5.39
CA ILE A 83 -0.38 -0.89 -5.65
C ILE A 83 -0.52 0.17 -6.72
N LEU A 84 0.30 1.21 -6.64
CA LEU A 84 0.24 2.29 -7.61
C LEU A 84 0.48 1.76 -9.02
N VAL A 85 1.45 0.88 -9.16
CA VAL A 85 1.76 0.30 -10.47
C VAL A 85 0.57 -0.52 -10.97
N LYS A 86 0.04 -1.37 -10.11
CA LYS A 86 -1.10 -2.21 -10.48
C LYS A 86 -2.34 -1.36 -10.75
N GLY A 87 -2.57 -0.38 -9.89
CA GLY A 87 -3.72 0.51 -10.05
C GLY A 87 -5.01 -0.11 -9.53
N ASN A 88 -6.13 0.39 -10.03
CA ASN A 88 -7.44 -0.12 -9.61
C ASN A 88 -7.46 -1.64 -9.71
N ALA A 89 -6.48 -2.20 -10.40
CA ALA A 89 -6.39 -3.64 -10.55
C ALA A 89 -6.14 -4.29 -9.20
N ALA A 90 -5.37 -3.62 -8.35
CA ALA A 90 -5.06 -4.14 -7.02
C ALA A 90 -6.00 -3.56 -5.98
N ALA A 91 -6.80 -2.58 -6.37
CA ALA A 91 -7.73 -1.95 -5.45
C ALA A 91 -8.74 -2.97 -4.93
N ASN A 92 -9.21 -3.86 -5.81
CA ASN A 92 -10.18 -4.87 -5.39
C ASN A 92 -9.57 -5.81 -4.37
N ILE A 93 -8.36 -6.29 -4.63
CA ILE A 93 -7.67 -7.19 -3.71
C ILE A 93 -7.36 -6.46 -2.41
N PHE A 94 -6.86 -5.24 -2.54
CA PHE A 94 -6.51 -4.44 -1.38
C PHE A 94 -7.76 -4.17 -0.53
N LYS A 95 -8.83 -3.77 -1.20
CA LYS A 95 -10.09 -3.50 -0.49
C LYS A 95 -10.66 -4.78 0.10
N ASN A 96 -10.57 -5.89 -0.64
CA ASN A 96 -11.09 -7.15 -0.15
C ASN A 96 -10.37 -7.58 1.12
N CYS A 97 -9.06 -7.38 1.15
CA CYS A 97 -8.27 -7.76 2.30
C CYS A 97 -8.63 -6.91 3.53
N LEU A 98 -8.62 -5.59 3.36
CA LEU A 98 -8.93 -4.68 4.46
C LEU A 98 -10.38 -4.86 4.93
N LYS A 99 -11.29 -4.99 3.99
CA LYS A 99 -12.69 -5.17 4.33
C LYS A 99 -12.90 -6.46 5.13
N GLU A 100 -12.26 -7.54 4.69
CA GLU A 100 -12.38 -8.82 5.37
C GLU A 100 -11.58 -8.82 6.67
N ILE A 101 -10.32 -8.38 6.58
CA ILE A 101 -9.45 -8.34 7.76
C ILE A 101 -9.98 -7.35 8.79
N ASP A 102 -10.39 -6.17 8.32
CA ASP A 102 -10.92 -5.13 9.22
C ASP A 102 -12.13 -4.44 8.59
N SER A 103 -13.29 -5.08 8.70
CA SER A 103 -14.51 -4.51 8.15
C SER A 103 -14.81 -3.15 8.79
N THR A 104 -14.40 -3.01 10.05
CA THR A 104 -14.62 -1.76 10.77
C THR A 104 -13.89 -0.60 10.09
N LEU A 105 -12.66 -0.84 9.67
CA LEU A 105 -11.88 0.19 9.01
C LEU A 105 -12.58 0.66 7.74
N TYR A 106 -13.13 -0.28 7.00
CA TYR A 106 -13.83 0.07 5.77
C TYR A 106 -15.03 0.96 6.09
N LYS A 107 -15.75 0.63 7.15
CA LYS A 107 -16.91 1.41 7.56
C LYS A 107 -16.48 2.79 8.06
N ASN A 108 -15.16 3.01 8.12
CA ASN A 108 -14.62 4.29 8.59
C ASN A 108 -13.83 4.97 7.48
N LEU A 109 -13.56 4.22 6.41
CA LEU A 109 -12.81 4.76 5.27
C LEU A 109 -13.74 5.39 4.23
N PHE A 110 -14.38 4.54 3.43
CA PHE A 110 -15.28 5.01 2.38
C PHE A 110 -16.54 5.66 2.94
N VAL A 111 -17.05 5.12 4.03
CA VAL A 111 -18.27 5.66 4.64
C VAL A 111 -18.01 7.01 5.31
N ASP A 112 -17.30 6.99 6.43
CA ASP A 112 -17.01 8.22 7.17
C ASP A 112 -16.19 9.20 6.34
N LYS A 113 -15.23 8.69 5.57
CA LYS A 113 -14.38 9.54 4.73
C LYS A 113 -13.61 10.53 5.59
N ASN A 114 -13.41 10.17 6.86
CA ASN A 114 -12.67 11.03 7.80
C ASN A 114 -11.47 10.28 8.37
N MET A 115 -10.28 10.88 8.23
CA MET A 115 -9.05 10.28 8.75
C MET A 115 -8.66 10.92 10.07
N LYS A 116 -8.83 10.18 11.16
CA LYS A 116 -8.49 10.67 12.49
C LYS A 116 -7.17 10.06 12.96
N TYR A 117 -6.47 10.77 13.84
CA TYR A 117 -5.19 10.29 14.36
C TYR A 117 -5.42 9.26 15.46
N ILE A 118 -4.41 8.42 15.73
CA ILE A 118 -4.53 7.39 16.77
C ILE A 118 -3.25 7.27 17.59
N PRO A 119 -2.08 7.35 16.98
CA PRO A 119 -0.77 7.26 17.68
C PRO A 119 -0.18 8.64 18.00
N THR A 120 -0.94 9.70 17.76
CA THR A 120 -0.45 11.05 18.04
C THR A 120 -0.55 11.37 19.53
N GLU A 121 0.55 11.17 20.25
CA GLU A 121 0.59 11.43 21.68
C GLU A 121 1.99 11.21 22.21
N ASP A 122 2.14 11.31 23.54
CA ASP A 122 3.43 11.12 24.18
C ASP A 122 3.96 9.71 23.92
N VAL A 123 5.25 9.61 23.57
CA VAL A 123 5.88 8.33 23.30
C VAL A 123 7.26 8.26 23.96
N SER A 124 7.65 7.07 24.40
CA SER A 124 8.96 6.88 25.05
C SER A 124 9.69 5.70 24.43
N GLY A 125 11.03 5.74 24.50
CA GLY A 125 11.85 4.66 23.93
C GLY A 125 13.08 4.41 24.79
N LEU A 126 14.16 5.11 24.49
CA LEU A 126 15.41 4.96 25.23
C LEU A 126 15.36 5.75 26.53
N SER A 127 15.73 5.11 27.64
CA SER A 127 15.73 5.78 28.94
C SER A 127 16.98 5.39 29.74
N LEU A 128 17.87 4.65 29.09
CA LEU A 128 19.11 4.21 29.75
C LEU A 128 20.21 5.26 29.57
N GLU A 129 19.88 6.35 28.90
CA GLU A 129 20.85 7.41 28.66
C GLU A 129 21.39 7.93 29.99
N GLU A 130 20.50 8.10 30.96
CA GLU A 130 20.92 8.59 32.28
C GLU A 130 21.71 7.52 33.02
N GLN A 131 22.87 7.90 33.54
CA GLN A 131 23.73 6.96 34.28
C GLN A 131 23.74 7.31 35.76
N LEU A 132 23.96 6.30 36.59
CA LEU A 132 23.98 6.51 38.04
C LEU A 132 25.34 7.08 38.47
N GLY A 1 28.85 27.28 2.84
CA GLY A 1 28.61 28.21 1.69
C GLY A 1 27.24 27.93 1.09
N SER A 2 27.24 27.53 -0.18
CA SER A 2 25.98 27.24 -0.87
C SER A 2 26.21 26.22 -1.98
N HIS A 3 25.18 25.43 -2.28
CA HIS A 3 25.28 24.42 -3.33
C HIS A 3 23.90 23.88 -3.69
N MET A 4 23.53 23.99 -4.96
CA MET A 4 22.24 23.52 -5.41
C MET A 4 22.22 23.41 -6.94
N LEU A 5 22.64 22.25 -7.46
CA LEU A 5 22.67 22.03 -8.91
C LEU A 5 21.60 21.01 -9.30
N ASN A 6 20.84 21.34 -10.36
CA ASN A 6 19.79 20.44 -10.83
C ASN A 6 20.33 19.50 -11.91
N ALA A 7 19.90 18.24 -11.85
CA ALA A 7 20.34 17.25 -12.81
C ALA A 7 19.82 17.57 -14.20
N GLU A 8 20.67 17.39 -15.22
CA GLU A 8 20.27 17.66 -16.59
C GLU A 8 19.23 16.66 -17.05
N ASP A 9 19.38 15.41 -16.64
CA ASP A 9 18.44 14.36 -17.01
C ASP A 9 17.26 14.33 -16.06
N GLU A 10 16.09 14.68 -16.56
CA GLU A 10 14.87 14.69 -15.75
C GLU A 10 13.65 14.86 -16.65
N LYS A 11 13.47 16.07 -17.17
CA LYS A 11 12.33 16.36 -18.05
C LYS A 11 12.65 15.96 -19.48
N ARG A 12 13.92 15.67 -19.74
CA ARG A 12 14.34 15.29 -21.09
C ARG A 12 13.60 14.03 -21.54
N GLU A 13 13.54 13.04 -20.66
CA GLU A 13 12.87 11.78 -20.96
C GLU A 13 12.36 11.12 -19.68
N GLU A 14 11.20 10.48 -19.78
CA GLU A 14 10.62 9.79 -18.63
C GLU A 14 9.63 8.72 -19.09
N GLU A 15 9.72 7.54 -18.49
CA GLU A 15 8.84 6.43 -18.85
C GLU A 15 7.52 6.54 -18.07
N LYS A 16 6.41 6.47 -18.79
CA LYS A 16 5.08 6.54 -18.18
C LYS A 16 4.10 5.61 -18.88
N GLU A 17 3.13 5.10 -18.14
CA GLU A 17 2.14 4.19 -18.71
C GLU A 17 0.98 4.98 -19.30
N LYS A 18 0.46 4.52 -20.43
CA LYS A 18 -0.66 5.18 -21.10
C LYS A 18 -1.80 4.20 -21.35
N GLN A 19 -1.48 2.91 -21.27
CA GLN A 19 -2.49 1.87 -21.49
C GLN A 19 -3.26 1.61 -20.20
N ALA A 20 -3.82 2.66 -19.62
CA ALA A 20 -4.58 2.52 -18.39
C ALA A 20 -5.92 1.84 -18.66
N GLU A 21 -5.93 0.51 -18.60
CA GLU A 21 -7.14 -0.25 -18.85
C GLU A 21 -8.20 0.09 -17.81
N GLU A 22 -7.78 0.23 -16.55
CA GLU A 22 -8.70 0.56 -15.46
C GLU A 22 -8.34 1.93 -14.88
N MET A 23 -8.78 2.99 -15.56
CA MET A 23 -8.51 4.35 -15.11
C MET A 23 -8.82 4.48 -13.62
N ALA A 24 -7.91 5.13 -12.90
CA ALA A 24 -8.08 5.34 -11.46
C ALA A 24 -9.50 5.77 -11.14
N SER A 25 -10.20 4.93 -10.37
CA SER A 25 -11.58 5.21 -9.98
C SER A 25 -11.61 6.02 -8.69
N ASP A 26 -12.80 6.19 -8.14
CA ASP A 26 -12.97 6.95 -6.90
C ASP A 26 -12.24 6.26 -5.75
N ASP A 27 -12.22 4.93 -5.77
CA ASP A 27 -11.55 4.17 -4.72
C ASP A 27 -10.05 4.48 -4.69
N LEU A 28 -9.46 4.64 -5.86
CA LEU A 28 -8.03 4.92 -5.95
C LEU A 28 -7.73 6.26 -5.26
N SER A 29 -8.58 7.25 -5.49
CA SER A 29 -8.37 8.56 -4.88
C SER A 29 -8.36 8.43 -3.36
N LEU A 30 -9.28 7.63 -2.83
CA LEU A 30 -9.36 7.41 -1.38
C LEU A 30 -8.09 6.72 -0.89
N ILE A 31 -7.61 5.74 -1.65
CA ILE A 31 -6.40 5.02 -1.26
C ILE A 31 -5.20 5.96 -1.26
N ARG A 32 -5.11 6.80 -2.30
CA ARG A 32 -4.00 7.74 -2.41
C ARG A 32 -3.96 8.69 -1.22
N LYS A 33 -5.13 9.21 -0.85
CA LYS A 33 -5.22 10.15 0.28
C LYS A 33 -4.87 9.45 1.58
N ASN A 34 -5.35 8.22 1.75
CA ASN A 34 -5.07 7.46 2.97
C ASN A 34 -3.77 6.70 2.84
N ARG A 35 -3.03 6.96 1.78
CA ARG A 35 -1.75 6.29 1.57
C ARG A 35 -0.79 6.60 2.70
N MET A 36 -0.71 7.88 3.07
CA MET A 36 0.18 8.30 4.15
C MET A 36 -0.29 7.72 5.48
N ALA A 37 -1.61 7.73 5.71
CA ALA A 37 -2.16 7.20 6.94
C ALA A 37 -1.75 5.75 7.14
N LEU A 38 -1.77 4.98 6.06
CA LEU A 38 -1.40 3.57 6.14
C LEU A 38 0.05 3.44 6.57
N PHE A 39 0.92 4.25 5.96
CA PHE A 39 2.34 4.24 6.30
C PHE A 39 2.54 4.68 7.75
N GLN A 40 1.87 5.77 8.12
CA GLN A 40 1.99 6.31 9.48
C GLN A 40 1.31 5.39 10.48
N GLN A 41 0.18 4.81 10.08
CA GLN A 41 -0.60 3.93 10.95
C GLN A 41 -0.64 2.52 10.37
N LEU A 42 0.55 1.93 10.19
CA LEU A 42 0.64 0.59 9.64
C LEU A 42 0.27 -0.45 10.69
N THR A 43 -0.24 -1.59 10.24
CA THR A 43 -0.63 -2.67 11.15
C THR A 43 -0.60 -4.01 10.44
N CYS A 44 -1.78 -4.54 10.13
CA CYS A 44 -1.85 -5.83 9.44
C CYS A 44 -1.11 -5.75 8.12
N VAL A 45 0.19 -6.06 8.16
CA VAL A 45 1.03 -6.04 6.96
C VAL A 45 1.34 -7.45 6.47
N LEU A 46 1.05 -8.45 7.30
CA LEU A 46 1.32 -9.84 6.92
C LEU A 46 0.10 -10.45 6.23
N PRO A 47 -1.09 -10.25 6.75
CA PRO A 47 -2.33 -10.82 6.15
C PRO A 47 -2.61 -10.23 4.76
N ILE A 48 -2.34 -8.93 4.61
CA ILE A 48 -2.58 -8.28 3.33
C ILE A 48 -1.59 -8.79 2.29
N LEU A 49 -0.32 -8.93 2.67
CA LEU A 49 0.68 -9.39 1.73
C LEU A 49 0.34 -10.80 1.24
N ASP A 50 -0.06 -11.66 2.17
CA ASP A 50 -0.42 -13.03 1.81
C ASP A 50 -1.64 -13.08 0.90
N ASN A 51 -2.59 -12.17 1.12
CA ASN A 51 -3.81 -12.14 0.32
C ASN A 51 -3.49 -11.86 -1.15
N LEU A 52 -2.63 -10.87 -1.39
CA LEU A 52 -2.25 -10.51 -2.76
C LEU A 52 -1.09 -11.36 -3.25
N LEU A 53 -0.50 -12.14 -2.36
CA LEU A 53 0.64 -12.99 -2.73
C LEU A 53 0.24 -13.99 -3.82
N LYS A 54 -1.05 -14.27 -3.92
CA LYS A 54 -1.53 -15.22 -4.92
C LYS A 54 -1.56 -14.59 -6.31
N ALA A 55 -2.56 -13.75 -6.56
CA ALA A 55 -2.70 -13.09 -7.86
C ALA A 55 -1.95 -11.75 -7.88
N ASN A 56 -0.66 -11.81 -8.20
CA ASN A 56 0.14 -10.60 -8.25
C ASN A 56 1.43 -10.82 -9.05
N VAL A 57 2.25 -9.79 -9.15
CA VAL A 57 3.51 -9.88 -9.87
C VAL A 57 4.58 -10.57 -9.04
N ILE A 58 4.60 -10.27 -7.73
CA ILE A 58 5.59 -10.86 -6.83
C ILE A 58 5.16 -12.28 -6.45
N ASN A 59 6.09 -13.00 -5.83
CA ASN A 59 5.82 -14.37 -5.40
C ASN A 59 6.53 -14.65 -4.10
N LYS A 60 6.57 -15.92 -3.72
CA LYS A 60 7.23 -16.31 -2.48
C LYS A 60 8.71 -15.93 -2.53
N GLN A 61 9.27 -15.88 -3.73
CA GLN A 61 10.68 -15.54 -3.89
C GLN A 61 10.89 -14.05 -3.64
N GLU A 62 10.18 -13.22 -4.38
CA GLU A 62 10.30 -11.77 -4.23
C GLU A 62 9.78 -11.35 -2.86
N HIS A 63 8.67 -11.95 -2.44
CA HIS A 63 8.09 -11.63 -1.15
C HIS A 63 9.10 -11.89 -0.03
N ASP A 64 9.85 -12.99 -0.17
CA ASP A 64 10.86 -13.36 0.82
C ASP A 64 11.93 -12.28 0.96
N ILE A 65 12.29 -11.66 -0.16
CA ILE A 65 13.31 -10.62 -0.14
C ILE A 65 12.87 -9.44 0.72
N ILE A 66 11.61 -9.05 0.57
CA ILE A 66 11.06 -7.92 1.34
C ILE A 66 10.59 -8.38 2.72
N LYS A 67 10.77 -9.67 3.01
CA LYS A 67 10.36 -10.23 4.31
C LYS A 67 11.60 -10.69 5.09
N GLN A 68 12.73 -10.82 4.38
CA GLN A 68 13.98 -11.28 5.02
C GLN A 68 14.83 -10.10 5.51
N LYS A 69 15.47 -9.39 4.58
CA LYS A 69 16.33 -8.27 4.94
C LYS A 69 15.51 -7.00 5.13
N THR A 70 14.21 -7.15 5.33
CA THR A 70 13.33 -5.99 5.53
C THR A 70 12.46 -6.22 6.77
N GLN A 71 12.42 -5.23 7.65
CA GLN A 71 11.60 -5.32 8.87
C GLN A 71 10.19 -4.86 8.55
N ILE A 72 9.35 -4.71 9.57
CA ILE A 72 7.98 -4.28 9.33
C ILE A 72 7.96 -2.87 8.73
N PRO A 73 8.49 -1.85 9.38
CA PRO A 73 8.54 -0.46 8.85
C PRO A 73 8.51 -0.38 7.31
N LEU A 74 9.58 -0.82 6.68
CA LEU A 74 9.67 -0.79 5.23
C LEU A 74 8.62 -1.69 4.59
N GLN A 75 8.38 -2.86 5.18
CA GLN A 75 7.40 -3.79 4.64
C GLN A 75 6.17 -3.04 4.15
N ALA A 76 5.74 -2.05 4.93
CA ALA A 76 4.60 -1.26 4.53
C ALA A 76 4.95 -0.40 3.32
N ARG A 77 6.15 0.15 3.31
CA ARG A 77 6.59 0.99 2.20
C ARG A 77 6.66 0.20 0.90
N GLU A 78 7.22 -1.01 0.97
CA GLU A 78 7.33 -1.86 -0.20
C GLU A 78 5.93 -2.20 -0.71
N LEU A 79 5.03 -2.48 0.21
CA LEU A 79 3.65 -2.81 -0.14
C LEU A 79 2.99 -1.64 -0.85
N ILE A 80 3.20 -0.43 -0.35
CA ILE A 80 2.60 0.75 -0.95
C ILE A 80 3.06 0.91 -2.40
N ASP A 81 4.35 0.69 -2.64
CA ASP A 81 4.89 0.81 -3.98
C ASP A 81 4.19 -0.16 -4.94
N THR A 82 3.87 -1.35 -4.45
CA THR A 82 3.20 -2.35 -5.29
C THR A 82 1.80 -1.87 -5.69
N ILE A 83 1.14 -1.15 -4.79
CA ILE A 83 -0.20 -0.63 -5.08
C ILE A 83 -0.13 0.40 -6.21
N LEU A 84 0.88 1.25 -6.16
CA LEU A 84 1.04 2.29 -7.18
C LEU A 84 1.19 1.67 -8.56
N VAL A 85 2.01 0.62 -8.67
CA VAL A 85 2.22 -0.03 -9.95
C VAL A 85 0.92 -0.62 -10.49
N LYS A 86 0.22 -1.36 -9.63
CA LYS A 86 -1.05 -1.98 -10.01
C LYS A 86 -2.14 -0.93 -10.23
N GLY A 87 -2.21 0.03 -9.31
CA GLY A 87 -3.20 1.09 -9.41
C GLY A 87 -4.62 0.55 -9.17
N ASN A 88 -5.57 1.05 -9.96
CA ASN A 88 -6.96 0.63 -9.82
C ASN A 88 -7.08 -0.89 -9.78
N ALA A 89 -6.21 -1.57 -10.53
CA ALA A 89 -6.23 -3.03 -10.58
C ALA A 89 -6.03 -3.61 -9.18
N ALA A 90 -5.38 -2.86 -8.30
CA ALA A 90 -5.13 -3.32 -6.93
C ALA A 90 -6.16 -2.73 -5.98
N ALA A 91 -6.98 -1.82 -6.47
CA ALA A 91 -7.99 -1.19 -5.62
C ALA A 91 -8.96 -2.25 -5.10
N ASN A 92 -9.33 -3.20 -5.96
CA ASN A 92 -10.25 -4.25 -5.55
C ASN A 92 -9.58 -5.22 -4.59
N ILE A 93 -8.35 -5.61 -4.90
CA ILE A 93 -7.61 -6.53 -4.03
C ILE A 93 -7.33 -5.88 -2.68
N PHE A 94 -6.90 -4.63 -2.70
CA PHE A 94 -6.60 -3.91 -1.47
C PHE A 94 -7.86 -3.81 -0.61
N LYS A 95 -8.97 -3.46 -1.24
CA LYS A 95 -10.24 -3.35 -0.54
C LYS A 95 -10.72 -4.71 -0.04
N ASN A 96 -10.57 -5.71 -0.89
CA ASN A 96 -11.00 -7.07 -0.52
C ASN A 96 -10.23 -7.58 0.68
N CYS A 97 -8.94 -7.29 0.71
CA CYS A 97 -8.08 -7.73 1.80
C CYS A 97 -8.46 -7.02 3.11
N LEU A 98 -8.63 -5.70 3.04
CA LEU A 98 -8.99 -4.92 4.22
C LEU A 98 -10.36 -5.33 4.75
N LYS A 99 -11.30 -5.55 3.84
CA LYS A 99 -12.65 -5.95 4.23
C LYS A 99 -12.61 -7.28 4.98
N GLU A 100 -11.82 -8.22 4.48
CA GLU A 100 -11.71 -9.53 5.12
C GLU A 100 -10.84 -9.45 6.38
N ILE A 101 -9.68 -8.83 6.25
CA ILE A 101 -8.76 -8.70 7.37
C ILE A 101 -9.41 -7.87 8.48
N ASP A 102 -10.01 -6.75 8.09
CA ASP A 102 -10.67 -5.86 9.06
C ASP A 102 -11.90 -5.20 8.43
N SER A 103 -13.04 -5.89 8.51
CA SER A 103 -14.29 -5.35 7.97
C SER A 103 -14.64 -4.03 8.64
N THR A 104 -14.31 -3.93 9.93
CA THR A 104 -14.60 -2.71 10.69
C THR A 104 -13.88 -1.51 10.09
N LEU A 105 -12.63 -1.71 9.69
CA LEU A 105 -11.84 -0.63 9.11
C LEU A 105 -12.52 -0.08 7.86
N TYR A 106 -13.06 -0.97 7.04
CA TYR A 106 -13.74 -0.56 5.82
C TYR A 106 -14.87 0.41 6.16
N LYS A 107 -15.63 0.07 7.20
CA LYS A 107 -16.75 0.90 7.63
C LYS A 107 -16.24 2.24 8.16
N ASN A 108 -14.92 2.44 8.10
CA ASN A 108 -14.32 3.69 8.58
C ASN A 108 -13.58 4.40 7.44
N LEU A 109 -12.87 3.64 6.62
CA LEU A 109 -12.11 4.21 5.52
C LEU A 109 -13.02 4.87 4.48
N PHE A 110 -14.12 4.19 4.13
CA PHE A 110 -15.04 4.73 3.12
C PHE A 110 -16.18 5.51 3.76
N VAL A 111 -17.04 4.79 4.48
CA VAL A 111 -18.19 5.44 5.14
C VAL A 111 -17.76 6.73 5.84
N ASP A 112 -16.99 6.60 6.92
CA ASP A 112 -16.55 7.77 7.67
C ASP A 112 -15.54 8.61 6.88
N LYS A 113 -14.99 8.03 5.82
CA LYS A 113 -14.01 8.73 4.99
C LYS A 113 -12.81 9.15 5.84
N ASN A 114 -12.81 8.77 7.11
CA ASN A 114 -11.72 9.11 8.02
C ASN A 114 -11.66 8.12 9.18
N MET A 115 -10.51 7.49 9.35
CA MET A 115 -10.32 6.51 10.43
C MET A 115 -9.59 7.16 11.61
N LYS A 116 -9.42 6.39 12.68
CA LYS A 116 -8.73 6.90 13.86
C LYS A 116 -7.35 7.45 13.47
N TYR A 117 -7.30 8.75 13.22
CA TYR A 117 -6.05 9.40 12.84
C TYR A 117 -5.25 9.79 14.08
N ILE A 118 -3.97 10.08 13.89
CA ILE A 118 -3.09 10.47 15.00
C ILE A 118 -2.58 11.91 14.79
N PRO A 119 -3.36 12.90 15.16
CA PRO A 119 -2.95 14.33 15.01
C PRO A 119 -1.56 14.60 15.55
N THR A 120 -0.55 14.42 14.70
CA THR A 120 0.83 14.65 15.11
C THR A 120 1.22 16.11 14.87
N GLU A 121 0.89 16.98 15.82
CA GLU A 121 1.21 18.40 15.71
C GLU A 121 1.57 18.97 17.08
N ASP A 122 0.59 19.59 17.74
CA ASP A 122 0.81 20.19 19.06
C ASP A 122 -0.44 20.05 19.91
N VAL A 123 -0.34 19.27 20.99
CA VAL A 123 -1.46 19.06 21.89
C VAL A 123 -1.50 20.14 22.96
N SER A 124 -2.67 20.74 23.15
CA SER A 124 -2.83 21.79 24.14
C SER A 124 -2.61 21.24 25.55
N GLY A 125 -1.89 22.00 26.38
CA GLY A 125 -1.61 21.57 27.75
C GLY A 125 -2.64 22.14 28.71
N LEU A 126 -3.65 22.81 28.17
CA LEU A 126 -4.70 23.42 28.98
C LEU A 126 -5.97 22.56 28.93
N SER A 127 -6.53 22.28 30.11
CA SER A 127 -7.74 21.47 30.19
C SER A 127 -8.33 21.55 31.60
N LEU A 128 -7.49 21.88 32.57
CA LEU A 128 -7.94 22.00 33.96
C LEU A 128 -8.97 23.11 34.09
N GLU A 129 -8.74 24.21 33.40
CA GLU A 129 -9.65 25.35 33.45
C GLU A 129 -11.05 24.95 32.99
N GLU A 130 -11.10 23.97 32.08
CA GLU A 130 -12.39 23.51 31.57
C GLU A 130 -13.23 22.91 32.70
N GLN A 131 -12.58 22.17 33.60
CA GLN A 131 -13.28 21.55 34.73
C GLN A 131 -13.14 22.42 35.98
N LEU A 132 -14.21 22.49 36.75
CA LEU A 132 -14.22 23.29 37.97
C LEU A 132 -13.51 22.54 39.10
N GLY A 1 36.76 -22.84 -10.16
CA GLY A 1 35.86 -21.87 -10.85
C GLY A 1 35.07 -21.08 -9.81
N SER A 2 35.77 -20.23 -9.05
CA SER A 2 35.12 -19.42 -8.03
C SER A 2 34.16 -18.43 -8.67
N HIS A 3 33.03 -18.20 -7.99
CA HIS A 3 32.02 -17.26 -8.50
C HIS A 3 31.24 -16.64 -7.35
N MET A 4 30.53 -15.55 -7.63
CA MET A 4 29.75 -14.87 -6.62
C MET A 4 28.38 -15.52 -6.47
N LEU A 5 27.99 -15.79 -5.23
CA LEU A 5 26.70 -16.44 -4.96
C LEU A 5 25.61 -15.38 -4.75
N ASN A 6 26.01 -14.11 -4.81
CA ASN A 6 25.07 -13.00 -4.63
C ASN A 6 24.50 -12.55 -5.97
N ALA A 7 24.85 -13.30 -7.03
CA ALA A 7 24.35 -12.98 -8.36
C ALA A 7 22.85 -13.11 -8.43
N GLU A 8 22.20 -12.19 -9.15
CA GLU A 8 20.74 -12.22 -9.29
C GLU A 8 20.29 -11.18 -10.31
N ASP A 9 20.50 -9.90 -9.98
CA ASP A 9 20.10 -8.82 -10.88
C ASP A 9 20.97 -8.82 -12.13
N GLU A 10 22.02 -9.64 -12.12
CA GLU A 10 22.92 -9.73 -13.27
C GLU A 10 22.11 -9.83 -14.56
N LYS A 11 21.10 -10.70 -14.54
CA LYS A 11 20.23 -10.88 -15.69
C LYS A 11 18.86 -10.30 -15.40
N ARG A 12 18.84 -9.07 -14.89
CA ARG A 12 17.59 -8.40 -14.56
C ARG A 12 16.51 -8.70 -15.59
N GLU A 13 15.33 -9.04 -15.10
CA GLU A 13 14.21 -9.38 -15.98
C GLU A 13 12.88 -9.24 -15.27
N GLU A 14 11.83 -8.91 -16.03
CA GLU A 14 10.49 -8.76 -15.46
C GLU A 14 9.44 -9.35 -16.38
N GLU A 15 8.38 -9.91 -15.79
CA GLU A 15 7.31 -10.51 -16.57
C GLU A 15 6.28 -9.46 -16.98
N LYS A 16 5.52 -9.77 -18.02
CA LYS A 16 4.49 -8.84 -18.50
C LYS A 16 3.34 -8.74 -17.51
N GLU A 17 2.77 -7.54 -17.40
CA GLU A 17 1.65 -7.31 -16.49
C GLU A 17 0.64 -6.36 -17.11
N LYS A 18 -0.09 -6.85 -18.11
CA LYS A 18 -1.10 -6.04 -18.79
C LYS A 18 -2.51 -6.39 -18.30
N GLN A 19 -3.06 -5.57 -17.41
CA GLN A 19 -4.38 -5.80 -16.87
C GLN A 19 -5.12 -4.48 -16.65
N ALA A 20 -5.82 -4.01 -17.67
CA ALA A 20 -6.57 -2.76 -17.57
C ALA A 20 -8.05 -3.03 -17.31
N GLU A 21 -8.33 -3.85 -16.30
CA GLU A 21 -9.70 -4.18 -15.96
C GLU A 21 -10.48 -2.92 -15.60
N GLU A 22 -11.47 -3.06 -14.73
CA GLU A 22 -12.29 -1.92 -14.32
C GLU A 22 -11.39 -0.79 -13.83
N MET A 23 -11.64 0.42 -14.32
CA MET A 23 -10.85 1.58 -13.93
C MET A 23 -11.37 2.16 -12.61
N ALA A 24 -10.80 1.70 -11.50
CA ALA A 24 -11.21 2.18 -10.18
C ALA A 24 -10.39 3.41 -9.78
N SER A 25 -10.02 4.22 -10.76
CA SER A 25 -9.23 5.41 -10.50
C SER A 25 -9.78 6.17 -9.29
N ASP A 26 -11.11 6.14 -9.14
CA ASP A 26 -11.75 6.81 -8.02
C ASP A 26 -11.22 6.26 -6.70
N ASP A 27 -11.19 4.94 -6.57
CA ASP A 27 -10.70 4.31 -5.36
C ASP A 27 -9.22 4.58 -5.19
N LEU A 28 -8.50 4.67 -6.30
CA LEU A 28 -7.06 4.93 -6.24
C LEU A 28 -6.78 6.25 -5.54
N SER A 29 -7.58 7.27 -5.88
CA SER A 29 -7.41 8.58 -5.28
C SER A 29 -7.62 8.50 -3.76
N LEU A 30 -8.68 7.81 -3.37
CA LEU A 30 -8.98 7.66 -1.94
C LEU A 30 -7.88 6.87 -1.24
N ILE A 31 -7.41 5.81 -1.88
CA ILE A 31 -6.36 4.98 -1.30
C ILE A 31 -5.06 5.79 -1.19
N ARG A 32 -4.73 6.51 -2.25
CA ARG A 32 -3.51 7.32 -2.27
C ARG A 32 -3.53 8.38 -1.17
N LYS A 33 -4.66 9.06 -1.03
CA LYS A 33 -4.79 10.10 -0.02
C LYS A 33 -4.75 9.50 1.38
N ASN A 34 -5.30 8.30 1.54
CA ASN A 34 -5.34 7.63 2.84
C ASN A 34 -4.17 6.67 3.00
N ARG A 35 -3.25 6.66 2.04
CA ARG A 35 -2.09 5.77 2.10
C ARG A 35 -1.19 6.16 3.27
N MET A 36 -1.13 7.45 3.57
CA MET A 36 -0.28 7.95 4.65
C MET A 36 -0.78 7.43 5.99
N ALA A 37 -2.10 7.39 6.17
CA ALA A 37 -2.67 6.92 7.42
C ALA A 37 -2.21 5.50 7.71
N LEU A 38 -2.30 4.63 6.71
CA LEU A 38 -1.88 3.24 6.88
C LEU A 38 -0.38 3.18 7.18
N PHE A 39 0.41 3.94 6.42
CA PHE A 39 1.85 3.97 6.63
C PHE A 39 2.16 4.53 8.01
N GLN A 40 1.49 5.62 8.36
CA GLN A 40 1.69 6.24 9.65
C GLN A 40 1.11 5.38 10.76
N GLN A 41 0.00 4.70 10.46
CA GLN A 41 -0.68 3.83 11.42
C GLN A 41 -0.75 2.41 10.89
N LEU A 42 0.41 1.83 10.57
CA LEU A 42 0.44 0.46 10.05
C LEU A 42 0.23 -0.54 11.18
N THR A 43 -0.39 -1.67 10.84
CA THR A 43 -0.65 -2.72 11.83
C THR A 43 -0.69 -4.09 11.15
N CYS A 44 -1.70 -4.30 10.31
CA CYS A 44 -1.83 -5.57 9.60
C CYS A 44 -1.07 -5.53 8.28
N VAL A 45 0.14 -6.07 8.28
CA VAL A 45 0.98 -6.09 7.07
C VAL A 45 1.30 -7.54 6.69
N LEU A 46 1.01 -8.48 7.59
CA LEU A 46 1.28 -9.88 7.30
C LEU A 46 0.11 -10.51 6.53
N PRO A 47 -1.08 -10.57 7.10
CA PRO A 47 -2.26 -11.18 6.39
C PRO A 47 -2.53 -10.55 5.02
N ILE A 48 -2.33 -9.24 4.91
CA ILE A 48 -2.57 -8.55 3.64
C ILE A 48 -1.50 -8.95 2.62
N LEU A 49 -0.27 -9.05 3.11
CA LEU A 49 0.84 -9.45 2.25
C LEU A 49 0.61 -10.85 1.70
N ASP A 50 0.15 -11.75 2.57
CA ASP A 50 -0.10 -13.12 2.15
C ASP A 50 -1.20 -13.16 1.09
N ASN A 51 -2.26 -12.39 1.32
CA ASN A 51 -3.38 -12.36 0.36
C ASN A 51 -2.93 -11.85 -1.00
N LEU A 52 -2.14 -10.79 -1.01
CA LEU A 52 -1.65 -10.21 -2.25
C LEU A 52 -0.72 -11.20 -2.96
N LEU A 53 0.10 -11.89 -2.19
CA LEU A 53 1.03 -12.87 -2.75
C LEU A 53 0.29 -13.91 -3.57
N LYS A 54 -0.96 -14.17 -3.19
CA LYS A 54 -1.77 -15.16 -3.91
C LYS A 54 -1.94 -14.74 -5.37
N ALA A 55 -2.19 -13.45 -5.59
CA ALA A 55 -2.38 -12.93 -6.95
C ALA A 55 -1.96 -11.47 -7.03
N ASN A 56 -0.71 -11.24 -7.46
CA ASN A 56 -0.19 -9.87 -7.59
C ASN A 56 0.97 -9.83 -8.58
N VAL A 57 1.59 -8.67 -8.68
CA VAL A 57 2.72 -8.49 -9.60
C VAL A 57 3.98 -9.11 -9.01
N ILE A 58 4.09 -9.09 -7.69
CA ILE A 58 5.24 -9.66 -7.02
C ILE A 58 5.13 -11.18 -6.92
N ASN A 59 6.24 -11.86 -7.16
CA ASN A 59 6.26 -13.33 -7.11
C ASN A 59 7.02 -13.78 -5.87
N LYS A 60 7.52 -15.01 -5.92
CA LYS A 60 8.27 -15.55 -4.79
C LYS A 60 9.65 -14.94 -4.72
N GLN A 61 10.01 -14.14 -5.73
CA GLN A 61 11.32 -13.50 -5.77
C GLN A 61 11.33 -12.21 -4.95
N GLU A 62 10.54 -11.23 -5.38
CA GLU A 62 10.47 -9.95 -4.67
C GLU A 62 9.92 -10.15 -3.26
N HIS A 63 8.94 -11.02 -3.12
CA HIS A 63 8.35 -11.30 -1.82
C HIS A 63 9.42 -11.83 -0.86
N ASP A 64 10.33 -12.64 -1.39
CA ASP A 64 11.39 -13.22 -0.57
C ASP A 64 12.30 -12.13 0.01
N ILE A 65 12.61 -11.12 -0.79
CA ILE A 65 13.49 -10.04 -0.34
C ILE A 65 12.92 -9.35 0.89
N ILE A 66 11.65 -8.97 0.82
CA ILE A 66 11.00 -8.30 1.95
C ILE A 66 10.80 -9.29 3.09
N LYS A 67 10.44 -10.52 2.76
CA LYS A 67 10.24 -11.55 3.77
C LYS A 67 11.55 -11.82 4.50
N GLN A 68 12.65 -11.90 3.74
CA GLN A 68 13.96 -12.15 4.33
C GLN A 68 14.14 -11.39 5.63
N LYS A 69 14.68 -10.17 5.55
CA LYS A 69 14.91 -9.35 6.75
C LYS A 69 14.58 -7.89 6.48
N THR A 70 13.31 -7.54 6.58
CA THR A 70 12.85 -6.16 6.36
C THR A 70 12.03 -5.68 7.55
N GLN A 71 12.37 -4.50 8.07
CA GLN A 71 11.67 -3.95 9.22
C GLN A 71 10.17 -3.80 8.91
N ILE A 72 9.33 -4.10 9.89
CA ILE A 72 7.88 -4.00 9.70
C ILE A 72 7.52 -2.67 8.99
N PRO A 73 8.00 -1.53 9.45
CA PRO A 73 7.68 -0.22 8.80
C PRO A 73 7.89 -0.27 7.28
N LEU A 74 9.05 -0.76 6.87
CA LEU A 74 9.37 -0.86 5.46
C LEU A 74 8.44 -1.85 4.76
N GLN A 75 8.15 -2.95 5.43
CA GLN A 75 7.28 -3.96 4.85
C GLN A 75 6.03 -3.30 4.28
N ALA A 76 5.41 -2.41 5.06
CA ALA A 76 4.22 -1.70 4.62
C ALA A 76 4.56 -0.78 3.46
N ARG A 77 5.73 -0.15 3.54
CA ARG A 77 6.16 0.77 2.49
C ARG A 77 6.27 0.05 1.15
N GLU A 78 6.89 -1.12 1.17
CA GLU A 78 7.03 -1.90 -0.07
C GLU A 78 5.65 -2.27 -0.60
N LEU A 79 4.76 -2.64 0.31
CA LEU A 79 3.41 -3.03 -0.08
C LEU A 79 2.71 -1.87 -0.77
N ILE A 80 2.81 -0.67 -0.22
CA ILE A 80 2.16 0.49 -0.80
C ILE A 80 2.66 0.71 -2.23
N ASP A 81 3.96 0.55 -2.42
CA ASP A 81 4.56 0.73 -3.74
C ASP A 81 3.94 -0.25 -4.75
N THR A 82 3.63 -1.46 -4.30
CA THR A 82 3.03 -2.47 -5.17
C THR A 82 1.63 -2.04 -5.59
N ILE A 83 0.93 -1.32 -4.71
CA ILE A 83 -0.42 -0.85 -5.02
C ILE A 83 -0.38 0.14 -6.17
N LEU A 84 0.60 1.03 -6.15
CA LEU A 84 0.74 2.03 -7.20
C LEU A 84 0.93 1.38 -8.57
N VAL A 85 1.78 0.36 -8.63
CA VAL A 85 2.03 -0.32 -9.90
C VAL A 85 0.75 -0.93 -10.46
N LYS A 86 0.07 -1.70 -9.63
CA LYS A 86 -1.18 -2.35 -10.03
C LYS A 86 -2.30 -1.32 -10.20
N GLY A 87 -2.39 -0.39 -9.27
CA GLY A 87 -3.40 0.65 -9.32
C GLY A 87 -4.80 0.12 -8.99
N ASN A 88 -5.77 0.39 -9.86
CA ASN A 88 -7.14 -0.05 -9.64
C ASN A 88 -7.20 -1.56 -9.54
N ALA A 89 -6.43 -2.24 -10.37
CA ALA A 89 -6.42 -3.69 -10.35
C ALA A 89 -6.16 -4.21 -8.95
N ALA A 90 -5.56 -3.36 -8.10
CA ALA A 90 -5.28 -3.74 -6.72
C ALA A 90 -6.32 -3.16 -5.78
N ALA A 91 -7.14 -2.25 -6.28
CA ALA A 91 -8.17 -1.64 -5.45
C ALA A 91 -9.11 -2.72 -4.93
N ASN A 92 -9.42 -3.70 -5.76
CA ASN A 92 -10.31 -4.78 -5.34
C ASN A 92 -9.64 -5.63 -4.27
N ILE A 93 -8.40 -6.03 -4.49
CA ILE A 93 -7.68 -6.85 -3.51
C ILE A 93 -7.46 -6.08 -2.22
N PHE A 94 -7.03 -4.84 -2.34
CA PHE A 94 -6.78 -4.01 -1.17
C PHE A 94 -8.05 -3.89 -0.35
N LYS A 95 -9.15 -3.59 -1.04
CA LYS A 95 -10.44 -3.46 -0.37
C LYS A 95 -10.91 -4.80 0.20
N ASN A 96 -10.73 -5.86 -0.58
CA ASN A 96 -11.13 -7.19 -0.15
C ASN A 96 -10.35 -7.61 1.09
N CYS A 97 -9.06 -7.30 1.10
CA CYS A 97 -8.20 -7.64 2.24
C CYS A 97 -8.60 -6.86 3.49
N LEU A 98 -8.67 -5.53 3.35
CA LEU A 98 -9.03 -4.67 4.47
C LEU A 98 -10.45 -4.95 4.96
N LYS A 99 -11.37 -5.15 4.04
CA LYS A 99 -12.75 -5.41 4.40
C LYS A 99 -12.85 -6.70 5.21
N GLU A 100 -12.14 -7.74 4.78
CA GLU A 100 -12.17 -9.02 5.48
C GLU A 100 -11.29 -8.97 6.72
N ILE A 101 -10.07 -8.50 6.58
CA ILE A 101 -9.15 -8.42 7.71
C ILE A 101 -9.68 -7.47 8.76
N ASP A 102 -10.18 -6.32 8.31
CA ASP A 102 -10.73 -5.32 9.23
C ASP A 102 -11.91 -4.61 8.58
N SER A 103 -13.09 -5.19 8.71
CA SER A 103 -14.30 -4.61 8.15
C SER A 103 -14.52 -3.20 8.68
N THR A 104 -14.19 -3.00 9.95
CA THR A 104 -14.35 -1.70 10.58
C THR A 104 -13.58 -0.64 9.81
N LEU A 105 -12.39 -0.98 9.34
CA LEU A 105 -11.56 -0.04 8.61
C LEU A 105 -12.32 0.43 7.37
N TYR A 106 -12.91 -0.51 6.64
CA TYR A 106 -13.67 -0.16 5.45
C TYR A 106 -14.85 0.72 5.81
N LYS A 107 -15.58 0.32 6.85
CA LYS A 107 -16.74 1.07 7.30
C LYS A 107 -16.31 2.42 7.88
N ASN A 108 -15.00 2.63 7.98
CA ASN A 108 -14.45 3.88 8.52
C ASN A 108 -13.63 4.60 7.46
N LEU A 109 -13.40 3.94 6.33
CA LEU A 109 -12.61 4.53 5.24
C LEU A 109 -13.51 5.27 4.25
N PHE A 110 -14.15 4.50 3.36
CA PHE A 110 -15.01 5.09 2.34
C PHE A 110 -16.25 5.73 2.96
N VAL A 111 -16.77 5.13 4.03
CA VAL A 111 -17.95 5.66 4.68
C VAL A 111 -17.63 6.89 5.54
N ASP A 112 -16.99 6.69 6.67
CA ASP A 112 -16.65 7.78 7.58
C ASP A 112 -15.69 8.78 6.93
N LYS A 113 -14.67 8.27 6.24
CA LYS A 113 -13.68 9.14 5.61
C LYS A 113 -13.04 10.06 6.63
N ASN A 114 -12.46 9.47 7.67
CA ASN A 114 -11.79 10.25 8.72
C ASN A 114 -10.63 9.47 9.32
N MET A 115 -9.41 9.84 8.94
CA MET A 115 -8.22 9.17 9.45
C MET A 115 -7.56 10.00 10.55
N LYS A 116 -6.78 9.34 11.40
CA LYS A 116 -6.10 10.02 12.50
C LYS A 116 -4.93 10.85 11.98
N TYR A 117 -4.70 11.99 12.63
CA TYR A 117 -3.61 12.86 12.22
C TYR A 117 -2.27 12.34 12.73
N ILE A 118 -2.23 11.92 13.99
CA ILE A 118 -0.97 11.43 14.57
C ILE A 118 -0.96 9.90 14.69
N PRO A 119 0.20 9.27 14.66
CA PRO A 119 0.30 7.79 14.78
C PRO A 119 -0.38 7.28 16.06
N THR A 120 -0.18 8.01 17.16
CA THR A 120 -0.76 7.61 18.44
C THR A 120 -0.45 8.62 19.53
N GLU A 121 -1.04 8.41 20.71
CA GLU A 121 -0.80 9.30 21.85
C GLU A 121 -0.65 8.48 23.13
N ASP A 122 0.53 7.88 23.30
CA ASP A 122 0.80 7.08 24.48
C ASP A 122 2.30 6.89 24.67
N VAL A 123 2.67 5.96 25.55
CA VAL A 123 4.10 5.68 25.82
C VAL A 123 4.48 4.33 25.20
N SER A 124 5.59 4.32 24.46
CA SER A 124 6.08 3.11 23.83
C SER A 124 6.42 2.06 24.88
N GLY A 125 7.09 2.50 25.94
CA GLY A 125 7.48 1.59 27.01
C GLY A 125 8.66 0.73 26.61
N LEU A 126 9.41 1.18 25.60
CA LEU A 126 10.57 0.45 25.11
C LEU A 126 11.87 1.12 25.55
N SER A 127 12.78 0.35 26.13
CA SER A 127 14.06 0.88 26.59
C SER A 127 15.18 -0.12 26.35
N LEU A 128 15.84 0.00 25.20
CA LEU A 128 16.93 -0.90 24.85
C LEU A 128 18.24 -0.38 25.41
N GLU A 129 18.20 0.85 25.95
CA GLU A 129 19.40 1.46 26.52
C GLU A 129 19.86 0.68 27.75
N GLU A 130 18.90 0.28 28.59
CA GLU A 130 19.24 -0.46 29.79
C GLU A 130 19.89 -1.79 29.43
N GLN A 131 20.89 -2.19 30.22
CA GLN A 131 21.60 -3.45 29.98
C GLN A 131 21.91 -4.14 31.30
N LEU A 132 22.64 -5.25 31.22
CA LEU A 132 23.01 -6.01 32.42
C LEU A 132 24.24 -6.87 32.15
N GLY A 1 34.94 -8.30 -30.64
CA GLY A 1 34.83 -8.76 -32.06
C GLY A 1 34.34 -10.20 -32.08
N SER A 2 33.10 -10.41 -31.66
CA SER A 2 32.52 -11.75 -31.64
C SER A 2 32.14 -12.19 -33.04
N HIS A 3 31.99 -13.50 -33.22
CA HIS A 3 31.62 -14.05 -34.53
C HIS A 3 30.73 -15.28 -34.36
N MET A 4 30.25 -15.50 -33.15
CA MET A 4 29.39 -16.64 -32.87
C MET A 4 27.95 -16.32 -33.24
N LEU A 5 27.24 -17.32 -33.78
CA LEU A 5 25.85 -17.13 -34.19
C LEU A 5 24.92 -17.92 -33.26
N ASN A 6 23.98 -17.21 -32.63
CA ASN A 6 23.03 -17.85 -31.71
C ASN A 6 21.61 -17.38 -32.01
N ALA A 7 20.90 -18.16 -32.81
CA ALA A 7 19.53 -17.81 -33.18
C ALA A 7 18.58 -18.11 -32.02
N GLU A 8 19.06 -18.86 -31.04
CA GLU A 8 18.24 -19.21 -29.88
C GLU A 8 17.83 -17.95 -29.13
N ASP A 9 18.79 -17.07 -28.88
CA ASP A 9 18.52 -15.82 -28.17
C ASP A 9 18.34 -14.69 -29.16
N GLU A 10 17.11 -14.53 -29.64
CA GLU A 10 16.81 -13.47 -30.59
C GLU A 10 15.31 -13.29 -30.73
N LYS A 11 14.63 -14.35 -31.18
CA LYS A 11 13.18 -14.31 -31.34
C LYS A 11 12.49 -14.70 -30.04
N ARG A 12 13.27 -15.23 -29.10
CA ARG A 12 12.71 -15.64 -27.81
C ARG A 12 12.11 -14.45 -27.08
N GLU A 13 12.83 -13.33 -27.09
CA GLU A 13 12.36 -12.12 -26.42
C GLU A 13 11.12 -11.58 -27.13
N GLU A 14 10.11 -11.22 -26.35
CA GLU A 14 8.86 -10.69 -26.91
C GLU A 14 8.36 -9.52 -26.08
N GLU A 15 7.67 -8.59 -26.72
CA GLU A 15 7.12 -7.43 -26.03
C GLU A 15 6.00 -7.83 -25.09
N LYS A 16 5.36 -6.84 -24.47
CA LYS A 16 4.25 -7.09 -23.54
C LYS A 16 3.10 -6.15 -23.83
N GLU A 17 1.88 -6.61 -23.56
CA GLU A 17 0.67 -5.82 -23.79
C GLU A 17 -0.24 -5.85 -22.56
N LYS A 18 -0.93 -4.73 -22.31
CA LYS A 18 -1.82 -4.63 -21.16
C LYS A 18 -3.05 -3.79 -21.52
N GLN A 19 -4.14 -3.98 -20.77
CA GLN A 19 -5.37 -3.23 -21.00
C GLN A 19 -5.89 -2.64 -19.70
N ALA A 20 -6.53 -1.48 -19.79
CA ALA A 20 -7.07 -0.81 -18.61
C ALA A 20 -8.43 -1.39 -18.25
N GLU A 21 -8.41 -2.51 -17.54
CA GLU A 21 -9.66 -3.16 -17.13
C GLU A 21 -10.42 -2.28 -16.14
N GLU A 22 -9.68 -1.63 -15.24
CA GLU A 22 -10.29 -0.75 -14.24
C GLU A 22 -9.63 0.63 -14.28
N MET A 23 -10.39 1.64 -14.67
CA MET A 23 -9.88 3.00 -14.75
C MET A 23 -9.88 3.66 -13.38
N ALA A 24 -8.85 4.46 -13.11
CA ALA A 24 -8.73 5.14 -11.82
C ALA A 24 -10.08 5.65 -11.35
N SER A 25 -10.74 4.87 -10.51
CA SER A 25 -12.05 5.23 -9.97
C SER A 25 -11.87 6.15 -8.76
N ASP A 26 -12.98 6.62 -8.20
CA ASP A 26 -12.92 7.49 -7.03
C ASP A 26 -12.26 6.76 -5.87
N ASP A 27 -12.41 5.45 -5.84
CA ASP A 27 -11.84 4.64 -4.77
C ASP A 27 -10.32 4.77 -4.77
N LEU A 28 -9.73 4.88 -5.96
CA LEU A 28 -8.28 5.00 -6.07
C LEU A 28 -7.79 6.26 -5.37
N SER A 29 -8.51 7.36 -5.55
CA SER A 29 -8.13 8.62 -4.93
C SER A 29 -8.17 8.49 -3.41
N LEU A 30 -9.18 7.79 -2.90
CA LEU A 30 -9.32 7.60 -1.46
C LEU A 30 -8.13 6.79 -0.92
N ILE A 31 -7.72 5.76 -1.66
CA ILE A 31 -6.60 4.93 -1.24
C ILE A 31 -5.31 5.77 -1.19
N ARG A 32 -5.11 6.59 -2.20
CA ARG A 32 -3.91 7.43 -2.27
C ARG A 32 -3.85 8.37 -1.07
N LYS A 33 -4.98 9.00 -0.75
CA LYS A 33 -5.04 9.92 0.38
C LYS A 33 -4.79 9.20 1.70
N ASN A 34 -5.34 7.99 1.82
CA ASN A 34 -5.19 7.20 3.03
C ASN A 34 -3.91 6.36 2.97
N ARG A 35 -3.11 6.62 1.95
CA ARG A 35 -1.85 5.89 1.79
C ARG A 35 -0.90 6.17 2.95
N MET A 36 -0.79 7.45 3.32
CA MET A 36 0.10 7.83 4.41
C MET A 36 -0.39 7.27 5.74
N ALA A 37 -1.70 7.32 5.96
CA ALA A 37 -2.28 6.81 7.19
C ALA A 37 -1.93 5.34 7.38
N LEU A 38 -2.08 4.58 6.31
CA LEU A 38 -1.78 3.15 6.37
C LEU A 38 -0.30 2.94 6.69
N PHE A 39 0.56 3.70 6.02
CA PHE A 39 2.00 3.59 6.26
C PHE A 39 2.31 4.02 7.70
N GLN A 40 1.73 5.14 8.12
CA GLN A 40 1.95 5.64 9.47
C GLN A 40 1.35 4.69 10.50
N GLN A 41 0.17 4.16 10.18
CA GLN A 41 -0.53 3.25 11.09
C GLN A 41 -0.33 1.81 10.63
N LEU A 42 0.93 1.44 10.40
CA LEU A 42 1.25 0.09 9.96
C LEU A 42 1.06 -0.90 11.10
N THR A 43 0.28 -1.95 10.85
CA THR A 43 0.02 -2.96 11.88
C THR A 43 -0.21 -4.32 11.22
N CYS A 44 -1.29 -4.42 10.45
CA CYS A 44 -1.63 -5.67 9.76
C CYS A 44 -0.92 -5.74 8.42
N VAL A 45 0.35 -6.14 8.44
CA VAL A 45 1.15 -6.25 7.21
C VAL A 45 1.31 -7.72 6.81
N LEU A 46 1.01 -8.61 7.73
CA LEU A 46 1.12 -10.05 7.49
C LEU A 46 -0.05 -10.56 6.63
N PRO A 47 -1.27 -10.49 7.13
CA PRO A 47 -2.46 -10.98 6.36
C PRO A 47 -2.61 -10.27 5.02
N ILE A 48 -2.30 -8.99 4.99
CA ILE A 48 -2.42 -8.23 3.74
C ILE A 48 -1.35 -8.68 2.75
N LEU A 49 -0.14 -8.87 3.24
CA LEU A 49 0.96 -9.30 2.38
C LEU A 49 0.65 -10.66 1.77
N ASP A 50 0.09 -11.55 2.57
CA ASP A 50 -0.25 -12.88 2.10
C ASP A 50 -1.31 -12.80 0.99
N ASN A 51 -2.25 -11.87 1.12
CA ASN A 51 -3.30 -11.72 0.12
C ASN A 51 -2.72 -11.37 -1.25
N LEU A 52 -1.83 -10.40 -1.28
CA LEU A 52 -1.19 -9.99 -2.54
C LEU A 52 -0.38 -11.13 -3.12
N LEU A 53 0.31 -11.86 -2.25
CA LEU A 53 1.13 -12.99 -2.68
C LEU A 53 0.30 -13.98 -3.48
N LYS A 54 -0.99 -14.03 -3.20
CA LYS A 54 -1.88 -14.95 -3.90
C LYS A 54 -1.87 -14.65 -5.40
N ALA A 55 -1.94 -13.37 -5.75
CA ALA A 55 -1.95 -12.97 -7.16
C ALA A 55 -1.36 -11.57 -7.31
N ASN A 56 -0.07 -11.51 -7.66
CA ASN A 56 0.61 -10.23 -7.84
C ASN A 56 1.86 -10.40 -8.70
N VAL A 57 2.62 -9.32 -8.83
CA VAL A 57 3.85 -9.36 -9.63
C VAL A 57 4.96 -10.06 -8.84
N ILE A 58 4.89 -9.97 -7.52
CA ILE A 58 5.89 -10.60 -6.67
C ILE A 58 5.55 -12.06 -6.44
N ASN A 59 6.52 -12.82 -5.94
CA ASN A 59 6.31 -14.25 -5.69
C ASN A 59 7.12 -14.69 -4.48
N LYS A 60 6.98 -15.96 -4.11
CA LYS A 60 7.71 -16.50 -2.97
C LYS A 60 9.18 -16.09 -3.03
N GLN A 61 9.64 -15.74 -4.22
CA GLN A 61 11.03 -15.33 -4.40
C GLN A 61 11.23 -13.88 -3.95
N GLU A 62 10.54 -12.96 -4.62
CA GLU A 62 10.66 -11.54 -4.29
C GLU A 62 10.09 -11.28 -2.90
N HIS A 63 9.03 -11.99 -2.55
CA HIS A 63 8.41 -11.83 -1.24
C HIS A 63 9.40 -12.17 -0.13
N ASP A 64 10.27 -13.14 -0.39
CA ASP A 64 11.26 -13.54 0.60
C ASP A 64 12.39 -12.52 0.71
N ILE A 65 12.76 -11.91 -0.42
CA ILE A 65 13.83 -10.92 -0.43
C ILE A 65 13.47 -9.71 0.42
N ILE A 66 12.23 -9.23 0.28
CA ILE A 66 11.79 -8.08 1.05
C ILE A 66 11.79 -8.40 2.55
N LYS A 67 11.32 -9.58 2.90
CA LYS A 67 11.28 -9.98 4.29
C LYS A 67 12.69 -10.00 4.89
N GLN A 68 13.64 -10.55 4.13
CA GLN A 68 15.02 -10.62 4.60
C GLN A 68 15.67 -9.25 4.62
N LYS A 69 15.39 -8.45 3.60
CA LYS A 69 15.96 -7.10 3.50
C LYS A 69 15.08 -6.09 4.23
N THR A 70 13.87 -5.88 3.71
CA THR A 70 12.95 -4.93 4.32
C THR A 70 12.25 -5.55 5.53
N GLN A 71 12.23 -4.81 6.64
CA GLN A 71 11.60 -5.29 7.86
C GLN A 71 10.13 -4.86 7.91
N ILE A 72 9.43 -5.29 8.96
CA ILE A 72 8.02 -4.95 9.13
C ILE A 72 7.72 -3.50 8.65
N PRO A 73 8.38 -2.49 9.21
CA PRO A 73 8.13 -1.07 8.79
C PRO A 73 8.36 -0.84 7.30
N LEU A 74 9.28 -1.60 6.71
CA LEU A 74 9.60 -1.45 5.29
C LEU A 74 8.79 -2.46 4.46
N GLN A 75 8.29 -3.50 5.10
CA GLN A 75 7.49 -4.49 4.40
C GLN A 75 6.24 -3.82 3.83
N ALA A 76 5.63 -2.98 4.64
CA ALA A 76 4.43 -2.27 4.21
C ALA A 76 4.78 -1.25 3.13
N ARG A 77 5.95 -0.62 3.28
CA ARG A 77 6.39 0.39 2.31
C ARG A 77 6.50 -0.21 0.92
N GLU A 78 7.10 -1.39 0.84
CA GLU A 78 7.25 -2.05 -0.45
C GLU A 78 5.87 -2.40 -1.02
N LEU A 79 4.98 -2.89 -0.16
CA LEU A 79 3.65 -3.26 -0.59
C LEU A 79 2.91 -2.04 -1.13
N ILE A 80 3.04 -0.91 -0.45
CA ILE A 80 2.37 0.31 -0.90
C ILE A 80 2.84 0.69 -2.29
N ASP A 81 4.14 0.55 -2.54
CA ASP A 81 4.69 0.87 -3.84
C ASP A 81 4.04 0.01 -4.93
N THR A 82 3.77 -1.25 -4.61
CA THR A 82 3.15 -2.16 -5.57
C THR A 82 1.73 -1.69 -5.90
N ILE A 83 1.06 -1.07 -4.93
CA ILE A 83 -0.30 -0.57 -5.14
C ILE A 83 -0.30 0.54 -6.18
N LEU A 84 0.69 1.42 -6.09
CA LEU A 84 0.77 2.53 -7.04
C LEU A 84 0.93 2.01 -8.47
N VAL A 85 1.81 1.03 -8.65
CA VAL A 85 2.04 0.47 -9.97
C VAL A 85 0.78 -0.21 -10.50
N LYS A 86 0.17 -1.04 -9.67
CA LYS A 86 -1.06 -1.73 -10.05
C LYS A 86 -2.21 -0.75 -10.24
N GLY A 87 -2.32 0.20 -9.31
CA GLY A 87 -3.37 1.20 -9.38
C GLY A 87 -4.73 0.61 -9.06
N ASN A 88 -5.75 1.05 -9.79
CA ASN A 88 -7.12 0.57 -9.56
C ASN A 88 -7.16 -0.94 -9.61
N ALA A 89 -6.34 -1.54 -10.46
CA ALA A 89 -6.30 -2.98 -10.59
C ALA A 89 -6.03 -3.63 -9.23
N ALA A 90 -5.39 -2.89 -8.32
CA ALA A 90 -5.09 -3.41 -6.99
C ALA A 90 -6.11 -2.89 -5.97
N ALA A 91 -6.94 -1.94 -6.38
CA ALA A 91 -7.93 -1.38 -5.47
C ALA A 91 -8.89 -2.47 -4.98
N ASN A 92 -9.27 -3.36 -5.88
CA ASN A 92 -10.20 -4.44 -5.51
C ASN A 92 -9.55 -5.39 -4.50
N ILE A 93 -8.32 -5.81 -4.79
CA ILE A 93 -7.61 -6.72 -3.90
C ILE A 93 -7.32 -6.04 -2.57
N PHE A 94 -6.85 -4.79 -2.63
CA PHE A 94 -6.53 -4.04 -1.43
C PHE A 94 -7.79 -3.85 -0.59
N LYS A 95 -8.87 -3.45 -1.25
CA LYS A 95 -10.14 -3.23 -0.56
C LYS A 95 -10.65 -4.55 0.02
N ASN A 96 -10.50 -5.62 -0.75
CA ASN A 96 -10.95 -6.94 -0.29
C ASN A 96 -10.20 -7.34 0.98
N CYS A 97 -8.90 -7.07 1.01
CA CYS A 97 -8.07 -7.40 2.17
C CYS A 97 -8.47 -6.57 3.37
N LEU A 98 -8.74 -5.28 3.14
CA LEU A 98 -9.13 -4.38 4.21
C LEU A 98 -10.45 -4.84 4.83
N LYS A 99 -11.36 -5.28 3.97
CA LYS A 99 -12.66 -5.74 4.44
C LYS A 99 -12.49 -6.94 5.37
N GLU A 100 -11.64 -7.88 4.98
CA GLU A 100 -11.39 -9.07 5.79
C GLU A 100 -10.53 -8.73 7.01
N ILE A 101 -9.45 -8.00 6.77
CA ILE A 101 -8.55 -7.62 7.85
C ILE A 101 -9.27 -6.71 8.86
N ASP A 102 -10.03 -5.76 8.35
CA ASP A 102 -10.77 -4.83 9.20
C ASP A 102 -12.05 -4.37 8.52
N SER A 103 -13.11 -5.15 8.68
CA SER A 103 -14.40 -4.80 8.08
C SER A 103 -14.87 -3.45 8.60
N THR A 104 -14.62 -3.21 9.89
CA THR A 104 -15.02 -1.95 10.51
C THR A 104 -14.36 -0.76 9.80
N LEU A 105 -13.09 -0.91 9.45
CA LEU A 105 -12.37 0.17 8.77
C LEU A 105 -13.07 0.52 7.46
N TYR A 106 -13.51 -0.49 6.73
CA TYR A 106 -14.20 -0.26 5.47
C TYR A 106 -15.48 0.54 5.71
N LYS A 107 -16.22 0.15 6.73
CA LYS A 107 -17.46 0.83 7.05
C LYS A 107 -17.20 2.27 7.50
N ASN A 108 -15.92 2.61 7.69
CA ASN A 108 -15.54 3.97 8.11
C ASN A 108 -14.61 4.62 7.09
N LEU A 109 -14.22 3.85 6.07
CA LEU A 109 -13.30 4.36 5.05
C LEU A 109 -14.06 4.98 3.87
N PHE A 110 -15.03 4.25 3.33
CA PHE A 110 -15.80 4.72 2.18
C PHE A 110 -17.17 5.24 2.59
N VAL A 111 -17.85 4.51 3.47
CA VAL A 111 -19.19 4.90 3.90
C VAL A 111 -19.16 6.25 4.63
N ASP A 112 -18.66 6.24 5.86
CA ASP A 112 -18.59 7.45 6.66
C ASP A 112 -17.55 8.42 6.10
N LYS A 113 -16.56 7.87 5.40
CA LYS A 113 -15.49 8.69 4.82
C LYS A 113 -14.80 9.50 5.91
N ASN A 114 -14.70 8.92 7.10
CA ASN A 114 -14.06 9.61 8.22
C ASN A 114 -12.54 9.49 8.11
N MET A 115 -11.90 10.57 7.69
CA MET A 115 -10.45 10.59 7.54
C MET A 115 -9.80 11.20 8.78
N LYS A 116 -9.05 10.38 9.51
CA LYS A 116 -8.36 10.83 10.72
C LYS A 116 -7.04 10.11 10.89
N TYR A 117 -6.12 10.74 11.61
CA TYR A 117 -4.79 10.14 11.85
C TYR A 117 -4.74 9.57 13.26
N ILE A 118 -4.27 8.32 13.38
CA ILE A 118 -4.17 7.65 14.68
C ILE A 118 -2.71 7.36 15.02
N PRO A 119 -2.03 8.26 15.71
CA PRO A 119 -0.60 8.06 16.10
C PRO A 119 -0.39 6.75 16.85
N THR A 120 0.69 6.05 16.50
CA THR A 120 1.03 4.78 17.14
C THR A 120 2.30 4.91 17.96
N GLU A 121 2.25 4.45 19.21
CA GLU A 121 3.40 4.53 20.10
C GLU A 121 4.55 3.69 19.55
N ASP A 122 5.70 4.32 19.38
CA ASP A 122 6.87 3.62 18.86
C ASP A 122 7.30 2.49 19.80
N VAL A 123 7.30 2.78 21.11
CA VAL A 123 7.68 1.79 22.11
C VAL A 123 6.65 1.71 23.21
N SER A 124 6.25 0.49 23.56
CA SER A 124 5.25 0.27 24.61
C SER A 124 5.39 -1.13 25.20
N GLY A 125 5.27 -1.22 26.52
CA GLY A 125 5.37 -2.51 27.19
C GLY A 125 6.67 -3.22 26.83
N LEU A 126 7.75 -2.45 26.68
CA LEU A 126 9.05 -3.00 26.32
C LEU A 126 9.96 -3.05 27.54
N SER A 127 10.56 -4.21 27.79
CA SER A 127 11.45 -4.38 28.93
C SER A 127 12.14 -5.74 28.87
N LEU A 128 12.72 -6.06 27.71
CA LEU A 128 13.41 -7.34 27.53
C LEU A 128 14.64 -7.41 28.44
N GLU A 129 15.34 -6.29 28.56
CA GLU A 129 16.54 -6.23 29.39
C GLU A 129 16.20 -6.52 30.85
N GLU A 130 15.05 -6.03 31.31
CA GLU A 130 14.63 -6.24 32.69
C GLU A 130 14.25 -7.70 32.90
N GLN A 131 14.92 -8.36 33.83
CA GLN A 131 14.65 -9.77 34.14
C GLN A 131 14.87 -10.05 35.61
N LEU A 132 13.83 -10.51 36.30
CA LEU A 132 13.92 -10.82 37.72
C LEU A 132 14.32 -12.28 37.92
N GLY A 1 -4.22 -29.27 -40.43
CA GLY A 1 -3.02 -30.04 -40.02
C GLY A 1 -2.86 -29.98 -38.50
N SER A 2 -1.66 -29.64 -38.05
CA SER A 2 -1.39 -29.54 -36.62
C SER A 2 -0.26 -28.55 -36.36
N HIS A 3 -0.29 -27.91 -35.20
CA HIS A 3 0.73 -26.94 -34.83
C HIS A 3 1.98 -27.65 -34.32
N MET A 4 3.14 -27.05 -34.57
CA MET A 4 4.41 -27.64 -34.14
C MET A 4 4.61 -27.40 -32.64
N LEU A 5 5.18 -28.39 -31.97
CA LEU A 5 5.43 -28.30 -30.54
C LEU A 5 6.62 -27.38 -30.28
N ASN A 6 6.51 -26.56 -29.23
CA ASN A 6 7.57 -25.63 -28.86
C ASN A 6 8.51 -26.27 -27.83
N ALA A 7 9.69 -25.66 -27.65
CA ALA A 7 10.66 -26.18 -26.70
C ALA A 7 10.11 -26.11 -25.28
N GLU A 8 9.42 -25.02 -24.96
CA GLU A 8 8.84 -24.84 -23.64
C GLU A 8 7.97 -23.57 -23.61
N ASP A 9 8.59 -22.44 -23.29
CA ASP A 9 7.87 -21.18 -23.22
C ASP A 9 8.84 -20.01 -23.06
N GLU A 10 9.65 -19.77 -24.08
CA GLU A 10 10.63 -18.68 -24.05
C GLU A 10 10.13 -17.50 -24.89
N LYS A 11 10.30 -17.61 -26.20
CA LYS A 11 9.87 -16.54 -27.10
C LYS A 11 8.35 -16.38 -27.06
N ARG A 12 7.66 -17.47 -26.76
CA ARG A 12 6.20 -17.45 -26.69
C ARG A 12 5.74 -16.47 -25.62
N GLU A 13 6.48 -16.39 -24.52
CA GLU A 13 6.13 -15.48 -23.44
C GLU A 13 6.06 -14.04 -23.93
N GLU A 14 5.08 -13.29 -23.43
CA GLU A 14 4.91 -11.89 -23.83
C GLU A 14 4.54 -11.03 -22.63
N GLU A 15 4.64 -9.71 -22.78
CA GLU A 15 4.31 -8.79 -21.70
C GLU A 15 2.81 -8.72 -21.49
N LYS A 16 2.41 -8.16 -20.36
CA LYS A 16 0.98 -8.05 -20.03
C LYS A 16 0.32 -7.01 -20.92
N GLU A 17 -0.98 -7.15 -21.13
CA GLU A 17 -1.74 -6.22 -21.96
C GLU A 17 -1.30 -4.78 -21.69
N LYS A 18 -1.68 -3.87 -22.59
CA LYS A 18 -1.32 -2.47 -22.45
C LYS A 18 -2.23 -1.80 -21.42
N GLN A 19 -1.74 -0.72 -20.82
CA GLN A 19 -2.51 0.01 -19.82
C GLN A 19 -3.82 0.50 -20.41
N ALA A 20 -4.88 0.45 -19.61
CA ALA A 20 -6.19 0.90 -20.06
C ALA A 20 -6.31 2.43 -19.95
N GLU A 21 -7.38 2.98 -20.51
CA GLU A 21 -7.58 4.42 -20.47
C GLU A 21 -7.83 4.88 -19.04
N GLU A 22 -9.10 4.86 -18.63
CA GLU A 22 -9.47 5.28 -17.29
C GLU A 22 -9.12 4.20 -16.27
N MET A 23 -7.89 4.23 -15.77
CA MET A 23 -7.43 3.25 -14.79
C MET A 23 -7.74 3.73 -13.37
N ALA A 24 -6.74 4.29 -12.71
CA ALA A 24 -6.92 4.79 -11.34
C ALA A 24 -8.27 5.48 -11.18
N SER A 25 -9.21 4.77 -10.56
CA SER A 25 -10.55 5.32 -10.35
C SER A 25 -10.58 6.21 -9.10
N ASP A 26 -11.78 6.54 -8.63
CA ASP A 26 -11.93 7.38 -7.45
C ASP A 26 -11.42 6.65 -6.22
N ASP A 27 -11.61 5.34 -6.17
CA ASP A 27 -11.15 4.55 -5.04
C ASP A 27 -9.64 4.65 -4.90
N LEU A 28 -8.95 4.74 -6.03
CA LEU A 28 -7.50 4.83 -6.02
C LEU A 28 -7.09 6.09 -5.27
N SER A 29 -7.78 7.19 -5.55
CA SER A 29 -7.47 8.44 -4.89
C SER A 29 -7.59 8.26 -3.38
N LEU A 30 -8.61 7.53 -2.96
CA LEU A 30 -8.82 7.28 -1.53
C LEU A 30 -7.63 6.50 -0.95
N ILE A 31 -7.18 5.48 -1.67
CA ILE A 31 -6.04 4.69 -1.22
C ILE A 31 -4.77 5.52 -1.21
N ARG A 32 -4.57 6.30 -2.28
CA ARG A 32 -3.39 7.14 -2.39
C ARG A 32 -3.37 8.16 -1.25
N LYS A 33 -4.50 8.79 -1.01
CA LYS A 33 -4.59 9.79 0.06
C LYS A 33 -4.50 9.12 1.43
N ASN A 34 -4.88 7.86 1.49
CA ASN A 34 -4.84 7.11 2.75
C ASN A 34 -3.48 6.44 2.93
N ARG A 35 -2.56 6.74 2.02
CA ARG A 35 -1.22 6.16 2.09
C ARG A 35 -0.58 6.43 3.45
N MET A 36 -0.83 7.61 4.02
CA MET A 36 -0.32 7.92 5.35
C MET A 36 -0.98 7.04 6.40
N ALA A 37 -2.31 6.91 6.31
CA ALA A 37 -3.04 6.11 7.28
C ALA A 37 -2.57 4.66 7.23
N LEU A 38 -2.38 4.14 6.03
CA LEU A 38 -1.92 2.76 5.88
C LEU A 38 -0.51 2.61 6.43
N PHE A 39 0.35 3.58 6.16
CA PHE A 39 1.72 3.55 6.64
C PHE A 39 1.76 3.80 8.15
N GLN A 40 0.70 4.42 8.66
CA GLN A 40 0.62 4.71 10.10
C GLN A 40 -0.19 3.65 10.82
N GLN A 41 -1.14 3.03 10.11
CA GLN A 41 -1.99 1.99 10.71
C GLN A 41 -1.64 0.63 10.11
N LEU A 42 -0.37 0.43 9.83
CA LEU A 42 0.08 -0.84 9.24
C LEU A 42 0.16 -1.93 10.32
N THR A 43 -0.93 -2.14 11.03
CA THR A 43 -0.97 -3.17 12.08
C THR A 43 -1.15 -4.54 11.47
N CYS A 44 -1.61 -4.58 10.21
CA CYS A 44 -1.82 -5.86 9.51
C CYS A 44 -1.16 -5.82 8.13
N VAL A 45 0.07 -6.33 8.05
CA VAL A 45 0.81 -6.36 6.78
C VAL A 45 0.91 -7.79 6.24
N LEU A 46 1.16 -8.74 7.13
CA LEU A 46 1.26 -10.14 6.73
C LEU A 46 -0.04 -10.64 6.10
N PRO A 47 -1.19 -10.27 6.63
CA PRO A 47 -2.50 -10.72 6.06
C PRO A 47 -2.74 -10.15 4.66
N ILE A 48 -2.59 -8.85 4.52
CA ILE A 48 -2.80 -8.20 3.23
C ILE A 48 -1.69 -8.61 2.26
N LEU A 49 -0.46 -8.70 2.77
CA LEU A 49 0.67 -9.09 1.93
C LEU A 49 0.45 -10.48 1.37
N ASP A 50 -0.06 -11.38 2.21
CA ASP A 50 -0.31 -12.75 1.78
C ASP A 50 -1.36 -12.77 0.67
N ASN A 51 -2.38 -11.94 0.79
CA ASN A 51 -3.44 -11.90 -0.21
C ASN A 51 -2.89 -11.45 -1.57
N LEU A 52 -2.05 -10.42 -1.55
CA LEU A 52 -1.45 -9.92 -2.78
C LEU A 52 -0.56 -10.98 -3.42
N LEU A 53 0.16 -11.71 -2.57
CA LEU A 53 1.06 -12.76 -3.05
C LEU A 53 0.28 -13.81 -3.84
N LYS A 54 -1.02 -13.88 -3.58
CA LYS A 54 -1.87 -14.87 -4.26
C LYS A 54 -1.79 -14.68 -5.78
N ALA A 55 -1.88 -13.43 -6.23
CA ALA A 55 -1.82 -13.14 -7.67
C ALA A 55 -1.23 -11.76 -7.91
N ASN A 56 0.07 -11.72 -8.21
CA ASN A 56 0.75 -10.45 -8.46
C ASN A 56 2.05 -10.69 -9.23
N VAL A 57 2.81 -9.61 -9.44
CA VAL A 57 4.08 -9.71 -10.15
C VAL A 57 5.17 -10.27 -9.24
N ILE A 58 4.99 -10.08 -7.94
CA ILE A 58 5.96 -10.57 -6.96
C ILE A 58 5.64 -12.02 -6.59
N ASN A 59 6.68 -12.83 -6.42
CA ASN A 59 6.52 -14.24 -6.07
C ASN A 59 7.22 -14.55 -4.76
N LYS A 60 7.53 -15.82 -4.55
CA LYS A 60 8.20 -16.23 -3.33
C LYS A 60 9.61 -15.65 -3.28
N GLN A 61 10.02 -15.01 -4.37
CA GLN A 61 11.35 -14.41 -4.44
C GLN A 61 11.36 -13.03 -3.78
N GLU A 62 10.74 -12.06 -4.44
CA GLU A 62 10.70 -10.69 -3.91
C GLU A 62 10.02 -10.67 -2.54
N HIS A 63 9.02 -11.51 -2.38
CA HIS A 63 8.30 -11.58 -1.11
C HIS A 63 9.26 -11.95 0.03
N ASP A 64 10.18 -12.86 -0.25
CA ASP A 64 11.15 -13.30 0.74
C ASP A 64 12.10 -12.16 1.14
N ILE A 65 12.46 -11.32 0.16
CA ILE A 65 13.37 -10.22 0.42
C ILE A 65 12.79 -9.25 1.43
N ILE A 66 11.52 -8.92 1.27
CA ILE A 66 10.85 -8.01 2.18
C ILE A 66 10.52 -8.71 3.49
N LYS A 67 10.76 -10.02 3.55
CA LYS A 67 10.49 -10.80 4.77
C LYS A 67 11.80 -11.34 5.36
N GLN A 68 12.86 -11.29 4.55
CA GLN A 68 14.15 -11.80 4.99
C GLN A 68 14.68 -10.98 6.17
N LYS A 69 15.07 -9.73 5.91
CA LYS A 69 15.60 -8.85 6.96
C LYS A 69 15.05 -7.43 6.82
N THR A 70 13.74 -7.33 6.63
CA THR A 70 13.08 -6.03 6.49
C THR A 70 11.97 -5.89 7.51
N GLN A 71 11.98 -4.78 8.25
CA GLN A 71 10.97 -4.54 9.27
C GLN A 71 9.57 -4.40 8.65
N ILE A 72 8.64 -3.78 9.38
CA ILE A 72 7.27 -3.62 8.88
C ILE A 72 7.11 -2.29 8.10
N PRO A 73 7.61 -1.19 8.62
CA PRO A 73 7.46 0.14 7.97
C PRO A 73 7.96 0.13 6.51
N LEU A 74 9.13 -0.46 6.29
CA LEU A 74 9.71 -0.56 4.96
C LEU A 74 8.91 -1.52 4.10
N GLN A 75 8.50 -2.66 4.69
CA GLN A 75 7.72 -3.64 3.96
C GLN A 75 6.39 -3.06 3.52
N ALA A 76 5.73 -2.35 4.43
CA ALA A 76 4.46 -1.73 4.12
C ALA A 76 4.63 -0.73 2.99
N ARG A 77 5.69 0.07 3.08
CA ARG A 77 5.95 1.06 2.06
C ARG A 77 6.23 0.39 0.72
N GLU A 78 7.01 -0.69 0.76
CA GLU A 78 7.34 -1.40 -0.45
C GLU A 78 6.08 -1.97 -1.09
N LEU A 79 5.19 -2.52 -0.26
CA LEU A 79 3.94 -3.10 -0.74
C LEU A 79 3.06 -2.04 -1.38
N ILE A 80 3.00 -0.86 -0.76
CA ILE A 80 2.19 0.23 -1.30
C ILE A 80 2.66 0.57 -2.71
N ASP A 81 3.96 0.57 -2.91
CA ASP A 81 4.51 0.88 -4.22
C ASP A 81 3.99 -0.12 -5.27
N THR A 82 3.81 -1.37 -4.86
CA THR A 82 3.31 -2.40 -5.77
C THR A 82 1.87 -2.07 -6.17
N ILE A 83 1.12 -1.46 -5.26
CA ILE A 83 -0.27 -1.09 -5.53
C ILE A 83 -0.32 -0.05 -6.64
N LEU A 84 0.59 0.92 -6.57
CA LEU A 84 0.63 1.98 -7.55
C LEU A 84 0.81 1.42 -8.96
N VAL A 85 1.67 0.41 -9.10
CA VAL A 85 1.92 -0.18 -10.41
C VAL A 85 0.63 -0.79 -10.96
N LYS A 86 -0.05 -1.59 -10.14
CA LYS A 86 -1.30 -2.22 -10.55
C LYS A 86 -2.40 -1.17 -10.75
N GLY A 87 -2.50 -0.26 -9.79
CA GLY A 87 -3.51 0.79 -9.86
C GLY A 87 -4.86 0.31 -9.36
N ASN A 88 -5.94 0.83 -9.95
CA ASN A 88 -7.29 0.44 -9.54
C ASN A 88 -7.45 -1.07 -9.63
N ALA A 89 -6.55 -1.71 -10.36
CA ALA A 89 -6.60 -3.15 -10.52
C ALA A 89 -6.34 -3.83 -9.18
N ALA A 90 -5.48 -3.24 -8.36
CA ALA A 90 -5.15 -3.82 -7.06
C ALA A 90 -6.04 -3.22 -5.97
N ALA A 91 -6.78 -2.18 -6.33
CA ALA A 91 -7.67 -1.52 -5.37
C ALA A 91 -8.73 -2.50 -4.88
N ASN A 92 -9.25 -3.32 -5.79
CA ASN A 92 -10.27 -4.28 -5.42
C ASN A 92 -9.71 -5.28 -4.42
N ILE A 93 -8.53 -5.83 -4.71
CA ILE A 93 -7.91 -6.80 -3.82
C ILE A 93 -7.54 -6.12 -2.50
N PHE A 94 -6.98 -4.91 -2.59
CA PHE A 94 -6.59 -4.18 -1.40
C PHE A 94 -7.82 -3.91 -0.54
N LYS A 95 -8.88 -3.42 -1.17
CA LYS A 95 -10.13 -3.12 -0.47
C LYS A 95 -10.76 -4.39 0.08
N ASN A 96 -10.76 -5.44 -0.72
CA ASN A 96 -11.37 -6.70 -0.31
C ASN A 96 -10.63 -7.28 0.89
N CYS A 97 -9.31 -7.18 0.88
CA CYS A 97 -8.50 -7.71 1.96
C CYS A 97 -8.76 -6.93 3.25
N LEU A 98 -8.85 -5.60 3.13
CA LEU A 98 -9.10 -4.75 4.28
C LEU A 98 -10.44 -5.07 4.92
N LYS A 99 -11.44 -5.30 4.08
CA LYS A 99 -12.77 -5.62 4.59
C LYS A 99 -12.73 -6.91 5.38
N GLU A 100 -12.03 -7.91 4.85
CA GLU A 100 -11.93 -9.19 5.53
C GLU A 100 -11.01 -9.08 6.74
N ILE A 101 -9.85 -8.46 6.55
CA ILE A 101 -8.89 -8.31 7.64
C ILE A 101 -9.46 -7.44 8.75
N ASP A 102 -10.07 -6.31 8.37
CA ASP A 102 -10.65 -5.40 9.35
C ASP A 102 -11.91 -4.75 8.80
N SER A 103 -13.04 -5.44 8.91
CA SER A 103 -14.30 -4.91 8.42
C SER A 103 -14.60 -3.57 9.06
N THR A 104 -14.23 -3.43 10.33
CA THR A 104 -14.46 -2.18 11.06
C THR A 104 -13.70 -1.04 10.41
N LEU A 105 -12.46 -1.29 10.01
CA LEU A 105 -11.64 -0.26 9.39
C LEU A 105 -12.32 0.28 8.14
N TYR A 106 -12.89 -0.60 7.34
CA TYR A 106 -13.56 -0.18 6.12
C TYR A 106 -14.73 0.75 6.45
N LYS A 107 -15.49 0.38 7.48
CA LYS A 107 -16.65 1.17 7.89
C LYS A 107 -16.20 2.55 8.40
N ASN A 108 -14.89 2.76 8.51
CA ASN A 108 -14.36 4.04 8.99
C ASN A 108 -13.47 4.68 7.93
N LEU A 109 -13.13 3.90 6.91
CA LEU A 109 -12.28 4.40 5.83
C LEU A 109 -13.13 4.99 4.70
N PHE A 110 -13.66 4.13 3.85
CA PHE A 110 -14.49 4.55 2.72
C PHE A 110 -15.82 5.16 3.18
N VAL A 111 -16.39 4.64 4.24
CA VAL A 111 -17.67 5.14 4.75
C VAL A 111 -17.53 6.52 5.40
N ASP A 112 -16.88 6.56 6.56
CA ASP A 112 -16.70 7.81 7.29
C ASP A 112 -15.86 8.81 6.49
N LYS A 113 -14.88 8.29 5.74
CA LYS A 113 -14.02 9.14 4.93
C LYS A 113 -13.29 10.15 5.82
N ASN A 114 -13.30 9.89 7.13
CA ASN A 114 -12.63 10.78 8.09
C ASN A 114 -11.24 10.24 8.44
N MET A 115 -10.22 11.02 8.11
CA MET A 115 -8.84 10.61 8.39
C MET A 115 -8.34 11.32 9.64
N LYS A 116 -7.86 10.54 10.61
CA LYS A 116 -7.35 11.11 11.86
C LYS A 116 -6.13 10.34 12.34
N TYR A 117 -5.25 11.02 13.08
CA TYR A 117 -4.04 10.40 13.59
C TYR A 117 -4.34 9.63 14.88
N ILE A 118 -4.20 8.31 14.84
CA ILE A 118 -4.47 7.48 16.02
C ILE A 118 -3.42 6.37 16.16
N PRO A 119 -2.76 6.25 17.31
CA PRO A 119 -1.71 5.20 17.52
C PRO A 119 -2.29 3.81 17.77
N THR A 120 -2.13 2.97 16.76
CA THR A 120 -2.61 1.59 16.76
C THR A 120 -1.47 0.62 17.04
N GLU A 121 -1.18 0.43 18.33
CA GLU A 121 -0.13 -0.49 18.75
C GLU A 121 -0.47 -1.92 18.30
N ASP A 122 0.54 -2.63 17.80
CA ASP A 122 0.34 -4.00 17.34
C ASP A 122 0.58 -4.98 18.48
N VAL A 123 -0.48 -5.68 18.89
CA VAL A 123 -0.38 -6.65 19.99
C VAL A 123 0.26 -7.93 19.48
N SER A 124 -0.01 -8.28 18.22
CA SER A 124 0.56 -9.49 17.63
C SER A 124 0.58 -9.36 16.11
N GLY A 125 1.38 -10.20 15.47
CA GLY A 125 1.50 -10.19 14.02
C GLY A 125 2.05 -11.51 13.50
N LEU A 126 1.47 -12.62 13.95
CA LEU A 126 1.91 -13.96 13.53
C LEU A 126 0.80 -14.65 12.73
N SER A 127 1.13 -15.04 11.51
CA SER A 127 0.16 -15.72 10.65
C SER A 127 0.88 -16.47 9.53
N LEU A 128 2.17 -16.71 9.69
CA LEU A 128 2.94 -17.41 8.68
C LEU A 128 2.41 -18.83 8.50
N GLU A 129 2.08 -19.49 9.61
CA GLU A 129 1.57 -20.85 9.54
C GLU A 129 0.20 -20.86 8.88
N GLU A 130 -0.62 -19.86 9.18
CA GLU A 130 -1.95 -19.77 8.61
C GLU A 130 -1.87 -19.36 7.14
N GLN A 131 -2.52 -20.14 6.28
CA GLN A 131 -2.51 -19.85 4.84
C GLN A 131 -3.71 -20.50 4.17
N LEU A 132 -4.07 -21.70 4.63
CA LEU A 132 -5.20 -22.42 4.05
C LEU A 132 -6.52 -21.87 4.58
N GLY A 1 -21.13 7.96 -21.73
CA GLY A 1 -19.95 8.24 -22.60
C GLY A 1 -20.26 9.44 -23.49
N SER A 2 -20.76 10.51 -22.88
CA SER A 2 -21.09 11.72 -23.62
C SER A 2 -19.84 12.31 -24.27
N HIS A 3 -18.74 12.33 -23.53
CA HIS A 3 -17.50 12.87 -24.04
C HIS A 3 -16.82 11.87 -24.96
N MET A 4 -15.96 12.37 -25.84
CA MET A 4 -15.24 11.51 -26.78
C MET A 4 -14.21 10.66 -26.06
N LEU A 5 -14.06 9.41 -26.48
CA LEU A 5 -13.11 8.51 -25.86
C LEU A 5 -11.68 9.03 -26.04
N ASN A 6 -11.39 9.55 -27.22
CA ASN A 6 -10.06 10.09 -27.51
C ASN A 6 -9.92 11.50 -26.95
N ALA A 7 -9.42 11.60 -25.72
CA ALA A 7 -9.23 12.90 -25.08
C ALA A 7 -7.89 13.51 -25.47
N GLU A 8 -7.72 14.79 -25.15
CA GLU A 8 -6.48 15.48 -25.47
C GLU A 8 -5.33 14.95 -24.61
N ASP A 9 -5.62 13.94 -23.81
CA ASP A 9 -4.60 13.36 -22.94
C ASP A 9 -3.70 12.41 -23.73
N GLU A 10 -4.00 12.27 -25.03
CA GLU A 10 -3.21 11.39 -25.89
C GLU A 10 -1.74 11.77 -25.78
N LYS A 11 -1.47 13.08 -25.83
CA LYS A 11 -0.10 13.59 -25.73
C LYS A 11 0.09 14.21 -24.36
N ARG A 12 -0.30 13.49 -23.32
CA ARG A 12 -0.16 13.97 -21.94
C ARG A 12 1.12 14.78 -21.77
N GLU A 13 0.97 15.99 -21.24
CA GLU A 13 2.11 16.86 -21.04
C GLU A 13 3.04 16.30 -19.95
N GLU A 14 2.44 15.67 -18.96
CA GLU A 14 3.22 15.09 -17.86
C GLU A 14 4.32 14.17 -18.40
N GLU A 15 5.54 14.39 -17.95
CA GLU A 15 6.67 13.57 -18.39
C GLU A 15 6.56 12.16 -17.85
N LYS A 16 6.02 12.03 -16.64
CA LYS A 16 5.86 10.72 -16.01
C LYS A 16 5.00 9.82 -16.87
N GLU A 17 4.53 8.72 -16.28
CA GLU A 17 3.69 7.76 -17.01
C GLU A 17 2.59 7.23 -16.09
N LYS A 18 1.40 7.00 -16.67
CA LYS A 18 0.26 6.48 -15.91
C LYS A 18 -0.18 5.14 -16.46
N GLN A 19 0.08 4.07 -15.72
CA GLN A 19 -0.31 2.74 -16.16
C GLN A 19 -1.82 2.60 -16.23
N ALA A 20 -2.51 3.12 -15.21
CA ALA A 20 -3.96 3.05 -15.17
C ALA A 20 -4.57 4.02 -16.17
N GLU A 21 -5.63 3.60 -16.85
CA GLU A 21 -6.30 4.45 -17.84
C GLU A 21 -7.46 5.22 -17.18
N GLU A 22 -8.69 4.93 -17.63
CA GLU A 22 -9.87 5.59 -17.08
C GLU A 22 -10.44 4.79 -15.91
N MET A 23 -9.84 3.63 -15.64
CA MET A 23 -10.29 2.78 -14.55
C MET A 23 -10.10 3.48 -13.21
N ALA A 24 -8.98 4.17 -13.07
CA ALA A 24 -8.69 4.90 -11.83
C ALA A 24 -9.92 5.65 -11.35
N SER A 25 -10.71 4.99 -10.50
CA SER A 25 -11.92 5.61 -9.97
C SER A 25 -11.60 6.46 -8.76
N ASP A 26 -12.63 7.04 -8.15
CA ASP A 26 -12.45 7.87 -6.98
C ASP A 26 -11.84 7.05 -5.84
N ASP A 27 -12.19 5.79 -5.78
CA ASP A 27 -11.68 4.91 -4.73
C ASP A 27 -10.16 4.92 -4.74
N LEU A 28 -9.57 4.97 -5.94
CA LEU A 28 -8.12 4.99 -6.05
C LEU A 28 -7.56 6.20 -5.32
N SER A 29 -8.20 7.35 -5.50
CA SER A 29 -7.76 8.57 -4.83
C SER A 29 -7.80 8.40 -3.31
N LEU A 30 -8.81 7.69 -2.83
CA LEU A 30 -8.94 7.46 -1.39
C LEU A 30 -7.75 6.66 -0.86
N ILE A 31 -7.32 5.64 -1.60
CA ILE A 31 -6.19 4.83 -1.18
C ILE A 31 -4.91 5.66 -1.17
N ARG A 32 -4.70 6.44 -2.22
CA ARG A 32 -3.51 7.27 -2.33
C ARG A 32 -3.46 8.31 -1.21
N LYS A 33 -4.59 8.95 -0.93
CA LYS A 33 -4.66 9.95 0.13
C LYS A 33 -4.42 9.31 1.50
N ASN A 34 -4.96 8.10 1.68
CA ASN A 34 -4.81 7.40 2.95
C ASN A 34 -3.54 6.55 2.95
N ARG A 35 -2.71 6.73 1.93
CA ARG A 35 -1.46 5.97 1.85
C ARG A 35 -0.57 6.30 3.04
N MET A 36 -0.46 7.59 3.36
CA MET A 36 0.39 8.01 4.48
C MET A 36 -0.15 7.48 5.80
N ALA A 37 -1.47 7.53 5.96
CA ALA A 37 -2.09 7.05 7.20
C ALA A 37 -1.75 5.58 7.40
N LEU A 38 -1.88 4.79 6.34
CA LEU A 38 -1.59 3.37 6.41
C LEU A 38 -0.12 3.16 6.77
N PHE A 39 0.75 3.92 6.10
CA PHE A 39 2.18 3.82 6.36
C PHE A 39 2.48 4.23 7.80
N GLN A 40 1.91 5.35 8.22
CA GLN A 40 2.11 5.86 9.57
C GLN A 40 1.44 4.93 10.58
N GLN A 41 0.27 4.41 10.23
CA GLN A 41 -0.49 3.54 11.12
C GLN A 41 -0.53 2.12 10.58
N LEU A 42 0.64 1.53 10.41
CA LEU A 42 0.74 0.16 9.90
C LEU A 42 0.55 -0.84 11.03
N THR A 43 -0.12 -1.95 10.73
CA THR A 43 -0.37 -2.99 11.72
C THR A 43 -0.64 -4.33 11.05
N CYS A 44 -1.58 -4.33 10.10
CA CYS A 44 -1.95 -5.54 9.39
C CYS A 44 -1.20 -5.62 8.05
N VAL A 45 0.10 -5.85 8.13
CA VAL A 45 0.93 -5.95 6.94
C VAL A 45 1.16 -7.42 6.56
N LEU A 46 1.20 -8.30 7.56
CA LEU A 46 1.40 -9.71 7.29
C LEU A 46 0.16 -10.30 6.58
N PRO A 47 -1.03 -10.25 7.17
CA PRO A 47 -2.29 -10.75 6.52
C PRO A 47 -2.53 -10.19 5.11
N ILE A 48 -2.38 -8.87 4.98
CA ILE A 48 -2.66 -8.19 3.73
C ILE A 48 -1.62 -8.56 2.67
N LEU A 49 -0.36 -8.64 3.07
CA LEU A 49 0.70 -8.99 2.15
C LEU A 49 0.46 -10.42 1.65
N ASP A 50 0.05 -11.28 2.57
CA ASP A 50 -0.21 -12.67 2.23
C ASP A 50 -1.30 -12.77 1.17
N ASN A 51 -2.30 -11.90 1.27
CA ASN A 51 -3.41 -11.92 0.32
C ASN A 51 -2.91 -11.65 -1.10
N LEU A 52 -2.07 -10.64 -1.25
CA LEU A 52 -1.51 -10.31 -2.56
C LEU A 52 -0.62 -11.43 -3.06
N LEU A 53 0.15 -12.02 -2.15
CA LEU A 53 1.07 -13.09 -2.51
C LEU A 53 0.33 -14.17 -3.30
N LYS A 54 -0.90 -14.45 -2.90
CA LYS A 54 -1.69 -15.46 -3.58
C LYS A 54 -1.83 -15.14 -5.06
N ALA A 55 -2.00 -13.86 -5.37
CA ALA A 55 -2.13 -13.43 -6.77
C ALA A 55 -1.67 -11.98 -6.93
N ASN A 56 -0.41 -11.80 -7.34
CA ASN A 56 0.14 -10.47 -7.53
C ASN A 56 1.38 -10.51 -8.42
N VAL A 57 2.10 -9.40 -8.49
CA VAL A 57 3.29 -9.32 -9.32
C VAL A 57 4.46 -10.02 -8.63
N ILE A 58 4.49 -9.96 -7.30
CA ILE A 58 5.55 -10.60 -6.52
C ILE A 58 5.25 -12.08 -6.37
N ASN A 59 6.20 -12.80 -5.79
CA ASN A 59 6.04 -14.24 -5.58
C ASN A 59 6.79 -14.68 -4.33
N LYS A 60 6.84 -15.98 -4.10
CA LYS A 60 7.53 -16.50 -2.93
C LYS A 60 8.98 -16.03 -2.93
N GLN A 61 9.53 -15.82 -4.12
CA GLN A 61 10.92 -15.38 -4.23
C GLN A 61 11.06 -13.91 -3.88
N GLU A 62 10.32 -13.04 -4.58
CA GLU A 62 10.39 -11.61 -4.32
C GLU A 62 9.79 -11.28 -2.97
N HIS A 63 8.73 -11.99 -2.61
CA HIS A 63 8.07 -11.78 -1.33
C HIS A 63 9.05 -11.99 -0.18
N ASP A 64 9.88 -13.02 -0.30
CA ASP A 64 10.86 -13.34 0.73
C ASP A 64 11.91 -12.23 0.86
N ILE A 65 12.30 -11.62 -0.26
CA ILE A 65 13.30 -10.56 -0.23
C ILE A 65 12.80 -9.37 0.58
N ILE A 66 11.56 -8.99 0.36
CA ILE A 66 10.98 -7.85 1.08
C ILE A 66 10.64 -8.25 2.51
N LYS A 67 10.84 -9.52 2.83
CA LYS A 67 10.56 -10.02 4.18
C LYS A 67 11.86 -10.33 4.91
N GLN A 68 12.96 -10.39 4.15
CA GLN A 68 14.27 -10.69 4.74
C GLN A 68 15.10 -9.41 4.89
N LYS A 69 15.42 -8.77 3.77
CA LYS A 69 16.22 -7.53 3.82
C LYS A 69 15.47 -6.41 4.52
N THR A 70 14.21 -6.22 4.15
CA THR A 70 13.39 -5.18 4.75
C THR A 70 12.74 -5.69 6.05
N GLN A 71 12.22 -4.75 6.84
CA GLN A 71 11.56 -5.11 8.11
C GLN A 71 10.07 -4.82 8.01
N ILE A 72 9.38 -4.81 9.16
CA ILE A 72 7.96 -4.52 9.17
C ILE A 72 7.71 -3.13 8.54
N PRO A 73 8.25 -2.06 9.09
CA PRO A 73 8.11 -0.67 8.53
C PRO A 73 8.32 -0.61 7.00
N LEU A 74 9.45 -1.15 6.55
CA LEU A 74 9.80 -1.12 5.13
C LEU A 74 8.85 -1.99 4.31
N GLN A 75 8.46 -3.13 4.88
CA GLN A 75 7.58 -4.03 4.16
C GLN A 75 6.35 -3.26 3.69
N ALA A 76 5.84 -2.41 4.55
CA ALA A 76 4.67 -1.61 4.20
C ALA A 76 5.00 -0.64 3.08
N ARG A 77 6.20 -0.05 3.14
CA ARG A 77 6.62 0.91 2.12
C ARG A 77 6.66 0.26 0.75
N GLU A 78 7.25 -0.92 0.68
CA GLU A 78 7.33 -1.63 -0.59
C GLU A 78 5.94 -2.05 -1.03
N LEU A 79 5.11 -2.45 -0.08
CA LEU A 79 3.75 -2.87 -0.38
C LEU A 79 2.95 -1.74 -1.01
N ILE A 80 3.08 -0.55 -0.44
CA ILE A 80 2.35 0.60 -0.95
C ILE A 80 2.75 0.91 -2.38
N ASP A 81 4.04 0.83 -2.65
CA ASP A 81 4.55 1.11 -4.00
C ASP A 81 3.94 0.15 -5.02
N THR A 82 3.76 -1.11 -4.62
CA THR A 82 3.19 -2.11 -5.53
C THR A 82 1.76 -1.71 -5.91
N ILE A 83 1.02 -1.14 -4.97
CA ILE A 83 -0.35 -0.70 -5.22
C ILE A 83 -0.37 0.41 -6.27
N LEU A 84 0.56 1.35 -6.15
CA LEU A 84 0.63 2.46 -7.09
C LEU A 84 0.87 1.95 -8.50
N VAL A 85 1.79 1.00 -8.64
CA VAL A 85 2.11 0.46 -9.96
C VAL A 85 0.89 -0.27 -10.54
N LYS A 86 0.28 -1.14 -9.74
CA LYS A 86 -0.88 -1.88 -10.18
C LYS A 86 -2.07 -0.95 -10.42
N GLY A 87 -2.29 -0.03 -9.51
CA GLY A 87 -3.39 0.92 -9.63
C GLY A 87 -4.73 0.28 -9.30
N ASN A 88 -5.80 0.80 -9.91
CA ASN A 88 -7.14 0.29 -9.67
C ASN A 88 -7.16 -1.24 -9.74
N ALA A 89 -6.17 -1.80 -10.43
CA ALA A 89 -6.08 -3.25 -10.56
C ALA A 89 -5.90 -3.90 -9.20
N ALA A 90 -5.18 -3.21 -8.30
CA ALA A 90 -4.95 -3.74 -6.95
C ALA A 90 -5.93 -3.14 -5.96
N ALA A 91 -6.68 -2.15 -6.39
CA ALA A 91 -7.65 -1.51 -5.51
C ALA A 91 -8.68 -2.54 -5.07
N ASN A 92 -9.06 -3.42 -5.98
CA ASN A 92 -10.04 -4.45 -5.68
C ASN A 92 -9.48 -5.42 -4.65
N ILE A 93 -8.24 -5.87 -4.86
CA ILE A 93 -7.61 -6.79 -3.93
C ILE A 93 -7.39 -6.11 -2.58
N PHE A 94 -6.90 -4.88 -2.61
CA PHE A 94 -6.65 -4.13 -1.40
C PHE A 94 -7.95 -3.93 -0.63
N LYS A 95 -8.97 -3.49 -1.34
CA LYS A 95 -10.28 -3.27 -0.73
C LYS A 95 -10.87 -4.58 -0.21
N ASN A 96 -10.73 -5.64 -1.00
CA ASN A 96 -11.25 -6.94 -0.63
C ASN A 96 -10.58 -7.45 0.66
N CYS A 97 -9.28 -7.24 0.75
CA CYS A 97 -8.53 -7.68 1.92
C CYS A 97 -8.98 -6.91 3.16
N LEU A 98 -9.00 -5.59 3.08
CA LEU A 98 -9.40 -4.77 4.21
C LEU A 98 -10.76 -5.20 4.73
N LYS A 99 -11.67 -5.54 3.83
CA LYS A 99 -13.00 -5.97 4.22
C LYS A 99 -12.93 -7.25 5.05
N GLU A 100 -12.07 -8.18 4.64
CA GLU A 100 -11.93 -9.44 5.35
C GLU A 100 -11.05 -9.26 6.60
N ILE A 101 -9.88 -8.67 6.42
CA ILE A 101 -8.96 -8.47 7.53
C ILE A 101 -9.58 -7.54 8.57
N ASP A 102 -10.18 -6.45 8.11
CA ASP A 102 -10.82 -5.48 9.01
C ASP A 102 -12.06 -4.89 8.38
N SER A 103 -13.19 -5.59 8.51
CA SER A 103 -14.45 -5.11 7.96
C SER A 103 -14.84 -3.79 8.63
N THR A 104 -14.50 -3.67 9.92
CA THR A 104 -14.83 -2.46 10.66
C THR A 104 -14.13 -1.25 10.05
N LEU A 105 -12.87 -1.42 9.66
CA LEU A 105 -12.11 -0.32 9.07
C LEU A 105 -12.78 0.14 7.78
N TYR A 106 -13.18 -0.82 6.95
CA TYR A 106 -13.82 -0.50 5.69
C TYR A 106 -15.15 0.23 5.93
N LYS A 107 -15.85 -0.16 6.99
CA LYS A 107 -17.14 0.45 7.31
C LYS A 107 -16.97 1.91 7.74
N ASN A 108 -15.74 2.31 8.07
CA ASN A 108 -15.48 3.69 8.50
C ASN A 108 -14.48 4.38 7.56
N LEU A 109 -13.98 3.63 6.57
CA LEU A 109 -13.02 4.18 5.62
C LEU A 109 -13.71 4.79 4.41
N PHE A 110 -14.60 4.02 3.78
CA PHE A 110 -15.32 4.48 2.59
C PHE A 110 -16.72 4.97 2.93
N VAL A 111 -17.45 4.20 3.73
CA VAL A 111 -18.81 4.57 4.11
C VAL A 111 -18.83 5.83 4.99
N ASP A 112 -18.74 5.64 6.29
CA ASP A 112 -18.76 6.76 7.22
C ASP A 112 -17.50 7.62 7.05
N LYS A 113 -16.45 7.02 6.51
CA LYS A 113 -15.19 7.73 6.30
C LYS A 113 -14.66 8.29 7.62
N ASN A 114 -14.98 7.60 8.71
CA ASN A 114 -14.53 8.02 10.03
C ASN A 114 -13.21 7.35 10.39
N MET A 115 -12.38 7.15 9.38
CA MET A 115 -11.08 6.52 9.59
C MET A 115 -10.27 7.29 10.64
N LYS A 116 -9.53 6.56 11.46
CA LYS A 116 -8.72 7.18 12.50
C LYS A 116 -7.52 7.89 11.88
N TYR A 117 -7.07 8.96 12.54
CA TYR A 117 -5.93 9.73 12.04
C TYR A 117 -5.11 10.27 13.21
N ILE A 118 -3.83 10.53 12.96
CA ILE A 118 -2.94 11.05 13.99
C ILE A 118 -1.61 11.47 13.37
N PRO A 119 -1.64 12.34 12.39
CA PRO A 119 -0.41 12.83 11.70
C PRO A 119 0.47 13.66 12.62
N THR A 120 1.78 13.55 12.44
CA THR A 120 2.72 14.30 13.26
C THR A 120 2.84 15.73 12.75
N GLU A 121 2.42 15.96 11.51
CA GLU A 121 2.49 17.29 10.92
C GLU A 121 1.41 18.20 11.49
N ASP A 122 0.45 18.59 10.65
CA ASP A 122 -0.63 19.46 11.07
C ASP A 122 -1.58 18.70 12.01
N VAL A 123 -2.03 19.38 13.08
CA VAL A 123 -2.94 18.76 14.04
C VAL A 123 -4.31 19.45 13.99
N SER A 124 -4.39 20.50 13.19
CA SER A 124 -5.64 21.25 13.05
C SER A 124 -6.62 20.48 12.16
N GLY A 125 -7.90 20.85 12.27
CA GLY A 125 -8.93 20.20 11.47
C GLY A 125 -10.31 20.52 12.03
N LEU A 126 -10.76 21.77 11.85
CA LEU A 126 -12.06 22.20 12.34
C LEU A 126 -13.15 21.82 11.35
N SER A 127 -14.16 21.08 11.81
CA SER A 127 -15.27 20.65 10.96
C SER A 127 -16.53 21.44 11.30
N LEU A 128 -16.38 22.46 12.12
CA LEU A 128 -17.52 23.29 12.52
C LEU A 128 -17.85 24.28 11.41
N GLU A 129 -17.07 24.27 10.33
CA GLU A 129 -17.30 25.17 9.21
C GLU A 129 -18.63 24.86 8.55
N GLU A 130 -18.96 23.57 8.46
CA GLU A 130 -20.22 23.16 7.83
C GLU A 130 -21.40 23.70 8.63
N GLN A 131 -22.39 24.23 7.91
CA GLN A 131 -23.58 24.78 8.54
C GLN A 131 -24.56 23.68 8.91
N LEU A 132 -25.09 23.74 10.13
CA LEU A 132 -26.03 22.74 10.59
C LEU A 132 -26.86 23.29 11.76
N GLY A 1 -3.15 2.15 18.97
CA GLY A 1 -2.87 1.13 20.02
C GLY A 1 -1.60 0.36 19.65
N SER A 2 -1.27 0.36 18.36
CA SER A 2 -0.08 -0.33 17.89
C SER A 2 1.17 0.42 18.31
N HIS A 3 2.26 -0.32 18.52
CA HIS A 3 3.53 0.28 18.92
C HIS A 3 4.42 0.52 17.71
N MET A 4 4.71 1.79 17.45
CA MET A 4 5.56 2.16 16.32
C MET A 4 6.14 3.56 16.52
N LEU A 5 7.31 3.79 15.94
CA LEU A 5 7.98 5.08 16.06
C LEU A 5 7.29 6.11 15.16
N ASN A 6 6.85 7.22 15.76
CA ASN A 6 6.17 8.27 15.01
C ASN A 6 7.11 9.46 14.80
N ALA A 7 8.39 9.26 15.11
CA ALA A 7 9.38 10.32 14.94
C ALA A 7 9.92 10.33 13.52
N GLU A 8 9.12 10.85 12.59
CA GLU A 8 9.52 10.91 11.19
C GLU A 8 8.52 11.72 10.38
N ASP A 9 7.24 11.40 10.54
CA ASP A 9 6.18 12.10 9.81
C ASP A 9 5.59 13.21 10.69
N GLU A 10 6.20 13.42 11.86
CA GLU A 10 5.74 14.46 12.76
C GLU A 10 5.71 15.79 12.04
N LYS A 11 6.80 16.08 11.32
CA LYS A 11 6.92 17.31 10.57
C LYS A 11 6.87 17.00 9.07
N ARG A 12 5.82 16.29 8.66
CA ARG A 12 5.64 15.91 7.26
C ARG A 12 6.14 17.01 6.32
N GLU A 13 6.93 16.62 5.33
CA GLU A 13 7.49 17.58 4.38
C GLU A 13 6.52 17.78 3.21
N GLU A 14 6.46 18.99 2.68
CA GLU A 14 5.58 19.30 1.57
C GLU A 14 5.99 18.49 0.34
N GLU A 15 5.48 17.27 0.24
CA GLU A 15 5.79 16.40 -0.89
C GLU A 15 4.84 16.66 -2.05
N LYS A 16 5.40 16.82 -3.25
CA LYS A 16 4.58 17.08 -4.43
C LYS A 16 3.90 15.79 -4.90
N GLU A 17 2.60 15.87 -5.17
CA GLU A 17 1.86 14.71 -5.62
C GLU A 17 2.19 14.41 -7.08
N LYS A 18 2.32 13.11 -7.40
CA LYS A 18 2.64 12.69 -8.77
C LYS A 18 1.40 12.09 -9.44
N GLN A 19 1.26 12.35 -10.73
CA GLN A 19 0.13 11.83 -11.48
C GLN A 19 0.40 10.41 -11.96
N ALA A 20 -0.45 9.48 -11.51
CA ALA A 20 -0.29 8.08 -11.90
C ALA A 20 -0.68 7.88 -13.36
N GLU A 21 0.05 7.02 -14.06
CA GLU A 21 -0.24 6.74 -15.46
C GLU A 21 -1.37 5.71 -15.57
N GLU A 22 -2.31 5.76 -14.64
CA GLU A 22 -3.44 4.84 -14.64
C GLU A 22 -4.51 5.30 -13.67
N MET A 23 -5.06 6.49 -13.90
CA MET A 23 -6.11 7.03 -13.04
C MET A 23 -7.48 6.60 -13.53
N ALA A 24 -8.04 5.58 -12.87
CA ALA A 24 -9.37 5.08 -13.26
C ALA A 24 -10.47 5.90 -12.61
N SER A 25 -11.00 5.40 -11.50
CA SER A 25 -12.08 6.10 -10.78
C SER A 25 -11.52 6.85 -9.58
N ASP A 26 -12.40 7.47 -8.82
CA ASP A 26 -12.00 8.21 -7.63
C ASP A 26 -11.40 7.26 -6.61
N ASP A 27 -11.81 6.01 -6.67
CA ASP A 27 -11.31 5.00 -5.74
C ASP A 27 -9.80 5.13 -5.58
N LEU A 28 -9.10 5.42 -6.68
CA LEU A 28 -7.66 5.57 -6.62
C LEU A 28 -7.30 6.72 -5.69
N SER A 29 -8.06 7.82 -5.80
CA SER A 29 -7.82 8.99 -4.97
C SER A 29 -8.01 8.65 -3.50
N LEU A 30 -9.02 7.84 -3.19
CA LEU A 30 -9.30 7.45 -1.82
C LEU A 30 -8.11 6.70 -1.23
N ILE A 31 -7.58 5.76 -2.00
CA ILE A 31 -6.43 4.98 -1.55
C ILE A 31 -5.20 5.88 -1.47
N ARG A 32 -5.02 6.73 -2.48
CA ARG A 32 -3.88 7.63 -2.52
C ARG A 32 -3.86 8.55 -1.30
N LYS A 33 -5.01 9.13 -0.97
CA LYS A 33 -5.12 10.03 0.17
C LYS A 33 -4.83 9.30 1.47
N ASN A 34 -5.33 8.08 1.59
CA ASN A 34 -5.13 7.29 2.81
C ASN A 34 -3.83 6.50 2.71
N ARG A 35 -3.06 6.75 1.66
CA ARG A 35 -1.79 6.06 1.47
C ARG A 35 -0.83 6.36 2.61
N MET A 36 -0.73 7.64 2.98
CA MET A 36 0.17 8.03 4.07
C MET A 36 -0.35 7.50 5.40
N ALA A 37 -1.66 7.57 5.58
CA ALA A 37 -2.28 7.09 6.81
C ALA A 37 -2.00 5.61 7.00
N LEU A 38 -2.03 4.86 5.90
CA LEU A 38 -1.78 3.44 5.97
C LEU A 38 -0.37 3.19 6.47
N PHE A 39 0.60 3.91 5.92
CA PHE A 39 1.98 3.77 6.34
C PHE A 39 2.14 4.16 7.80
N GLN A 40 1.53 5.27 8.19
CA GLN A 40 1.63 5.73 9.57
C GLN A 40 0.94 4.75 10.51
N GLN A 41 -0.23 4.26 10.11
CA GLN A 41 -0.98 3.31 10.93
C GLN A 41 -0.86 1.89 10.33
N LEU A 42 0.30 1.27 10.52
CA LEU A 42 0.55 -0.07 10.01
C LEU A 42 0.43 -1.10 11.14
N THR A 43 -0.35 -2.15 10.92
CA THR A 43 -0.53 -3.19 11.93
C THR A 43 -1.00 -4.49 11.29
N CYS A 44 -1.06 -4.49 9.96
CA CYS A 44 -1.50 -5.68 9.22
C CYS A 44 -0.80 -5.76 7.87
N VAL A 45 0.45 -6.24 7.88
CA VAL A 45 1.24 -6.37 6.66
C VAL A 45 1.54 -7.84 6.36
N LEU A 46 1.19 -8.71 7.30
CA LEU A 46 1.42 -10.15 7.13
C LEU A 46 0.23 -10.83 6.45
N PRO A 47 -0.99 -10.41 6.73
CA PRO A 47 -2.21 -11.02 6.13
C PRO A 47 -2.52 -10.43 4.75
N ILE A 48 -2.37 -9.12 4.62
CA ILE A 48 -2.66 -8.47 3.35
C ILE A 48 -1.61 -8.85 2.31
N LEU A 49 -0.35 -8.89 2.73
CA LEU A 49 0.75 -9.24 1.83
C LEU A 49 0.56 -10.66 1.33
N ASP A 50 0.17 -11.55 2.24
CA ASP A 50 -0.04 -12.95 1.88
C ASP A 50 -1.13 -13.06 0.82
N ASN A 51 -2.19 -12.26 0.96
CA ASN A 51 -3.29 -12.30 0.01
C ASN A 51 -2.81 -11.90 -1.38
N LEU A 52 -1.98 -10.85 -1.42
CA LEU A 52 -1.45 -10.35 -2.68
C LEU A 52 -0.44 -11.33 -3.27
N LEU A 53 0.25 -12.05 -2.40
CA LEU A 53 1.27 -13.01 -2.83
C LEU A 53 0.65 -14.03 -3.80
N LYS A 54 -0.61 -14.38 -3.55
CA LYS A 54 -1.29 -15.34 -4.41
C LYS A 54 -1.27 -14.87 -5.86
N ALA A 55 -1.51 -13.57 -6.07
CA ALA A 55 -1.51 -13.00 -7.42
C ALA A 55 -1.06 -11.55 -7.40
N ASN A 56 0.19 -11.32 -7.76
CA ASN A 56 0.74 -9.97 -7.78
C ASN A 56 1.98 -9.90 -8.68
N VAL A 57 2.61 -8.73 -8.72
CA VAL A 57 3.81 -8.54 -9.54
C VAL A 57 5.03 -9.15 -8.85
N ILE A 58 4.99 -9.20 -7.52
CA ILE A 58 6.10 -9.76 -6.76
C ILE A 58 6.02 -11.29 -6.76
N ASN A 59 7.17 -11.93 -6.95
CA ASN A 59 7.24 -13.39 -6.98
C ASN A 59 7.78 -13.92 -5.66
N LYS A 60 7.99 -15.23 -5.60
CA LYS A 60 8.51 -15.85 -4.38
C LYS A 60 9.89 -15.31 -4.06
N GLN A 61 10.46 -14.54 -5.00
CA GLN A 61 11.79 -13.97 -4.80
C GLN A 61 11.71 -12.64 -4.07
N GLU A 62 10.99 -11.68 -4.65
CA GLU A 62 10.85 -10.36 -4.03
C GLU A 62 10.10 -10.47 -2.71
N HIS A 63 9.11 -11.36 -2.66
CA HIS A 63 8.33 -11.55 -1.44
C HIS A 63 9.20 -12.14 -0.32
N ASP A 64 10.03 -13.11 -0.69
CA ASP A 64 10.92 -13.77 0.28
C ASP A 64 11.93 -12.80 0.88
N ILE A 65 12.44 -11.89 0.05
CA ILE A 65 13.43 -10.93 0.51
C ILE A 65 12.86 -10.04 1.62
N ILE A 66 11.63 -9.58 1.43
CA ILE A 66 11.00 -8.72 2.43
C ILE A 66 10.52 -9.55 3.61
N LYS A 67 10.44 -10.86 3.42
CA LYS A 67 10.02 -11.76 4.49
C LYS A 67 11.22 -12.21 5.31
N GLN A 68 12.36 -12.40 4.63
CA GLN A 68 13.58 -12.83 5.30
C GLN A 68 13.81 -12.01 6.57
N LYS A 69 14.41 -10.83 6.42
CA LYS A 69 14.69 -9.96 7.56
C LYS A 69 14.53 -8.49 7.18
N THR A 70 13.29 -8.05 7.06
CA THR A 70 13.00 -6.65 6.70
C THR A 70 12.01 -6.05 7.71
N GLN A 71 12.38 -4.90 8.26
CA GLN A 71 11.54 -4.22 9.24
C GLN A 71 10.19 -3.86 8.63
N ILE A 72 9.12 -3.95 9.42
CA ILE A 72 7.78 -3.64 8.94
C ILE A 72 7.78 -2.34 8.11
N PRO A 73 8.37 -1.28 8.60
CA PRO A 73 8.45 0.05 7.87
C PRO A 73 8.77 -0.09 6.38
N LEU A 74 9.84 -0.79 6.02
CA LEU A 74 10.15 -1.00 4.61
C LEU A 74 9.07 -1.85 3.95
N GLN A 75 8.63 -2.90 4.64
CA GLN A 75 7.58 -3.77 4.09
C GLN A 75 6.35 -2.96 3.74
N ALA A 76 5.99 -2.04 4.63
CA ALA A 76 4.82 -1.20 4.39
C ALA A 76 5.03 -0.37 3.14
N ARG A 77 6.25 0.15 2.98
CA ARG A 77 6.56 0.96 1.81
C ARG A 77 6.53 0.10 0.55
N GLU A 78 7.11 -1.10 0.64
CA GLU A 78 7.14 -1.99 -0.51
C GLU A 78 5.72 -2.37 -0.90
N LEU A 79 4.89 -2.67 0.11
CA LEU A 79 3.50 -3.04 -0.14
C LEU A 79 2.76 -1.89 -0.81
N ILE A 80 2.96 -0.68 -0.32
CA ILE A 80 2.31 0.49 -0.89
C ILE A 80 2.76 0.71 -2.33
N ASP A 81 4.06 0.56 -2.56
CA ASP A 81 4.62 0.75 -3.90
C ASP A 81 4.01 -0.25 -4.87
N THR A 82 3.71 -1.45 -4.39
CA THR A 82 3.12 -2.49 -5.23
C THR A 82 1.66 -2.18 -5.54
N ILE A 83 1.05 -1.30 -4.75
CA ILE A 83 -0.34 -0.92 -4.96
C ILE A 83 -0.40 0.23 -5.96
N LEU A 84 0.53 1.17 -5.84
CA LEU A 84 0.55 2.31 -6.73
C LEU A 84 0.78 1.86 -8.17
N VAL A 85 1.72 0.94 -8.37
CA VAL A 85 2.03 0.45 -9.71
C VAL A 85 0.81 -0.27 -10.30
N LYS A 86 0.20 -1.14 -9.51
CA LYS A 86 -0.97 -1.88 -9.97
C LYS A 86 -2.14 -0.94 -10.25
N GLY A 87 -2.38 -0.01 -9.32
CA GLY A 87 -3.46 0.95 -9.49
C GLY A 87 -4.81 0.37 -9.07
N ASN A 88 -5.88 1.01 -9.50
CA ASN A 88 -7.22 0.54 -9.16
C ASN A 88 -7.32 -0.96 -9.35
N ALA A 89 -6.38 -1.52 -10.07
CA ALA A 89 -6.38 -2.96 -10.30
C ALA A 89 -6.21 -3.70 -8.99
N ALA A 90 -5.41 -3.13 -8.09
CA ALA A 90 -5.18 -3.76 -6.79
C ALA A 90 -6.17 -3.22 -5.75
N ALA A 91 -6.95 -2.22 -6.12
CA ALA A 91 -7.92 -1.66 -5.19
C ALA A 91 -8.88 -2.75 -4.71
N ASN A 92 -9.33 -3.59 -5.62
CA ASN A 92 -10.25 -4.66 -5.26
C ASN A 92 -9.61 -5.56 -4.20
N ILE A 93 -8.37 -5.96 -4.45
CA ILE A 93 -7.66 -6.82 -3.50
C ILE A 93 -7.44 -6.07 -2.20
N PHE A 94 -7.06 -4.80 -2.31
CA PHE A 94 -6.84 -3.97 -1.14
C PHE A 94 -8.13 -3.87 -0.33
N LYS A 95 -9.24 -3.62 -1.03
CA LYS A 95 -10.54 -3.50 -0.39
C LYS A 95 -10.95 -4.83 0.25
N ASN A 96 -10.72 -5.91 -0.48
CA ASN A 96 -11.08 -7.24 0.00
C ASN A 96 -10.30 -7.56 1.28
N CYS A 97 -9.03 -7.20 1.29
CA CYS A 97 -8.18 -7.46 2.45
C CYS A 97 -8.66 -6.66 3.65
N LEU A 98 -8.99 -5.39 3.43
CA LEU A 98 -9.45 -4.53 4.51
C LEU A 98 -10.76 -5.05 5.10
N LYS A 99 -11.66 -5.49 4.22
CA LYS A 99 -12.94 -6.00 4.67
C LYS A 99 -12.76 -7.24 5.54
N GLU A 100 -11.87 -8.13 5.10
CA GLU A 100 -11.61 -9.36 5.85
C GLU A 100 -10.73 -9.09 7.06
N ILE A 101 -9.65 -8.34 6.85
CA ILE A 101 -8.74 -8.03 7.94
C ILE A 101 -9.44 -7.18 9.00
N ASP A 102 -10.21 -6.19 8.55
CA ASP A 102 -10.93 -5.30 9.46
C ASP A 102 -12.20 -4.78 8.82
N SER A 103 -13.29 -5.53 8.93
CA SER A 103 -14.57 -5.14 8.36
C SER A 103 -15.00 -3.79 8.94
N THR A 104 -14.72 -3.58 10.21
CA THR A 104 -15.08 -2.33 10.87
C THR A 104 -14.34 -1.16 10.25
N LEU A 105 -13.06 -1.36 9.96
CA LEU A 105 -12.24 -0.30 9.36
C LEU A 105 -12.83 0.13 8.03
N TYR A 106 -13.27 -0.84 7.23
CA TYR A 106 -13.85 -0.53 5.93
C TYR A 106 -15.08 0.34 6.11
N LYS A 107 -15.92 0.00 7.09
CA LYS A 107 -17.12 0.76 7.35
C LYS A 107 -16.77 2.14 7.89
N ASN A 108 -15.48 2.40 8.09
CA ASN A 108 -15.02 3.70 8.59
C ASN A 108 -14.16 4.42 7.55
N LEU A 109 -13.74 3.69 6.52
CA LEU A 109 -12.91 4.28 5.46
C LEU A 109 -13.76 4.83 4.32
N PHE A 110 -14.20 3.94 3.42
CA PHE A 110 -15.00 4.35 2.26
C PHE A 110 -16.38 4.88 2.68
N VAL A 111 -16.97 4.28 3.69
CA VAL A 111 -18.28 4.69 4.16
C VAL A 111 -18.24 6.05 4.86
N ASP A 112 -17.65 6.08 6.05
CA ASP A 112 -17.56 7.34 6.82
C ASP A 112 -16.75 8.38 6.06
N LYS A 113 -15.63 7.97 5.47
CA LYS A 113 -14.77 8.90 4.74
C LYS A 113 -14.30 10.01 5.69
N ASN A 114 -14.33 9.73 6.99
CA ASN A 114 -13.90 10.71 7.99
C ASN A 114 -12.50 10.36 8.50
N MET A 115 -11.57 10.15 7.57
CA MET A 115 -10.20 9.82 7.94
C MET A 115 -9.39 11.09 8.19
N LYS A 116 -8.58 11.06 9.25
CA LYS A 116 -7.76 12.21 9.61
C LYS A 116 -6.45 11.75 10.23
N TYR A 117 -5.50 12.67 10.37
CA TYR A 117 -4.20 12.35 10.94
C TYR A 117 -4.30 12.27 12.47
N ILE A 118 -3.78 11.19 13.03
CA ILE A 118 -3.81 10.98 14.48
C ILE A 118 -2.52 10.33 14.95
N PRO A 119 -1.42 11.01 14.85
CA PRO A 119 -0.11 10.46 15.30
C PRO A 119 -0.19 10.02 16.76
N THR A 120 0.47 8.91 17.09
CA THR A 120 0.46 8.39 18.45
C THR A 120 1.88 8.27 18.99
N GLU A 121 2.11 8.87 20.16
CA GLU A 121 3.43 8.83 20.78
C GLU A 121 3.66 7.48 21.45
N ASP A 122 4.73 6.80 21.06
CA ASP A 122 5.06 5.49 21.63
C ASP A 122 6.57 5.37 21.84
N VAL A 123 6.96 5.13 23.09
CA VAL A 123 8.37 5.00 23.43
C VAL A 123 8.90 3.65 22.98
N SER A 124 8.13 2.59 23.24
CA SER A 124 8.55 1.24 22.86
C SER A 124 8.41 1.06 21.35
N GLY A 125 9.29 0.23 20.78
CA GLY A 125 9.27 -0.02 19.34
C GLY A 125 10.38 -0.98 18.94
N LEU A 126 11.08 -1.54 19.93
CA LEU A 126 12.17 -2.48 19.68
C LEU A 126 11.69 -3.91 19.86
N SER A 127 11.88 -4.75 18.84
CA SER A 127 11.47 -6.16 18.89
C SER A 127 12.69 -7.08 18.82
N LEU A 128 12.84 -7.93 19.83
CA LEU A 128 13.96 -8.86 19.87
C LEU A 128 13.66 -10.09 19.03
N GLU A 129 12.38 -10.33 18.79
CA GLU A 129 11.96 -11.49 18.01
C GLU A 129 12.43 -11.35 16.56
N GLU A 130 12.53 -10.10 16.10
CA GLU A 130 12.96 -9.83 14.74
C GLU A 130 14.34 -10.44 14.48
N GLN A 131 15.14 -10.57 15.54
CA GLN A 131 16.47 -11.14 15.42
C GLN A 131 16.39 -12.66 15.36
N LEU A 132 17.06 -13.24 14.37
CA LEU A 132 17.06 -14.70 14.21
C LEU A 132 18.10 -15.32 15.13
N GLY A 1 -33.57 22.04 -0.43
CA GLY A 1 -33.19 20.72 -1.00
C GLY A 1 -34.17 20.35 -2.11
N SER A 2 -35.01 21.31 -2.50
CA SER A 2 -35.99 21.07 -3.55
C SER A 2 -35.30 20.70 -4.86
N HIS A 3 -34.21 21.39 -5.17
CA HIS A 3 -33.45 21.12 -6.38
C HIS A 3 -32.67 19.81 -6.25
N MET A 4 -32.46 19.14 -7.38
CA MET A 4 -31.74 17.87 -7.39
C MET A 4 -30.23 18.14 -7.37
N LEU A 5 -29.53 17.39 -6.52
CA LEU A 5 -28.08 17.54 -6.40
C LEU A 5 -27.39 16.84 -7.57
N ASN A 6 -26.51 17.56 -8.26
CA ASN A 6 -25.78 17.01 -9.40
C ASN A 6 -24.40 16.54 -8.97
N ALA A 7 -23.90 15.49 -9.63
CA ALA A 7 -22.59 14.96 -9.29
C ALA A 7 -21.50 15.99 -9.55
N GLU A 8 -20.50 16.04 -8.67
CA GLU A 8 -19.42 17.00 -8.80
C GLU A 8 -18.70 16.80 -10.14
N ASP A 9 -17.40 16.49 -10.06
CA ASP A 9 -16.60 16.27 -11.27
C ASP A 9 -16.63 14.80 -11.68
N GLU A 10 -17.28 14.52 -12.81
CA GLU A 10 -17.38 13.15 -13.29
C GLU A 10 -17.88 13.15 -14.74
N LYS A 11 -19.16 13.44 -14.91
CA LYS A 11 -19.75 13.48 -16.24
C LYS A 11 -19.50 14.84 -16.91
N ARG A 12 -19.12 15.82 -16.11
CA ARG A 12 -18.85 17.16 -16.64
C ARG A 12 -17.68 17.12 -17.62
N GLU A 13 -16.62 16.40 -17.24
CA GLU A 13 -15.45 16.29 -18.10
C GLU A 13 -14.51 15.21 -17.58
N GLU A 14 -13.76 14.60 -18.51
CA GLU A 14 -12.82 13.53 -18.14
C GLU A 14 -11.43 14.10 -17.90
N GLU A 15 -11.22 14.64 -16.70
CA GLU A 15 -9.92 15.21 -16.35
C GLU A 15 -8.84 14.13 -16.34
N LYS A 16 -7.68 14.46 -16.89
CA LYS A 16 -6.56 13.52 -16.94
C LYS A 16 -5.24 14.25 -17.08
N GLU A 17 -5.20 15.48 -16.59
CA GLU A 17 -3.99 16.29 -16.66
C GLU A 17 -2.88 15.69 -15.78
N LYS A 18 -3.29 15.11 -14.66
CA LYS A 18 -2.34 14.50 -13.73
C LYS A 18 -1.63 13.34 -14.40
N GLN A 19 -0.30 13.29 -14.23
CA GLN A 19 0.50 12.21 -14.81
C GLN A 19 0.31 10.91 -14.03
N ALA A 20 -0.84 10.78 -13.39
CA ALA A 20 -1.15 9.58 -12.62
C ALA A 20 -1.24 8.37 -13.54
N GLU A 21 -0.75 7.23 -13.05
CA GLU A 21 -0.77 6.00 -13.84
C GLU A 21 -2.16 5.75 -14.40
N GLU A 22 -2.91 4.85 -13.75
CA GLU A 22 -4.27 4.52 -14.19
C GLU A 22 -5.30 5.27 -13.36
N MET A 23 -5.89 6.30 -13.97
CA MET A 23 -6.91 7.11 -13.28
C MET A 23 -8.30 6.54 -13.53
N ALA A 24 -8.67 5.51 -12.76
CA ALA A 24 -9.98 4.90 -12.91
C ALA A 24 -11.02 5.64 -12.09
N SER A 25 -11.47 5.02 -11.01
CA SER A 25 -12.47 5.63 -10.13
C SER A 25 -11.80 6.41 -9.02
N ASP A 26 -12.61 7.11 -8.23
CA ASP A 26 -12.07 7.90 -7.13
C ASP A 26 -11.42 7.00 -6.11
N ASP A 27 -11.78 5.72 -6.17
CA ASP A 27 -11.22 4.74 -5.24
C ASP A 27 -9.70 4.85 -5.18
N LEU A 28 -9.09 5.06 -6.34
CA LEU A 28 -7.64 5.19 -6.39
C LEU A 28 -7.18 6.39 -5.57
N SER A 29 -7.91 7.50 -5.69
CA SER A 29 -7.55 8.71 -4.96
C SER A 29 -7.65 8.48 -3.45
N LEU A 30 -8.72 7.80 -3.02
CA LEU A 30 -8.90 7.54 -1.60
C LEU A 30 -7.76 6.67 -1.05
N ILE A 31 -7.36 5.66 -1.81
CA ILE A 31 -6.28 4.79 -1.38
C ILE A 31 -4.98 5.57 -1.27
N ARG A 32 -4.71 6.43 -2.25
CA ARG A 32 -3.49 7.23 -2.25
C ARG A 32 -3.48 8.21 -1.08
N LYS A 33 -4.63 8.83 -0.82
CA LYS A 33 -4.73 9.78 0.28
C LYS A 33 -4.55 9.10 1.64
N ASN A 34 -5.10 7.89 1.77
CA ASN A 34 -5.00 7.16 3.03
C ASN A 34 -3.72 6.30 3.07
N ARG A 35 -2.88 6.45 2.06
CA ARG A 35 -1.64 5.68 2.01
C ARG A 35 -0.75 6.03 3.20
N MET A 36 -0.62 7.33 3.47
CA MET A 36 0.22 7.79 4.57
C MET A 36 -0.35 7.34 5.90
N ALA A 37 -1.66 7.50 6.08
CA ALA A 37 -2.32 7.11 7.33
C ALA A 37 -2.12 5.63 7.60
N LEU A 38 -2.29 4.81 6.57
CA LEU A 38 -2.14 3.38 6.70
C LEU A 38 -0.69 3.02 7.04
N PHE A 39 0.25 3.75 6.43
CA PHE A 39 1.67 3.48 6.65
C PHE A 39 2.01 3.64 8.14
N GLN A 40 1.59 4.75 8.74
CA GLN A 40 1.87 5.00 10.15
C GLN A 40 1.05 4.07 11.04
N GLN A 41 -0.17 3.75 10.60
CA GLN A 41 -1.06 2.86 11.36
C GLN A 41 -0.92 1.42 10.85
N LEU A 42 0.31 1.02 10.58
CA LEU A 42 0.58 -0.34 10.09
C LEU A 42 0.45 -1.36 11.22
N THR A 43 -0.16 -2.51 10.92
CA THR A 43 -0.31 -3.55 11.92
C THR A 43 -0.55 -4.91 11.25
N CYS A 44 -1.50 -4.95 10.32
CA CYS A 44 -1.82 -6.19 9.60
C CYS A 44 -1.16 -6.21 8.24
N VAL A 45 0.17 -6.27 8.22
CA VAL A 45 0.92 -6.28 6.96
C VAL A 45 1.22 -7.72 6.53
N LEU A 46 0.95 -8.67 7.42
CA LEU A 46 1.19 -10.07 7.12
C LEU A 46 0.04 -10.68 6.30
N PRO A 47 -1.16 -10.73 6.82
CA PRO A 47 -2.32 -11.33 6.08
C PRO A 47 -2.57 -10.65 4.74
N ILE A 48 -2.40 -9.34 4.69
CA ILE A 48 -2.62 -8.59 3.45
C ILE A 48 -1.53 -8.92 2.44
N LEU A 49 -0.29 -9.00 2.90
CA LEU A 49 0.83 -9.32 2.02
C LEU A 49 0.63 -10.70 1.41
N ASP A 50 0.19 -11.64 2.24
CA ASP A 50 -0.03 -13.01 1.77
C ASP A 50 -1.12 -13.03 0.70
N ASN A 51 -2.14 -12.20 0.87
CA ASN A 51 -3.23 -12.16 -0.09
C ASN A 51 -2.73 -11.76 -1.47
N LEU A 52 -1.88 -10.73 -1.52
CA LEU A 52 -1.33 -10.28 -2.80
C LEU A 52 -0.39 -11.33 -3.38
N LEU A 53 0.38 -11.97 -2.51
CA LEU A 53 1.32 -13.01 -2.94
C LEU A 53 0.60 -14.06 -3.77
N LYS A 54 -0.70 -14.20 -3.55
CA LYS A 54 -1.50 -15.18 -4.28
C LYS A 54 -1.40 -14.94 -5.79
N ALA A 55 -1.54 -13.68 -6.19
CA ALA A 55 -1.47 -13.33 -7.61
C ALA A 55 -1.00 -11.90 -7.78
N ASN A 56 0.29 -11.73 -8.07
CA ASN A 56 0.87 -10.40 -8.25
C ASN A 56 2.17 -10.48 -9.05
N VAL A 57 2.87 -9.36 -9.16
CA VAL A 57 4.12 -9.32 -9.91
C VAL A 57 5.26 -9.94 -9.11
N ILE A 58 5.18 -9.82 -7.79
CA ILE A 58 6.19 -10.39 -6.91
C ILE A 58 5.97 -11.88 -6.74
N ASN A 59 6.98 -12.58 -6.23
CA ASN A 59 6.89 -14.03 -6.03
C ASN A 59 7.67 -14.43 -4.79
N LYS A 60 7.65 -15.73 -4.48
CA LYS A 60 8.35 -16.24 -3.31
C LYS A 60 9.77 -15.68 -3.26
N GLN A 61 10.24 -15.15 -4.39
CA GLN A 61 11.58 -14.59 -4.45
C GLN A 61 11.61 -13.16 -3.88
N GLU A 62 10.92 -12.24 -4.55
CA GLU A 62 10.86 -10.86 -4.08
C GLU A 62 10.14 -10.77 -2.75
N HIS A 63 9.13 -11.62 -2.57
CA HIS A 63 8.37 -11.64 -1.33
C HIS A 63 9.29 -11.96 -0.16
N ASP A 64 10.18 -12.93 -0.34
CA ASP A 64 11.11 -13.32 0.71
C ASP A 64 12.10 -12.19 1.02
N ILE A 65 12.51 -11.46 -0.01
CA ILE A 65 13.47 -10.38 0.18
C ILE A 65 12.91 -9.31 1.11
N ILE A 66 11.66 -8.94 0.89
CA ILE A 66 11.03 -7.92 1.73
C ILE A 66 10.69 -8.49 3.10
N LYS A 67 10.69 -9.82 3.22
CA LYS A 67 10.38 -10.47 4.49
C LYS A 67 11.65 -11.03 5.14
N GLN A 68 12.79 -10.84 4.48
CA GLN A 68 14.08 -11.33 5.01
C GLN A 68 15.09 -10.19 5.15
N LYS A 69 15.22 -9.36 4.12
CA LYS A 69 16.17 -8.25 4.13
C LYS A 69 15.50 -6.93 4.53
N THR A 70 14.20 -6.97 4.82
CA THR A 70 13.47 -5.75 5.20
C THR A 70 12.56 -6.04 6.39
N GLN A 71 12.40 -5.04 7.26
CA GLN A 71 11.57 -5.18 8.44
C GLN A 71 10.08 -5.06 8.06
N ILE A 72 9.23 -4.66 9.00
CA ILE A 72 7.79 -4.54 8.72
C ILE A 72 7.43 -3.14 8.18
N PRO A 73 8.00 -2.10 8.73
CA PRO A 73 7.69 -0.70 8.27
C PRO A 73 7.98 -0.48 6.78
N LEU A 74 9.22 -0.76 6.39
CA LEU A 74 9.62 -0.61 5.00
C LEU A 74 8.86 -1.59 4.10
N GLN A 75 8.66 -2.81 4.59
CA GLN A 75 7.95 -3.81 3.81
C GLN A 75 6.56 -3.29 3.46
N ALA A 76 5.92 -2.61 4.41
CA ALA A 76 4.61 -2.05 4.16
C ALA A 76 4.70 -0.98 3.09
N ARG A 77 5.75 -0.18 3.15
CA ARG A 77 5.95 0.87 2.16
C ARG A 77 6.15 0.29 0.78
N GLU A 78 6.96 -0.76 0.71
CA GLU A 78 7.23 -1.41 -0.57
C GLU A 78 5.92 -1.98 -1.14
N LEU A 79 5.11 -2.58 -0.27
CA LEU A 79 3.84 -3.16 -0.69
C LEU A 79 2.91 -2.09 -1.22
N ILE A 80 2.88 -0.93 -0.57
CA ILE A 80 2.02 0.16 -1.00
C ILE A 80 2.43 0.62 -2.40
N ASP A 81 3.73 0.72 -2.63
CA ASP A 81 4.24 1.15 -3.92
C ASP A 81 3.74 0.22 -5.04
N THR A 82 3.65 -1.08 -4.74
CA THR A 82 3.19 -2.03 -5.74
C THR A 82 1.72 -1.75 -6.11
N ILE A 83 0.95 -1.27 -5.13
CA ILE A 83 -0.45 -0.94 -5.37
C ILE A 83 -0.58 0.21 -6.35
N LEU A 84 0.27 1.21 -6.19
CA LEU A 84 0.23 2.36 -7.08
C LEU A 84 0.49 1.93 -8.52
N VAL A 85 1.46 1.04 -8.71
CA VAL A 85 1.78 0.56 -10.05
C VAL A 85 0.59 -0.19 -10.65
N LYS A 86 0.00 -1.10 -9.85
CA LYS A 86 -1.14 -1.88 -10.32
C LYS A 86 -2.35 -0.98 -10.55
N GLY A 87 -2.62 -0.09 -9.59
CA GLY A 87 -3.75 0.82 -9.71
C GLY A 87 -5.03 0.21 -9.18
N ASN A 88 -6.17 0.78 -9.58
CA ASN A 88 -7.46 0.29 -9.13
C ASN A 88 -7.56 -1.22 -9.35
N ALA A 89 -6.64 -1.76 -10.13
CA ALA A 89 -6.64 -3.20 -10.40
C ALA A 89 -6.36 -3.95 -9.11
N ALA A 90 -5.51 -3.37 -8.26
CA ALA A 90 -5.17 -4.00 -6.99
C ALA A 90 -6.06 -3.49 -5.87
N ALA A 91 -6.81 -2.44 -6.16
CA ALA A 91 -7.71 -1.87 -5.17
C ALA A 91 -8.70 -2.94 -4.72
N ASN A 92 -9.11 -3.80 -5.64
CA ASN A 92 -10.06 -4.84 -5.30
C ASN A 92 -9.48 -5.75 -4.22
N ILE A 93 -8.28 -6.27 -4.45
CA ILE A 93 -7.65 -7.14 -3.49
C ILE A 93 -7.36 -6.37 -2.20
N PHE A 94 -6.83 -5.17 -2.36
CA PHE A 94 -6.52 -4.35 -1.20
C PHE A 94 -7.79 -4.05 -0.40
N LYS A 95 -8.83 -3.63 -1.11
CA LYS A 95 -10.12 -3.31 -0.49
C LYS A 95 -10.77 -4.56 0.11
N ASN A 96 -10.77 -5.64 -0.66
CA ASN A 96 -11.37 -6.88 -0.21
C ASN A 96 -10.66 -7.42 1.03
N CYS A 97 -9.33 -7.33 1.03
CA CYS A 97 -8.54 -7.81 2.16
C CYS A 97 -8.84 -6.99 3.41
N LEU A 98 -8.94 -5.68 3.24
CA LEU A 98 -9.23 -4.79 4.37
C LEU A 98 -10.61 -5.09 4.94
N LYS A 99 -11.58 -5.37 4.08
CA LYS A 99 -12.92 -5.67 4.53
C LYS A 99 -12.93 -6.91 5.42
N GLU A 100 -12.20 -7.94 5.01
CA GLU A 100 -12.13 -9.17 5.82
C GLU A 100 -11.23 -8.96 7.04
N ILE A 101 -10.05 -8.40 6.82
CA ILE A 101 -9.11 -8.17 7.92
C ILE A 101 -9.69 -7.16 8.92
N ASP A 102 -10.26 -6.08 8.41
CA ASP A 102 -10.86 -5.05 9.26
C ASP A 102 -12.10 -4.46 8.60
N SER A 103 -13.23 -5.15 8.78
CA SER A 103 -14.48 -4.68 8.21
C SER A 103 -14.85 -3.30 8.78
N THR A 104 -14.49 -3.08 10.04
CA THR A 104 -14.79 -1.82 10.70
C THR A 104 -14.04 -0.68 10.02
N LEU A 105 -12.81 -0.94 9.59
CA LEU A 105 -12.00 0.08 8.94
C LEU A 105 -12.68 0.54 7.66
N TYR A 106 -13.22 -0.41 6.90
CA TYR A 106 -13.90 -0.07 5.66
C TYR A 106 -15.07 0.87 5.95
N LYS A 107 -15.84 0.53 6.98
CA LYS A 107 -16.99 1.35 7.36
C LYS A 107 -16.54 2.73 7.82
N ASN A 108 -15.22 2.93 7.90
CA ASN A 108 -14.66 4.22 8.35
C ASN A 108 -13.77 4.81 7.26
N LEU A 109 -13.49 4.03 6.22
CA LEU A 109 -12.66 4.50 5.12
C LEU A 109 -13.52 5.13 4.02
N PHE A 110 -14.19 4.29 3.24
CA PHE A 110 -15.04 4.75 2.14
C PHE A 110 -16.29 5.45 2.64
N VAL A 111 -16.91 4.91 3.69
CA VAL A 111 -18.14 5.46 4.22
C VAL A 111 -17.89 6.81 4.91
N ASP A 112 -17.21 6.78 6.04
CA ASP A 112 -16.93 7.99 6.81
C ASP A 112 -16.11 8.98 5.97
N LYS A 113 -15.26 8.45 5.10
CA LYS A 113 -14.41 9.30 4.25
C LYS A 113 -13.51 10.18 5.12
N ASN A 114 -13.48 9.88 6.42
CA ASN A 114 -12.65 10.64 7.36
C ASN A 114 -11.83 9.69 8.24
N MET A 115 -10.53 9.92 8.30
CA MET A 115 -9.65 9.07 9.11
C MET A 115 -9.37 9.74 10.46
N LYS A 116 -9.43 8.95 11.53
CA LYS A 116 -9.20 9.48 12.87
C LYS A 116 -7.73 9.81 13.06
N TYR A 117 -7.47 10.92 13.74
CA TYR A 117 -6.09 11.36 13.99
C TYR A 117 -5.57 10.70 15.27
N ILE A 118 -4.45 9.98 15.16
CA ILE A 118 -3.88 9.27 16.32
C ILE A 118 -2.36 9.36 16.37
N PRO A 119 -1.79 10.36 17.01
CA PRO A 119 -0.31 10.47 17.15
C PRO A 119 0.41 9.14 17.24
N THR A 120 1.16 8.76 16.20
CA THR A 120 1.92 7.51 16.27
C THR A 120 3.32 7.79 16.80
N GLU A 121 3.55 9.06 17.16
CA GLU A 121 4.85 9.47 17.69
C GLU A 121 5.24 8.60 18.88
N ASP A 122 6.21 9.07 19.66
CA ASP A 122 6.68 8.32 20.81
C ASP A 122 5.54 8.12 21.82
N VAL A 123 5.49 6.94 22.41
CA VAL A 123 4.45 6.62 23.38
C VAL A 123 4.78 7.24 24.74
N SER A 124 6.06 7.31 25.06
CA SER A 124 6.51 7.88 26.34
C SER A 124 7.77 8.71 26.15
N GLY A 125 7.88 9.79 26.93
CA GLY A 125 9.04 10.67 26.84
C GLY A 125 9.20 11.49 28.11
N LEU A 126 8.51 11.07 29.17
CA LEU A 126 8.58 11.77 30.44
C LEU A 126 9.86 11.42 31.18
N SER A 127 10.34 12.34 32.02
CA SER A 127 11.56 12.12 32.78
C SER A 127 11.54 12.92 34.07
N LEU A 128 12.33 12.48 35.05
CA LEU A 128 12.40 13.17 36.34
C LEU A 128 13.74 12.87 37.00
N GLU A 129 14.20 11.64 36.87
CA GLU A 129 15.47 11.25 37.47
C GLU A 129 16.63 11.96 36.78
N GLU A 130 16.52 12.12 35.47
CA GLU A 130 17.57 12.78 34.71
C GLU A 130 17.64 14.26 35.08
N GLN A 131 18.83 14.72 35.47
CA GLN A 131 19.02 16.12 35.85
C GLN A 131 20.44 16.57 35.53
N LEU A 132 20.56 17.73 34.88
CA LEU A 132 21.86 18.27 34.52
C LEU A 132 21.75 19.77 34.27
N GLY A 1 38.91 -7.99 -44.67
CA GLY A 1 37.70 -7.16 -44.38
C GLY A 1 36.98 -7.72 -43.16
N SER A 2 37.00 -6.95 -42.07
CA SER A 2 36.35 -7.37 -40.83
C SER A 2 34.84 -7.23 -40.94
N HIS A 3 34.11 -7.91 -40.06
CA HIS A 3 32.66 -7.85 -40.07
C HIS A 3 32.17 -6.54 -39.44
N MET A 4 31.27 -5.86 -40.13
CA MET A 4 30.73 -4.60 -39.64
C MET A 4 29.64 -4.85 -38.60
N LEU A 5 29.56 -3.98 -37.60
CA LEU A 5 28.57 -4.12 -36.55
C LEU A 5 27.18 -3.75 -37.07
N ASN A 6 26.18 -4.52 -36.68
CA ASN A 6 24.80 -4.26 -37.12
C ASN A 6 23.82 -4.45 -35.96
N ALA A 7 24.35 -4.47 -34.73
CA ALA A 7 23.53 -4.65 -33.55
C ALA A 7 22.58 -3.47 -33.39
N GLU A 8 21.34 -3.75 -32.96
CA GLU A 8 20.33 -2.71 -32.77
C GLU A 8 19.63 -2.89 -31.43
N ASP A 9 19.42 -4.14 -31.04
CA ASP A 9 18.75 -4.44 -29.78
C ASP A 9 19.67 -4.11 -28.61
N GLU A 10 20.96 -3.97 -28.89
CA GLU A 10 21.92 -3.66 -27.85
C GLU A 10 21.67 -2.26 -27.30
N LYS A 11 21.30 -1.34 -28.18
CA LYS A 11 21.04 0.04 -27.77
C LYS A 11 19.87 0.09 -26.79
N ARG A 12 18.66 -0.16 -27.31
CA ARG A 12 17.47 -0.14 -26.47
C ARG A 12 16.25 -0.60 -27.27
N GLU A 13 15.53 -1.58 -26.75
CA GLU A 13 14.35 -2.10 -27.40
C GLU A 13 13.25 -1.03 -27.46
N GLU A 14 12.51 -1.01 -28.56
CA GLU A 14 11.44 -0.03 -28.73
C GLU A 14 10.36 -0.24 -27.67
N GLU A 15 10.00 0.84 -26.99
CA GLU A 15 8.97 0.77 -25.95
C GLU A 15 7.59 0.77 -26.58
N LYS A 16 6.61 0.21 -25.86
CA LYS A 16 5.22 0.15 -26.36
C LYS A 16 4.26 0.73 -25.32
N GLU A 17 3.25 1.45 -25.80
CA GLU A 17 2.27 2.05 -24.90
C GLU A 17 1.16 1.04 -24.58
N LYS A 18 1.00 0.73 -23.29
CA LYS A 18 -0.01 -0.21 -22.86
C LYS A 18 -1.37 0.49 -22.74
N GLN A 19 -2.40 -0.15 -23.29
CA GLN A 19 -3.76 0.41 -23.24
C GLN A 19 -4.29 0.40 -21.81
N ALA A 20 -4.95 1.49 -21.43
CA ALA A 20 -5.51 1.59 -20.08
C ALA A 20 -6.83 0.83 -20.00
N GLU A 21 -6.76 -0.40 -19.49
CA GLU A 21 -7.95 -1.23 -19.36
C GLU A 21 -8.91 -0.62 -18.35
N GLU A 22 -8.34 -0.04 -17.28
CA GLU A 22 -9.15 0.58 -16.24
C GLU A 22 -8.41 1.77 -15.64
N MET A 23 -8.98 2.96 -15.78
CA MET A 23 -8.38 4.17 -15.24
C MET A 23 -8.61 4.26 -13.75
N ALA A 24 -7.66 4.86 -13.04
CA ALA A 24 -7.77 5.00 -11.59
C ALA A 24 -9.19 5.39 -11.18
N SER A 25 -9.85 4.51 -10.45
CA SER A 25 -11.21 4.76 -10.01
C SER A 25 -11.20 5.62 -8.76
N ASP A 26 -12.38 5.90 -8.23
CA ASP A 26 -12.51 6.72 -7.03
C ASP A 26 -11.78 6.07 -5.86
N ASP A 27 -11.80 4.74 -5.82
CA ASP A 27 -11.16 4.00 -4.74
C ASP A 27 -9.66 4.30 -4.71
N LEU A 28 -9.07 4.47 -5.89
CA LEU A 28 -7.65 4.75 -5.98
C LEU A 28 -7.34 6.07 -5.27
N SER A 29 -8.18 7.08 -5.49
CA SER A 29 -7.97 8.38 -4.87
C SER A 29 -7.98 8.25 -3.34
N LEU A 30 -8.90 7.44 -2.83
CA LEU A 30 -9.00 7.22 -1.39
C LEU A 30 -7.74 6.53 -0.87
N ILE A 31 -7.25 5.55 -1.62
CA ILE A 31 -6.05 4.82 -1.23
C ILE A 31 -4.84 5.76 -1.20
N ARG A 32 -4.73 6.59 -2.24
CA ARG A 32 -3.61 7.52 -2.33
C ARG A 32 -3.60 8.48 -1.13
N LYS A 33 -4.78 9.00 -0.79
CA LYS A 33 -4.89 9.92 0.34
C LYS A 33 -4.55 9.23 1.64
N ASN A 34 -4.98 7.98 1.78
CA ASN A 34 -4.72 7.20 2.99
C ASN A 34 -3.36 6.51 2.89
N ARG A 35 -2.61 6.83 1.84
CA ARG A 35 -1.30 6.23 1.64
C ARG A 35 -0.39 6.54 2.82
N MET A 36 -0.42 7.80 3.26
CA MET A 36 0.41 8.21 4.39
C MET A 36 -0.13 7.62 5.69
N ALA A 37 -1.46 7.60 5.82
CA ALA A 37 -2.09 7.07 7.02
C ALA A 37 -1.77 5.59 7.18
N LEU A 38 -1.74 4.88 6.05
CA LEU A 38 -1.44 3.45 6.07
C LEU A 38 -0.03 3.22 6.61
N PHE A 39 0.91 4.06 6.19
CA PHE A 39 2.28 3.94 6.65
C PHE A 39 2.36 4.25 8.15
N GLN A 40 1.41 5.04 8.63
CA GLN A 40 1.39 5.41 10.04
C GLN A 40 0.70 4.33 10.87
N GLN A 41 -0.34 3.73 10.30
CA GLN A 41 -1.11 2.69 10.98
C GLN A 41 -0.96 1.35 10.28
N LEU A 42 0.30 0.91 10.13
CA LEU A 42 0.59 -0.36 9.48
C LEU A 42 0.67 -1.49 10.52
N THR A 43 -0.48 -1.91 11.05
CA THR A 43 -0.52 -2.98 12.05
C THR A 43 -0.89 -4.30 11.40
N CYS A 44 -1.06 -4.30 10.08
CA CYS A 44 -1.41 -5.52 9.35
C CYS A 44 -0.66 -5.58 8.02
N VAL A 45 0.61 -6.02 8.08
CA VAL A 45 1.43 -6.13 6.87
C VAL A 45 1.76 -7.59 6.56
N LEU A 46 1.38 -8.49 7.47
CA LEU A 46 1.60 -9.93 7.28
C LEU A 46 0.43 -10.59 6.54
N PRO A 47 -0.80 -10.16 6.77
CA PRO A 47 -2.03 -10.74 6.12
C PRO A 47 -2.36 -10.09 4.78
N ILE A 48 -2.17 -8.78 4.68
CA ILE A 48 -2.43 -8.10 3.42
C ILE A 48 -1.38 -8.51 2.40
N LEU A 49 -0.14 -8.57 2.85
CA LEU A 49 0.96 -8.95 1.96
C LEU A 49 0.75 -10.38 1.46
N ASP A 50 0.33 -11.25 2.37
CA ASP A 50 0.09 -12.64 2.00
C ASP A 50 -1.05 -12.75 1.00
N ASN A 51 -2.05 -11.88 1.14
CA ASN A 51 -3.20 -11.90 0.24
C ASN A 51 -2.78 -11.63 -1.21
N LEU A 52 -1.90 -10.65 -1.38
CA LEU A 52 -1.41 -10.30 -2.72
C LEU A 52 -0.62 -11.45 -3.33
N LEU A 53 0.15 -12.14 -2.50
CA LEU A 53 0.96 -13.26 -2.98
C LEU A 53 0.10 -14.24 -3.77
N LYS A 54 -1.20 -14.24 -3.51
CA LYS A 54 -2.12 -15.14 -4.20
C LYS A 54 -2.11 -14.85 -5.69
N ALA A 55 -2.14 -13.56 -6.05
CA ALA A 55 -2.14 -13.16 -7.46
C ALA A 55 -1.52 -11.78 -7.63
N ASN A 56 -0.25 -11.75 -8.00
CA ASN A 56 0.47 -10.49 -8.19
C ASN A 56 1.72 -10.70 -9.05
N VAL A 57 2.51 -9.64 -9.20
CA VAL A 57 3.73 -9.72 -9.99
C VAL A 57 4.84 -10.42 -9.21
N ILE A 58 4.81 -10.26 -7.89
CA ILE A 58 5.82 -10.87 -7.04
C ILE A 58 5.48 -12.34 -6.78
N ASN A 59 6.50 -13.19 -6.75
CA ASN A 59 6.30 -14.62 -6.50
C ASN A 59 6.77 -14.98 -5.10
N LYS A 60 7.01 -16.26 -4.89
CA LYS A 60 7.46 -16.73 -3.59
C LYS A 60 8.82 -16.13 -3.26
N GLN A 61 9.58 -15.75 -4.28
CA GLN A 61 10.89 -15.16 -4.08
C GLN A 61 10.78 -13.68 -3.74
N GLU A 62 10.45 -12.87 -4.74
CA GLU A 62 10.32 -11.43 -4.52
C GLU A 62 9.52 -11.14 -3.26
N HIS A 63 8.56 -12.01 -2.96
CA HIS A 63 7.75 -11.84 -1.77
C HIS A 63 8.60 -12.00 -0.52
N ASP A 64 9.47 -13.01 -0.51
CA ASP A 64 10.33 -13.25 0.64
C ASP A 64 11.46 -12.22 0.72
N ILE A 65 12.07 -11.93 -0.42
CA ILE A 65 13.18 -10.97 -0.46
C ILE A 65 12.73 -9.58 -0.03
N ILE A 66 11.58 -9.14 -0.53
CA ILE A 66 11.05 -7.83 -0.19
C ILE A 66 10.45 -7.84 1.22
N LYS A 67 10.46 -9.01 1.87
CA LYS A 67 9.89 -9.14 3.22
C LYS A 67 10.99 -9.46 4.23
N GLN A 68 12.01 -10.19 3.78
CA GLN A 68 13.11 -10.58 4.66
C GLN A 68 13.97 -9.38 5.01
N LYS A 69 14.66 -8.84 4.02
CA LYS A 69 15.53 -7.68 4.24
C LYS A 69 14.70 -6.45 4.57
N THR A 70 13.38 -6.58 4.47
CA THR A 70 12.47 -5.48 4.77
C THR A 70 11.87 -5.64 6.16
N GLN A 71 11.98 -4.59 6.96
CA GLN A 71 11.45 -4.61 8.33
C GLN A 71 9.94 -4.42 8.32
N ILE A 72 9.30 -4.63 9.48
CA ILE A 72 7.85 -4.46 9.59
C ILE A 72 7.43 -3.06 9.08
N PRO A 73 7.92 -1.98 9.68
CA PRO A 73 7.56 -0.59 9.24
C PRO A 73 7.74 -0.42 7.73
N LEU A 74 8.89 -0.84 7.22
CA LEU A 74 9.20 -0.72 5.80
C LEU A 74 8.28 -1.61 5.00
N GLN A 75 7.97 -2.79 5.54
CA GLN A 75 7.10 -3.75 4.84
C GLN A 75 5.96 -3.00 4.15
N ALA A 76 5.35 -2.07 4.88
CA ALA A 76 4.27 -1.28 4.32
C ALA A 76 4.78 -0.41 3.18
N ARG A 77 5.97 0.16 3.37
CA ARG A 77 6.56 1.01 2.33
C ARG A 77 6.76 0.22 1.06
N GLU A 78 7.29 -0.98 1.20
CA GLU A 78 7.52 -1.82 0.03
C GLU A 78 6.18 -2.22 -0.58
N LEU A 79 5.20 -2.46 0.27
CA LEU A 79 3.86 -2.83 -0.19
C LEU A 79 3.21 -1.67 -0.94
N ILE A 80 3.37 -0.46 -0.43
CA ILE A 80 2.77 0.71 -1.08
C ILE A 80 3.29 0.85 -2.50
N ASP A 81 4.59 0.66 -2.68
CA ASP A 81 5.19 0.77 -4.00
C ASP A 81 4.54 -0.22 -4.95
N THR A 82 4.27 -1.43 -4.47
CA THR A 82 3.65 -2.45 -5.31
C THR A 82 2.20 -2.06 -5.63
N ILE A 83 1.52 -1.45 -4.67
CA ILE A 83 0.13 -1.02 -4.87
C ILE A 83 0.07 0.04 -5.97
N LEU A 84 1.04 0.95 -5.95
CA LEU A 84 1.07 2.02 -6.94
C LEU A 84 1.17 1.43 -8.35
N VAL A 85 2.01 0.42 -8.52
CA VAL A 85 2.17 -0.20 -9.82
C VAL A 85 0.85 -0.79 -10.29
N LYS A 86 0.19 -1.54 -9.41
CA LYS A 86 -1.09 -2.16 -9.73
C LYS A 86 -2.17 -1.10 -9.95
N GLY A 87 -2.26 -0.15 -9.03
CA GLY A 87 -3.26 0.91 -9.14
C GLY A 87 -4.67 0.36 -9.08
N ASN A 88 -5.52 0.80 -10.00
CA ASN A 88 -6.91 0.36 -10.03
C ASN A 88 -7.00 -1.16 -9.95
N ALA A 89 -6.01 -1.85 -10.52
CA ALA A 89 -6.00 -3.31 -10.50
C ALA A 89 -5.97 -3.84 -9.07
N ALA A 90 -5.24 -3.15 -8.20
CA ALA A 90 -5.14 -3.58 -6.80
C ALA A 90 -6.27 -2.99 -5.97
N ALA A 91 -7.10 -2.16 -6.58
CA ALA A 91 -8.19 -1.54 -5.85
C ALA A 91 -9.11 -2.61 -5.28
N ASN A 92 -9.33 -3.68 -6.04
CA ASN A 92 -10.19 -4.76 -5.59
C ASN A 92 -9.50 -5.59 -4.50
N ILE A 93 -8.24 -5.94 -4.73
CA ILE A 93 -7.49 -6.73 -3.77
C ILE A 93 -7.28 -5.96 -2.47
N PHE A 94 -6.92 -4.69 -2.60
CA PHE A 94 -6.69 -3.85 -1.43
C PHE A 94 -7.97 -3.74 -0.62
N LYS A 95 -9.08 -3.50 -1.31
CA LYS A 95 -10.38 -3.39 -0.66
C LYS A 95 -10.78 -4.74 -0.06
N ASN A 96 -10.56 -5.81 -0.81
CA ASN A 96 -10.91 -7.14 -0.34
C ASN A 96 -10.12 -7.50 0.91
N CYS A 97 -8.84 -7.13 0.93
CA CYS A 97 -7.98 -7.41 2.07
C CYS A 97 -8.43 -6.62 3.30
N LEU A 98 -8.70 -5.33 3.11
CA LEU A 98 -9.12 -4.49 4.23
C LEU A 98 -10.43 -4.98 4.82
N LYS A 99 -11.37 -5.36 3.97
CA LYS A 99 -12.65 -5.84 4.44
C LYS A 99 -12.47 -7.11 5.27
N GLU A 100 -11.64 -8.02 4.78
CA GLU A 100 -11.40 -9.27 5.49
C GLU A 100 -10.53 -9.03 6.73
N ILE A 101 -9.45 -8.27 6.57
CA ILE A 101 -8.56 -7.98 7.68
C ILE A 101 -9.29 -7.18 8.75
N ASP A 102 -10.05 -6.18 8.31
CA ASP A 102 -10.81 -5.32 9.22
C ASP A 102 -12.09 -4.80 8.57
N SER A 103 -13.15 -5.58 8.66
CA SER A 103 -14.44 -5.17 8.09
C SER A 103 -14.90 -3.87 8.72
N THR A 104 -14.57 -3.68 9.99
CA THR A 104 -14.95 -2.45 10.70
C THR A 104 -14.33 -1.23 10.05
N LEU A 105 -13.06 -1.34 9.67
CA LEU A 105 -12.35 -0.23 9.05
C LEU A 105 -13.08 0.21 7.77
N TYR A 106 -13.53 -0.75 6.98
CA TYR A 106 -14.23 -0.44 5.74
C TYR A 106 -15.46 0.40 6.05
N LYS A 107 -16.01 0.22 7.24
CA LYS A 107 -17.20 0.96 7.66
C LYS A 107 -16.82 2.33 8.20
N ASN A 108 -15.52 2.64 8.22
CA ASN A 108 -15.05 3.93 8.72
C ASN A 108 -14.32 4.71 7.61
N LEU A 109 -14.01 4.00 6.52
CA LEU A 109 -13.31 4.63 5.39
C LEU A 109 -14.30 5.17 4.36
N PHE A 110 -14.85 4.28 3.54
CA PHE A 110 -15.79 4.65 2.49
C PHE A 110 -17.11 5.15 3.06
N VAL A 111 -17.53 4.59 4.18
CA VAL A 111 -18.80 4.98 4.80
C VAL A 111 -18.68 6.34 5.49
N ASP A 112 -17.96 6.37 6.62
CA ASP A 112 -17.80 7.61 7.38
C ASP A 112 -17.08 8.67 6.55
N LYS A 113 -16.03 8.27 5.86
CA LYS A 113 -15.26 9.19 5.03
C LYS A 113 -14.75 10.35 5.87
N ASN A 114 -14.60 10.12 7.18
CA ASN A 114 -14.13 11.17 8.10
C ASN A 114 -13.09 10.60 9.05
N MET A 115 -12.48 9.48 8.67
CA MET A 115 -11.46 8.85 9.50
C MET A 115 -10.14 9.59 9.35
N LYS A 116 -9.53 9.94 10.49
CA LYS A 116 -8.25 10.65 10.49
C LYS A 116 -7.32 10.08 11.56
N TYR A 117 -6.01 10.19 11.33
CA TYR A 117 -5.02 9.69 12.29
C TYR A 117 -3.92 10.72 12.49
N ILE A 118 -3.21 10.61 13.60
CA ILE A 118 -2.13 11.54 13.92
C ILE A 118 -1.01 11.46 12.86
N PRO A 119 -0.70 12.55 12.17
CA PRO A 119 0.37 12.55 11.12
C PRO A 119 1.77 12.51 11.73
N THR A 120 2.63 11.70 11.12
CA THR A 120 4.01 11.57 11.60
C THR A 120 4.91 12.60 10.92
N GLU A 121 5.16 13.71 11.61
CA GLU A 121 6.01 14.77 11.07
C GLU A 121 6.84 15.40 12.17
N ASP A 122 8.00 15.94 11.80
CA ASP A 122 8.90 16.58 12.78
C ASP A 122 8.55 18.06 12.93
N VAL A 123 7.68 18.36 13.88
CA VAL A 123 7.27 19.74 14.12
C VAL A 123 8.34 20.48 14.91
N SER A 124 9.11 19.74 15.70
CA SER A 124 10.17 20.34 16.49
C SER A 124 11.12 21.15 15.61
N GLY A 125 12.19 20.52 15.17
CA GLY A 125 13.17 21.19 14.31
C GLY A 125 13.65 22.50 14.96
N LEU A 126 14.31 22.36 16.10
CA LEU A 126 14.82 23.54 16.81
C LEU A 126 15.99 24.14 16.06
N SER A 127 16.03 25.48 15.99
CA SER A 127 17.11 26.18 15.30
C SER A 127 18.27 26.45 16.25
N LEU A 128 18.06 26.15 17.53
CA LEU A 128 19.09 26.36 18.53
C LEU A 128 20.32 25.51 18.24
N GLU A 129 20.07 24.27 17.82
CA GLU A 129 21.16 23.35 17.51
C GLU A 129 22.03 23.90 16.37
N GLU A 130 21.41 24.68 15.48
CA GLU A 130 22.14 25.25 14.35
C GLU A 130 23.26 26.16 14.83
N GLN A 131 22.95 27.04 15.78
CA GLN A 131 23.95 27.96 16.32
C GLN A 131 24.82 27.26 17.36
N LEU A 132 24.22 26.29 18.07
CA LEU A 132 24.94 25.54 19.10
C LEU A 132 24.60 24.06 19.01
N GLY A 1 3.03 5.08 -53.24
CA GLY A 1 1.88 5.19 -52.30
C GLY A 1 2.36 4.87 -50.89
N SER A 2 2.02 5.76 -49.95
CA SER A 2 2.42 5.57 -48.55
C SER A 2 1.71 4.36 -47.96
N HIS A 3 2.43 3.62 -47.12
CA HIS A 3 1.86 2.42 -46.48
C HIS A 3 2.55 2.15 -45.16
N MET A 4 1.89 1.39 -44.29
CA MET A 4 2.46 1.06 -42.99
C MET A 4 3.38 -0.17 -43.10
N LEU A 5 4.49 -0.13 -42.38
CA LEU A 5 5.44 -1.23 -42.39
C LEU A 5 4.92 -2.41 -41.58
N ASN A 6 5.16 -3.63 -42.07
CA ASN A 6 4.71 -4.84 -41.38
C ASN A 6 5.91 -5.65 -40.88
N ALA A 7 6.97 -4.94 -40.50
CA ALA A 7 8.17 -5.61 -40.01
C ALA A 7 7.96 -6.14 -38.59
N GLU A 8 8.82 -7.06 -38.17
CA GLU A 8 8.72 -7.64 -36.84
C GLU A 8 9.16 -6.65 -35.76
N ASP A 9 10.24 -7.00 -35.05
CA ASP A 9 10.75 -6.15 -33.98
C ASP A 9 11.39 -4.88 -34.54
N GLU A 10 11.72 -4.91 -35.83
CA GLU A 10 12.34 -3.76 -36.47
C GLU A 10 11.44 -2.52 -36.33
N LYS A 11 10.18 -2.68 -36.68
CA LYS A 11 9.23 -1.57 -36.58
C LYS A 11 9.05 -1.15 -35.13
N ARG A 12 8.81 -2.14 -34.27
CA ARG A 12 8.62 -1.88 -32.84
C ARG A 12 8.72 -3.17 -32.04
N GLU A 13 9.16 -3.06 -30.79
CA GLU A 13 9.28 -4.22 -29.93
C GLU A 13 7.95 -4.94 -29.79
N GLU A 14 7.89 -5.93 -28.91
CA GLU A 14 6.67 -6.69 -28.69
C GLU A 14 5.71 -5.89 -27.81
N GLU A 15 6.00 -4.60 -27.64
CA GLU A 15 5.15 -3.74 -26.82
C GLU A 15 3.76 -3.64 -27.43
N LYS A 16 2.74 -3.88 -26.61
CA LYS A 16 1.35 -3.81 -27.06
C LYS A 16 0.47 -3.18 -25.98
N GLU A 17 -0.83 -3.08 -26.25
CA GLU A 17 -1.75 -2.49 -25.30
C GLU A 17 -1.63 -3.18 -23.95
N LYS A 18 -1.36 -2.40 -22.91
CA LYS A 18 -1.21 -2.95 -21.56
C LYS A 18 -2.54 -3.53 -21.08
N GLN A 19 -3.46 -2.66 -20.70
CA GLN A 19 -4.77 -3.11 -20.22
C GLN A 19 -5.70 -1.91 -20.01
N ALA A 20 -7.00 -2.19 -19.97
CA ALA A 20 -8.00 -1.14 -19.79
C ALA A 20 -8.22 -0.87 -18.30
N GLU A 21 -7.65 -1.73 -17.45
CA GLU A 21 -7.80 -1.58 -16.02
C GLU A 21 -7.20 -0.25 -15.56
N GLU A 22 -6.67 0.51 -16.51
CA GLU A 22 -6.07 1.80 -16.20
C GLU A 22 -7.15 2.85 -15.96
N MET A 23 -8.40 2.39 -15.91
CA MET A 23 -9.53 3.30 -15.68
C MET A 23 -9.52 3.81 -14.24
N ALA A 24 -8.34 4.21 -13.75
CA ALA A 24 -8.22 4.71 -12.39
C ALA A 24 -9.42 5.57 -12.00
N SER A 25 -10.24 5.04 -11.12
CA SER A 25 -11.44 5.76 -10.66
C SER A 25 -11.12 6.56 -9.40
N ASP A 26 -12.15 7.12 -8.80
CA ASP A 26 -11.98 7.92 -7.59
C ASP A 26 -11.45 7.06 -6.45
N ASP A 27 -11.87 5.80 -6.41
CA ASP A 27 -11.44 4.89 -5.36
C ASP A 27 -9.93 4.91 -5.22
N LEU A 28 -9.22 4.99 -6.34
CA LEU A 28 -7.76 5.03 -6.31
C LEU A 28 -7.29 6.26 -5.54
N SER A 29 -7.97 7.38 -5.77
CA SER A 29 -7.62 8.62 -5.09
C SER A 29 -7.77 8.46 -3.58
N LEU A 30 -8.83 7.76 -3.17
CA LEU A 30 -9.08 7.55 -1.74
C LEU A 30 -7.94 6.73 -1.12
N ILE A 31 -7.46 5.73 -1.85
CA ILE A 31 -6.37 4.91 -1.35
C ILE A 31 -5.12 5.76 -1.12
N ARG A 32 -4.84 6.64 -2.08
CA ARG A 32 -3.66 7.51 -1.97
C ARG A 32 -3.77 8.42 -0.76
N LYS A 33 -4.97 8.99 -0.55
CA LYS A 33 -5.18 9.87 0.60
C LYS A 33 -5.01 9.11 1.92
N ASN A 34 -5.53 7.90 1.97
CA ASN A 34 -5.44 7.09 3.19
C ASN A 34 -4.13 6.32 3.22
N ARG A 35 -3.25 6.60 2.27
CA ARG A 35 -1.96 5.91 2.21
C ARG A 35 -1.14 6.20 3.46
N MET A 36 -1.12 7.47 3.88
CA MET A 36 -0.36 7.87 5.07
C MET A 36 -0.92 7.23 6.32
N ALA A 37 -2.24 7.19 6.44
CA ALA A 37 -2.87 6.59 7.62
C ALA A 37 -2.52 5.10 7.68
N LEU A 38 -2.61 4.43 6.54
CA LEU A 38 -2.31 3.02 6.48
C LEU A 38 -0.83 2.78 6.80
N PHE A 39 0.04 3.61 6.22
CA PHE A 39 1.47 3.50 6.47
C PHE A 39 1.77 3.84 7.93
N GLN A 40 1.16 4.92 8.41
CA GLN A 40 1.35 5.36 9.78
C GLN A 40 0.88 4.29 10.76
N GLN A 41 -0.20 3.59 10.39
CA GLN A 41 -0.77 2.56 11.25
C GLN A 41 -0.63 1.18 10.59
N LEU A 42 0.60 0.67 10.58
CA LEU A 42 0.87 -0.63 9.99
C LEU A 42 0.95 -1.71 11.08
N THR A 43 0.21 -2.80 10.88
CA THR A 43 0.21 -3.90 11.84
C THR A 43 -0.15 -5.21 11.15
N CYS A 44 -1.20 -5.17 10.34
CA CYS A 44 -1.67 -6.36 9.61
C CYS A 44 -0.99 -6.45 8.25
N VAL A 45 0.28 -6.04 8.18
CA VAL A 45 1.01 -6.07 6.94
C VAL A 45 1.17 -7.52 6.44
N LEU A 46 1.07 -8.48 7.36
CA LEU A 46 1.18 -9.87 6.97
C LEU A 46 -0.08 -10.26 6.15
N PRO A 47 -1.24 -10.45 6.76
CA PRO A 47 -2.50 -10.79 6.03
C PRO A 47 -2.65 -10.17 4.64
N ILE A 48 -2.39 -8.86 4.52
CA ILE A 48 -2.55 -8.20 3.23
C ILE A 48 -1.47 -8.66 2.25
N LEU A 49 -0.26 -8.79 2.74
CA LEU A 49 0.86 -9.24 1.93
C LEU A 49 0.56 -10.64 1.40
N ASP A 50 0.03 -11.49 2.27
CA ASP A 50 -0.30 -12.86 1.89
C ASP A 50 -1.35 -12.87 0.78
N ASN A 51 -2.37 -12.01 0.92
CA ASN A 51 -3.44 -11.95 -0.06
C ASN A 51 -2.92 -11.51 -1.43
N LEU A 52 -2.06 -10.49 -1.44
CA LEU A 52 -1.51 -9.97 -2.68
C LEU A 52 -0.59 -11.01 -3.35
N LEU A 53 0.15 -11.73 -2.53
CA LEU A 53 1.05 -12.76 -3.05
C LEU A 53 0.29 -13.80 -3.85
N LYS A 54 -1.03 -13.84 -3.65
CA LYS A 54 -1.88 -14.79 -4.35
C LYS A 54 -1.78 -14.60 -5.86
N ALA A 55 -1.79 -13.35 -6.30
CA ALA A 55 -1.69 -13.06 -7.73
C ALA A 55 -1.18 -11.64 -7.97
N ASN A 56 0.11 -11.52 -8.23
CA ASN A 56 0.73 -10.23 -8.47
C ASN A 56 2.06 -10.38 -9.20
N VAL A 57 2.82 -9.28 -9.27
CA VAL A 57 4.12 -9.30 -9.94
C VAL A 57 5.17 -9.94 -9.05
N ILE A 58 5.02 -9.78 -7.74
CA ILE A 58 5.97 -10.35 -6.80
C ILE A 58 5.67 -11.83 -6.57
N ASN A 59 6.74 -12.62 -6.39
CA ASN A 59 6.58 -14.07 -6.16
C ASN A 59 7.19 -14.46 -4.82
N LYS A 60 7.54 -15.72 -4.68
CA LYS A 60 8.13 -16.21 -3.44
C LYS A 60 9.56 -15.72 -3.29
N GLN A 61 10.09 -15.10 -4.35
CA GLN A 61 11.46 -14.58 -4.32
C GLN A 61 11.49 -13.18 -3.70
N GLU A 62 10.86 -12.23 -4.38
CA GLU A 62 10.82 -10.85 -3.89
C GLU A 62 10.11 -10.76 -2.55
N HIS A 63 9.06 -11.57 -2.40
CA HIS A 63 8.30 -11.58 -1.15
C HIS A 63 9.21 -11.94 0.03
N ASP A 64 10.12 -12.87 -0.20
CA ASP A 64 11.05 -13.30 0.84
C ASP A 64 12.08 -12.22 1.16
N ILE A 65 12.55 -11.51 0.15
CA ILE A 65 13.55 -10.47 0.37
C ILE A 65 13.01 -9.35 1.24
N ILE A 66 11.78 -8.92 0.96
CA ILE A 66 11.17 -7.85 1.75
C ILE A 66 10.88 -8.32 3.17
N LYS A 67 10.74 -9.63 3.34
CA LYS A 67 10.46 -10.21 4.65
C LYS A 67 11.76 -10.66 5.34
N GLN A 68 12.86 -10.66 4.57
CA GLN A 68 14.17 -11.07 5.10
C GLN A 68 15.06 -9.85 5.38
N LYS A 69 15.63 -9.29 4.33
CA LYS A 69 16.52 -8.13 4.49
C LYS A 69 15.78 -6.93 5.08
N THR A 70 14.55 -6.70 4.61
CA THR A 70 13.76 -5.57 5.10
C THR A 70 12.86 -6.00 6.25
N GLN A 71 12.64 -5.10 7.20
CA GLN A 71 11.80 -5.40 8.36
C GLN A 71 10.32 -5.29 7.99
N ILE A 72 9.44 -5.06 8.99
CA ILE A 72 8.00 -4.96 8.73
C ILE A 72 7.57 -3.54 8.33
N PRO A 73 8.09 -2.52 8.98
CA PRO A 73 7.71 -1.11 8.68
C PRO A 73 7.93 -0.75 7.21
N LEU A 74 9.15 -0.97 6.74
CA LEU A 74 9.50 -0.68 5.35
C LEU A 74 8.73 -1.60 4.41
N GLN A 75 8.55 -2.85 4.83
CA GLN A 75 7.82 -3.82 4.01
C GLN A 75 6.47 -3.24 3.63
N ALA A 76 5.85 -2.56 4.58
CA ALA A 76 4.54 -1.97 4.32
C ALA A 76 4.68 -0.97 3.17
N ARG A 77 5.74 -0.17 3.22
CA ARG A 77 5.97 0.81 2.18
C ARG A 77 6.26 0.10 0.86
N GLU A 78 7.07 -0.96 0.93
CA GLU A 78 7.40 -1.71 -0.27
C GLU A 78 6.13 -2.27 -0.92
N LEU A 79 5.25 -2.83 -0.09
CA LEU A 79 3.99 -3.39 -0.60
C LEU A 79 3.14 -2.31 -1.23
N ILE A 80 3.07 -1.15 -0.61
CA ILE A 80 2.26 -0.05 -1.16
C ILE A 80 2.73 0.30 -2.56
N ASP A 81 4.03 0.34 -2.75
CA ASP A 81 4.59 0.65 -4.07
C ASP A 81 4.01 -0.29 -5.12
N THR A 82 3.86 -1.57 -4.76
CA THR A 82 3.33 -2.56 -5.69
C THR A 82 1.88 -2.22 -6.03
N ILE A 83 1.17 -1.63 -5.06
CA ILE A 83 -0.23 -1.26 -5.27
C ILE A 83 -0.34 -0.12 -6.28
N LEU A 84 0.57 0.85 -6.18
CA LEU A 84 0.56 2.00 -7.08
C LEU A 84 0.66 1.55 -8.53
N VAL A 85 1.52 0.57 -8.80
CA VAL A 85 1.68 0.07 -10.16
C VAL A 85 0.36 -0.51 -10.67
N LYS A 86 -0.26 -1.36 -9.87
CA LYS A 86 -1.53 -1.98 -10.26
C LYS A 86 -2.66 -0.94 -10.25
N GLY A 87 -2.75 -0.17 -9.17
CA GLY A 87 -3.78 0.85 -9.05
C GLY A 87 -5.19 0.24 -9.00
N ASN A 88 -6.03 0.60 -9.96
CA ASN A 88 -7.40 0.09 -9.99
C ASN A 88 -7.43 -1.44 -9.96
N ALA A 89 -6.52 -2.06 -10.70
CA ALA A 89 -6.46 -3.51 -10.73
C ALA A 89 -6.22 -4.08 -9.34
N ALA A 90 -5.59 -3.30 -8.47
CA ALA A 90 -5.32 -3.74 -7.09
C ALA A 90 -6.35 -3.17 -6.13
N ALA A 91 -7.17 -2.25 -6.62
CA ALA A 91 -8.18 -1.63 -5.77
C ALA A 91 -9.12 -2.69 -5.20
N ASN A 92 -9.56 -3.62 -6.03
CA ASN A 92 -10.46 -4.66 -5.56
C ASN A 92 -9.77 -5.54 -4.50
N ILE A 93 -8.55 -5.94 -4.78
CA ILE A 93 -7.80 -6.78 -3.84
C ILE A 93 -7.56 -6.02 -2.55
N PHE A 94 -7.18 -4.74 -2.67
CA PHE A 94 -6.91 -3.92 -1.50
C PHE A 94 -8.19 -3.83 -0.65
N LYS A 95 -9.31 -3.55 -1.32
CA LYS A 95 -10.60 -3.44 -0.64
C LYS A 95 -10.98 -4.77 -0.01
N ASN A 96 -10.78 -5.85 -0.75
CA ASN A 96 -11.12 -7.18 -0.26
C ASN A 96 -10.28 -7.52 0.97
N CYS A 97 -9.00 -7.17 0.93
CA CYS A 97 -8.10 -7.44 2.04
C CYS A 97 -8.48 -6.63 3.28
N LEU A 98 -8.78 -5.35 3.08
CA LEU A 98 -9.16 -4.49 4.19
C LEU A 98 -10.43 -4.98 4.86
N LYS A 99 -11.41 -5.39 4.07
CA LYS A 99 -12.66 -5.88 4.61
C LYS A 99 -12.44 -7.13 5.44
N GLU A 100 -11.64 -8.05 4.92
CA GLU A 100 -11.36 -9.29 5.64
C GLU A 100 -10.45 -9.05 6.83
N ILE A 101 -9.39 -8.27 6.61
CA ILE A 101 -8.43 -7.98 7.67
C ILE A 101 -9.11 -7.21 8.79
N ASP A 102 -9.91 -6.22 8.45
CA ASP A 102 -10.58 -5.41 9.45
C ASP A 102 -11.79 -4.70 8.86
N SER A 103 -12.93 -5.37 8.86
CA SER A 103 -14.15 -4.78 8.32
C SER A 103 -14.42 -3.43 8.96
N THR A 104 -13.85 -3.22 10.14
CA THR A 104 -14.03 -1.95 10.84
C THR A 104 -13.41 -0.80 10.05
N LEU A 105 -12.24 -1.04 9.46
CA LEU A 105 -11.56 0.01 8.69
C LEU A 105 -12.44 0.45 7.53
N TYR A 106 -13.09 -0.49 6.87
CA TYR A 106 -13.95 -0.15 5.75
C TYR A 106 -15.00 0.86 6.21
N LYS A 107 -15.54 0.63 7.40
CA LYS A 107 -16.56 1.52 7.94
C LYS A 107 -15.95 2.86 8.40
N ASN A 108 -14.63 2.95 8.36
CA ASN A 108 -13.93 4.17 8.77
C ASN A 108 -13.10 4.72 7.62
N LEU A 109 -13.09 3.99 6.50
CA LEU A 109 -12.33 4.39 5.33
C LEU A 109 -13.20 5.23 4.39
N PHE A 110 -14.04 4.55 3.61
CA PHE A 110 -14.92 5.23 2.66
C PHE A 110 -16.07 5.95 3.37
N VAL A 111 -16.60 5.34 4.42
CA VAL A 111 -17.72 5.92 5.14
C VAL A 111 -17.30 7.19 5.88
N ASP A 112 -16.40 7.05 6.85
CA ASP A 112 -15.93 8.21 7.62
C ASP A 112 -15.17 9.18 6.73
N LYS A 113 -14.45 8.64 5.75
CA LYS A 113 -13.66 9.44 4.82
C LYS A 113 -12.60 10.25 5.58
N ASN A 114 -12.35 9.85 6.83
CA ASN A 114 -11.36 10.54 7.65
C ASN A 114 -10.79 9.61 8.71
N MET A 115 -9.64 9.01 8.42
CA MET A 115 -8.99 8.10 9.35
C MET A 115 -7.92 8.83 10.15
N LYS A 116 -8.33 9.83 10.93
CA LYS A 116 -7.39 10.59 11.73
C LYS A 116 -6.98 9.80 12.96
N TYR A 117 -5.73 9.33 12.98
CA TYR A 117 -5.21 8.55 14.11
C TYR A 117 -4.35 9.43 15.01
N ILE A 118 -3.04 9.30 14.88
CA ILE A 118 -2.11 10.08 15.69
C ILE A 118 -0.87 10.42 14.86
N PRO A 119 -0.99 11.36 13.95
CA PRO A 119 0.14 11.77 13.08
C PRO A 119 1.38 12.15 13.89
N THR A 120 2.52 11.63 13.48
CA THR A 120 3.78 11.91 14.17
C THR A 120 4.39 13.20 13.65
N GLU A 121 5.38 13.72 14.38
CA GLU A 121 6.05 14.96 13.98
C GLU A 121 7.56 14.85 14.23
N ASP A 122 8.34 15.23 13.22
CA ASP A 122 9.80 15.18 13.33
C ASP A 122 10.33 16.42 14.00
N VAL A 123 11.62 16.40 14.36
CA VAL A 123 12.26 17.53 15.01
C VAL A 123 12.88 18.46 13.98
N SER A 124 12.47 18.33 12.72
CA SER A 124 13.00 19.15 11.65
C SER A 124 12.56 20.60 11.83
N GLY A 125 13.28 21.51 11.18
CA GLY A 125 12.97 22.93 11.28
C GLY A 125 14.12 23.77 10.74
N LEU A 126 13.97 24.22 9.49
CA LEU A 126 15.01 25.04 8.87
C LEU A 126 15.20 26.34 9.65
N SER A 127 14.10 26.94 10.08
CA SER A 127 14.15 28.19 10.84
C SER A 127 14.23 27.90 12.33
N LEU A 128 15.38 28.22 12.93
CA LEU A 128 15.58 27.99 14.37
C LEU A 128 15.13 29.22 15.16
N GLU A 129 14.96 30.33 14.47
CA GLU A 129 14.52 31.57 15.11
C GLU A 129 13.09 31.42 15.61
N GLU A 130 12.27 30.71 14.85
CA GLU A 130 10.87 30.50 15.22
C GLU A 130 10.78 29.74 16.54
N GLN A 131 10.00 30.25 17.47
CA GLN A 131 9.83 29.61 18.78
C GLN A 131 8.44 29.91 19.33
N LEU A 132 7.96 29.02 20.20
CA LEU A 132 6.64 29.20 20.80
C LEU A 132 6.70 30.19 21.97
N GLY A 1 14.38 22.61 30.61
CA GLY A 1 14.67 21.36 29.87
C GLY A 1 14.72 20.18 30.84
N SER A 2 13.56 19.56 31.06
CA SER A 2 13.48 18.43 31.97
C SER A 2 14.25 17.24 31.42
N HIS A 3 14.81 16.44 32.30
CA HIS A 3 15.59 15.27 31.89
C HIS A 3 14.72 14.33 31.06
N MET A 4 13.50 14.09 31.53
CA MET A 4 12.58 13.22 30.81
C MET A 4 12.23 13.78 29.44
N LEU A 5 12.09 15.11 29.37
CA LEU A 5 11.76 15.77 28.11
C LEU A 5 12.88 15.58 27.08
N ASN A 6 12.49 15.30 25.84
CA ASN A 6 13.45 15.09 24.78
C ASN A 6 12.89 15.58 23.45
N ALA A 7 13.72 15.51 22.40
CA ALA A 7 13.29 15.96 21.07
C ALA A 7 12.54 14.84 20.35
N GLU A 8 11.51 15.22 19.60
CA GLU A 8 10.70 14.25 18.85
C GLU A 8 10.24 14.85 17.52
N ASP A 9 9.38 15.85 17.59
CA ASP A 9 8.87 16.50 16.38
C ASP A 9 9.75 17.69 16.01
N GLU A 10 10.81 17.90 16.78
CA GLU A 10 11.73 19.00 16.51
C GLU A 10 12.06 19.05 15.02
N LYS A 11 11.82 17.93 14.33
CA LYS A 11 12.08 17.86 12.89
C LYS A 11 11.05 16.96 12.21
N ARG A 12 9.79 17.39 12.26
CA ARG A 12 8.70 16.62 11.66
C ARG A 12 9.12 16.10 10.28
N GLU A 13 9.55 14.84 10.24
CA GLU A 13 9.98 14.23 8.99
C GLU A 13 8.85 13.37 8.41
N GLU A 14 7.83 14.04 7.87
CA GLU A 14 6.68 13.34 7.28
C GLU A 14 6.28 14.01 5.97
N GLU A 15 7.05 15.00 5.55
CA GLU A 15 6.76 15.71 4.32
C GLU A 15 7.21 14.91 3.11
N LYS A 16 6.30 14.13 2.53
CA LYS A 16 6.62 13.30 1.37
C LYS A 16 5.34 12.92 0.63
N GLU A 17 5.10 13.59 -0.50
CA GLU A 17 3.92 13.32 -1.33
C GLU A 17 4.27 13.38 -2.80
N LYS A 18 3.58 12.56 -3.59
CA LYS A 18 3.83 12.51 -5.03
C LYS A 18 2.53 12.22 -5.78
N GLN A 19 2.46 12.70 -7.02
CA GLN A 19 1.26 12.48 -7.84
C GLN A 19 1.30 11.09 -8.48
N ALA A 20 0.16 10.39 -8.40
CA ALA A 20 0.07 9.05 -8.98
C ALA A 20 0.12 9.12 -10.50
N GLU A 21 0.69 8.09 -11.12
CA GLU A 21 0.80 8.06 -12.57
C GLU A 21 -0.56 8.35 -13.20
N GLU A 22 -1.36 7.30 -13.42
CA GLU A 22 -2.69 7.44 -14.01
C GLU A 22 -3.74 6.85 -13.09
N MET A 23 -4.59 7.71 -12.54
CA MET A 23 -5.65 7.26 -11.65
C MET A 23 -6.91 6.95 -12.42
N ALA A 24 -7.57 5.86 -12.07
CA ALA A 24 -8.79 5.46 -12.74
C ALA A 24 -10.00 6.11 -12.11
N SER A 25 -10.67 5.33 -11.25
CA SER A 25 -11.86 5.79 -10.54
C SER A 25 -11.46 6.57 -9.30
N ASP A 26 -12.44 7.18 -8.63
CA ASP A 26 -12.17 7.95 -7.42
C ASP A 26 -11.61 7.06 -6.32
N ASP A 27 -11.71 5.74 -6.52
CA ASP A 27 -11.20 4.80 -5.53
C ASP A 27 -9.70 4.97 -5.34
N LEU A 28 -8.99 5.22 -6.43
CA LEU A 28 -7.54 5.39 -6.37
C LEU A 28 -7.21 6.59 -5.47
N SER A 29 -7.96 7.68 -5.62
CA SER A 29 -7.71 8.87 -4.81
C SER A 29 -7.91 8.56 -3.33
N LEU A 30 -8.90 7.72 -3.04
CA LEU A 30 -9.18 7.34 -1.65
C LEU A 30 -7.98 6.61 -1.06
N ILE A 31 -7.42 5.67 -1.81
CA ILE A 31 -6.26 4.91 -1.34
C ILE A 31 -5.04 5.82 -1.26
N ARG A 32 -4.85 6.66 -2.28
CA ARG A 32 -3.72 7.56 -2.32
C ARG A 32 -3.73 8.48 -1.11
N LYS A 33 -4.90 9.04 -0.80
CA LYS A 33 -5.02 9.94 0.34
C LYS A 33 -4.75 9.22 1.64
N ASN A 34 -5.27 8.00 1.77
CA ASN A 34 -5.08 7.20 2.98
C ASN A 34 -3.83 6.35 2.88
N ARG A 35 -3.05 6.55 1.82
CA ARG A 35 -1.82 5.77 1.64
C ARG A 35 -0.82 6.09 2.75
N MET A 36 -0.64 7.39 3.00
CA MET A 36 0.30 7.83 4.04
C MET A 36 -0.23 7.51 5.43
N ALA A 37 -1.53 7.73 5.62
CA ALA A 37 -2.14 7.45 6.92
C ALA A 37 -1.98 5.98 7.28
N LEU A 38 -2.14 5.12 6.28
CA LEU A 38 -2.01 3.69 6.52
C LEU A 38 -0.60 3.37 7.00
N PHE A 39 0.40 3.94 6.33
CA PHE A 39 1.78 3.72 6.71
C PHE A 39 2.02 4.21 8.15
N GLN A 40 1.48 5.38 8.44
CA GLN A 40 1.63 5.96 9.76
C GLN A 40 0.70 5.28 10.76
N GLN A 41 -0.32 4.60 10.24
CA GLN A 41 -1.30 3.90 11.09
C GLN A 41 -1.39 2.43 10.68
N LEU A 42 -0.24 1.76 10.63
CA LEU A 42 -0.19 0.35 10.24
C LEU A 42 -0.58 -0.55 11.42
N THR A 43 -1.26 -1.64 11.11
CA THR A 43 -1.68 -2.58 12.15
C THR A 43 -1.95 -3.96 11.55
N CYS A 44 -1.49 -4.18 10.32
CA CYS A 44 -1.70 -5.46 9.66
C CYS A 44 -1.08 -5.47 8.26
N VAL A 45 0.25 -5.68 8.21
CA VAL A 45 0.95 -5.71 6.93
C VAL A 45 1.26 -7.15 6.51
N LEU A 46 1.20 -8.06 7.47
CA LEU A 46 1.48 -9.47 7.20
C LEU A 46 0.27 -10.19 6.59
N PRO A 47 -0.92 -9.95 7.07
CA PRO A 47 -2.15 -10.61 6.54
C PRO A 47 -2.51 -10.12 5.13
N ILE A 48 -2.34 -8.83 4.87
CA ILE A 48 -2.66 -8.28 3.56
C ILE A 48 -1.65 -8.73 2.52
N LEU A 49 -0.38 -8.76 2.92
CA LEU A 49 0.68 -9.18 2.01
C LEU A 49 0.47 -10.62 1.56
N ASP A 50 0.09 -11.47 2.51
CA ASP A 50 -0.16 -12.87 2.20
C ASP A 50 -1.27 -13.01 1.17
N ASN A 51 -2.33 -12.22 1.32
CA ASN A 51 -3.45 -12.26 0.39
C ASN A 51 -3.02 -11.83 -1.01
N LEU A 52 -2.22 -10.76 -1.07
CA LEU A 52 -1.73 -10.24 -2.35
C LEU A 52 -0.78 -11.24 -3.01
N LEU A 53 0.02 -11.90 -2.18
CA LEU A 53 1.00 -12.86 -2.70
C LEU A 53 0.29 -13.93 -3.52
N LYS A 54 -0.93 -14.29 -3.12
CA LYS A 54 -1.70 -15.30 -3.83
C LYS A 54 -1.96 -14.86 -5.27
N ALA A 55 -2.23 -13.57 -5.46
CA ALA A 55 -2.50 -13.04 -6.80
C ALA A 55 -1.94 -11.63 -6.95
N ASN A 56 -0.68 -11.54 -7.36
CA ASN A 56 -0.03 -10.25 -7.56
C ASN A 56 1.17 -10.37 -8.48
N VAL A 57 1.90 -9.27 -8.64
CA VAL A 57 3.07 -9.26 -9.50
C VAL A 57 4.25 -9.97 -8.82
N ILE A 58 4.41 -9.74 -7.52
CA ILE A 58 5.50 -10.36 -6.77
C ILE A 58 5.14 -11.80 -6.42
N ASN A 59 6.14 -12.67 -6.49
CA ASN A 59 5.95 -14.09 -6.19
C ASN A 59 6.63 -14.45 -4.88
N LYS A 60 6.78 -15.74 -4.63
CA LYS A 60 7.41 -16.21 -3.41
C LYS A 60 8.89 -15.83 -3.40
N GLN A 61 9.40 -15.44 -4.58
CA GLN A 61 10.81 -15.06 -4.68
C GLN A 61 11.02 -13.62 -4.25
N GLU A 62 10.31 -12.70 -4.89
CA GLU A 62 10.43 -11.28 -4.55
C GLU A 62 9.84 -11.03 -3.17
N HIS A 63 8.76 -11.73 -2.85
CA HIS A 63 8.14 -11.56 -1.54
C HIS A 63 9.15 -11.89 -0.44
N ASP A 64 9.96 -12.91 -0.67
CA ASP A 64 10.94 -13.34 0.31
C ASP A 64 12.03 -12.27 0.53
N ILE A 65 12.44 -11.62 -0.56
CA ILE A 65 13.48 -10.61 -0.48
C ILE A 65 13.05 -9.43 0.40
N ILE A 66 11.83 -8.95 0.18
CA ILE A 66 11.34 -7.84 0.97
C ILE A 66 11.05 -8.29 2.40
N LYS A 67 10.49 -9.48 2.54
CA LYS A 67 10.17 -9.99 3.87
C LYS A 67 11.42 -10.06 4.74
N GLN A 68 12.55 -10.40 4.14
CA GLN A 68 13.79 -10.49 4.89
C GLN A 68 14.34 -9.10 5.18
N LYS A 69 14.53 -8.31 4.13
CA LYS A 69 15.06 -6.97 4.27
C LYS A 69 14.09 -6.08 5.06
N THR A 70 12.80 -6.14 4.68
CA THR A 70 11.77 -5.32 5.33
C THR A 70 11.23 -5.99 6.59
N GLN A 71 10.56 -5.20 7.45
CA GLN A 71 9.98 -5.73 8.69
C GLN A 71 8.47 -5.45 8.73
N ILE A 72 8.01 -4.71 9.75
CA ILE A 72 6.57 -4.42 9.85
C ILE A 72 6.26 -3.09 9.15
N PRO A 73 7.08 -2.06 9.28
CA PRO A 73 6.84 -0.76 8.59
C PRO A 73 7.38 -0.69 7.13
N LEU A 74 8.54 -1.32 6.92
CA LEU A 74 9.17 -1.33 5.59
C LEU A 74 8.41 -2.24 4.63
N GLN A 75 7.81 -3.31 5.16
CA GLN A 75 7.07 -4.24 4.30
C GLN A 75 5.91 -3.51 3.64
N ALA A 76 5.22 -2.68 4.42
CA ALA A 76 4.10 -1.94 3.89
C ALA A 76 4.58 -0.93 2.85
N ARG A 77 5.73 -0.32 3.12
CA ARG A 77 6.29 0.67 2.20
C ARG A 77 6.54 0.05 0.83
N GLU A 78 7.22 -1.08 0.80
CA GLU A 78 7.50 -1.75 -0.46
C GLU A 78 6.21 -2.27 -1.09
N LEU A 79 5.37 -2.87 -0.26
CA LEU A 79 4.10 -3.41 -0.73
C LEU A 79 3.21 -2.30 -1.30
N ILE A 80 3.20 -1.15 -0.64
CA ILE A 80 2.40 -0.02 -1.12
C ILE A 80 2.87 0.43 -2.50
N ASP A 81 4.18 0.46 -2.69
CA ASP A 81 4.74 0.86 -3.98
C ASP A 81 4.21 -0.04 -5.10
N THR A 82 4.06 -1.34 -4.79
CA THR A 82 3.56 -2.28 -5.79
C THR A 82 2.14 -1.93 -6.17
N ILE A 83 1.37 -1.39 -5.21
CA ILE A 83 -0.01 -1.00 -5.48
C ILE A 83 -0.07 0.13 -6.49
N LEU A 84 0.85 1.09 -6.35
CA LEU A 84 0.88 2.24 -7.26
C LEU A 84 1.09 1.77 -8.69
N VAL A 85 1.99 0.82 -8.89
CA VAL A 85 2.26 0.32 -10.23
C VAL A 85 1.01 -0.32 -10.82
N LYS A 86 0.38 -1.21 -10.07
CA LYS A 86 -0.84 -1.88 -10.51
C LYS A 86 -2.00 -0.89 -10.62
N GLY A 87 -2.10 0.01 -9.65
CA GLY A 87 -3.17 1.00 -9.64
C GLY A 87 -4.47 0.40 -9.13
N ASN A 88 -5.59 0.96 -9.59
CA ASN A 88 -6.90 0.47 -9.17
C ASN A 88 -7.01 -1.02 -9.38
N ALA A 89 -6.10 -1.57 -10.16
CA ALA A 89 -6.09 -3.01 -10.40
C ALA A 89 -5.83 -3.74 -9.09
N ALA A 90 -5.09 -3.09 -8.20
CA ALA A 90 -4.78 -3.67 -6.89
C ALA A 90 -5.73 -3.17 -5.81
N ALA A 91 -6.48 -2.12 -6.12
CA ALA A 91 -7.41 -1.54 -5.16
C ALA A 91 -8.43 -2.58 -4.70
N ASN A 92 -8.94 -3.36 -5.65
CA ASN A 92 -9.93 -4.39 -5.32
C ASN A 92 -9.34 -5.39 -4.32
N ILE A 93 -8.13 -5.87 -4.62
CA ILE A 93 -7.47 -6.81 -3.73
C ILE A 93 -7.17 -6.16 -2.39
N PHE A 94 -6.67 -4.92 -2.45
CA PHE A 94 -6.33 -4.19 -1.23
C PHE A 94 -7.60 -4.01 -0.38
N LYS A 95 -8.67 -3.58 -1.04
CA LYS A 95 -9.93 -3.36 -0.36
C LYS A 95 -10.49 -4.67 0.17
N ASN A 96 -10.40 -5.72 -0.63
CA ASN A 96 -10.90 -7.02 -0.24
C ASN A 96 -10.20 -7.53 1.01
N CYS A 97 -8.89 -7.33 1.07
CA CYS A 97 -8.11 -7.76 2.23
C CYS A 97 -8.50 -6.97 3.47
N LEU A 98 -8.67 -5.67 3.32
CA LEU A 98 -9.03 -4.82 4.45
C LEU A 98 -10.39 -5.21 5.03
N LYS A 99 -11.33 -5.54 4.14
CA LYS A 99 -12.66 -5.94 4.57
C LYS A 99 -12.59 -7.20 5.41
N GLU A 100 -11.79 -8.17 4.97
CA GLU A 100 -11.65 -9.42 5.70
C GLU A 100 -10.77 -9.24 6.94
N ILE A 101 -9.63 -8.57 6.77
CA ILE A 101 -8.72 -8.34 7.87
C ILE A 101 -9.37 -7.45 8.92
N ASP A 102 -10.01 -6.38 8.47
CA ASP A 102 -10.68 -5.43 9.37
C ASP A 102 -11.94 -4.88 8.71
N SER A 103 -13.05 -5.62 8.84
CA SER A 103 -14.31 -5.17 8.26
C SER A 103 -14.73 -3.85 8.88
N THR A 104 -14.45 -3.68 10.16
CA THR A 104 -14.79 -2.45 10.87
C THR A 104 -14.08 -1.25 10.25
N LEU A 105 -12.81 -1.44 9.88
CA LEU A 105 -12.03 -0.37 9.28
C LEU A 105 -12.69 0.11 8.00
N TYR A 106 -13.16 -0.83 7.19
CA TYR A 106 -13.80 -0.48 5.93
C TYR A 106 -15.02 0.40 6.21
N LYS A 107 -15.80 0.02 7.20
CA LYS A 107 -17.00 0.78 7.56
C LYS A 107 -16.62 2.18 8.04
N ASN A 108 -15.32 2.42 8.21
CA ASN A 108 -14.84 3.73 8.66
C ASN A 108 -14.01 4.39 7.57
N LEU A 109 -13.62 3.62 6.57
CA LEU A 109 -12.81 4.15 5.47
C LEU A 109 -13.70 4.65 4.34
N PHE A 110 -14.15 3.71 3.50
CA PHE A 110 -14.99 4.08 2.34
C PHE A 110 -16.38 4.55 2.76
N VAL A 111 -16.92 3.97 3.82
CA VAL A 111 -18.26 4.34 4.27
C VAL A 111 -18.26 5.71 4.93
N ASP A 112 -17.59 5.83 6.08
CA ASP A 112 -17.56 7.11 6.79
C ASP A 112 -16.88 8.17 5.93
N LYS A 113 -15.85 7.75 5.21
CA LYS A 113 -15.09 8.65 4.35
C LYS A 113 -14.43 9.76 5.17
N ASN A 114 -14.17 9.46 6.43
CA ASN A 114 -13.55 10.43 7.33
C ASN A 114 -12.60 9.73 8.29
N MET A 115 -11.31 9.69 7.94
CA MET A 115 -10.30 9.04 8.78
C MET A 115 -9.61 10.08 9.65
N LYS A 116 -9.42 9.75 10.92
CA LYS A 116 -8.75 10.67 11.84
C LYS A 116 -7.31 10.88 11.42
N TYR A 117 -6.84 12.12 11.48
CA TYR A 117 -5.46 12.44 11.10
C TYR A 117 -4.61 12.69 12.34
N ILE A 118 -3.49 11.98 12.45
CA ILE A 118 -2.60 12.14 13.60
C ILE A 118 -1.42 13.02 13.22
N PRO A 119 -0.96 12.99 11.99
CA PRO A 119 0.20 13.82 11.58
C PRO A 119 -0.24 15.23 11.16
N THR A 120 -1.50 15.61 11.41
CA THR A 120 -1.95 16.95 11.01
C THR A 120 -1.72 17.93 12.14
N GLU A 121 -0.75 18.85 11.97
CA GLU A 121 -0.47 19.84 13.02
C GLU A 121 0.07 21.12 12.40
N ASP A 122 0.49 22.06 13.25
CA ASP A 122 1.04 23.34 12.78
C ASP A 122 2.54 23.24 12.53
N VAL A 123 2.92 23.34 11.26
CA VAL A 123 4.34 23.26 10.88
C VAL A 123 5.00 24.63 10.96
N SER A 124 6.15 24.69 11.63
CA SER A 124 6.87 25.95 11.77
C SER A 124 8.36 25.70 11.95
N GLY A 125 9.18 26.66 11.53
CA GLY A 125 10.63 26.53 11.64
C GLY A 125 11.33 27.66 10.91
N LEU A 126 11.51 28.80 11.59
CA LEU A 126 12.18 29.94 10.99
C LEU A 126 12.84 30.80 12.08
N SER A 127 13.20 30.15 13.18
CA SER A 127 13.83 30.84 14.29
C SER A 127 15.34 30.94 14.07
N LEU A 128 15.79 30.38 12.95
CA LEU A 128 17.21 30.40 12.61
C LEU A 128 17.58 31.75 12.00
N GLU A 129 16.59 32.64 11.89
CA GLU A 129 16.83 33.96 11.32
C GLU A 129 17.77 34.76 12.22
N GLU A 130 17.63 34.58 13.52
CA GLU A 130 18.47 35.29 14.48
C GLU A 130 19.81 34.59 14.64
N GLN A 131 20.89 35.27 14.27
CA GLN A 131 22.23 34.69 14.38
C GLN A 131 22.77 34.86 15.79
N LEU A 132 22.03 35.60 16.61
CA LEU A 132 22.45 35.83 18.00
C LEU A 132 21.25 36.23 18.86
N GLY A 1 -7.29 6.22 -28.85
CA GLY A 1 -8.44 7.17 -28.99
C GLY A 1 -8.36 8.21 -27.88
N SER A 2 -9.52 8.56 -27.32
CA SER A 2 -9.57 9.55 -26.26
C SER A 2 -8.99 8.98 -24.97
N HIS A 3 -8.41 9.85 -24.15
CA HIS A 3 -7.81 9.42 -22.88
C HIS A 3 -8.88 9.31 -21.80
N MET A 4 -8.78 10.15 -20.77
CA MET A 4 -9.75 10.14 -19.69
C MET A 4 -9.70 11.44 -18.91
N LEU A 5 -10.87 11.95 -18.54
CA LEU A 5 -10.95 13.20 -17.80
C LEU A 5 -10.60 12.98 -16.34
N ASN A 6 -9.85 13.92 -15.76
CA ASN A 6 -9.45 13.81 -14.36
C ASN A 6 -9.52 15.17 -13.67
N ALA A 7 -10.71 15.53 -13.20
CA ALA A 7 -10.90 16.80 -12.51
C ALA A 7 -10.19 16.79 -11.17
N GLU A 8 -9.59 17.94 -10.81
CA GLU A 8 -8.88 18.05 -9.53
C GLU A 8 -9.76 18.73 -8.49
N ASP A 9 -9.59 20.04 -8.34
CA ASP A 9 -10.37 20.80 -7.37
C ASP A 9 -11.46 21.61 -8.08
N GLU A 10 -11.68 21.32 -9.36
CA GLU A 10 -12.68 22.03 -10.13
C GLU A 10 -14.05 21.86 -9.47
N LYS A 11 -14.34 20.64 -9.04
CA LYS A 11 -15.62 20.35 -8.40
C LYS A 11 -15.39 19.71 -7.04
N ARG A 12 -14.16 19.83 -6.53
CA ARG A 12 -13.81 19.26 -5.24
C ARG A 12 -12.91 20.20 -4.46
N GLU A 13 -12.89 20.05 -3.14
CA GLU A 13 -12.06 20.89 -2.29
C GLU A 13 -11.87 20.23 -0.93
N GLU A 14 -10.61 20.10 -0.51
CA GLU A 14 -10.28 19.48 0.79
C GLU A 14 -9.21 20.29 1.50
N GLU A 15 -8.14 19.61 1.92
CA GLU A 15 -7.04 20.27 2.62
C GLU A 15 -5.87 20.50 1.68
N LYS A 16 -4.85 19.67 1.81
CA LYS A 16 -3.66 19.79 0.96
C LYS A 16 -4.00 19.55 -0.50
N GLU A 17 -2.97 19.36 -1.31
CA GLU A 17 -3.17 19.10 -2.74
C GLU A 17 -2.16 18.09 -3.25
N LYS A 18 -2.47 17.48 -4.39
CA LYS A 18 -1.58 16.49 -4.99
C LYS A 18 -1.51 16.67 -6.50
N GLN A 19 -1.15 15.61 -7.21
CA GLN A 19 -1.03 15.66 -8.67
C GLN A 19 -1.18 14.27 -9.27
N ALA A 20 -2.37 13.71 -9.18
CA ALA A 20 -2.64 12.39 -9.72
C ALA A 20 -2.76 12.44 -11.24
N GLU A 21 -2.38 11.35 -11.91
CA GLU A 21 -2.45 11.28 -13.37
C GLU A 21 -3.84 10.81 -13.81
N GLU A 22 -3.88 9.78 -14.64
CA GLU A 22 -5.14 9.25 -15.13
C GLU A 22 -5.71 8.23 -14.15
N MET A 23 -6.58 8.68 -13.26
CA MET A 23 -7.19 7.80 -12.26
C MET A 23 -8.47 7.19 -12.79
N ALA A 24 -8.73 5.94 -12.42
CA ALA A 24 -9.95 5.26 -12.88
C ALA A 24 -11.18 5.79 -12.14
N SER A 25 -11.50 5.18 -11.00
CA SER A 25 -12.65 5.61 -10.21
C SER A 25 -12.18 6.43 -9.01
N ASP A 26 -13.12 7.07 -8.33
CA ASP A 26 -12.78 7.88 -7.16
C ASP A 26 -12.20 6.99 -6.07
N ASP A 27 -12.31 5.68 -6.27
CA ASP A 27 -11.79 4.73 -5.31
C ASP A 27 -10.27 4.86 -5.20
N LEU A 28 -9.62 5.10 -6.33
CA LEU A 28 -8.18 5.24 -6.34
C LEU A 28 -7.76 6.40 -5.44
N SER A 29 -8.50 7.50 -5.53
CA SER A 29 -8.21 8.66 -4.71
C SER A 29 -8.32 8.34 -3.22
N LEU A 30 -9.36 7.58 -2.86
CA LEU A 30 -9.57 7.21 -1.45
C LEU A 30 -8.40 6.40 -0.88
N ILE A 31 -7.95 5.39 -1.62
CA ILE A 31 -6.84 4.58 -1.16
C ILE A 31 -5.54 5.37 -1.26
N ARG A 32 -5.42 6.18 -2.30
CA ARG A 32 -4.22 6.98 -2.50
C ARG A 32 -4.06 8.02 -1.39
N LYS A 33 -5.16 8.66 -1.02
CA LYS A 33 -5.11 9.68 0.04
C LYS A 33 -4.75 9.05 1.38
N ASN A 34 -5.31 7.88 1.64
CA ASN A 34 -5.05 7.19 2.90
C ASN A 34 -3.82 6.29 2.78
N ARG A 35 -3.14 6.39 1.65
CA ARG A 35 -1.95 5.59 1.42
C ARG A 35 -0.88 5.89 2.46
N MET A 36 -0.61 7.19 2.65
CA MET A 36 0.39 7.61 3.63
C MET A 36 -0.09 7.31 5.04
N ALA A 37 -1.39 7.49 5.27
CA ALA A 37 -1.97 7.26 6.58
C ALA A 37 -1.72 5.84 7.05
N LEU A 38 -1.86 4.88 6.13
CA LEU A 38 -1.65 3.48 6.49
C LEU A 38 -0.21 3.25 6.92
N PHE A 39 0.72 3.93 6.25
CA PHE A 39 2.14 3.78 6.58
C PHE A 39 2.37 4.10 8.06
N GLN A 40 1.76 5.19 8.52
CA GLN A 40 1.90 5.61 9.90
C GLN A 40 0.84 4.95 10.78
N GLN A 41 0.03 4.09 10.17
CA GLN A 41 -1.02 3.38 10.90
C GLN A 41 -1.04 1.90 10.53
N LEU A 42 0.15 1.37 10.24
CA LEU A 42 0.29 -0.04 9.86
C LEU A 42 0.08 -0.94 11.08
N THR A 43 -0.57 -2.09 10.87
CA THR A 43 -0.81 -3.02 11.97
C THR A 43 -1.11 -4.42 11.41
N CYS A 44 -1.17 -4.53 10.09
CA CYS A 44 -1.45 -5.80 9.44
C CYS A 44 -0.78 -5.86 8.07
N VAL A 45 0.48 -6.27 8.04
CA VAL A 45 1.24 -6.36 6.79
C VAL A 45 1.45 -7.82 6.40
N LEU A 46 1.17 -8.73 7.33
CA LEU A 46 1.33 -10.16 7.09
C LEU A 46 0.14 -10.73 6.30
N PRO A 47 -1.05 -10.69 6.85
CA PRO A 47 -2.26 -11.24 6.16
C PRO A 47 -2.51 -10.60 4.79
N ILE A 48 -2.30 -9.29 4.71
CA ILE A 48 -2.51 -8.58 3.45
C ILE A 48 -1.45 -8.97 2.42
N LEU A 49 -0.21 -9.08 2.87
CA LEU A 49 0.88 -9.45 1.96
C LEU A 49 0.64 -10.84 1.39
N ASP A 50 0.19 -11.75 2.24
CA ASP A 50 -0.07 -13.11 1.81
C ASP A 50 -1.18 -13.13 0.76
N ASN A 51 -2.18 -12.27 0.94
CA ASN A 51 -3.29 -12.21 0.00
C ASN A 51 -2.79 -11.79 -1.38
N LEU A 52 -2.00 -10.73 -1.41
CA LEU A 52 -1.45 -10.22 -2.66
C LEU A 52 -0.48 -11.22 -3.30
N LEU A 53 0.30 -11.87 -2.45
CA LEU A 53 1.28 -12.84 -2.92
C LEU A 53 0.60 -13.91 -3.78
N LYS A 54 -0.68 -14.14 -3.53
CA LYS A 54 -1.44 -15.12 -4.29
C LYS A 54 -1.44 -14.77 -5.78
N ALA A 55 -1.66 -13.49 -6.09
CA ALA A 55 -1.69 -13.05 -7.48
C ALA A 55 -1.21 -11.60 -7.60
N ASN A 56 0.06 -11.43 -7.99
CA ASN A 56 0.63 -10.10 -8.13
C ASN A 56 1.89 -10.14 -9.01
N VAL A 57 2.55 -8.99 -9.12
CA VAL A 57 3.76 -8.90 -9.93
C VAL A 57 4.94 -9.50 -9.17
N ILE A 58 4.88 -9.47 -7.85
CA ILE A 58 5.93 -10.02 -7.01
C ILE A 58 5.80 -11.53 -6.92
N ASN A 59 6.94 -12.23 -6.93
CA ASN A 59 6.94 -13.69 -6.84
C ASN A 59 7.67 -14.14 -5.59
N LYS A 60 7.80 -15.46 -5.44
CA LYS A 60 8.48 -16.00 -4.27
C LYS A 60 9.89 -15.44 -4.15
N GLN A 61 10.32 -14.70 -5.16
CA GLN A 61 11.66 -14.11 -5.15
C GLN A 61 11.66 -12.81 -4.35
N GLU A 62 10.99 -11.80 -4.88
CA GLU A 62 10.93 -10.49 -4.21
C GLU A 62 10.23 -10.62 -2.87
N HIS A 63 9.20 -11.46 -2.82
CA HIS A 63 8.45 -11.67 -1.58
C HIS A 63 9.38 -12.21 -0.49
N ASP A 64 10.29 -13.11 -0.88
CA ASP A 64 11.23 -13.69 0.08
C ASP A 64 12.25 -12.66 0.58
N ILE A 65 12.66 -11.76 -0.31
CA ILE A 65 13.66 -10.75 0.05
C ILE A 65 13.12 -9.83 1.15
N ILE A 66 11.88 -9.39 1.00
CA ILE A 66 11.27 -8.52 1.99
C ILE A 66 10.96 -9.30 3.27
N LYS A 67 10.87 -10.62 3.15
CA LYS A 67 10.61 -11.47 4.31
C LYS A 67 11.93 -11.93 4.93
N GLN A 68 13.02 -11.68 4.22
CA GLN A 68 14.34 -12.09 4.70
C GLN A 68 14.71 -11.34 5.98
N LYS A 69 15.10 -10.07 5.82
CA LYS A 69 15.49 -9.25 6.98
C LYS A 69 15.10 -7.80 6.76
N THR A 70 13.80 -7.54 6.68
CA THR A 70 13.29 -6.18 6.48
C THR A 70 12.33 -5.82 7.61
N GLN A 71 12.52 -4.64 8.18
CA GLN A 71 11.68 -4.17 9.28
C GLN A 71 10.22 -4.09 8.83
N ILE A 72 9.30 -4.21 9.78
CA ILE A 72 7.87 -4.14 9.47
C ILE A 72 7.55 -2.86 8.68
N PRO A 73 7.88 -1.68 9.17
CA PRO A 73 7.59 -0.41 8.43
C PRO A 73 8.00 -0.49 6.95
N LEU A 74 9.21 -1.00 6.70
CA LEU A 74 9.70 -1.14 5.33
C LEU A 74 8.86 -2.16 4.56
N GLN A 75 8.45 -3.22 5.24
CA GLN A 75 7.64 -4.26 4.59
C GLN A 75 6.39 -3.64 3.98
N ALA A 76 5.71 -2.81 4.75
CA ALA A 76 4.50 -2.15 4.28
C ALA A 76 4.85 -1.13 3.18
N ARG A 77 5.94 -0.41 3.38
CA ARG A 77 6.36 0.60 2.41
C ARG A 77 6.56 -0.03 1.03
N GLU A 78 7.22 -1.18 1.00
CA GLU A 78 7.46 -1.85 -0.27
C GLU A 78 6.15 -2.36 -0.84
N LEU A 79 5.31 -2.94 0.00
CA LEU A 79 4.03 -3.47 -0.44
C LEU A 79 3.13 -2.35 -0.93
N ILE A 80 3.12 -1.23 -0.22
CA ILE A 80 2.28 -0.10 -0.63
C ILE A 80 2.70 0.41 -2.00
N ASP A 81 4.00 0.46 -2.24
CA ASP A 81 4.52 0.94 -3.51
C ASP A 81 3.99 0.07 -4.66
N THR A 82 3.88 -1.23 -4.41
CA THR A 82 3.39 -2.15 -5.44
C THR A 82 1.94 -1.84 -5.79
N ILE A 83 1.18 -1.38 -4.80
CA ILE A 83 -0.23 -1.02 -5.02
C ILE A 83 -0.33 0.17 -5.97
N LEU A 84 0.54 1.15 -5.76
CA LEU A 84 0.51 2.36 -6.59
C LEU A 84 0.71 2.00 -8.06
N VAL A 85 1.64 1.09 -8.33
CA VAL A 85 1.91 0.67 -9.71
C VAL A 85 0.68 0.00 -10.32
N LYS A 86 0.08 -0.91 -9.56
CA LYS A 86 -1.11 -1.62 -10.03
C LYS A 86 -2.30 -0.67 -10.20
N GLY A 87 -2.53 0.17 -9.19
CA GLY A 87 -3.62 1.14 -9.25
C GLY A 87 -4.95 0.50 -8.85
N ASN A 88 -6.04 0.97 -9.46
CA ASN A 88 -7.36 0.44 -9.15
C ASN A 88 -7.40 -1.08 -9.27
N ALA A 89 -6.63 -1.60 -10.22
CA ALA A 89 -6.60 -3.04 -10.43
C ALA A 89 -6.25 -3.75 -9.12
N ALA A 90 -5.55 -3.04 -8.23
CA ALA A 90 -5.16 -3.61 -6.94
C ALA A 90 -6.10 -3.13 -5.83
N ALA A 91 -6.89 -2.10 -6.13
CA ALA A 91 -7.80 -1.56 -5.13
C ALA A 91 -8.76 -2.64 -4.65
N ASN A 92 -9.20 -3.49 -5.57
CA ASN A 92 -10.13 -4.56 -5.21
C ASN A 92 -9.47 -5.52 -4.23
N ILE A 93 -8.25 -5.94 -4.53
CA ILE A 93 -7.53 -6.84 -3.65
C ILE A 93 -7.24 -6.15 -2.33
N PHE A 94 -6.80 -4.89 -2.43
CA PHE A 94 -6.48 -4.12 -1.24
C PHE A 94 -7.73 -3.96 -0.37
N LYS A 95 -8.84 -3.60 -0.99
CA LYS A 95 -10.10 -3.43 -0.29
C LYS A 95 -10.55 -4.76 0.30
N ASN A 96 -10.40 -5.83 -0.49
CA ASN A 96 -10.81 -7.14 -0.02
C ASN A 96 -10.08 -7.50 1.27
N CYS A 97 -8.80 -7.18 1.33
CA CYS A 97 -8.00 -7.46 2.52
C CYS A 97 -8.43 -6.57 3.69
N LEU A 98 -8.65 -5.28 3.41
CA LEU A 98 -9.04 -4.34 4.46
C LEU A 98 -10.41 -4.70 5.03
N LYS A 99 -11.34 -5.08 4.15
CA LYS A 99 -12.68 -5.43 4.58
C LYS A 99 -12.63 -6.65 5.49
N GLU A 100 -11.82 -7.64 5.11
CA GLU A 100 -11.70 -8.86 5.90
C GLU A 100 -10.84 -8.61 7.14
N ILE A 101 -9.68 -7.98 6.95
CA ILE A 101 -8.79 -7.69 8.07
C ILE A 101 -9.43 -6.70 9.03
N ASP A 102 -10.04 -5.65 8.48
CA ASP A 102 -10.69 -4.62 9.29
C ASP A 102 -11.98 -4.15 8.64
N SER A 103 -13.05 -4.91 8.82
CA SER A 103 -14.35 -4.56 8.25
C SER A 103 -14.80 -3.19 8.77
N THR A 104 -14.42 -2.89 10.01
CA THR A 104 -14.80 -1.61 10.62
C THR A 104 -14.19 -0.45 9.85
N LEU A 105 -12.92 -0.58 9.47
CA LEU A 105 -12.24 0.48 8.73
C LEU A 105 -12.96 0.76 7.42
N TYR A 106 -13.39 -0.29 6.74
CA TYR A 106 -14.10 -0.12 5.48
C TYR A 106 -15.37 0.68 5.71
N LYS A 107 -16.07 0.37 6.79
CA LYS A 107 -17.32 1.07 7.12
C LYS A 107 -17.02 2.52 7.52
N ASN A 108 -15.74 2.87 7.60
CA ASN A 108 -15.33 4.23 7.97
C ASN A 108 -14.57 4.89 6.83
N LEU A 109 -14.25 4.10 5.80
CA LEU A 109 -13.50 4.61 4.65
C LEU A 109 -14.45 5.15 3.57
N PHE A 110 -15.05 4.23 2.80
CA PHE A 110 -15.94 4.60 1.70
C PHE A 110 -17.25 5.19 2.23
N VAL A 111 -17.71 4.67 3.35
CA VAL A 111 -18.98 5.12 3.93
C VAL A 111 -18.80 6.47 4.60
N ASP A 112 -18.17 6.47 5.78
CA ASP A 112 -17.98 7.71 6.53
C ASP A 112 -17.20 8.73 5.71
N LYS A 113 -16.14 8.27 5.05
CA LYS A 113 -15.31 9.15 4.24
C LYS A 113 -14.71 10.26 5.09
N ASN A 114 -14.51 9.98 6.38
CA ASN A 114 -13.92 10.96 7.29
C ASN A 114 -12.61 10.44 7.87
N MET A 115 -11.55 11.22 7.69
CA MET A 115 -10.23 10.84 8.20
C MET A 115 -9.94 11.53 9.53
N LYS A 116 -9.63 10.74 10.55
CA LYS A 116 -9.36 11.28 11.89
C LYS A 116 -7.85 11.35 12.13
N TYR A 117 -7.09 10.83 11.17
CA TYR A 117 -5.63 10.82 11.27
C TYR A 117 -5.04 12.13 10.69
N ILE A 118 -3.95 12.03 9.91
CA ILE A 118 -3.28 13.24 9.34
C ILE A 118 -3.04 13.08 7.82
N PRO A 119 -4.06 13.16 7.01
CA PRO A 119 -3.94 13.03 5.51
C PRO A 119 -2.83 13.85 4.86
N THR A 120 -1.91 13.10 4.24
CA THR A 120 -0.75 13.66 3.55
C THR A 120 -1.17 14.25 2.20
N GLU A 121 -1.97 13.50 1.45
CA GLU A 121 -2.45 13.96 0.15
C GLU A 121 -3.92 14.31 0.21
N ASP A 122 -4.29 15.37 -0.49
CA ASP A 122 -5.68 15.83 -0.53
C ASP A 122 -5.98 16.54 -1.84
N VAL A 123 -7.18 17.10 -1.95
CA VAL A 123 -7.60 17.80 -3.17
C VAL A 123 -7.00 19.21 -3.21
N SER A 124 -7.55 20.10 -2.38
CA SER A 124 -7.07 21.48 -2.32
C SER A 124 -7.67 22.20 -1.11
N GLY A 125 -6.98 23.23 -0.66
CA GLY A 125 -7.45 24.01 0.49
C GLY A 125 -6.31 24.26 1.47
N LEU A 126 -5.82 25.49 1.48
CA LEU A 126 -4.74 25.86 2.38
C LEU A 126 -5.19 25.77 3.83
N SER A 127 -4.29 25.29 4.70
CA SER A 127 -4.60 25.15 6.13
C SER A 127 -3.41 25.61 6.98
N LEU A 128 -3.67 26.58 7.85
CA LEU A 128 -2.63 27.11 8.72
C LEU A 128 -2.12 26.02 9.67
N GLU A 129 -3.04 25.21 10.17
CA GLU A 129 -2.67 24.14 11.09
C GLU A 129 -1.41 23.43 10.63
N GLU A 130 -1.16 23.48 9.31
CA GLU A 130 0.03 22.84 8.74
C GLU A 130 1.30 23.38 9.39
N GLN A 131 2.24 22.49 9.64
CA GLN A 131 3.52 22.88 10.27
C GLN A 131 4.67 22.10 9.65
N LEU A 132 5.89 22.57 9.90
CA LEU A 132 7.09 21.91 9.35
C LEU A 132 7.46 20.71 10.22
N GLY A 1 4.20 -19.56 -30.49
CA GLY A 1 3.55 -19.88 -29.18
C GLY A 1 2.27 -19.05 -29.03
N SER A 2 1.15 -19.73 -28.88
CA SER A 2 -0.14 -19.06 -28.74
C SER A 2 -0.14 -18.19 -27.48
N HIS A 3 0.78 -18.49 -26.55
CA HIS A 3 0.88 -17.73 -25.32
C HIS A 3 1.35 -16.31 -25.59
N MET A 4 0.80 -15.36 -24.84
CA MET A 4 1.17 -13.95 -25.01
C MET A 4 2.44 -13.64 -24.25
N LEU A 5 3.31 -12.83 -24.86
CA LEU A 5 4.58 -12.46 -24.23
C LEU A 5 4.36 -11.24 -23.33
N ASN A 6 4.65 -11.40 -22.04
CA ASN A 6 4.49 -10.31 -21.08
C ASN A 6 5.83 -9.59 -20.86
N ALA A 7 6.82 -9.94 -21.69
CA ALA A 7 8.13 -9.32 -21.57
C ALA A 7 8.04 -7.81 -21.79
N GLU A 8 8.00 -7.06 -20.70
CA GLU A 8 7.92 -5.61 -20.78
C GLU A 8 9.18 -5.03 -21.42
N ASP A 9 10.26 -5.78 -21.36
CA ASP A 9 11.53 -5.34 -21.93
C ASP A 9 11.43 -5.26 -23.45
N GLU A 10 10.37 -5.85 -24.00
CA GLU A 10 10.17 -5.84 -25.46
C GLU A 10 10.48 -4.46 -26.01
N LYS A 11 10.35 -3.44 -25.16
CA LYS A 11 10.62 -2.06 -25.56
C LYS A 11 11.20 -1.28 -24.39
N ARG A 12 12.46 -1.57 -24.05
CA ARG A 12 13.11 -0.89 -22.94
C ARG A 12 12.76 0.60 -22.92
N GLU A 13 12.01 1.00 -21.90
CA GLU A 13 11.60 2.40 -21.77
C GLU A 13 11.15 2.68 -20.34
N GLU A 14 12.11 3.00 -19.46
CA GLU A 14 11.80 3.30 -18.07
C GLU A 14 11.03 4.61 -17.96
N GLU A 15 11.39 5.58 -18.81
CA GLU A 15 10.72 6.87 -18.79
C GLU A 15 9.30 6.76 -19.34
N LYS A 16 8.32 7.16 -18.54
CA LYS A 16 6.93 7.10 -18.94
C LYS A 16 6.05 7.76 -17.88
N GLU A 17 6.17 9.08 -17.76
CA GLU A 17 5.39 9.82 -16.79
C GLU A 17 3.92 9.80 -17.16
N LYS A 18 3.64 9.84 -18.47
CA LYS A 18 2.26 9.83 -18.95
C LYS A 18 1.62 8.46 -18.69
N GLN A 19 0.33 8.47 -18.39
CA GLN A 19 -0.40 7.24 -18.12
C GLN A 19 -1.80 7.29 -18.74
N ALA A 20 -2.42 6.12 -18.87
CA ALA A 20 -3.76 6.04 -19.46
C ALA A 20 -4.69 7.05 -18.79
N GLU A 21 -5.83 7.30 -19.42
CA GLU A 21 -6.80 8.24 -18.88
C GLU A 21 -7.14 7.89 -17.44
N GLU A 22 -8.17 8.56 -16.90
CA GLU A 22 -8.58 8.30 -15.53
C GLU A 22 -9.30 6.96 -15.42
N MET A 23 -8.59 5.90 -15.79
CA MET A 23 -9.17 4.56 -15.74
C MET A 23 -9.53 4.18 -14.31
N ALA A 24 -8.64 4.49 -13.37
CA ALA A 24 -8.88 4.18 -11.98
C ALA A 24 -10.03 5.02 -11.42
N SER A 25 -10.87 4.38 -10.62
CA SER A 25 -12.02 5.06 -10.02
C SER A 25 -11.56 5.89 -8.82
N ASP A 26 -12.53 6.47 -8.13
CA ASP A 26 -12.23 7.29 -6.96
C ASP A 26 -11.55 6.46 -5.88
N ASP A 27 -11.94 5.19 -5.79
CA ASP A 27 -11.37 4.29 -4.80
C ASP A 27 -9.86 4.44 -4.75
N LEU A 28 -9.23 4.53 -5.91
CA LEU A 28 -7.78 4.68 -5.97
C LEU A 28 -7.35 5.96 -5.25
N SER A 29 -8.12 7.02 -5.44
CA SER A 29 -7.82 8.29 -4.80
C SER A 29 -7.87 8.16 -3.28
N LEU A 30 -8.89 7.44 -2.79
CA LEU A 30 -9.05 7.24 -1.36
C LEU A 30 -7.86 6.47 -0.79
N ILE A 31 -7.41 5.45 -1.53
CA ILE A 31 -6.28 4.65 -1.08
C ILE A 31 -5.02 5.51 -0.97
N ARG A 32 -4.80 6.36 -1.97
CA ARG A 32 -3.63 7.24 -1.97
C ARG A 32 -3.68 8.22 -0.81
N LYS A 33 -4.85 8.81 -0.57
CA LYS A 33 -5.02 9.76 0.52
C LYS A 33 -4.83 9.10 1.88
N ASN A 34 -5.37 7.89 2.02
CA ASN A 34 -5.27 7.15 3.28
C ASN A 34 -3.97 6.36 3.33
N ARG A 35 -3.12 6.57 2.32
CA ARG A 35 -1.85 5.86 2.25
C ARG A 35 -0.99 6.19 3.48
N MET A 36 -0.98 7.46 3.86
CA MET A 36 -0.19 7.89 5.00
C MET A 36 -0.71 7.24 6.29
N ALA A 37 -2.03 7.12 6.40
CA ALA A 37 -2.62 6.51 7.58
C ALA A 37 -2.09 5.09 7.76
N LEU A 38 -2.12 4.31 6.69
CA LEU A 38 -1.63 2.92 6.76
C LEU A 38 -0.15 2.90 7.14
N PHE A 39 0.64 3.74 6.50
CA PHE A 39 2.06 3.81 6.80
C PHE A 39 2.28 4.26 8.24
N GLN A 40 1.56 5.32 8.62
CA GLN A 40 1.67 5.86 9.97
C GLN A 40 1.08 4.88 10.98
N GLN A 41 0.02 4.18 10.59
CA GLN A 41 -0.64 3.22 11.47
C GLN A 41 -0.49 1.80 10.93
N LEU A 42 0.73 1.44 10.58
CA LEU A 42 1.01 0.11 10.05
C LEU A 42 0.66 -0.97 11.07
N THR A 43 0.01 -2.03 10.60
CA THR A 43 -0.35 -3.13 11.49
C THR A 43 -0.59 -4.41 10.70
N CYS A 44 -1.73 -4.47 9.99
CA CYS A 44 -2.07 -5.64 9.20
C CYS A 44 -1.25 -5.68 7.91
N VAL A 45 0.06 -5.87 8.04
CA VAL A 45 0.95 -5.93 6.86
C VAL A 45 1.22 -7.38 6.47
N LEU A 46 1.05 -8.29 7.42
CA LEU A 46 1.28 -9.71 7.18
C LEU A 46 0.08 -10.34 6.46
N PRO A 47 -1.09 -10.34 7.06
CA PRO A 47 -2.31 -10.94 6.45
C PRO A 47 -2.62 -10.35 5.07
N ILE A 48 -2.41 -9.04 4.92
CA ILE A 48 -2.67 -8.39 3.65
C ILE A 48 -1.64 -8.80 2.61
N LEU A 49 -0.38 -8.93 3.04
CA LEU A 49 0.69 -9.33 2.14
C LEU A 49 0.42 -10.72 1.60
N ASP A 50 -0.07 -11.60 2.46
CA ASP A 50 -0.36 -12.97 2.06
C ASP A 50 -1.46 -12.98 1.00
N ASN A 51 -2.48 -12.15 1.18
CA ASN A 51 -3.57 -12.08 0.22
C ASN A 51 -3.08 -11.62 -1.14
N LEU A 52 -2.24 -10.60 -1.14
CA LEU A 52 -1.70 -10.06 -2.38
C LEU A 52 -0.82 -11.08 -3.09
N LEU A 53 -0.07 -11.86 -2.30
CA LEU A 53 0.83 -12.87 -2.85
C LEU A 53 0.05 -13.89 -3.68
N LYS A 54 -1.27 -13.93 -3.49
CA LYS A 54 -2.12 -14.87 -4.20
C LYS A 54 -2.02 -14.64 -5.71
N ALA A 55 -2.03 -13.37 -6.11
CA ALA A 55 -1.94 -13.03 -7.53
C ALA A 55 -1.40 -11.61 -7.69
N ASN A 56 -0.11 -11.50 -7.98
CA ASN A 56 0.52 -10.19 -8.16
C ASN A 56 1.84 -10.33 -8.91
N VAL A 57 2.55 -9.22 -9.04
CA VAL A 57 3.83 -9.22 -9.74
C VAL A 57 4.92 -9.83 -8.86
N ILE A 58 4.72 -9.74 -7.54
CA ILE A 58 5.69 -10.28 -6.59
C ILE A 58 5.51 -11.79 -6.47
N ASN A 59 6.59 -12.47 -6.08
CA ASN A 59 6.56 -13.93 -5.94
C ASN A 59 7.32 -14.34 -4.68
N LYS A 60 7.38 -15.64 -4.43
CA LYS A 60 8.08 -16.15 -3.25
C LYS A 60 9.46 -15.51 -3.13
N GLN A 61 9.94 -14.90 -4.22
CA GLN A 61 11.25 -14.25 -4.22
C GLN A 61 11.16 -12.88 -3.60
N GLU A 62 10.46 -11.96 -4.27
CA GLU A 62 10.30 -10.61 -3.76
C GLU A 62 9.69 -10.63 -2.37
N HIS A 63 8.71 -11.51 -2.18
CA HIS A 63 8.07 -11.61 -0.88
C HIS A 63 9.09 -11.98 0.19
N ASP A 64 9.96 -12.93 -0.13
CA ASP A 64 10.98 -13.38 0.82
C ASP A 64 12.18 -12.43 0.87
N ILE A 65 12.64 -12.03 -0.31
CA ILE A 65 13.80 -11.13 -0.40
C ILE A 65 13.51 -9.78 0.26
N ILE A 66 12.34 -9.23 -0.03
CA ILE A 66 11.97 -7.94 0.55
C ILE A 66 11.85 -8.05 2.06
N LYS A 67 11.20 -9.11 2.53
CA LYS A 67 11.03 -9.32 3.97
C LYS A 67 12.37 -9.45 4.66
N GLN A 68 13.29 -10.17 4.03
CA GLN A 68 14.61 -10.39 4.61
C GLN A 68 15.40 -9.07 4.67
N LYS A 69 15.54 -8.41 3.53
CA LYS A 69 16.28 -7.16 3.47
C LYS A 69 15.58 -6.05 4.25
N THR A 70 14.27 -5.91 4.03
CA THR A 70 13.47 -4.90 4.71
C THR A 70 12.85 -5.46 5.98
N GLN A 71 12.26 -4.57 6.79
CA GLN A 71 11.63 -4.97 8.05
C GLN A 71 10.11 -4.95 7.90
N ILE A 72 9.40 -5.03 9.02
CA ILE A 72 7.94 -5.00 8.99
C ILE A 72 7.43 -3.64 8.46
N PRO A 73 7.75 -2.54 9.10
CA PRO A 73 7.28 -1.19 8.63
C PRO A 73 7.56 -0.95 7.15
N LEU A 74 8.80 -1.22 6.72
CA LEU A 74 9.18 -1.01 5.32
C LEU A 74 8.38 -1.92 4.40
N GLN A 75 8.17 -3.16 4.84
CA GLN A 75 7.42 -4.13 4.03
C GLN A 75 6.13 -3.49 3.54
N ALA A 76 5.48 -2.74 4.41
CA ALA A 76 4.23 -2.08 4.04
C ALA A 76 4.49 -1.03 2.96
N ARG A 77 5.59 -0.29 3.11
CA ARG A 77 5.93 0.75 2.15
C ARG A 77 6.23 0.16 0.79
N GLU A 78 6.99 -0.92 0.78
CA GLU A 78 7.35 -1.57 -0.47
C GLU A 78 6.12 -2.19 -1.11
N LEU A 79 5.25 -2.76 -0.29
CA LEU A 79 4.02 -3.39 -0.78
C LEU A 79 3.12 -2.35 -1.44
N ILE A 80 3.04 -1.17 -0.85
CA ILE A 80 2.23 -0.10 -1.40
C ILE A 80 2.74 0.30 -2.78
N ASP A 81 4.06 0.39 -2.91
CA ASP A 81 4.66 0.75 -4.17
C ASP A 81 4.20 -0.20 -5.28
N THR A 82 4.04 -1.48 -4.93
CA THR A 82 3.60 -2.46 -5.92
C THR A 82 2.17 -2.14 -6.35
N ILE A 83 1.38 -1.57 -5.42
CA ILE A 83 -0.01 -1.22 -5.74
C ILE A 83 -0.06 -0.11 -6.78
N LEU A 84 0.82 0.87 -6.64
CA LEU A 84 0.84 1.99 -7.58
C LEU A 84 1.03 1.49 -9.00
N VAL A 85 1.94 0.53 -9.17
CA VAL A 85 2.20 -0.01 -10.51
C VAL A 85 0.93 -0.66 -11.08
N LYS A 86 0.28 -1.51 -10.29
CA LYS A 86 -0.94 -2.17 -10.72
C LYS A 86 -2.08 -1.16 -10.90
N GLY A 87 -2.19 -0.24 -9.95
CA GLY A 87 -3.24 0.78 -10.01
C GLY A 87 -4.56 0.25 -9.47
N ASN A 88 -5.66 0.85 -9.92
CA ASN A 88 -6.98 0.43 -9.47
C ASN A 88 -7.13 -1.08 -9.57
N ALA A 89 -6.27 -1.70 -10.38
CA ALA A 89 -6.32 -3.14 -10.55
C ALA A 89 -6.02 -3.84 -9.23
N ALA A 90 -5.26 -3.19 -8.36
CA ALA A 90 -4.91 -3.77 -7.06
C ALA A 90 -5.79 -3.20 -5.96
N ALA A 91 -6.55 -2.16 -6.29
CA ALA A 91 -7.43 -1.53 -5.32
C ALA A 91 -8.49 -2.52 -4.84
N ASN A 92 -9.03 -3.31 -5.76
CA ASN A 92 -10.05 -4.30 -5.40
C ASN A 92 -9.50 -5.31 -4.40
N ILE A 93 -8.32 -5.83 -4.68
CA ILE A 93 -7.69 -6.79 -3.77
C ILE A 93 -7.37 -6.09 -2.45
N PHE A 94 -6.84 -4.87 -2.55
CA PHE A 94 -6.48 -4.11 -1.37
C PHE A 94 -7.73 -3.89 -0.52
N LYS A 95 -8.81 -3.46 -1.17
CA LYS A 95 -10.07 -3.23 -0.47
C LYS A 95 -10.62 -4.53 0.10
N ASN A 96 -10.52 -5.60 -0.67
CA ASN A 96 -11.02 -6.89 -0.24
C ASN A 96 -10.31 -7.36 1.02
N CYS A 97 -8.99 -7.15 1.07
CA CYS A 97 -8.21 -7.56 2.21
C CYS A 97 -8.61 -6.78 3.47
N LEU A 98 -8.65 -5.46 3.35
CA LEU A 98 -9.00 -4.61 4.48
C LEU A 98 -10.44 -4.85 4.92
N LYS A 99 -11.33 -5.01 3.94
CA LYS A 99 -12.75 -5.25 4.24
C LYS A 99 -12.91 -6.54 5.02
N GLU A 100 -12.18 -7.57 4.62
CA GLU A 100 -12.25 -8.87 5.28
C GLU A 100 -11.43 -8.87 6.57
N ILE A 101 -10.18 -8.44 6.47
CA ILE A 101 -9.31 -8.41 7.64
C ILE A 101 -9.81 -7.39 8.66
N ASP A 102 -10.24 -6.22 8.17
CA ASP A 102 -10.75 -5.18 9.06
C ASP A 102 -11.97 -4.51 8.46
N SER A 103 -13.13 -5.15 8.61
CA SER A 103 -14.38 -4.63 8.08
C SER A 103 -14.70 -3.28 8.71
N THR A 104 -14.31 -3.11 9.97
CA THR A 104 -14.56 -1.87 10.69
C THR A 104 -13.91 -0.69 9.95
N LEU A 105 -12.69 -0.90 9.48
CA LEU A 105 -11.97 0.16 8.77
C LEU A 105 -12.76 0.62 7.55
N TYR A 106 -13.30 -0.36 6.82
CA TYR A 106 -14.07 -0.05 5.63
C TYR A 106 -15.28 0.81 6.00
N LYS A 107 -15.94 0.45 7.10
CA LYS A 107 -17.13 1.17 7.55
C LYS A 107 -16.74 2.57 8.05
N ASN A 108 -15.43 2.85 8.09
CA ASN A 108 -14.95 4.16 8.54
C ASN A 108 -14.20 4.87 7.43
N LEU A 109 -13.97 4.16 6.32
CA LEU A 109 -13.26 4.73 5.19
C LEU A 109 -14.24 5.43 4.23
N PHE A 110 -14.93 4.63 3.41
CA PHE A 110 -15.89 5.16 2.44
C PHE A 110 -17.12 5.77 3.10
N VAL A 111 -17.64 5.08 4.12
CA VAL A 111 -18.83 5.55 4.81
C VAL A 111 -18.58 6.87 5.55
N ASP A 112 -17.78 6.81 6.61
CA ASP A 112 -17.49 8.00 7.41
C ASP A 112 -16.75 9.06 6.59
N LYS A 113 -15.91 8.62 5.66
CA LYS A 113 -15.14 9.54 4.81
C LYS A 113 -14.20 10.39 5.66
N ASN A 114 -14.06 10.01 6.93
CA ASN A 114 -13.18 10.75 7.84
C ASN A 114 -12.66 9.82 8.94
N MET A 115 -11.38 9.46 8.86
CA MET A 115 -10.77 8.57 9.85
C MET A 115 -9.96 9.37 10.86
N LYS A 116 -10.07 9.01 12.13
CA LYS A 116 -9.34 9.70 13.19
C LYS A 116 -7.93 9.15 13.32
N TYR A 117 -6.95 10.06 13.38
CA TYR A 117 -5.55 9.68 13.51
C TYR A 117 -4.75 10.80 14.17
N ILE A 118 -3.55 10.46 14.65
CA ILE A 118 -2.69 11.41 15.37
C ILE A 118 -1.59 12.04 14.47
N PRO A 119 -1.85 13.17 13.84
CA PRO A 119 -0.84 13.88 12.99
C PRO A 119 0.60 13.80 13.52
N THR A 120 1.43 12.95 12.90
CA THR A 120 2.81 12.79 13.35
C THR A 120 3.79 12.79 12.19
N GLU A 121 4.80 13.65 12.29
CA GLU A 121 5.83 13.76 11.25
C GLU A 121 6.92 14.71 11.70
N ASP A 122 8.14 14.19 11.85
CA ASP A 122 9.26 15.01 12.28
C ASP A 122 9.77 15.86 11.12
N VAL A 123 10.20 17.09 11.42
CA VAL A 123 10.70 18.00 10.40
C VAL A 123 12.03 18.61 10.83
N SER A 124 12.79 19.10 9.86
CA SER A 124 14.10 19.70 10.14
C SER A 124 13.94 21.12 10.67
N GLY A 125 15.01 21.67 11.22
CA GLY A 125 14.96 23.03 11.75
C GLY A 125 16.27 23.38 12.46
N LEU A 126 16.94 22.35 12.99
CA LEU A 126 18.20 22.54 13.69
C LEU A 126 19.35 22.58 12.69
N SER A 127 20.08 23.69 12.66
CA SER A 127 21.21 23.85 11.75
C SER A 127 22.32 24.67 12.40
N LEU A 128 22.13 24.99 13.69
CA LEU A 128 23.11 25.77 14.43
C LEU A 128 24.43 25.00 14.55
N GLU A 129 24.31 23.69 14.78
CA GLU A 129 25.49 22.85 14.92
C GLU A 129 26.40 22.98 13.70
N GLU A 130 25.83 23.44 12.59
CA GLU A 130 26.59 23.60 11.36
C GLU A 130 27.71 24.62 11.56
N GLN A 131 28.89 24.31 11.04
CA GLN A 131 30.04 25.20 11.16
C GLN A 131 30.95 25.07 9.94
N LEU A 132 31.69 26.13 9.65
CA LEU A 132 32.59 26.14 8.50
C LEU A 132 33.88 25.39 8.84
N GLY A 1 -21.59 -7.21 -39.16
CA GLY A 1 -20.52 -7.25 -40.19
C GLY A 1 -20.54 -8.59 -40.91
N SER A 2 -19.85 -9.58 -40.34
CA SER A 2 -19.79 -10.91 -40.93
C SER A 2 -19.43 -11.95 -39.88
N HIS A 3 -19.68 -13.22 -40.20
CA HIS A 3 -19.36 -14.30 -39.27
C HIS A 3 -17.87 -14.59 -39.28
N MET A 4 -17.30 -14.78 -38.09
CA MET A 4 -15.88 -15.06 -37.95
C MET A 4 -15.63 -15.97 -36.76
N LEU A 5 -14.52 -16.70 -36.78
CA LEU A 5 -14.16 -17.62 -35.69
C LEU A 5 -12.97 -17.07 -34.90
N ASN A 6 -13.13 -16.96 -33.59
CA ASN A 6 -12.06 -16.46 -32.74
C ASN A 6 -11.07 -17.57 -32.42
N ALA A 7 -9.88 -17.18 -31.98
CA ALA A 7 -8.84 -18.15 -31.64
C ALA A 7 -9.22 -18.91 -30.38
N GLU A 8 -8.86 -20.20 -30.34
CA GLU A 8 -9.17 -21.03 -29.18
C GLU A 8 -8.39 -20.56 -27.96
N ASP A 9 -7.13 -20.18 -28.18
CA ASP A 9 -6.28 -19.71 -27.09
C ASP A 9 -4.96 -19.18 -27.62
N GLU A 10 -4.79 -19.25 -28.94
CA GLU A 10 -3.57 -18.77 -29.57
C GLU A 10 -3.43 -17.26 -29.40
N LYS A 11 -4.54 -16.55 -29.58
CA LYS A 11 -4.55 -15.10 -29.44
C LYS A 11 -4.22 -14.70 -28.00
N ARG A 12 -4.75 -15.45 -27.04
CA ARG A 12 -4.51 -15.17 -25.64
C ARG A 12 -3.17 -15.74 -25.19
N GLU A 13 -2.47 -16.40 -26.10
CA GLU A 13 -1.18 -16.99 -25.78
C GLU A 13 -0.19 -15.91 -25.35
N GLU A 14 -0.31 -14.73 -25.95
CA GLU A 14 0.57 -13.63 -25.63
C GLU A 14 0.60 -13.38 -24.12
N GLU A 15 1.74 -12.91 -23.61
CA GLU A 15 1.88 -12.64 -22.19
C GLU A 15 0.71 -11.78 -21.69
N LYS A 16 0.76 -11.41 -20.42
CA LYS A 16 -0.30 -10.60 -19.83
C LYS A 16 -0.11 -9.14 -20.21
N GLU A 17 -1.21 -8.41 -20.37
CA GLU A 17 -1.16 -7.00 -20.74
C GLU A 17 -2.35 -6.25 -20.14
N LYS A 18 -2.13 -5.00 -19.76
CA LYS A 18 -3.20 -4.18 -19.19
C LYS A 18 -4.11 -3.66 -20.29
N GLN A 19 -5.41 -3.56 -19.99
CA GLN A 19 -6.39 -3.06 -20.96
C GLN A 19 -7.10 -1.83 -20.42
N ALA A 20 -8.09 -2.05 -19.56
CA ALA A 20 -8.84 -0.94 -18.96
C ALA A 20 -8.08 -0.35 -17.79
N GLU A 21 -7.14 0.54 -18.09
CA GLU A 21 -6.33 1.18 -17.06
C GLU A 21 -6.98 2.48 -16.59
N GLU A 22 -8.01 2.92 -17.31
CA GLU A 22 -8.72 4.15 -16.97
C GLU A 22 -9.74 3.89 -15.87
N MET A 23 -9.71 2.68 -15.31
CA MET A 23 -10.65 2.31 -14.26
C MET A 23 -10.39 3.13 -12.99
N ALA A 24 -9.27 3.86 -12.99
CA ALA A 24 -8.92 4.68 -11.83
C ALA A 24 -10.11 5.49 -11.36
N SER A 25 -10.90 4.90 -10.46
CA SER A 25 -12.07 5.58 -9.92
C SER A 25 -11.69 6.40 -8.70
N ASP A 26 -12.69 7.02 -8.08
CA ASP A 26 -12.45 7.83 -6.90
C ASP A 26 -11.89 7.00 -5.77
N ASP A 27 -12.21 5.70 -5.78
CA ASP A 27 -11.74 4.79 -4.75
C ASP A 27 -10.21 4.73 -4.75
N LEU A 28 -9.63 4.82 -5.94
CA LEU A 28 -8.17 4.78 -6.07
C LEU A 28 -7.57 5.95 -5.32
N SER A 29 -8.19 7.13 -5.45
CA SER A 29 -7.70 8.32 -4.77
C SER A 29 -7.74 8.13 -3.26
N LEU A 30 -8.80 7.47 -2.77
CA LEU A 30 -8.93 7.24 -1.34
C LEU A 30 -7.77 6.38 -0.83
N ILE A 31 -7.41 5.35 -1.58
CA ILE A 31 -6.31 4.48 -1.17
C ILE A 31 -4.99 5.27 -1.15
N ARG A 32 -4.77 6.07 -2.18
CA ARG A 32 -3.56 6.87 -2.28
C ARG A 32 -3.49 7.89 -1.15
N LYS A 33 -4.61 8.55 -0.88
CA LYS A 33 -4.66 9.56 0.17
C LYS A 33 -4.46 8.93 1.54
N ASN A 34 -5.04 7.74 1.73
CA ASN A 34 -4.93 7.04 3.01
C ASN A 34 -3.69 6.15 3.04
N ARG A 35 -2.85 6.26 2.01
CA ARG A 35 -1.63 5.46 1.95
C ARG A 35 -0.71 5.79 3.13
N MET A 36 -0.56 7.09 3.39
CA MET A 36 0.31 7.53 4.47
C MET A 36 -0.28 7.15 5.81
N ALA A 37 -1.59 7.38 5.97
CA ALA A 37 -2.25 7.06 7.22
C ALA A 37 -2.01 5.60 7.58
N LEU A 38 -2.11 4.73 6.58
CA LEU A 38 -1.89 3.31 6.80
C LEU A 38 -0.46 3.04 7.27
N PHE A 39 0.50 3.74 6.68
CA PHE A 39 1.90 3.55 7.04
C PHE A 39 2.12 3.82 8.52
N GLN A 40 1.65 4.97 9.00
CA GLN A 40 1.82 5.32 10.41
C GLN A 40 0.93 4.42 11.28
N GLN A 41 -0.25 4.07 10.76
CA GLN A 41 -1.18 3.20 11.49
C GLN A 41 -1.20 1.81 10.88
N LEU A 42 -0.09 1.09 11.06
CA LEU A 42 0.04 -0.26 10.52
C LEU A 42 -0.19 -1.30 11.62
N THR A 43 -1.02 -2.30 11.31
CA THR A 43 -1.32 -3.35 12.29
C THR A 43 -1.89 -4.58 11.57
N CYS A 44 -1.42 -4.82 10.35
CA CYS A 44 -1.88 -5.97 9.57
C CYS A 44 -1.28 -5.93 8.17
N VAL A 45 -0.01 -6.33 8.06
CA VAL A 45 0.66 -6.35 6.75
C VAL A 45 0.86 -7.79 6.27
N LEU A 46 0.96 -8.72 7.22
CA LEU A 46 1.14 -10.13 6.89
C LEU A 46 -0.12 -10.69 6.23
N PRO A 47 -1.29 -10.34 6.71
CA PRO A 47 -2.60 -10.83 6.15
C PRO A 47 -2.87 -10.34 4.73
N ILE A 48 -2.67 -9.05 4.48
CA ILE A 48 -2.88 -8.50 3.15
C ILE A 48 -1.79 -9.03 2.21
N LEU A 49 -0.57 -9.10 2.73
CA LEU A 49 0.57 -9.55 1.94
C LEU A 49 0.34 -10.98 1.46
N ASP A 50 -0.22 -11.81 2.33
CA ASP A 50 -0.48 -13.19 1.96
C ASP A 50 -1.49 -13.25 0.82
N ASN A 51 -2.54 -12.43 0.92
CA ASN A 51 -3.57 -12.40 -0.11
C ASN A 51 -3.00 -11.90 -1.45
N LEU A 52 -2.16 -10.87 -1.38
CA LEU A 52 -1.56 -10.31 -2.58
C LEU A 52 -0.62 -11.32 -3.24
N LEU A 53 -0.02 -12.18 -2.42
CA LEU A 53 0.92 -13.18 -2.93
C LEU A 53 0.20 -14.11 -3.93
N LYS A 54 -1.05 -14.44 -3.64
CA LYS A 54 -1.82 -15.34 -4.51
C LYS A 54 -1.60 -15.00 -5.98
N ALA A 55 -1.70 -13.72 -6.32
CA ALA A 55 -1.50 -13.29 -7.72
C ALA A 55 -0.97 -11.85 -7.78
N ASN A 56 0.32 -11.73 -8.10
CA ASN A 56 0.94 -10.41 -8.19
C ASN A 56 2.24 -10.47 -8.99
N VAL A 57 2.95 -9.36 -9.03
CA VAL A 57 4.21 -9.30 -9.77
C VAL A 57 5.33 -9.94 -8.95
N ILE A 58 5.14 -9.98 -7.63
CA ILE A 58 6.14 -10.58 -6.74
C ILE A 58 5.91 -12.08 -6.61
N ASN A 59 6.88 -12.76 -6.02
CA ASN A 59 6.78 -14.21 -5.82
C ASN A 59 7.53 -14.62 -4.56
N LYS A 60 7.40 -15.89 -4.20
CA LYS A 60 8.07 -16.40 -3.00
C LYS A 60 9.50 -15.91 -2.93
N GLN A 61 10.06 -15.52 -4.08
CA GLN A 61 11.44 -15.03 -4.14
C GLN A 61 11.52 -13.56 -3.72
N GLU A 62 10.80 -12.70 -4.44
CA GLU A 62 10.81 -11.27 -4.14
C GLU A 62 10.12 -11.00 -2.81
N HIS A 63 9.08 -11.77 -2.52
CA HIS A 63 8.35 -11.61 -1.27
C HIS A 63 9.29 -11.78 -0.08
N ASP A 64 10.21 -12.74 -0.19
CA ASP A 64 11.17 -13.00 0.88
C ASP A 64 12.16 -11.84 1.03
N ILE A 65 12.53 -11.23 -0.09
CA ILE A 65 13.49 -10.11 -0.08
C ILE A 65 12.93 -8.93 0.71
N ILE A 66 11.67 -8.60 0.48
CA ILE A 66 11.04 -7.48 1.16
C ILE A 66 10.74 -7.84 2.62
N LYS A 67 10.92 -9.12 2.95
CA LYS A 67 10.68 -9.59 4.32
C LYS A 67 11.99 -9.68 5.10
N GLN A 68 13.09 -9.87 4.37
CA GLN A 68 14.41 -9.98 5.00
C GLN A 68 15.07 -8.61 5.17
N LYS A 69 15.40 -7.98 4.04
CA LYS A 69 16.07 -6.67 4.07
C LYS A 69 15.18 -5.63 4.73
N THR A 70 13.90 -5.65 4.42
CA THR A 70 12.95 -4.71 5.01
C THR A 70 12.15 -5.38 6.13
N GLN A 71 11.55 -4.57 7.00
CA GLN A 71 10.76 -5.11 8.12
C GLN A 71 9.30 -4.69 7.98
N ILE A 72 8.49 -5.07 8.96
CA ILE A 72 7.06 -4.73 8.95
C ILE A 72 6.85 -3.25 8.54
N PRO A 73 7.40 -2.30 9.28
CA PRO A 73 7.24 -0.84 8.95
C PRO A 73 7.61 -0.52 7.50
N LEU A 74 8.65 -1.16 6.99
CA LEU A 74 9.09 -0.93 5.61
C LEU A 74 8.38 -1.90 4.66
N GLN A 75 7.75 -2.91 5.23
CA GLN A 75 7.04 -3.90 4.43
C GLN A 75 5.83 -3.24 3.77
N ALA A 76 5.15 -2.38 4.52
CA ALA A 76 3.99 -1.70 3.99
C ALA A 76 4.40 -0.68 2.93
N ARG A 77 5.53 -0.03 3.14
CA ARG A 77 6.02 0.96 2.20
C ARG A 77 6.32 0.32 0.85
N GLU A 78 7.07 -0.76 0.88
CA GLU A 78 7.41 -1.46 -0.36
C GLU A 78 6.16 -2.08 -0.96
N LEU A 79 5.24 -2.52 -0.09
CA LEU A 79 4.00 -3.13 -0.55
C LEU A 79 3.16 -2.12 -1.33
N ILE A 80 3.07 -0.89 -0.83
CA ILE A 80 2.28 0.14 -1.50
C ILE A 80 2.85 0.42 -2.88
N ASP A 81 4.16 0.51 -2.96
CA ASP A 81 4.82 0.78 -4.24
C ASP A 81 4.21 -0.08 -5.34
N THR A 82 3.99 -1.36 -5.06
CA THR A 82 3.41 -2.27 -6.03
C THR A 82 1.97 -1.85 -6.36
N ILE A 83 1.22 -1.46 -5.33
CA ILE A 83 -0.16 -1.04 -5.52
C ILE A 83 -0.22 0.15 -6.47
N LEU A 84 0.71 1.08 -6.30
CA LEU A 84 0.74 2.27 -7.14
C LEU A 84 0.84 1.88 -8.61
N VAL A 85 1.72 0.93 -8.93
CA VAL A 85 1.89 0.50 -10.31
C VAL A 85 0.61 -0.19 -10.81
N LYS A 86 0.07 -1.09 -10.01
CA LYS A 86 -1.15 -1.81 -10.39
C LYS A 86 -2.33 -0.86 -10.51
N GLY A 87 -2.45 0.05 -9.54
CA GLY A 87 -3.54 1.02 -9.54
C GLY A 87 -4.86 0.40 -9.10
N ASN A 88 -5.94 0.75 -9.79
CA ASN A 88 -7.26 0.22 -9.45
C ASN A 88 -7.26 -1.29 -9.49
N ALA A 89 -6.41 -1.87 -10.34
CA ALA A 89 -6.33 -3.32 -10.44
C ALA A 89 -6.01 -3.93 -9.07
N ALA A 90 -5.31 -3.17 -8.22
CA ALA A 90 -4.96 -3.66 -6.88
C ALA A 90 -5.93 -3.11 -5.84
N ALA A 91 -6.70 -2.09 -6.21
CA ALA A 91 -7.64 -1.49 -5.27
C ALA A 91 -8.68 -2.51 -4.83
N ASN A 92 -9.19 -3.31 -5.78
CA ASN A 92 -10.18 -4.31 -5.46
C ASN A 92 -9.63 -5.33 -4.47
N ILE A 93 -8.42 -5.81 -4.74
CA ILE A 93 -7.79 -6.79 -3.85
C ILE A 93 -7.50 -6.15 -2.49
N PHE A 94 -6.99 -4.94 -2.51
CA PHE A 94 -6.67 -4.23 -1.28
C PHE A 94 -7.95 -4.04 -0.46
N LYS A 95 -9.00 -3.57 -1.13
CA LYS A 95 -10.28 -3.34 -0.48
C LYS A 95 -10.90 -4.66 0.00
N ASN A 96 -10.84 -5.68 -0.84
CA ASN A 96 -11.42 -6.96 -0.49
C ASN A 96 -10.73 -7.57 0.73
N CYS A 97 -9.42 -7.44 0.79
CA CYS A 97 -8.64 -7.96 1.91
C CYS A 97 -8.90 -7.14 3.17
N LEU A 98 -8.97 -5.82 3.01
CA LEU A 98 -9.20 -4.93 4.13
C LEU A 98 -10.55 -5.21 4.79
N LYS A 99 -11.55 -5.51 3.96
CA LYS A 99 -12.87 -5.81 4.50
C LYS A 99 -12.83 -7.05 5.39
N GLU A 100 -12.10 -8.07 4.93
CA GLU A 100 -12.00 -9.30 5.71
C GLU A 100 -11.02 -9.15 6.86
N ILE A 101 -9.86 -8.56 6.57
CA ILE A 101 -8.83 -8.37 7.60
C ILE A 101 -9.35 -7.46 8.70
N ASP A 102 -9.98 -6.36 8.29
CA ASP A 102 -10.51 -5.39 9.23
C ASP A 102 -11.66 -4.61 8.61
N SER A 103 -12.87 -5.13 8.75
CA SER A 103 -14.05 -4.48 8.22
C SER A 103 -14.25 -3.13 8.88
N THR A 104 -13.62 -2.95 10.04
CA THR A 104 -13.73 -1.69 10.77
C THR A 104 -13.12 -0.54 9.96
N LEU A 105 -11.95 -0.80 9.38
CA LEU A 105 -11.26 0.23 8.58
C LEU A 105 -12.14 0.65 7.40
N TYR A 106 -12.74 -0.33 6.74
CA TYR A 106 -13.61 -0.03 5.61
C TYR A 106 -14.74 0.88 6.04
N LYS A 107 -15.30 0.59 7.21
CA LYS A 107 -16.39 1.39 7.74
C LYS A 107 -15.90 2.77 8.18
N ASN A 108 -14.60 3.00 8.05
CA ASN A 108 -13.99 4.29 8.43
C ASN A 108 -13.39 4.98 7.21
N LEU A 109 -13.25 4.24 6.11
CA LEU A 109 -12.68 4.80 4.88
C LEU A 109 -13.78 5.39 4.00
N PHE A 110 -14.44 4.53 3.23
CA PHE A 110 -15.49 4.97 2.32
C PHE A 110 -16.70 5.56 3.06
N VAL A 111 -17.07 4.93 4.16
CA VAL A 111 -18.21 5.38 4.96
C VAL A 111 -17.96 6.76 5.59
N ASP A 112 -17.08 6.80 6.59
CA ASP A 112 -16.78 8.04 7.28
C ASP A 112 -16.16 9.08 6.34
N LYS A 113 -15.28 8.61 5.45
CA LYS A 113 -14.62 9.50 4.49
C LYS A 113 -13.77 10.53 5.23
N ASN A 114 -13.51 10.26 6.51
CA ASN A 114 -12.70 11.17 7.33
C ASN A 114 -11.26 10.68 7.41
N MET A 115 -10.35 11.45 6.83
CA MET A 115 -8.93 11.09 6.83
C MET A 115 -8.17 11.88 7.91
N LYS A 116 -8.56 11.68 9.16
CA LYS A 116 -7.93 12.37 10.27
C LYS A 116 -6.49 11.90 10.44
N TYR A 117 -5.58 12.84 10.62
CA TYR A 117 -4.16 12.52 10.78
C TYR A 117 -3.88 12.10 12.22
N ILE A 118 -3.09 11.04 12.38
CA ILE A 118 -2.74 10.54 13.71
C ILE A 118 -1.30 10.04 13.72
N PRO A 119 -0.35 10.94 13.67
CA PRO A 119 1.10 10.58 13.68
C PRO A 119 1.49 9.82 14.94
N THR A 120 2.42 8.88 14.79
CA THR A 120 2.88 8.08 15.91
C THR A 120 3.93 8.85 16.71
N GLU A 121 3.73 8.91 18.03
CA GLU A 121 4.66 9.61 18.90
C GLU A 121 5.86 8.74 19.24
N ASP A 122 6.97 9.38 19.63
CA ASP A 122 8.18 8.65 19.99
C ASP A 122 8.98 9.42 21.04
N VAL A 123 10.03 8.80 21.54
CA VAL A 123 10.89 9.44 22.56
C VAL A 123 12.36 9.19 22.25
N SER A 124 13.21 10.03 22.80
CA SER A 124 14.66 9.91 22.58
C SER A 124 15.22 8.76 23.40
N GLY A 125 16.33 8.17 22.92
CA GLY A 125 16.96 7.07 23.62
C GLY A 125 18.48 7.12 23.45
N LEU A 126 19.12 8.05 24.15
CA LEU A 126 20.56 8.20 24.06
C LEU A 126 21.26 7.06 24.82
N SER A 127 22.44 6.69 24.34
CA SER A 127 23.20 5.61 24.97
C SER A 127 23.85 6.10 26.26
N LEU A 128 23.28 5.70 27.39
CA LEU A 128 23.81 6.09 28.69
C LEU A 128 25.23 5.53 28.88
N GLU A 129 25.42 4.28 28.46
CA GLU A 129 26.73 3.65 28.60
C GLU A 129 27.81 4.48 27.94
N GLU A 130 27.41 5.38 27.07
CA GLU A 130 28.37 6.25 26.37
C GLU A 130 29.09 7.14 27.37
N GLN A 131 30.25 6.69 27.84
CA GLN A 131 31.04 7.46 28.81
C GLN A 131 32.53 7.21 28.59
N LEU A 132 33.34 8.19 28.98
CA LEU A 132 34.80 8.07 28.83
C LEU A 132 35.50 9.05 29.78
#